data_7C11
#
_entry.id   7C11
#
_cell.length_a   105.563
_cell.length_b   168.742
_cell.length_c   126.991
_cell.angle_alpha   90.000
_cell.angle_beta   100.620
_cell.angle_gamma   90.000
#
_symmetry.space_group_name_H-M   'P 1 21 1'
#
loop_
_entity.id
_entity.type
_entity.pdbx_description
1 polymer 'Formate-tetrahydrofolate ligase'
2 non-polymer 'L(+)-TARTARIC ACID'
3 non-polymer 'ACETATE ION'
4 non-polymer 'CITRATE ANION'
5 water water
#
_entity_poly.entity_id   1
_entity_poly.type   'polypeptide(L)'
_entity_poly.pdbx_seq_one_letter_code
;MPSDIEIARAATLKPIAQVAEKLGIPDEALHNYGKHIAKIDHDFIASLEGKPEGKLVLVTAISPTPAGEGKTTTTVGLGD
ALNRIGKRAVMCLREPSLGPCFGMKGGAAGGGKAQVVPMEQINLHFTGDFHAITSAHSLAAALIDNHIYWANELNIDVRR
IHWRRVVDMNDRALRAINQSLGGVANGFPREDGFDITVASEVMAVFCLAKNLADLEERLGRIVIAETRDRKPVTLADVKA
TGAMTVLLKDALQPNLVQTLEGNPALIHGGPFANIAHGCNSVIATRTGLRLADYTVTEAGFGADLGAEKFIDIKCRQTGL
KPSSVVIVATIRALKMHGGVNKKDLQAENLDALEKGFANLERHVNNVRSFGLPVVVGVNHFFQDTDAEHARLKELCRDRL
QVEAITCKHWAEGGAGAEALAQAVVKLAEGEQKPLTFAYETETKITDKIKAIATKLYGAADIQIESKAATKLAGFEKDGY
GKLPVCMAKTQYSFSTDPTLMGAPSGHLVSVRDVRLSAGAGFVVVICGEIMTMPGLPKVPAADTIRLDANGQIDGLFAAA
LEHHHHHH
;
_entity_poly.pdbx_strand_id   A,B,C,D,M,N,O,P
#
loop_
_chem_comp.id
_chem_comp.type
_chem_comp.name
_chem_comp.formula
ACT non-polymer 'ACETATE ION' 'C2 H3 O2 -1'
FLC non-polymer 'CITRATE ANION' 'C6 H5 O7 -3'
TLA non-polymer 'L(+)-TARTARIC ACID' 'C4 H6 O6'
#
# COMPACT_ATOMS: atom_id res chain seq x y z
N MET A 1 2.53 -39.00 0.69
CA MET A 1 1.94 -37.85 1.45
C MET A 1 1.26 -36.89 0.49
N PRO A 2 0.01 -37.18 0.04
CA PRO A 2 -0.88 -36.18 -0.56
C PRO A 2 -1.40 -35.20 0.50
N SER A 3 -2.28 -34.27 0.10
CA SER A 3 -2.93 -33.31 1.03
C SER A 3 -3.91 -34.06 1.95
N ASP A 4 -4.22 -33.44 3.07
CA ASP A 4 -5.11 -34.00 4.12
C ASP A 4 -6.54 -34.12 3.56
N ILE A 5 -7.00 -33.16 2.77
CA ILE A 5 -8.35 -33.25 2.11
C ILE A 5 -8.34 -34.38 1.05
N GLU A 6 -7.25 -34.53 0.27
CA GLU A 6 -7.06 -35.62 -0.73
C GLU A 6 -7.12 -37.01 -0.07
N ILE A 7 -6.42 -37.19 1.04
CA ILE A 7 -6.46 -38.41 1.89
C ILE A 7 -7.89 -38.73 2.38
N ALA A 8 -8.66 -37.70 2.74
CA ALA A 8 -9.96 -37.83 3.42
C ALA A 8 -11.05 -38.15 2.41
N ARG A 9 -11.09 -37.45 1.27
CA ARG A 9 -12.03 -37.70 0.15
C ARG A 9 -11.90 -39.15 -0.34
N ALA A 10 -10.66 -39.69 -0.35
CA ALA A 10 -10.30 -41.04 -0.85
C ALA A 10 -10.69 -42.14 0.17
N ALA A 11 -10.85 -41.78 1.44
CA ALA A 11 -11.34 -42.72 2.46
C ALA A 11 -12.72 -43.24 2.05
N THR A 12 -12.93 -44.54 2.18
CA THR A 12 -14.26 -45.19 2.29
C THR A 12 -14.63 -45.20 3.77
N LEU A 13 -15.78 -44.64 4.13
CA LEU A 13 -16.21 -44.60 5.56
C LEU A 13 -17.22 -45.72 5.80
N LYS A 14 -17.23 -46.22 7.03
CA LYS A 14 -18.25 -47.13 7.59
C LYS A 14 -19.55 -46.34 7.74
N PRO A 15 -20.74 -46.94 7.47
CA PRO A 15 -21.99 -46.34 7.95
C PRO A 15 -21.86 -46.03 9.45
N ILE A 16 -22.42 -44.89 9.90
CA ILE A 16 -22.23 -44.43 11.30
C ILE A 16 -22.73 -45.51 12.29
N ALA A 17 -23.91 -46.07 12.07
CA ALA A 17 -24.46 -47.21 12.82
C ALA A 17 -23.39 -48.26 13.12
N GLN A 18 -22.49 -48.52 12.17
CA GLN A 18 -21.48 -49.60 12.23
C GLN A 18 -20.39 -49.21 13.21
N VAL A 19 -19.98 -47.94 13.20
CA VAL A 19 -19.05 -47.35 14.21
C VAL A 19 -19.74 -47.39 15.59
N ALA A 20 -21.04 -47.12 15.64
CA ALA A 20 -21.84 -47.12 16.89
C ALA A 20 -21.73 -48.47 17.61
N GLU A 21 -21.73 -49.59 16.86
CA GLU A 21 -21.60 -50.98 17.38
C GLU A 21 -20.36 -51.10 18.27
N LYS A 22 -19.25 -50.45 17.89
CA LYS A 22 -17.95 -50.54 18.62
C LYS A 22 -18.07 -49.99 20.05
N LEU A 23 -19.12 -49.23 20.32
CA LEU A 23 -19.43 -48.69 21.67
C LEU A 23 -20.74 -49.24 22.23
N GLY A 24 -21.34 -50.25 21.58
CA GLY A 24 -22.65 -50.83 21.94
C GLY A 24 -23.74 -49.76 22.07
N ILE A 25 -23.84 -48.90 21.05
CA ILE A 25 -24.94 -47.91 20.82
C ILE A 25 -25.87 -48.45 19.73
N PRO A 26 -27.14 -48.76 20.04
CA PRO A 26 -28.12 -49.16 19.03
C PRO A 26 -28.32 -48.14 17.90
N ASP A 27 -28.86 -48.61 16.77
CA ASP A 27 -29.41 -47.76 15.68
C ASP A 27 -30.50 -46.87 16.28
N GLU A 28 -31.20 -47.36 17.27
CA GLU A 28 -32.42 -46.73 17.84
C GLU A 28 -32.02 -45.49 18.65
N ALA A 29 -30.78 -45.39 19.13
CA ALA A 29 -30.28 -44.30 20.00
C ALA A 29 -29.41 -43.30 19.22
N LEU A 30 -29.42 -43.38 17.88
CA LEU A 30 -28.67 -42.49 16.95
C LEU A 30 -29.65 -41.55 16.25
N HIS A 31 -29.30 -40.27 16.16
CA HIS A 31 -29.97 -39.24 15.30
C HIS A 31 -29.03 -38.88 14.13
N ASN A 32 -29.26 -39.43 12.93
CA ASN A 32 -28.32 -39.32 11.77
C ASN A 32 -28.27 -37.87 11.26
N TYR A 33 -27.06 -37.39 10.94
CA TYR A 33 -26.82 -36.19 10.12
C TYR A 33 -26.12 -36.70 8.87
N GLY A 34 -26.89 -36.92 7.78
CA GLY A 34 -26.46 -37.78 6.67
C GLY A 34 -26.13 -39.18 7.18
N LYS A 35 -25.24 -39.90 6.52
CA LYS A 35 -25.00 -41.34 6.74
C LYS A 35 -23.70 -41.57 7.55
N HIS A 36 -22.87 -40.53 7.73
CA HIS A 36 -21.50 -40.67 8.29
C HIS A 36 -21.30 -39.81 9.53
N ILE A 37 -22.39 -39.21 10.05
CA ILE A 37 -22.41 -38.47 11.34
C ILE A 37 -23.70 -38.86 12.06
N ALA A 38 -23.65 -38.92 13.39
CA ALA A 38 -24.84 -39.21 14.22
C ALA A 38 -24.71 -38.53 15.58
N LYS A 39 -25.83 -38.02 16.09
CA LYS A 39 -26.00 -37.52 17.48
C LYS A 39 -26.48 -38.70 18.32
N ILE A 40 -25.88 -38.91 19.49
CA ILE A 40 -26.30 -39.96 20.45
C ILE A 40 -27.41 -39.38 21.34
N ASP A 41 -28.55 -40.06 21.39
CA ASP A 41 -29.82 -39.58 21.98
C ASP A 41 -29.63 -39.36 23.48
N HIS A 42 -30.28 -38.32 24.00
CA HIS A 42 -30.23 -37.87 25.41
C HIS A 42 -30.55 -39.02 26.37
N ASP A 43 -31.62 -39.80 26.17
CA ASP A 43 -32.02 -40.74 27.27
C ASP A 43 -31.21 -42.04 27.18
N PHE A 44 -30.59 -42.36 26.04
CA PHE A 44 -29.52 -43.39 25.98
C PHE A 44 -28.41 -42.96 26.94
N ILE A 45 -27.86 -41.74 26.73
CA ILE A 45 -26.79 -41.12 27.57
C ILE A 45 -27.22 -41.27 29.02
N ALA A 46 -28.43 -40.80 29.36
CA ALA A 46 -28.97 -40.75 30.74
C ALA A 46 -28.83 -42.14 31.36
N SER A 47 -29.05 -43.16 30.53
CA SER A 47 -29.06 -44.59 30.90
C SER A 47 -27.65 -45.01 31.35
N LEU A 48 -26.60 -44.26 31.01
CA LEU A 48 -25.18 -44.56 31.35
C LEU A 48 -24.79 -44.10 32.75
N GLU A 49 -25.62 -43.29 33.44
CA GLU A 49 -25.33 -42.67 34.77
C GLU A 49 -24.83 -43.71 35.78
N GLY A 50 -25.39 -44.92 35.79
CA GLY A 50 -24.83 -46.00 36.64
C GLY A 50 -23.39 -46.36 36.30
N LYS A 51 -23.11 -46.52 35.00
CA LYS A 51 -22.08 -47.43 34.44
C LYS A 51 -20.69 -47.02 34.91
N PRO A 52 -19.73 -47.96 34.96
CA PRO A 52 -18.33 -47.65 35.29
C PRO A 52 -17.44 -47.01 34.21
N GLU A 53 -16.63 -46.01 34.63
CA GLU A 53 -15.70 -45.23 33.77
C GLU A 53 -14.45 -46.06 33.46
N GLY A 54 -14.07 -46.19 32.19
CA GLY A 54 -12.74 -46.68 31.78
C GLY A 54 -11.62 -45.65 31.94
N LYS A 55 -10.49 -45.85 31.28
CA LYS A 55 -9.28 -44.97 31.36
C LYS A 55 -9.49 -43.67 30.58
N LEU A 56 -9.04 -42.56 31.16
CA LEU A 56 -9.05 -41.20 30.56
C LEU A 56 -7.59 -40.79 30.30
N VAL A 57 -7.25 -40.56 29.03
CA VAL A 57 -5.91 -40.10 28.60
C VAL A 57 -6.05 -38.66 28.11
N LEU A 58 -5.15 -37.79 28.57
CA LEU A 58 -5.10 -36.35 28.25
C LEU A 58 -3.86 -36.11 27.40
N VAL A 59 -4.04 -35.64 26.17
CA VAL A 59 -2.96 -35.13 25.27
C VAL A 59 -2.90 -33.60 25.39
N THR A 60 -1.73 -33.10 25.76
CA THR A 60 -1.35 -31.67 25.81
C THR A 60 -0.04 -31.57 25.03
N ALA A 61 0.68 -30.47 25.16
CA ALA A 61 1.83 -30.16 24.29
C ALA A 61 2.81 -29.20 24.99
N ILE A 62 4.02 -29.10 24.44
CA ILE A 62 5.00 -28.01 24.75
C ILE A 62 4.34 -26.73 24.26
N SER A 63 4.86 -25.56 24.70
CA SER A 63 4.31 -24.24 24.32
C SER A 63 4.26 -24.19 22.80
N PRO A 64 3.15 -23.74 22.19
CA PRO A 64 3.05 -23.70 20.73
C PRO A 64 4.21 -22.90 20.11
N THR A 65 4.63 -23.33 18.92
CA THR A 65 5.61 -22.66 18.03
C THR A 65 4.98 -22.48 16.65
N PRO A 66 5.54 -21.59 15.79
CA PRO A 66 5.18 -21.54 14.38
C PRO A 66 5.49 -22.85 13.64
N ALA A 67 6.57 -23.53 14.03
CA ALA A 67 6.93 -24.88 13.56
C ALA A 67 5.73 -25.84 13.62
N GLY A 68 5.03 -25.92 14.77
CA GLY A 68 3.89 -26.81 15.01
C GLY A 68 4.31 -28.14 15.66
N GLU A 69 3.39 -28.72 16.44
CA GLU A 69 3.60 -29.88 17.34
C GLU A 69 2.75 -31.10 16.90
N GLY A 70 1.78 -30.88 16.01
CA GLY A 70 0.84 -31.94 15.60
C GLY A 70 0.21 -32.59 16.82
N LYS A 71 -0.25 -31.79 17.79
CA LYS A 71 -0.94 -32.32 18.99
C LYS A 71 -2.20 -33.13 18.59
N THR A 72 -3.20 -32.51 17.95
CA THR A 72 -4.46 -33.19 17.57
C THR A 72 -4.17 -34.48 16.78
N THR A 73 -3.11 -34.51 15.95
CA THR A 73 -2.70 -35.75 15.21
C THR A 73 -2.35 -36.85 16.22
N THR A 74 -1.58 -36.54 17.26
CA THR A 74 -1.29 -37.47 18.37
C THR A 74 -2.60 -37.95 18.99
N THR A 75 -3.57 -37.07 19.18
CA THR A 75 -4.89 -37.43 19.73
C THR A 75 -5.59 -38.44 18.81
N VAL A 76 -5.55 -38.25 17.49
CA VAL A 76 -6.31 -39.17 16.61
C VAL A 76 -5.49 -40.43 16.38
N GLY A 77 -4.17 -40.33 16.23
CA GLY A 77 -3.31 -41.49 15.93
C GLY A 77 -3.28 -42.48 17.10
N LEU A 78 -3.29 -41.94 18.33
CA LEU A 78 -3.17 -42.68 19.59
C LEU A 78 -4.45 -43.50 19.83
N GLY A 79 -5.60 -42.88 19.63
CA GLY A 79 -6.89 -43.55 19.83
C GLY A 79 -6.99 -44.70 18.87
N ASP A 80 -6.43 -44.51 17.65
CA ASP A 80 -6.37 -45.54 16.57
C ASP A 80 -5.41 -46.65 17.01
N ALA A 81 -4.25 -46.25 17.54
CA ALA A 81 -3.19 -47.15 18.06
C ALA A 81 -3.79 -48.09 19.10
N LEU A 82 -4.66 -47.56 19.96
CA LEU A 82 -5.25 -48.31 21.09
C LEU A 82 -6.20 -49.39 20.54
N ASN A 83 -6.94 -49.09 19.48
CA ASN A 83 -7.84 -50.07 18.84
C ASN A 83 -6.96 -51.17 18.22
N ARG A 84 -5.83 -50.82 17.62
CA ARG A 84 -4.97 -51.83 16.96
C ARG A 84 -4.44 -52.82 17.99
N ILE A 85 -4.14 -52.36 19.21
CA ILE A 85 -3.51 -53.19 20.27
C ILE A 85 -4.61 -53.83 21.15
N GLY A 86 -5.88 -53.65 20.77
CA GLY A 86 -7.02 -54.37 21.37
C GLY A 86 -7.83 -53.58 22.39
N LYS A 87 -7.33 -52.48 22.97
CA LYS A 87 -8.17 -51.55 23.80
C LYS A 87 -9.20 -50.88 22.90
N ARG A 88 -10.50 -51.12 23.10
CA ARG A 88 -11.55 -50.39 22.33
C ARG A 88 -11.56 -48.93 22.83
N ALA A 89 -11.20 -47.98 21.96
CA ALA A 89 -10.91 -46.58 22.36
C ALA A 89 -11.71 -45.58 21.52
N VAL A 90 -12.23 -44.55 22.22
CA VAL A 90 -12.84 -43.33 21.62
C VAL A 90 -11.95 -42.09 21.87
N MET A 91 -11.94 -41.23 20.85
CA MET A 91 -11.25 -39.92 20.81
C MET A 91 -12.31 -38.83 20.96
N CYS A 92 -11.98 -37.76 21.69
CA CYS A 92 -12.86 -36.59 21.96
C CYS A 92 -12.14 -35.29 21.58
N LEU A 93 -12.56 -34.65 20.49
CA LEU A 93 -12.00 -33.37 19.98
C LEU A 93 -13.07 -32.27 20.08
N ARG A 94 -12.64 -31.00 20.22
CA ARG A 94 -13.51 -29.83 19.97
C ARG A 94 -13.90 -29.79 18.48
N GLU A 95 -15.06 -29.17 18.22
CA GLU A 95 -15.48 -28.75 16.86
C GLU A 95 -14.77 -27.44 16.57
N PRO A 96 -14.13 -27.23 15.41
CA PRO A 96 -13.61 -25.93 15.07
C PRO A 96 -14.78 -24.95 14.82
N SER A 97 -14.51 -23.65 15.02
CA SER A 97 -15.46 -22.54 14.76
C SER A 97 -15.40 -22.19 13.28
N LEU A 98 -16.54 -21.85 12.69
CA LEU A 98 -16.68 -21.59 11.23
C LEU A 98 -15.79 -20.40 10.82
N GLY A 99 -15.75 -19.34 11.62
CA GLY A 99 -15.15 -18.04 11.25
C GLY A 99 -13.76 -18.21 10.66
N PRO A 100 -12.79 -18.70 11.45
CA PRO A 100 -11.39 -18.73 11.01
C PRO A 100 -11.22 -19.45 9.66
N CYS A 101 -12.01 -20.48 9.36
CA CYS A 101 -11.98 -21.18 8.04
C CYS A 101 -11.85 -20.15 6.89
N PHE A 102 -12.55 -19.02 6.98
CA PHE A 102 -12.75 -18.07 5.85
C PHE A 102 -11.68 -16.98 5.88
N GLY A 103 -10.89 -16.94 6.94
CA GLY A 103 -9.69 -16.09 7.05
C GLY A 103 -8.50 -16.86 6.53
N MET A 104 -7.71 -17.47 7.42
CA MET A 104 -6.65 -18.46 7.08
C MET A 104 -7.35 -19.78 6.80
N LYS A 105 -6.79 -20.67 5.98
CA LYS A 105 -7.62 -21.79 5.44
C LYS A 105 -8.16 -22.61 6.63
N GLY A 106 -9.13 -23.46 6.39
CA GLY A 106 -9.50 -24.54 7.33
C GLY A 106 -8.49 -25.66 7.30
N GLY A 107 -8.47 -26.50 8.33
CA GLY A 107 -7.52 -27.62 8.49
C GLY A 107 -8.25 -28.90 8.80
N ALA A 108 -7.53 -30.00 9.03
CA ALA A 108 -8.09 -31.37 9.22
C ALA A 108 -8.22 -31.65 10.72
N ALA A 109 -9.17 -32.49 11.13
CA ALA A 109 -9.32 -32.97 12.52
C ALA A 109 -8.22 -34.02 12.77
N GLY A 110 -7.02 -33.52 13.11
CA GLY A 110 -5.74 -34.27 13.04
C GLY A 110 -4.93 -33.87 11.80
N GLY A 111 -4.45 -34.87 11.05
CA GLY A 111 -3.66 -34.68 9.81
C GLY A 111 -3.07 -35.99 9.34
N GLY A 112 -2.63 -36.08 8.08
CA GLY A 112 -2.03 -37.28 7.50
C GLY A 112 -2.99 -38.46 7.54
N LYS A 113 -2.55 -39.60 8.05
CA LYS A 113 -3.36 -40.83 8.08
C LYS A 113 -3.99 -41.03 9.46
N ALA A 114 -4.00 -39.99 10.32
CA ALA A 114 -4.72 -39.96 11.63
C ALA A 114 -5.67 -38.75 11.65
N GLN A 115 -6.88 -38.94 11.14
CA GLN A 115 -7.87 -37.89 10.81
C GLN A 115 -9.23 -38.35 11.29
N VAL A 116 -10.05 -37.41 11.76
CA VAL A 116 -11.51 -37.66 11.97
C VAL A 116 -12.25 -37.00 10.79
N VAL A 117 -13.27 -37.70 10.28
CA VAL A 117 -13.91 -37.50 8.94
C VAL A 117 -15.42 -37.69 9.08
N PRO A 118 -16.28 -37.07 8.23
CA PRO A 118 -15.86 -36.24 7.10
C PRO A 118 -15.31 -34.88 7.52
N MET A 119 -14.13 -34.47 7.02
CA MET A 119 -13.46 -33.23 7.49
C MET A 119 -14.12 -31.96 6.94
N GLU A 120 -14.83 -32.05 5.82
CA GLU A 120 -15.52 -30.91 5.17
C GLU A 120 -16.63 -30.38 6.07
N GLN A 121 -17.50 -31.28 6.53
CA GLN A 121 -18.70 -31.00 7.37
C GLN A 121 -18.27 -30.52 8.76
N ILE A 122 -17.21 -31.10 9.34
CA ILE A 122 -16.65 -30.75 10.67
C ILE A 122 -16.21 -29.28 10.67
N ASN A 123 -15.52 -28.86 9.61
CA ASN A 123 -14.92 -27.51 9.50
C ASN A 123 -16.03 -26.45 9.35
N LEU A 124 -17.22 -26.86 8.93
CA LEU A 124 -18.28 -25.90 8.55
C LEU A 124 -19.47 -26.00 9.51
N HIS A 125 -20.64 -26.35 8.95
CA HIS A 125 -21.95 -26.41 9.64
C HIS A 125 -21.99 -27.57 10.61
N PHE A 126 -21.43 -28.71 10.24
CA PHE A 126 -21.46 -30.00 10.99
C PHE A 126 -22.93 -30.35 11.28
N THR A 127 -23.33 -30.42 12.56
CA THR A 127 -24.70 -30.80 13.05
C THR A 127 -25.42 -29.56 13.59
N GLY A 128 -24.82 -28.37 13.40
CA GLY A 128 -25.38 -27.07 13.78
C GLY A 128 -25.29 -26.76 15.27
N ASP A 129 -24.44 -27.43 16.04
CA ASP A 129 -24.27 -27.07 17.48
C ASP A 129 -23.98 -25.56 17.54
N PHE A 130 -22.97 -25.06 16.82
CA PHE A 130 -22.47 -23.65 16.97
C PHE A 130 -23.56 -22.65 16.56
N HIS A 131 -24.40 -23.00 15.59
CA HIS A 131 -25.63 -22.27 15.18
C HIS A 131 -26.65 -22.20 16.33
N ALA A 132 -26.84 -23.31 17.06
CA ALA A 132 -27.74 -23.44 18.24
C ALA A 132 -27.28 -22.49 19.35
N ILE A 133 -25.96 -22.34 19.49
CA ILE A 133 -25.33 -21.52 20.55
C ILE A 133 -25.46 -20.03 20.20
N THR A 134 -25.16 -19.65 18.96
CA THR A 134 -25.34 -18.28 18.40
C THR A 134 -26.80 -17.83 18.63
N SER A 135 -27.73 -18.69 18.21
CA SER A 135 -29.19 -18.45 18.15
C SER A 135 -29.73 -18.17 19.57
N ALA A 136 -29.40 -19.04 20.52
CA ALA A 136 -29.73 -18.93 21.95
C ALA A 136 -29.08 -17.69 22.56
N HIS A 137 -27.81 -17.41 22.24
CA HIS A 137 -27.05 -16.26 22.79
C HIS A 137 -27.65 -14.96 22.25
N SER A 138 -27.97 -14.92 20.96
CA SER A 138 -28.58 -13.73 20.33
C SER A 138 -29.96 -13.51 20.96
N LEU A 139 -30.65 -14.59 21.32
CA LEU A 139 -31.97 -14.46 21.98
C LEU A 139 -31.76 -13.70 23.30
N ALA A 140 -30.84 -14.18 24.16
CA ALA A 140 -30.45 -13.49 25.41
C ALA A 140 -30.42 -11.97 25.19
N ALA A 141 -29.58 -11.54 24.23
CA ALA A 141 -29.30 -10.12 23.91
C ALA A 141 -30.58 -9.35 23.53
N ALA A 142 -31.38 -9.92 22.63
CA ALA A 142 -32.69 -9.40 22.20
C ALA A 142 -33.60 -9.12 23.40
N LEU A 143 -33.71 -10.08 24.33
CA LEU A 143 -34.59 -10.00 25.54
C LEU A 143 -34.06 -8.92 26.49
N ILE A 144 -32.73 -8.75 26.53
CA ILE A 144 -32.09 -7.74 27.42
C ILE A 144 -32.50 -6.35 26.95
N ASP A 145 -32.33 -6.06 25.68
CA ASP A 145 -32.64 -4.71 25.11
C ASP A 145 -34.15 -4.51 25.09
N ASN A 146 -34.93 -5.58 24.79
CA ASN A 146 -36.42 -5.60 24.84
C ASN A 146 -36.89 -5.18 26.24
N HIS A 147 -36.47 -5.93 27.26
CA HIS A 147 -36.75 -5.61 28.67
C HIS A 147 -36.53 -4.11 28.94
N ILE A 148 -35.39 -3.56 28.47
CA ILE A 148 -35.04 -2.12 28.67
C ILE A 148 -36.02 -1.24 27.89
N TYR A 149 -36.45 -1.71 26.73
CA TYR A 149 -37.25 -0.86 25.80
C TYR A 149 -38.62 -0.57 26.40
N TRP A 150 -39.34 -1.58 26.89
CA TRP A 150 -40.77 -1.46 27.33
C TRP A 150 -40.92 -0.66 28.62
N ALA A 151 -39.96 -0.79 29.51
CA ALA A 151 -39.90 -0.13 30.84
C ALA A 151 -38.82 -0.88 31.58
N ASN A 152 -37.79 -0.18 32.01
CA ASN A 152 -36.60 -0.86 32.58
C ASN A 152 -36.98 -1.24 34.01
N GLU A 153 -37.80 -2.28 34.15
CA GLU A 153 -38.43 -2.66 35.44
C GLU A 153 -37.32 -3.09 36.38
N LEU A 154 -36.33 -3.79 35.82
CA LEU A 154 -35.14 -4.31 36.55
C LEU A 154 -34.13 -3.17 36.80
N ASN A 155 -34.36 -1.98 36.23
CA ASN A 155 -33.52 -0.78 36.44
C ASN A 155 -32.05 -1.08 36.03
N ILE A 156 -31.89 -1.84 34.93
CA ILE A 156 -30.61 -2.16 34.22
C ILE A 156 -29.95 -0.85 33.79
N ASP A 157 -28.68 -0.63 34.15
CA ASP A 157 -27.84 0.48 33.67
C ASP A 157 -27.13 0.04 32.37
N VAL A 158 -27.47 0.74 31.30
CA VAL A 158 -26.98 0.48 29.92
C VAL A 158 -25.47 0.73 29.86
N ARG A 159 -24.89 1.42 30.84
CA ARG A 159 -23.43 1.56 30.93
C ARG A 159 -22.78 0.36 31.63
N ARG A 160 -23.53 -0.56 32.24
CA ARG A 160 -22.89 -1.70 32.98
C ARG A 160 -23.52 -3.03 32.55
N ILE A 161 -23.82 -3.16 31.25
CA ILE A 161 -24.21 -4.45 30.63
C ILE A 161 -22.93 -5.15 30.22
N HIS A 162 -22.62 -6.29 30.82
CA HIS A 162 -21.41 -7.10 30.55
C HIS A 162 -21.68 -7.93 29.31
N TRP A 163 -22.93 -8.39 29.14
CA TRP A 163 -23.37 -9.34 28.10
C TRP A 163 -23.36 -8.67 26.73
N ARG A 164 -22.71 -9.33 25.76
CA ARG A 164 -22.49 -8.84 24.38
C ARG A 164 -23.15 -9.79 23.39
N ARG A 165 -22.98 -9.52 22.11
CA ARG A 165 -23.58 -10.36 21.05
C ARG A 165 -22.48 -11.23 20.42
N VAL A 166 -22.89 -12.20 19.61
CA VAL A 166 -21.97 -13.17 18.96
C VAL A 166 -22.40 -13.40 17.51
N VAL A 167 -21.40 -13.70 16.67
CA VAL A 167 -21.56 -14.21 15.28
C VAL A 167 -20.43 -15.21 15.03
N ASP A 168 -20.70 -16.36 14.39
CA ASP A 168 -19.63 -17.34 14.07
C ASP A 168 -19.01 -16.89 12.74
N MET A 169 -18.24 -15.80 12.80
CA MET A 169 -17.55 -15.12 11.67
C MET A 169 -16.50 -14.19 12.27
N ASN A 170 -15.37 -14.01 11.59
CA ASN A 170 -14.29 -13.09 12.02
C ASN A 170 -14.67 -11.70 11.54
N ASP A 171 -15.51 -10.99 12.29
CA ASP A 171 -16.01 -9.65 11.85
C ASP A 171 -15.53 -8.58 12.81
N ARG A 172 -14.33 -8.08 12.57
CA ARG A 172 -13.67 -6.96 13.29
C ARG A 172 -14.63 -5.78 13.39
N ALA A 173 -15.45 -5.55 12.37
CA ALA A 173 -16.40 -4.41 12.27
C ALA A 173 -17.37 -4.40 13.44
N LEU A 174 -17.70 -5.55 14.03
CA LEU A 174 -18.75 -5.67 15.07
C LEU A 174 -18.13 -5.72 16.47
N ARG A 175 -16.82 -5.45 16.56
CA ARG A 175 -16.09 -5.46 17.85
C ARG A 175 -16.62 -4.36 18.78
N ALA A 176 -16.86 -3.15 18.29
CA ALA A 176 -17.42 -2.02 19.10
C ALA A 176 -18.49 -1.30 18.28
N ILE A 177 -19.71 -1.28 18.78
CA ILE A 177 -20.89 -0.68 18.10
C ILE A 177 -21.60 0.23 19.10
N ASN A 178 -22.38 1.14 18.53
CA ASN A 178 -23.48 1.86 19.18
C ASN A 178 -24.73 1.26 18.58
N GLN A 179 -25.71 0.86 19.39
CA GLN A 179 -26.95 0.17 18.92
C GLN A 179 -28.19 0.89 19.44
N SER A 180 -29.37 0.43 19.02
CA SER A 180 -30.68 0.98 19.41
C SER A 180 -30.68 2.48 19.12
N LEU A 181 -30.10 2.86 17.98
CA LEU A 181 -30.17 4.21 17.41
C LEU A 181 -31.40 4.25 16.50
N GLY A 182 -31.80 5.46 16.05
CA GLY A 182 -32.85 5.65 15.04
C GLY A 182 -34.04 6.46 15.52
N GLY A 183 -34.41 6.46 16.79
CA GLY A 183 -35.68 7.06 17.20
C GLY A 183 -36.20 6.43 18.48
N VAL A 184 -37.37 6.86 18.95
CA VAL A 184 -38.02 6.31 20.18
C VAL A 184 -38.41 4.85 19.91
N ALA A 185 -38.90 4.53 18.72
CA ALA A 185 -39.45 3.18 18.41
C ALA A 185 -38.35 2.09 18.41
N ASN A 186 -37.07 2.48 18.34
CA ASN A 186 -35.89 1.55 18.30
C ASN A 186 -35.23 1.37 19.69
N GLY A 187 -35.55 2.28 20.62
CA GLY A 187 -35.21 2.17 22.05
C GLY A 187 -34.03 3.03 22.47
N PHE A 188 -33.41 2.66 23.57
CA PHE A 188 -32.49 3.53 24.36
C PHE A 188 -31.08 3.20 23.88
N PRO A 189 -30.42 4.17 23.21
CA PRO A 189 -29.13 3.93 22.57
C PRO A 189 -28.06 3.60 23.63
N ARG A 190 -27.16 2.65 23.30
CA ARG A 190 -26.09 2.18 24.22
C ARG A 190 -24.92 1.54 23.46
N GLU A 191 -23.77 1.41 24.14
CA GLU A 191 -22.53 0.79 23.63
C GLU A 191 -22.73 -0.71 23.78
N ASP A 192 -22.10 -1.49 22.93
CA ASP A 192 -22.34 -2.95 22.81
C ASP A 192 -21.22 -3.48 21.91
N GLY A 193 -21.14 -4.79 21.68
CA GLY A 193 -20.16 -5.37 20.74
C GLY A 193 -20.27 -6.88 20.63
N PHE A 194 -19.42 -7.48 19.80
CA PHE A 194 -19.55 -8.88 19.36
C PHE A 194 -18.24 -9.61 19.65
N ASP A 195 -18.31 -10.66 20.43
CA ASP A 195 -17.27 -11.71 20.47
C ASP A 195 -17.65 -12.73 19.39
N ILE A 196 -16.70 -13.57 18.97
CA ILE A 196 -16.97 -14.72 18.04
C ILE A 196 -17.70 -15.79 18.84
N THR A 197 -18.64 -16.53 18.26
CA THR A 197 -19.54 -17.47 18.99
C THR A 197 -18.78 -18.34 19.99
N VAL A 198 -17.63 -18.92 19.61
CA VAL A 198 -16.81 -19.75 20.54
C VAL A 198 -16.41 -18.95 21.80
N ALA A 199 -16.45 -17.61 21.79
CA ALA A 199 -16.10 -16.78 22.96
C ALA A 199 -17.27 -16.66 23.97
N SER A 200 -18.50 -17.08 23.61
CA SER A 200 -19.74 -17.08 24.45
C SER A 200 -19.53 -17.80 25.80
N GLU A 201 -20.04 -17.21 26.89
CA GLU A 201 -20.18 -17.96 28.16
C GLU A 201 -21.16 -19.10 27.92
N VAL A 202 -22.13 -18.94 27.01
CA VAL A 202 -23.02 -20.07 26.60
C VAL A 202 -22.18 -21.21 26.06
N MET A 203 -21.04 -20.94 25.41
CA MET A 203 -20.18 -22.02 24.84
C MET A 203 -19.51 -22.76 26.01
N ALA A 204 -18.85 -22.03 26.92
CA ALA A 204 -18.18 -22.57 28.13
C ALA A 204 -19.15 -23.49 28.86
N VAL A 205 -20.36 -22.99 29.09
CA VAL A 205 -21.43 -23.62 29.92
C VAL A 205 -21.95 -24.88 29.22
N PHE A 206 -21.99 -24.88 27.88
CA PHE A 206 -22.40 -26.02 27.00
C PHE A 206 -21.43 -27.18 27.24
N CYS A 207 -20.19 -26.85 27.62
CA CYS A 207 -18.99 -27.72 27.58
C CYS A 207 -18.66 -28.30 28.96
N LEU A 208 -19.35 -27.79 30.00
CA LEU A 208 -19.18 -28.15 31.44
C LEU A 208 -20.49 -28.71 32.04
N ALA A 209 -21.62 -28.56 31.34
CA ALA A 209 -22.94 -29.08 31.72
C ALA A 209 -22.96 -30.61 31.77
N LYS A 210 -23.58 -31.16 32.83
CA LYS A 210 -23.76 -32.62 33.05
C LYS A 210 -24.91 -33.13 32.18
N ASN A 211 -25.86 -32.25 31.84
CA ASN A 211 -27.15 -32.61 31.21
C ASN A 211 -28.01 -31.33 31.12
N LEU A 212 -29.28 -31.46 30.75
CA LEU A 212 -30.11 -30.28 30.38
C LEU A 212 -30.44 -29.44 31.62
N ALA A 213 -30.78 -30.05 32.76
CA ALA A 213 -31.03 -29.33 34.03
C ALA A 213 -29.78 -28.48 34.40
N ASP A 214 -28.60 -29.09 34.36
CA ASP A 214 -27.33 -28.46 34.75
C ASP A 214 -27.03 -27.24 33.84
N LEU A 215 -27.30 -27.39 32.54
CA LEU A 215 -27.21 -26.32 31.52
C LEU A 215 -28.14 -25.16 31.94
N GLU A 216 -29.42 -25.44 32.10
CA GLU A 216 -30.43 -24.40 32.45
C GLU A 216 -29.98 -23.61 33.70
N GLU A 217 -29.56 -24.28 34.77
CA GLU A 217 -29.20 -23.67 36.09
C GLU A 217 -27.95 -22.77 35.94
N ARG A 218 -26.93 -23.27 35.25
CA ARG A 218 -25.67 -22.55 34.95
C ARG A 218 -25.99 -21.23 34.23
N LEU A 219 -26.88 -21.29 33.24
CA LEU A 219 -27.26 -20.12 32.41
C LEU A 219 -27.99 -19.12 33.31
N GLY A 220 -28.85 -19.62 34.18
CA GLY A 220 -29.44 -18.86 35.31
C GLY A 220 -28.39 -18.09 36.09
N ARG A 221 -27.28 -18.71 36.46
CA ARG A 221 -26.28 -18.10 37.38
C ARG A 221 -25.45 -16.99 36.66
N ILE A 222 -25.57 -16.84 35.32
CA ILE A 222 -24.75 -15.89 34.48
C ILE A 222 -25.20 -14.45 34.74
N VAL A 223 -24.35 -13.67 35.40
CA VAL A 223 -24.55 -12.21 35.56
C VAL A 223 -24.39 -11.59 34.19
N ILE A 224 -25.36 -10.80 33.75
CA ILE A 224 -25.44 -10.22 32.37
C ILE A 224 -25.28 -8.70 32.42
N ALA A 225 -25.62 -8.06 33.55
CA ALA A 225 -25.43 -6.61 33.78
C ALA A 225 -25.53 -6.27 35.28
N GLU A 226 -25.53 -4.97 35.61
CA GLU A 226 -25.84 -4.43 36.97
C GLU A 226 -26.92 -3.34 36.84
N THR A 227 -27.62 -3.05 37.93
CA THR A 227 -28.62 -1.95 38.01
C THR A 227 -27.89 -0.63 38.21
N ARG A 228 -28.58 0.51 38.07
CA ARG A 228 -27.98 1.86 38.34
C ARG A 228 -27.53 1.89 39.80
N ASP A 229 -28.15 1.02 40.58
CA ASP A 229 -28.06 0.78 42.04
C ASP A 229 -26.89 -0.16 42.35
N ARG A 230 -26.14 -0.59 41.32
CA ARG A 230 -24.94 -1.48 41.35
C ARG A 230 -25.30 -2.90 41.79
N LYS A 231 -26.52 -3.37 41.53
CA LYS A 231 -26.99 -4.75 41.87
C LYS A 231 -26.88 -5.65 40.65
N PRO A 232 -26.52 -6.94 40.79
CA PRO A 232 -26.31 -7.79 39.62
C PRO A 232 -27.63 -8.27 39.00
N VAL A 233 -27.64 -8.44 37.67
CA VAL A 233 -28.78 -8.91 36.84
C VAL A 233 -28.34 -10.14 36.03
N THR A 234 -29.13 -11.21 36.05
CA THR A 234 -28.77 -12.53 35.47
C THR A 234 -29.64 -12.84 34.24
N LEU A 235 -29.30 -13.90 33.49
CA LEU A 235 -30.13 -14.41 32.39
C LEU A 235 -31.46 -14.92 32.96
N ALA A 236 -31.47 -15.37 34.22
CA ALA A 236 -32.70 -15.79 34.92
C ALA A 236 -33.64 -14.59 35.06
N ASP A 237 -33.12 -13.42 35.40
CA ASP A 237 -33.92 -12.19 35.65
C ASP A 237 -34.60 -11.71 34.37
N VAL A 238 -34.03 -11.98 33.18
CA VAL A 238 -34.68 -11.59 31.90
C VAL A 238 -35.51 -12.76 31.35
N LYS A 239 -35.55 -13.88 32.08
CA LYS A 239 -36.39 -15.08 31.81
C LYS A 239 -35.97 -15.70 30.49
N ALA A 240 -34.67 -15.83 30.30
CA ALA A 240 -34.06 -16.33 29.04
C ALA A 240 -33.83 -17.85 29.08
N THR A 241 -33.64 -18.43 30.28
CA THR A 241 -32.83 -19.67 30.42
C THR A 241 -33.61 -20.87 29.87
N GLY A 242 -34.93 -20.87 29.99
CA GLY A 242 -35.82 -21.84 29.30
C GLY A 242 -35.69 -21.73 27.78
N ALA A 243 -35.88 -20.54 27.22
CA ALA A 243 -35.77 -20.33 25.76
C ALA A 243 -34.48 -20.97 25.24
N MET A 244 -33.35 -20.60 25.86
CA MET A 244 -31.98 -21.00 25.46
C MET A 244 -31.84 -22.52 25.55
N THR A 245 -32.37 -23.12 26.61
CA THR A 245 -32.22 -24.57 26.84
C THR A 245 -33.00 -25.26 25.72
N VAL A 246 -34.19 -24.76 25.36
CA VAL A 246 -35.00 -25.34 24.24
C VAL A 246 -34.16 -25.28 22.95
N LEU A 247 -33.44 -24.20 22.71
CA LEU A 247 -32.61 -24.02 21.48
C LEU A 247 -31.33 -24.89 21.53
N LEU A 248 -30.88 -25.28 22.73
CA LEU A 248 -29.59 -26.02 22.92
C LEU A 248 -29.88 -27.52 23.10
N LYS A 249 -31.15 -27.89 23.18
CA LYS A 249 -31.62 -29.28 23.42
C LYS A 249 -30.88 -30.26 22.49
N ASP A 250 -31.14 -30.25 21.20
CA ASP A 250 -30.59 -31.30 20.30
C ASP A 250 -29.08 -31.14 20.26
N ALA A 251 -28.58 -29.90 20.34
CA ALA A 251 -27.14 -29.56 20.37
C ALA A 251 -26.42 -30.30 21.50
N LEU A 252 -26.99 -30.36 22.70
CA LEU A 252 -26.28 -30.92 23.87
C LEU A 252 -26.08 -32.44 23.71
N GLN A 253 -26.62 -33.07 22.65
CA GLN A 253 -26.32 -34.49 22.34
C GLN A 253 -24.95 -34.54 21.68
N PRO A 254 -24.03 -35.45 22.06
CA PRO A 254 -22.71 -35.50 21.43
C PRO A 254 -22.83 -36.04 19.99
N ASN A 255 -21.96 -35.57 19.10
CA ASN A 255 -21.89 -35.95 17.65
C ASN A 255 -20.81 -37.02 17.51
N LEU A 256 -21.18 -38.17 16.92
CA LEU A 256 -20.28 -39.33 16.66
C LEU A 256 -19.79 -39.27 15.20
N VAL A 257 -18.49 -39.36 15.03
CA VAL A 257 -17.78 -39.45 13.73
C VAL A 257 -16.70 -40.54 13.88
N GLN A 258 -16.01 -40.87 12.79
CA GLN A 258 -14.97 -41.93 12.73
C GLN A 258 -13.65 -41.32 12.25
N THR A 259 -12.54 -41.92 12.72
CA THR A 259 -11.18 -41.77 12.15
C THR A 259 -11.16 -42.46 10.78
N LEU A 260 -10.03 -42.37 10.06
CA LEU A 260 -9.79 -43.10 8.79
C LEU A 260 -9.73 -44.64 8.94
N GLU A 261 -9.60 -45.19 10.17
CA GLU A 261 -9.54 -46.66 10.42
C GLU A 261 -10.89 -47.18 10.97
N GLY A 262 -11.97 -46.43 10.76
CA GLY A 262 -13.32 -46.76 11.24
C GLY A 262 -13.46 -46.81 12.76
N ASN A 263 -12.59 -46.17 13.53
CA ASN A 263 -12.70 -46.22 15.02
C ASN A 263 -13.53 -45.03 15.46
N PRO A 264 -14.21 -45.10 16.63
CA PRO A 264 -15.10 -44.04 17.09
C PRO A 264 -14.46 -42.78 17.65
N ALA A 265 -15.09 -41.65 17.30
CA ALA A 265 -14.71 -40.30 17.77
C ALA A 265 -15.98 -39.51 18.16
N LEU A 266 -15.84 -38.63 19.14
CA LEU A 266 -16.88 -37.69 19.60
C LEU A 266 -16.32 -36.29 19.36
N ILE A 267 -17.02 -35.48 18.57
CA ILE A 267 -16.67 -34.06 18.34
C ILE A 267 -17.81 -33.24 18.94
N HIS A 268 -17.52 -32.47 19.98
CA HIS A 268 -18.58 -31.77 20.76
C HIS A 268 -18.01 -30.62 21.60
N GLY A 269 -18.57 -29.42 21.45
CA GLY A 269 -18.11 -28.19 22.13
C GLY A 269 -16.86 -27.67 21.47
N GLY A 270 -16.55 -26.40 21.66
CA GLY A 270 -15.34 -25.76 21.13
C GLY A 270 -15.17 -24.36 21.69
N PRO A 271 -14.72 -24.24 22.95
CA PRO A 271 -14.49 -22.93 23.55
C PRO A 271 -13.02 -22.54 23.31
N PHE A 272 -12.69 -21.25 23.40
CA PHE A 272 -11.29 -20.77 23.35
C PHE A 272 -10.59 -21.31 24.59
N ALA A 273 -9.28 -21.55 24.51
CA ALA A 273 -8.40 -22.02 25.62
C ALA A 273 -7.72 -20.84 26.34
N ASN A 274 -8.13 -19.59 26.06
CA ASN A 274 -7.61 -18.35 26.72
C ASN A 274 -8.66 -17.80 27.71
N ILE A 275 -9.74 -17.19 27.20
CA ILE A 275 -10.91 -16.71 27.98
C ILE A 275 -11.89 -17.87 28.28
N ALA A 276 -11.51 -19.12 27.98
CA ALA A 276 -12.10 -20.31 28.65
C ALA A 276 -11.07 -21.44 28.80
N HIS A 277 -11.55 -22.67 28.97
CA HIS A 277 -10.83 -23.87 29.50
C HIS A 277 -10.25 -24.73 28.36
N GLY A 278 -10.72 -24.53 27.13
CA GLY A 278 -10.20 -25.16 25.89
C GLY A 278 -10.46 -26.65 25.81
N CYS A 279 -11.53 -27.14 26.44
CA CYS A 279 -11.86 -28.58 26.44
C CYS A 279 -13.07 -28.84 25.57
N ASN A 280 -13.25 -30.06 25.11
CA ASN A 280 -14.52 -30.51 24.48
C ASN A 280 -15.52 -30.71 25.62
N SER A 281 -16.78 -30.97 25.27
CA SER A 281 -17.88 -31.06 26.26
C SER A 281 -17.59 -32.21 27.23
N VAL A 282 -17.85 -31.94 28.51
CA VAL A 282 -18.01 -32.93 29.61
C VAL A 282 -18.98 -34.04 29.18
N ILE A 283 -20.12 -33.75 28.57
CA ILE A 283 -21.07 -34.83 28.18
C ILE A 283 -20.29 -35.84 27.32
N ALA A 284 -19.47 -35.36 26.38
CA ALA A 284 -18.72 -36.16 25.41
C ALA A 284 -17.72 -37.05 26.15
N THR A 285 -16.84 -36.43 26.92
CA THR A 285 -15.80 -37.13 27.72
C THR A 285 -16.48 -38.19 28.60
N ARG A 286 -17.52 -37.83 29.35
CA ARG A 286 -18.18 -38.78 30.27
C ARG A 286 -18.78 -39.93 29.43
N THR A 287 -19.54 -39.63 28.37
CA THR A 287 -20.14 -40.64 27.46
C THR A 287 -19.06 -41.64 27.03
N GLY A 288 -17.95 -41.16 26.48
CA GLY A 288 -16.82 -42.02 26.04
C GLY A 288 -16.26 -42.94 27.14
N LEU A 289 -16.13 -42.44 28.36
CA LEU A 289 -15.58 -43.21 29.52
C LEU A 289 -16.54 -44.36 29.85
N ARG A 290 -17.84 -44.18 29.60
CA ARG A 290 -18.93 -45.10 30.00
C ARG A 290 -19.14 -46.21 28.95
N LEU A 291 -18.53 -46.08 27.78
CA LEU A 291 -18.75 -46.94 26.60
C LEU A 291 -17.45 -47.56 26.10
N ALA A 292 -16.26 -46.96 26.32
CA ALA A 292 -14.95 -47.43 25.83
C ALA A 292 -14.01 -47.83 26.99
N ASP A 293 -13.01 -48.66 26.69
CA ASP A 293 -11.90 -48.99 27.61
C ASP A 293 -11.04 -47.75 27.83
N TYR A 294 -10.79 -47.01 26.76
CA TYR A 294 -9.90 -45.83 26.78
C TYR A 294 -10.55 -44.66 26.05
N THR A 295 -10.83 -43.57 26.76
CA THR A 295 -11.25 -42.24 26.24
C THR A 295 -10.01 -41.33 26.14
N VAL A 296 -9.72 -40.79 24.95
CA VAL A 296 -8.50 -39.98 24.65
C VAL A 296 -8.96 -38.61 24.18
N THR A 297 -8.41 -37.54 24.74
CA THR A 297 -8.97 -36.16 24.63
C THR A 297 -7.84 -35.16 24.71
N GLU A 298 -8.14 -33.90 24.41
CA GLU A 298 -7.05 -32.89 24.38
C GLU A 298 -7.57 -31.57 24.96
N ALA A 299 -6.63 -30.72 25.40
CA ALA A 299 -6.84 -29.31 25.75
C ALA A 299 -6.07 -28.45 24.77
N GLY A 300 -6.62 -27.26 24.47
CA GLY A 300 -6.00 -26.23 23.63
C GLY A 300 -4.69 -25.70 24.22
N PHE A 301 -3.83 -25.16 23.35
CA PHE A 301 -2.54 -24.59 23.79
C PHE A 301 -1.74 -25.68 24.52
N GLY A 302 -0.57 -25.30 25.02
CA GLY A 302 0.34 -26.21 25.71
C GLY A 302 -0.23 -26.61 27.06
N ALA A 303 0.59 -27.23 27.89
CA ALA A 303 0.19 -27.83 29.19
C ALA A 303 0.08 -26.74 30.26
N ASP A 304 0.81 -25.62 30.12
CA ASP A 304 0.80 -24.43 31.05
C ASP A 304 -0.61 -23.83 31.16
N LEU A 305 -1.39 -23.89 30.06
CA LEU A 305 -2.78 -23.37 29.93
C LEU A 305 -3.80 -24.52 29.76
N GLY A 306 -3.84 -25.15 28.58
CA GLY A 306 -4.85 -26.16 28.24
C GLY A 306 -4.97 -27.22 29.30
N ALA A 307 -3.85 -27.78 29.73
CA ALA A 307 -3.81 -28.94 30.66
C ALA A 307 -4.12 -28.44 32.09
N GLU A 308 -3.57 -27.29 32.49
CA GLU A 308 -3.87 -26.70 33.81
C GLU A 308 -5.41 -26.54 33.90
N LYS A 309 -6.06 -26.01 32.87
CA LYS A 309 -7.51 -25.68 32.94
C LYS A 309 -8.35 -26.96 32.82
N PHE A 310 -7.84 -27.99 32.14
CA PHE A 310 -8.47 -29.35 32.07
C PHE A 310 -8.58 -29.96 33.46
N ILE A 311 -7.53 -29.83 34.27
CA ILE A 311 -7.42 -30.39 35.64
C ILE A 311 -8.17 -29.47 36.60
N ASP A 312 -7.70 -28.22 36.71
CA ASP A 312 -8.07 -27.24 37.78
C ASP A 312 -9.51 -26.76 37.57
N ILE A 313 -10.06 -26.86 36.37
CA ILE A 313 -11.45 -26.40 36.09
C ILE A 313 -12.32 -27.60 35.66
N LYS A 314 -11.95 -28.33 34.62
CA LYS A 314 -12.86 -29.39 34.06
C LYS A 314 -12.97 -30.56 35.06
N CYS A 315 -11.84 -31.11 35.51
CA CYS A 315 -11.75 -32.29 36.43
C CYS A 315 -12.13 -31.89 37.86
N ARG A 316 -11.83 -30.67 38.30
CA ARG A 316 -12.22 -30.17 39.65
C ARG A 316 -13.75 -30.05 39.76
N GLN A 317 -14.42 -29.60 38.71
CA GLN A 317 -15.90 -29.46 38.72
C GLN A 317 -16.57 -30.84 38.64
N THR A 318 -16.04 -31.77 37.84
CA THR A 318 -16.77 -32.97 37.37
C THR A 318 -16.37 -34.23 38.17
N GLY A 319 -15.27 -34.20 38.91
CA GLY A 319 -14.70 -35.40 39.57
C GLY A 319 -13.83 -36.24 38.64
N LEU A 320 -13.78 -35.99 37.34
CA LEU A 320 -12.84 -36.66 36.40
C LEU A 320 -11.41 -36.60 36.95
N LYS A 321 -10.63 -37.64 36.65
CA LYS A 321 -9.16 -37.73 36.90
C LYS A 321 -8.53 -38.51 35.73
N PRO A 322 -7.57 -37.92 35.00
CA PRO A 322 -6.83 -38.68 33.99
C PRO A 322 -5.91 -39.75 34.60
N SER A 323 -5.78 -40.87 33.89
CA SER A 323 -4.98 -42.04 34.30
C SER A 323 -3.56 -41.87 33.78
N SER A 324 -3.44 -41.10 32.71
CA SER A 324 -2.16 -40.80 32.04
C SER A 324 -2.31 -39.57 31.15
N VAL A 325 -1.20 -38.83 30.99
CA VAL A 325 -1.03 -37.60 30.18
C VAL A 325 0.04 -37.89 29.13
N VAL A 326 -0.14 -37.49 27.85
CA VAL A 326 0.92 -37.49 26.79
C VAL A 326 1.26 -36.03 26.50
N ILE A 327 2.52 -35.63 26.57
CA ILE A 327 2.97 -34.25 26.20
C ILE A 327 3.61 -34.38 24.81
N VAL A 328 3.00 -33.72 23.82
CA VAL A 328 3.43 -33.83 22.40
C VAL A 328 4.52 -32.79 22.15
N ALA A 329 5.62 -33.21 21.57
CA ALA A 329 6.73 -32.33 21.21
C ALA A 329 7.12 -32.67 19.77
N THR A 330 7.82 -31.76 19.11
CA THR A 330 8.63 -32.03 17.90
C THR A 330 9.98 -31.38 18.15
N ILE A 331 10.96 -31.90 17.42
CA ILE A 331 12.40 -31.50 17.47
C ILE A 331 12.55 -30.09 16.90
N ARG A 332 11.70 -29.73 15.91
CA ARG A 332 11.66 -28.37 15.30
C ARG A 332 11.10 -27.38 16.33
N ALA A 333 10.03 -27.75 17.03
CA ALA A 333 9.38 -26.88 18.04
C ALA A 333 10.37 -26.55 19.15
N LEU A 334 11.05 -27.59 19.66
CA LEU A 334 12.09 -27.48 20.71
C LEU A 334 13.24 -26.59 20.21
N LYS A 335 13.74 -26.81 19.00
CA LYS A 335 14.85 -26.00 18.40
C LYS A 335 14.47 -24.52 18.37
N MET A 336 13.21 -24.25 18.02
CA MET A 336 12.65 -22.88 18.08
C MET A 336 12.67 -22.37 19.52
N HIS A 337 12.26 -23.17 20.50
CA HIS A 337 12.32 -22.81 21.95
C HIS A 337 13.79 -22.65 22.41
N GLY A 338 14.76 -23.07 21.58
CA GLY A 338 16.18 -22.70 21.71
C GLY A 338 16.59 -21.64 20.69
N GLY A 339 15.68 -20.70 20.37
CA GLY A 339 15.98 -19.46 19.63
C GLY A 339 16.44 -19.71 18.21
N VAL A 340 15.89 -20.69 17.50
CA VAL A 340 16.18 -20.95 16.06
C VAL A 340 14.98 -20.42 15.27
N ASN A 341 15.23 -19.67 14.19
CA ASN A 341 14.15 -18.93 13.49
C ASN A 341 13.33 -19.92 12.67
N LYS A 342 12.10 -19.56 12.32
CA LYS A 342 11.08 -20.50 11.79
C LYS A 342 11.42 -20.97 10.37
N LYS A 343 12.47 -20.42 9.74
CA LYS A 343 12.84 -20.75 8.32
C LYS A 343 14.27 -21.29 8.26
N ASP A 344 14.91 -21.55 9.39
CA ASP A 344 16.27 -22.18 9.40
C ASP A 344 16.27 -23.36 10.39
N LEU A 345 15.30 -24.27 10.21
CA LEU A 345 15.02 -25.42 11.08
C LEU A 345 15.61 -26.71 10.51
N GLN A 346 15.99 -26.74 9.22
CA GLN A 346 16.37 -28.00 8.52
C GLN A 346 17.71 -28.50 9.07
N ALA A 347 18.64 -27.58 9.33
CA ALA A 347 20.02 -27.87 9.77
C ALA A 347 19.99 -28.68 11.08
N GLU A 348 20.87 -29.67 11.21
CA GLU A 348 21.13 -30.33 12.53
C GLU A 348 21.55 -29.22 13.50
N ASN A 349 20.92 -29.15 14.67
CA ASN A 349 21.28 -28.16 15.72
C ASN A 349 20.94 -28.73 17.10
N LEU A 350 21.81 -29.60 17.60
CA LEU A 350 21.65 -30.24 18.93
C LEU A 350 21.56 -29.17 20.02
N ASP A 351 22.38 -28.11 19.94
CA ASP A 351 22.54 -27.09 21.02
C ASP A 351 21.23 -26.28 21.14
N ALA A 352 20.63 -25.90 20.01
CA ALA A 352 19.26 -25.31 19.96
C ALA A 352 18.23 -26.30 20.56
N LEU A 353 18.40 -27.60 20.31
CA LEU A 353 17.55 -28.66 20.87
C LEU A 353 17.69 -28.72 22.39
N GLU A 354 18.92 -28.74 22.91
CA GLU A 354 19.23 -28.88 24.37
C GLU A 354 18.68 -27.68 25.14
N LYS A 355 18.96 -26.47 24.64
CA LYS A 355 18.46 -25.21 25.24
C LYS A 355 16.92 -25.27 25.23
N GLY A 356 16.33 -25.61 24.11
CA GLY A 356 14.86 -25.63 23.93
C GLY A 356 14.15 -26.67 24.77
N PHE A 357 14.86 -27.72 25.20
CA PHE A 357 14.37 -28.79 26.11
C PHE A 357 13.80 -28.11 27.37
N ALA A 358 14.39 -27.00 27.80
CA ALA A 358 13.92 -26.20 28.95
C ALA A 358 12.38 -26.17 28.94
N ASN A 359 11.75 -25.90 27.79
CA ASN A 359 10.27 -25.78 27.69
C ASN A 359 9.64 -27.13 28.07
N LEU A 360 10.13 -28.23 27.49
CA LEU A 360 9.60 -29.60 27.74
C LEU A 360 9.77 -29.94 29.23
N GLU A 361 10.91 -29.58 29.78
CA GLU A 361 11.24 -29.89 31.19
C GLU A 361 10.09 -29.38 32.03
N ARG A 362 9.79 -28.08 31.88
CA ARG A 362 8.86 -27.35 32.78
C ARG A 362 7.49 -27.99 32.65
N HIS A 363 7.09 -28.28 31.41
CA HIS A 363 5.82 -28.98 31.10
C HIS A 363 5.73 -30.36 31.79
N VAL A 364 6.76 -31.20 31.75
CA VAL A 364 6.73 -32.54 32.44
C VAL A 364 6.66 -32.33 33.96
N ASN A 365 7.63 -31.63 34.54
CA ASN A 365 7.61 -31.23 35.96
C ASN A 365 6.17 -30.79 36.35
N ASN A 366 5.61 -29.81 35.64
CA ASN A 366 4.25 -29.25 35.92
C ASN A 366 3.20 -30.36 35.97
N VAL A 367 3.06 -31.10 34.88
CA VAL A 367 1.95 -32.11 34.78
C VAL A 367 2.12 -33.06 35.98
N ARG A 368 3.36 -33.42 36.34
CA ARG A 368 3.68 -34.44 37.39
C ARG A 368 3.26 -33.89 38.75
N SER A 369 3.36 -32.58 38.96
CA SER A 369 3.02 -31.91 40.24
C SER A 369 1.53 -32.11 40.57
N PHE A 370 0.68 -32.36 39.58
CA PHE A 370 -0.77 -32.67 39.76
C PHE A 370 -0.95 -34.11 40.25
N GLY A 371 0.14 -34.88 40.26
CA GLY A 371 0.22 -36.27 40.74
C GLY A 371 -0.13 -37.23 39.63
N LEU A 372 0.11 -36.86 38.37
CA LEU A 372 -0.24 -37.71 37.19
C LEU A 372 1.01 -38.20 36.47
N PRO A 373 0.96 -39.42 35.90
CA PRO A 373 2.07 -39.94 35.11
C PRO A 373 2.07 -39.35 33.69
N VAL A 374 3.26 -39.20 33.12
CA VAL A 374 3.50 -38.47 31.85
C VAL A 374 4.34 -39.37 30.95
N VAL A 375 4.12 -39.28 29.65
CA VAL A 375 4.98 -39.89 28.60
C VAL A 375 5.13 -38.82 27.51
N VAL A 376 6.35 -38.61 27.01
CA VAL A 376 6.57 -37.59 25.96
C VAL A 376 6.35 -38.26 24.63
N GLY A 377 5.49 -37.65 23.79
CA GLY A 377 5.23 -38.08 22.41
C GLY A 377 5.99 -37.18 21.45
N VAL A 378 6.76 -37.75 20.52
CA VAL A 378 7.60 -36.92 19.60
C VAL A 378 7.10 -37.16 18.17
N ASN A 379 6.30 -36.25 17.61
CA ASN A 379 5.82 -36.35 16.20
C ASN A 379 7.01 -36.16 15.25
N HIS A 380 7.56 -37.27 14.75
CA HIS A 380 8.74 -37.30 13.85
C HIS A 380 8.43 -36.55 12.55
N PHE A 381 9.39 -35.76 12.05
CA PHE A 381 9.40 -35.04 10.75
C PHE A 381 10.64 -35.45 9.94
N PHE A 382 10.53 -35.56 8.62
CA PHE A 382 11.52 -36.23 7.72
C PHE A 382 12.88 -35.53 7.75
N GLN A 383 12.95 -34.20 7.89
CA GLN A 383 14.25 -33.46 7.98
C GLN A 383 14.94 -33.68 9.32
N ASP A 384 14.32 -34.33 10.32
CA ASP A 384 14.93 -34.62 11.65
C ASP A 384 16.08 -35.61 11.51
N THR A 385 17.27 -35.28 12.01
CA THR A 385 18.47 -36.17 12.07
C THR A 385 18.24 -37.24 13.13
N ASP A 386 18.83 -38.42 12.89
CA ASP A 386 18.88 -39.55 13.87
C ASP A 386 19.56 -39.08 15.16
N ALA A 387 20.64 -38.31 15.06
CA ALA A 387 21.39 -37.74 16.20
C ALA A 387 20.46 -36.87 17.03
N GLU A 388 19.60 -36.06 16.40
CA GLU A 388 18.64 -35.14 17.09
C GLU A 388 17.61 -35.94 17.90
N HIS A 389 17.02 -36.99 17.32
CA HIS A 389 16.07 -37.87 18.03
C HIS A 389 16.77 -38.55 19.20
N ALA A 390 17.98 -39.05 19.00
CA ALA A 390 18.76 -39.70 20.05
C ALA A 390 18.97 -38.73 21.22
N ARG A 391 19.32 -37.45 20.97
CA ARG A 391 19.67 -36.43 22.02
C ARG A 391 18.44 -36.13 22.91
N LEU A 392 17.24 -36.08 22.30
CA LEU A 392 16.00 -35.68 23.00
C LEU A 392 15.61 -36.79 23.95
N LYS A 393 15.85 -38.03 23.54
CA LYS A 393 15.60 -39.25 24.37
C LYS A 393 16.61 -39.27 25.52
N GLU A 394 17.86 -38.90 25.24
CA GLU A 394 19.00 -38.78 26.20
C GLU A 394 18.62 -37.81 27.34
N LEU A 395 18.10 -36.64 26.98
CA LEU A 395 17.72 -35.55 27.91
C LEU A 395 16.51 -35.98 28.74
N CYS A 396 15.47 -36.49 28.05
CA CYS A 396 14.21 -36.98 28.67
C CYS A 396 14.54 -38.07 29.69
N ARG A 397 15.42 -39.00 29.33
CA ARG A 397 15.93 -40.04 30.27
C ARG A 397 16.71 -39.35 31.40
N ASP A 398 17.76 -38.58 31.03
CA ASP A 398 18.81 -38.10 31.97
C ASP A 398 18.20 -37.09 32.95
N ARG A 399 17.40 -36.14 32.44
CA ARG A 399 16.97 -34.97 33.25
C ARG A 399 15.63 -35.25 33.94
N LEU A 400 14.82 -36.18 33.42
CA LEU A 400 13.38 -36.29 33.80
C LEU A 400 12.96 -37.72 34.12
N GLN A 401 13.82 -38.72 33.88
CA GLN A 401 13.40 -40.14 33.99
C GLN A 401 12.00 -40.28 33.35
N VAL A 402 11.83 -39.75 32.12
CA VAL A 402 10.59 -39.78 31.30
C VAL A 402 10.93 -40.37 29.93
N GLU A 403 10.06 -41.22 29.40
CA GLU A 403 10.27 -41.82 28.05
C GLU A 403 9.80 -40.83 26.99
N ALA A 404 10.41 -40.85 25.81
CA ALA A 404 10.09 -39.96 24.67
C ALA A 404 9.86 -40.84 23.46
N ILE A 405 8.61 -41.07 23.09
CA ILE A 405 8.22 -42.07 22.07
C ILE A 405 7.98 -41.39 20.71
N THR A 406 8.73 -41.88 19.72
CA THR A 406 8.74 -41.38 18.32
C THR A 406 7.52 -41.98 17.66
N CYS A 407 6.63 -41.09 17.22
CA CYS A 407 5.32 -41.38 16.57
C CYS A 407 5.38 -40.90 15.13
N LYS A 408 4.87 -41.72 14.20
CA LYS A 408 4.81 -41.48 12.73
C LYS A 408 3.41 -41.83 12.19
N HIS A 409 2.42 -41.84 13.08
CA HIS A 409 0.98 -42.02 12.75
C HIS A 409 0.63 -41.10 11.58
N TRP A 410 1.32 -39.95 11.50
CA TRP A 410 1.07 -38.97 10.42
C TRP A 410 1.25 -39.67 9.08
N ALA A 411 2.29 -40.49 8.94
CA ALA A 411 2.63 -41.21 7.69
C ALA A 411 2.10 -42.65 7.72
N GLU A 412 2.11 -43.30 8.88
CA GLU A 412 1.84 -44.76 8.95
C GLU A 412 0.45 -45.00 9.57
N GLY A 413 -0.32 -43.96 9.87
CA GLY A 413 -1.56 -44.12 10.64
C GLY A 413 -1.30 -44.87 11.93
N GLY A 414 -2.29 -45.65 12.39
CA GLY A 414 -2.31 -46.27 13.73
C GLY A 414 -1.02 -46.96 14.11
N ALA A 415 -0.40 -47.74 13.23
CA ALA A 415 0.87 -48.47 13.50
C ALA A 415 1.96 -47.51 13.98
N GLY A 416 1.94 -46.27 13.50
CA GLY A 416 2.95 -45.27 13.84
C GLY A 416 2.83 -44.75 15.26
N ALA A 417 1.78 -45.16 15.99
CA ALA A 417 1.51 -44.73 17.39
C ALA A 417 1.33 -45.92 18.34
N GLU A 418 1.70 -47.15 17.96
CA GLU A 418 1.52 -48.34 18.84
C GLU A 418 2.56 -48.27 19.97
N ALA A 419 3.78 -47.86 19.70
CA ALA A 419 4.83 -47.73 20.74
C ALA A 419 4.36 -46.77 21.85
N LEU A 420 3.77 -45.62 21.52
CA LEU A 420 3.17 -44.67 22.51
C LEU A 420 1.94 -45.33 23.14
N ALA A 421 1.12 -46.05 22.37
CA ALA A 421 -0.13 -46.67 22.87
C ALA A 421 0.19 -47.56 24.08
N GLN A 422 1.15 -48.49 23.91
CA GLN A 422 1.60 -49.40 25.00
C GLN A 422 2.09 -48.53 26.16
N ALA A 423 3.04 -47.63 25.93
CA ALA A 423 3.52 -46.74 27.01
C ALA A 423 2.33 -46.13 27.75
N VAL A 424 1.31 -45.65 27.03
CA VAL A 424 0.11 -45.01 27.66
C VAL A 424 -0.71 -46.03 28.49
N VAL A 425 -0.81 -47.30 28.05
CA VAL A 425 -1.48 -48.38 28.85
C VAL A 425 -0.70 -48.62 30.15
N LYS A 426 0.61 -48.75 30.08
CA LYS A 426 1.45 -49.13 31.25
C LYS A 426 1.28 -48.06 32.34
N LEU A 427 1.14 -46.79 31.93
CA LEU A 427 0.95 -45.60 32.82
C LEU A 427 -0.47 -45.53 33.37
N ALA A 428 -1.47 -45.93 32.59
CA ALA A 428 -2.90 -45.83 32.99
C ALA A 428 -3.26 -47.00 33.90
N GLU A 429 -2.54 -48.12 33.79
CA GLU A 429 -2.78 -49.35 34.58
C GLU A 429 -1.77 -49.46 35.72
N GLY A 430 -0.71 -48.66 35.69
CA GLY A 430 0.27 -48.56 36.78
C GLY A 430 -0.32 -47.86 37.99
N GLU A 431 0.52 -47.64 39.01
CA GLU A 431 0.23 -46.91 40.28
C GLU A 431 -0.46 -45.58 39.97
N GLN A 432 -1.47 -45.19 40.74
CA GLN A 432 -2.17 -43.89 40.52
C GLN A 432 -2.20 -43.08 41.82
N LYS A 433 -1.41 -41.99 41.87
CA LYS A 433 -1.33 -41.03 43.01
C LYS A 433 -2.62 -40.20 42.97
N PRO A 434 -3.06 -39.63 44.11
CA PRO A 434 -4.28 -38.83 44.13
C PRO A 434 -4.12 -37.53 43.33
N LEU A 435 -5.25 -36.97 42.87
CA LEU A 435 -5.26 -35.77 42.00
C LEU A 435 -5.02 -34.52 42.83
N THR A 436 -3.81 -33.95 42.77
CA THR A 436 -3.41 -32.61 43.29
C THR A 436 -3.88 -31.51 42.32
N PHE A 437 -4.42 -30.41 42.85
CA PHE A 437 -4.75 -29.16 42.12
C PHE A 437 -3.66 -28.14 42.44
N ALA A 438 -3.58 -27.07 41.65
CA ALA A 438 -2.43 -26.16 41.59
C ALA A 438 -2.56 -25.12 42.71
N TYR A 439 -3.80 -24.77 43.05
CA TYR A 439 -4.17 -23.90 44.20
C TYR A 439 -5.40 -24.53 44.87
N GLU A 440 -5.73 -24.11 46.08
CA GLU A 440 -6.98 -24.49 46.79
C GLU A 440 -8.06 -23.48 46.44
N THR A 441 -9.31 -23.92 46.26
CA THR A 441 -10.43 -23.04 45.82
C THR A 441 -10.90 -22.14 46.97
N GLU A 442 -10.28 -22.20 48.15
CA GLU A 442 -10.75 -21.38 49.29
C GLU A 442 -9.61 -20.42 49.68
N THR A 443 -9.09 -19.70 48.68
CA THR A 443 -8.01 -18.68 48.81
C THR A 443 -8.42 -17.43 48.03
N LYS A 444 -7.91 -16.25 48.39
CA LYS A 444 -8.21 -15.01 47.63
C LYS A 444 -7.80 -15.25 46.16
N ILE A 445 -8.66 -14.85 45.22
CA ILE A 445 -8.35 -14.87 43.77
C ILE A 445 -6.89 -14.46 43.53
N THR A 446 -6.44 -13.30 44.07
CA THR A 446 -5.05 -12.78 43.85
C THR A 446 -4.05 -13.90 44.14
N ASP A 447 -4.27 -14.72 45.18
CA ASP A 447 -3.32 -15.80 45.54
C ASP A 447 -3.42 -16.96 44.54
N LYS A 448 -4.62 -17.35 44.09
CA LYS A 448 -4.83 -18.38 43.04
C LYS A 448 -4.04 -18.01 41.78
N ILE A 449 -4.09 -16.73 41.38
CA ILE A 449 -3.30 -16.11 40.26
C ILE A 449 -1.80 -16.14 40.58
N LYS A 450 -1.38 -15.85 41.81
CA LYS A 450 0.04 -15.91 42.24
C LYS A 450 0.53 -17.37 42.27
N ALA A 451 -0.36 -18.32 42.60
CA ALA A 451 -0.05 -19.77 42.71
C ALA A 451 0.34 -20.32 41.35
N ILE A 452 -0.55 -20.20 40.36
CA ILE A 452 -0.34 -20.67 38.97
C ILE A 452 0.95 -20.01 38.42
N ALA A 453 1.06 -18.69 38.53
CA ALA A 453 2.17 -17.91 37.96
C ALA A 453 3.54 -18.32 38.52
N THR A 454 3.69 -18.35 39.84
CA THR A 454 4.97 -18.68 40.52
C THR A 454 5.34 -20.15 40.29
N LYS A 455 4.38 -21.06 40.46
CA LYS A 455 4.62 -22.53 40.42
C LYS A 455 4.77 -23.00 38.97
N LEU A 456 3.90 -22.54 38.05
CA LEU A 456 3.82 -23.14 36.70
C LEU A 456 4.52 -22.26 35.64
N TYR A 457 4.49 -20.95 35.74
CA TYR A 457 5.04 -20.07 34.68
C TYR A 457 6.47 -19.67 35.03
N GLY A 458 6.96 -19.99 36.23
CA GLY A 458 8.31 -19.61 36.69
C GLY A 458 8.44 -18.10 36.82
N ALA A 459 7.36 -17.41 37.18
CA ALA A 459 7.32 -15.96 37.46
C ALA A 459 7.88 -15.65 38.85
N ALA A 460 8.61 -14.54 38.97
CA ALA A 460 9.08 -14.01 40.26
C ALA A 460 7.91 -13.38 41.03
N ASP A 461 6.97 -12.70 40.36
CA ASP A 461 5.79 -12.13 41.07
C ASP A 461 4.59 -11.76 40.16
N ILE A 462 3.47 -11.40 40.79
CA ILE A 462 2.21 -10.88 40.18
C ILE A 462 2.15 -9.38 40.45
N GLN A 463 1.31 -8.68 39.70
CA GLN A 463 0.98 -7.25 39.84
C GLN A 463 -0.47 -7.12 39.39
N ILE A 464 -1.38 -6.71 40.30
CA ILE A 464 -2.81 -6.44 39.92
C ILE A 464 -3.03 -4.93 39.77
N GLU A 465 -3.40 -4.51 38.55
CA GLU A 465 -3.64 -3.10 38.18
C GLU A 465 -5.00 -2.60 38.73
N SER A 466 -5.13 -1.28 38.89
CA SER A 466 -6.34 -0.58 39.41
C SER A 466 -7.65 -1.13 38.82
N LYS A 467 -7.76 -1.25 37.51
CA LYS A 467 -8.97 -1.85 36.86
C LYS A 467 -9.24 -3.21 37.51
N ALA A 468 -8.24 -4.10 37.46
CA ALA A 468 -8.30 -5.51 37.92
C ALA A 468 -8.67 -5.57 39.39
N ALA A 469 -7.90 -4.88 40.24
CA ALA A 469 -7.95 -4.95 41.72
C ALA A 469 -9.37 -4.64 42.18
N THR A 470 -9.98 -3.56 41.70
CA THR A 470 -11.33 -3.15 42.17
C THR A 470 -12.36 -4.16 41.61
N LYS A 471 -12.24 -4.61 40.37
CA LYS A 471 -13.13 -5.65 39.78
C LYS A 471 -13.10 -6.90 40.66
N LEU A 472 -11.93 -7.30 41.16
CA LEU A 472 -11.76 -8.51 42.03
C LEU A 472 -12.34 -8.22 43.41
N ALA A 473 -11.96 -7.08 44.02
CA ALA A 473 -12.47 -6.61 45.32
C ALA A 473 -13.99 -6.78 45.34
N GLY A 474 -14.66 -6.43 44.23
CA GLY A 474 -16.11 -6.61 44.03
C GLY A 474 -16.50 -8.06 43.83
N PHE A 475 -15.72 -8.83 43.06
CA PHE A 475 -15.90 -10.29 42.89
C PHE A 475 -15.75 -10.99 44.26
N GLU A 476 -14.72 -10.67 45.02
CA GLU A 476 -14.44 -11.33 46.33
C GLU A 476 -15.61 -11.06 47.29
N LYS A 477 -16.07 -9.80 47.32
CA LYS A 477 -17.20 -9.32 48.16
C LYS A 477 -18.49 -10.02 47.74
N ASP A 478 -18.82 -10.08 46.44
CA ASP A 478 -20.13 -10.53 45.88
C ASP A 478 -20.29 -12.06 45.89
N GLY A 479 -19.34 -12.80 46.46
CA GLY A 479 -19.47 -14.26 46.68
C GLY A 479 -18.76 -15.08 45.62
N TYR A 480 -18.03 -14.42 44.71
CA TYR A 480 -17.35 -15.06 43.55
C TYR A 480 -15.87 -15.26 43.90
N GLY A 481 -15.54 -15.28 45.20
CA GLY A 481 -14.16 -15.29 45.71
C GLY A 481 -13.55 -16.67 45.56
N LYS A 482 -14.34 -17.70 45.91
CA LYS A 482 -13.94 -19.13 45.98
C LYS A 482 -13.94 -19.75 44.57
N LEU A 483 -14.29 -18.99 43.52
CA LEU A 483 -14.38 -19.50 42.12
C LEU A 483 -12.98 -19.84 41.60
N PRO A 484 -12.86 -20.83 40.68
CA PRO A 484 -11.61 -21.10 39.99
C PRO A 484 -11.08 -19.97 39.08
N VAL A 485 -9.83 -20.04 38.69
CA VAL A 485 -9.16 -19.01 37.84
C VAL A 485 -8.90 -19.58 36.44
N CYS A 486 -9.19 -18.77 35.42
CA CYS A 486 -8.97 -19.07 33.99
C CYS A 486 -8.02 -18.01 33.41
N MET A 487 -6.73 -18.36 33.24
CA MET A 487 -5.63 -17.42 32.86
C MET A 487 -5.60 -17.25 31.33
N ALA A 488 -6.02 -16.07 30.87
CA ALA A 488 -5.99 -15.57 29.47
C ALA A 488 -4.74 -14.69 29.30
N LYS A 489 -3.87 -15.10 28.38
CA LYS A 489 -2.41 -14.86 28.41
C LYS A 489 -1.85 -15.49 27.14
N THR A 490 -0.77 -14.94 26.58
CA THR A 490 -0.17 -15.45 25.33
C THR A 490 0.13 -16.94 25.50
N GLN A 491 0.00 -17.73 24.42
CA GLN A 491 0.26 -19.20 24.42
C GLN A 491 1.73 -19.49 24.12
N TYR A 492 2.46 -18.54 23.57
CA TYR A 492 3.77 -18.80 22.91
C TYR A 492 4.93 -18.78 23.92
N SER A 493 4.70 -18.29 25.12
CA SER A 493 5.70 -18.26 26.22
C SER A 493 5.00 -18.49 27.57
N PHE A 494 5.68 -19.11 28.53
CA PHE A 494 5.23 -19.20 29.94
C PHE A 494 4.98 -17.80 30.53
N SER A 495 5.77 -16.80 30.13
CA SER A 495 5.62 -15.37 30.56
C SER A 495 4.59 -14.70 29.67
N THR A 496 4.13 -13.50 30.04
CA THR A 496 3.04 -12.80 29.33
C THR A 496 3.56 -12.08 28.09
N ASP A 497 4.84 -12.29 27.75
CA ASP A 497 5.51 -11.81 26.51
C ASP A 497 5.70 -12.98 25.55
N PRO A 498 5.06 -12.94 24.35
CA PRO A 498 5.19 -13.96 23.31
C PRO A 498 6.58 -14.36 22.81
N THR A 499 7.61 -13.56 23.11
CA THR A 499 8.98 -13.68 22.55
C THR A 499 9.95 -14.31 23.55
N LEU A 500 9.62 -14.40 24.84
CA LEU A 500 10.52 -15.05 25.85
C LEU A 500 10.36 -16.56 25.76
N MET A 501 10.99 -17.19 24.76
CA MET A 501 10.81 -18.63 24.51
C MET A 501 11.64 -19.42 25.54
N GLY A 502 11.57 -20.76 25.46
CA GLY A 502 12.13 -21.66 26.48
C GLY A 502 11.32 -21.71 27.77
N ALA A 503 12.00 -21.69 28.91
CA ALA A 503 11.41 -21.70 30.27
C ALA A 503 11.79 -20.41 31.01
N PRO A 504 11.20 -19.26 30.64
CA PRO A 504 11.53 -17.98 31.27
C PRO A 504 11.27 -17.96 32.78
N SER A 505 12.25 -17.51 33.56
CA SER A 505 12.14 -17.26 35.03
C SER A 505 12.31 -15.76 35.36
N GLY A 506 11.86 -15.36 36.55
CA GLY A 506 12.01 -14.01 37.12
C GLY A 506 11.06 -13.01 36.51
N HIS A 507 10.18 -13.44 35.61
CA HIS A 507 9.27 -12.49 34.91
C HIS A 507 8.13 -12.07 35.86
N LEU A 508 7.49 -10.95 35.50
N LEU A 508 7.37 -11.06 35.43
CA LEU A 508 6.32 -10.36 36.18
CA LEU A 508 6.35 -10.36 36.25
C LEU A 508 5.08 -10.70 35.36
C LEU A 508 5.02 -10.42 35.50
N VAL A 509 4.03 -11.17 36.01
CA VAL A 509 2.69 -11.35 35.37
C VAL A 509 1.77 -10.24 35.90
N SER A 510 1.63 -9.16 35.13
CA SER A 510 0.65 -8.07 35.39
C SER A 510 -0.75 -8.47 34.88
N VAL A 511 -1.75 -8.45 35.76
CA VAL A 511 -3.19 -8.63 35.42
C VAL A 511 -3.80 -7.25 35.15
N ARG A 512 -4.35 -7.05 33.96
CA ARG A 512 -4.81 -5.73 33.46
C ARG A 512 -6.32 -5.58 33.69
N ASP A 513 -7.08 -6.64 33.40
CA ASP A 513 -8.54 -6.70 33.65
C ASP A 513 -8.88 -8.10 34.17
N VAL A 514 -10.11 -8.29 34.65
CA VAL A 514 -10.71 -9.63 34.95
C VAL A 514 -12.16 -9.61 34.47
N ARG A 515 -12.70 -10.79 34.17
CA ARG A 515 -14.12 -10.98 33.82
C ARG A 515 -14.66 -12.19 34.60
N LEU A 516 -15.95 -12.15 34.94
CA LEU A 516 -16.67 -13.21 35.70
C LEU A 516 -17.51 -14.06 34.74
N SER A 517 -17.20 -15.35 34.60
CA SER A 517 -18.09 -16.41 34.06
C SER A 517 -18.74 -17.14 35.25
N ALA A 518 -19.82 -16.58 35.80
CA ALA A 518 -20.56 -17.16 36.96
C ALA A 518 -21.25 -18.49 36.56
N GLY A 519 -21.48 -18.74 35.28
CA GLY A 519 -22.25 -19.91 34.80
C GLY A 519 -21.38 -21.12 34.53
N ALA A 520 -20.27 -20.96 33.82
CA ALA A 520 -19.25 -22.02 33.64
C ALA A 520 -18.58 -22.25 35.00
N GLY A 521 -18.48 -21.17 35.76
CA GLY A 521 -17.90 -21.18 37.10
C GLY A 521 -16.40 -21.01 37.02
N PHE A 522 -15.94 -19.85 36.59
CA PHE A 522 -14.55 -19.41 36.82
C PHE A 522 -14.44 -17.89 36.62
N VAL A 523 -13.29 -17.34 37.00
CA VAL A 523 -12.93 -15.92 36.78
C VAL A 523 -11.84 -15.91 35.70
N VAL A 524 -12.16 -15.44 34.50
CA VAL A 524 -11.15 -15.10 33.47
C VAL A 524 -10.27 -13.99 34.02
N VAL A 525 -8.98 -14.07 33.77
CA VAL A 525 -7.93 -13.16 34.29
C VAL A 525 -7.06 -12.74 33.09
N ILE A 526 -7.21 -11.51 32.62
CA ILE A 526 -6.51 -11.04 31.40
C ILE A 526 -5.11 -10.52 31.78
N CYS A 527 -4.09 -10.99 31.07
CA CYS A 527 -2.65 -10.65 31.30
C CYS A 527 -1.97 -10.10 30.03
N GLY A 528 -2.53 -10.31 28.84
CA GLY A 528 -2.09 -9.62 27.60
C GLY A 528 -3.20 -8.78 26.99
N GLU A 529 -3.06 -8.41 25.71
CA GLU A 529 -4.20 -8.10 24.80
C GLU A 529 -4.78 -9.44 24.38
N ILE A 530 -6.12 -9.57 24.35
CA ILE A 530 -6.82 -10.80 23.92
C ILE A 530 -7.93 -10.42 22.94
N MET A 531 -7.88 -11.00 21.73
CA MET A 531 -8.94 -10.82 20.70
C MET A 531 -10.10 -11.72 21.08
N THR A 532 -11.29 -11.16 21.28
CA THR A 532 -12.53 -11.95 21.44
C THR A 532 -13.28 -11.97 20.10
N MET A 533 -12.79 -11.27 19.10
CA MET A 533 -13.30 -11.35 17.73
C MET A 533 -12.10 -11.25 16.82
N PRO A 534 -11.63 -12.35 16.21
CA PRO A 534 -10.49 -12.27 15.30
C PRO A 534 -10.95 -11.59 14.01
N GLY A 535 -10.07 -10.83 13.37
CA GLY A 535 -10.35 -10.20 12.08
C GLY A 535 -9.85 -11.07 10.93
N LEU A 536 -10.19 -10.68 9.71
CA LEU A 536 -9.84 -11.37 8.44
C LEU A 536 -8.52 -10.78 7.96
N PRO A 537 -7.67 -11.61 7.31
CA PRO A 537 -6.46 -11.14 6.67
C PRO A 537 -6.71 -10.13 5.54
N LYS A 538 -5.63 -9.61 4.94
CA LYS A 538 -5.67 -8.64 3.83
C LYS A 538 -6.09 -9.42 2.58
N VAL A 539 -5.65 -10.67 2.44
CA VAL A 539 -6.17 -11.59 1.37
C VAL A 539 -6.82 -12.78 2.04
N PRO A 540 -8.13 -12.74 2.34
CA PRO A 540 -8.84 -13.85 2.98
C PRO A 540 -8.81 -15.18 2.20
N ALA A 541 -9.02 -16.29 2.88
CA ALA A 541 -9.24 -17.61 2.25
C ALA A 541 -10.51 -17.54 1.39
N ALA A 542 -11.55 -16.84 1.85
CA ALA A 542 -12.85 -16.72 1.15
C ALA A 542 -12.64 -16.29 -0.30
N ASP A 543 -11.68 -15.42 -0.56
CA ASP A 543 -11.45 -14.85 -1.92
C ASP A 543 -11.32 -16.02 -2.89
N THR A 544 -10.64 -17.10 -2.50
CA THR A 544 -10.31 -18.25 -3.39
C THR A 544 -11.07 -19.52 -2.99
N ILE A 545 -11.98 -19.47 -2.01
CA ILE A 545 -12.91 -20.60 -1.67
C ILE A 545 -14.05 -20.63 -2.69
N ARG A 546 -14.41 -21.82 -3.17
CA ARG A 546 -15.40 -22.01 -4.27
C ARG A 546 -15.73 -23.49 -4.46
N LEU A 547 -16.76 -23.76 -5.26
CA LEU A 547 -17.02 -25.06 -5.93
C LEU A 547 -16.33 -25.01 -7.30
N ASP A 548 -16.25 -26.12 -8.02
CA ASP A 548 -15.32 -26.26 -9.17
C ASP A 548 -16.02 -26.70 -10.47
N ALA A 549 -17.34 -26.95 -10.44
CA ALA A 549 -18.16 -27.46 -11.58
C ALA A 549 -18.65 -28.90 -11.31
N ASN A 550 -17.87 -29.68 -10.56
CA ASN A 550 -18.33 -30.92 -9.91
C ASN A 550 -19.14 -30.59 -8.64
N GLY A 551 -19.09 -29.33 -8.15
CA GLY A 551 -19.60 -28.98 -6.80
C GLY A 551 -18.67 -29.49 -5.70
N GLN A 552 -17.41 -29.78 -6.02
CA GLN A 552 -16.34 -30.10 -5.03
C GLN A 552 -15.69 -28.78 -4.59
N ILE A 553 -15.14 -28.74 -3.37
CA ILE A 553 -14.68 -27.47 -2.72
C ILE A 553 -13.17 -27.36 -2.89
N ASP A 554 -12.70 -26.58 -3.88
CA ASP A 554 -11.32 -26.04 -3.97
C ASP A 554 -11.19 -24.94 -2.91
N GLY A 555 -10.00 -24.76 -2.32
CA GLY A 555 -9.61 -23.50 -1.64
C GLY A 555 -9.92 -23.42 -0.14
N LEU A 556 -10.85 -24.25 0.34
CA LEU A 556 -11.13 -24.32 1.80
C LEU A 556 -9.91 -24.86 2.55
N PHE A 557 -9.09 -25.69 1.90
CA PHE A 557 -8.00 -26.45 2.56
C PHE A 557 -6.70 -26.25 1.77
N MET B 1 -61.66 -30.75 18.97
CA MET B 1 -60.30 -31.01 18.34
C MET B 1 -59.20 -30.53 19.29
N PRO B 2 -58.22 -31.39 19.66
CA PRO B 2 -57.06 -30.96 20.45
C PRO B 2 -56.28 -29.80 19.78
N SER B 3 -55.21 -29.30 20.45
CA SER B 3 -54.30 -28.23 19.94
C SER B 3 -53.46 -28.77 18.75
N ASP B 4 -53.03 -27.89 17.84
CA ASP B 4 -52.29 -28.32 16.63
C ASP B 4 -51.07 -29.14 17.09
N ILE B 5 -50.33 -28.69 18.12
CA ILE B 5 -49.10 -29.40 18.60
C ILE B 5 -49.51 -30.78 19.14
N GLU B 6 -50.61 -30.86 19.90
CA GLU B 6 -51.19 -32.13 20.43
C GLU B 6 -51.43 -33.11 19.27
N ILE B 7 -52.13 -32.69 18.23
CA ILE B 7 -52.40 -33.57 17.06
C ILE B 7 -51.07 -34.12 16.54
N ALA B 8 -50.10 -33.21 16.32
CA ALA B 8 -48.76 -33.44 15.69
C ALA B 8 -47.97 -34.49 16.46
N ARG B 9 -48.09 -34.51 17.78
CA ARG B 9 -47.38 -35.49 18.67
C ARG B 9 -48.10 -36.84 18.62
N ALA B 10 -49.43 -36.87 18.69
CA ALA B 10 -50.24 -38.11 18.69
C ALA B 10 -49.91 -38.99 17.47
N ALA B 11 -49.34 -38.43 16.40
CA ALA B 11 -49.10 -39.14 15.13
C ALA B 11 -47.88 -40.06 15.26
N THR B 12 -47.95 -41.24 14.64
CA THR B 12 -46.79 -42.09 14.25
C THR B 12 -46.34 -41.61 12.87
N LEU B 13 -45.11 -41.11 12.74
CA LEU B 13 -44.50 -40.74 11.44
C LEU B 13 -43.82 -41.98 10.86
N LYS B 14 -44.06 -42.22 9.57
CA LYS B 14 -43.31 -43.19 8.72
C LYS B 14 -41.85 -42.78 8.73
N PRO B 15 -40.89 -43.75 8.82
CA PRO B 15 -39.51 -43.52 8.38
C PRO B 15 -39.42 -42.80 7.03
N ILE B 16 -38.62 -41.74 6.98
CA ILE B 16 -38.52 -40.82 5.81
C ILE B 16 -38.27 -41.62 4.53
N ALA B 17 -37.43 -42.66 4.58
CA ALA B 17 -37.09 -43.49 3.39
C ALA B 17 -38.39 -44.01 2.75
N GLN B 18 -39.35 -44.40 3.58
CA GLN B 18 -40.73 -44.88 3.24
C GLN B 18 -41.48 -43.75 2.52
N VAL B 19 -41.49 -42.53 3.08
CA VAL B 19 -42.18 -41.35 2.48
C VAL B 19 -41.55 -41.05 1.11
N ALA B 20 -40.24 -41.26 1.02
CA ALA B 20 -39.41 -40.97 -0.16
C ALA B 20 -39.68 -41.99 -1.27
N GLU B 21 -40.07 -43.23 -0.90
CA GLU B 21 -40.42 -44.38 -1.79
C GLU B 21 -41.63 -43.97 -2.65
N LYS B 22 -42.56 -43.26 -2.04
CA LYS B 22 -43.75 -42.70 -2.72
C LYS B 22 -43.32 -41.80 -3.88
N LEU B 23 -42.07 -41.29 -3.87
CA LEU B 23 -41.57 -40.32 -4.88
C LEU B 23 -40.50 -40.96 -5.79
N GLY B 24 -40.13 -42.23 -5.56
CA GLY B 24 -39.12 -42.90 -6.37
C GLY B 24 -37.71 -42.40 -6.08
N ILE B 25 -37.43 -42.01 -4.82
CA ILE B 25 -36.10 -41.58 -4.32
C ILE B 25 -35.49 -42.76 -3.53
N PRO B 26 -34.36 -43.35 -3.97
CA PRO B 26 -33.74 -44.42 -3.20
C PRO B 26 -33.12 -43.83 -1.94
N ASP B 27 -32.87 -44.66 -0.92
CA ASP B 27 -32.32 -44.21 0.39
C ASP B 27 -30.88 -43.73 0.18
N GLU B 28 -30.21 -44.13 -0.92
CA GLU B 28 -28.80 -43.71 -1.22
C GLU B 28 -28.79 -42.20 -1.42
N ALA B 29 -29.87 -41.66 -2.01
CA ALA B 29 -30.06 -40.24 -2.42
C ALA B 29 -30.60 -39.33 -1.29
N LEU B 30 -30.77 -39.84 -0.05
CA LEU B 30 -31.23 -39.08 1.15
C LEU B 30 -30.05 -38.74 2.07
N HIS B 31 -30.18 -37.59 2.74
CA HIS B 31 -29.31 -37.17 3.85
C HIS B 31 -30.16 -37.09 5.11
N ASN B 32 -30.15 -38.13 5.96
CA ASN B 32 -31.07 -38.21 7.12
C ASN B 32 -30.69 -37.09 8.07
N TYR B 33 -31.70 -36.38 8.57
CA TYR B 33 -31.64 -35.43 9.70
C TYR B 33 -32.57 -35.94 10.80
N GLY B 34 -32.09 -36.92 11.55
CA GLY B 34 -32.94 -37.78 12.38
C GLY B 34 -33.74 -38.70 11.47
N LYS B 35 -34.75 -39.39 11.99
CA LYS B 35 -35.42 -40.50 11.25
C LYS B 35 -36.43 -39.99 10.21
N HIS B 36 -36.94 -38.76 10.37
CA HIS B 36 -38.20 -38.27 9.73
C HIS B 36 -37.99 -37.03 8.85
N ILE B 37 -36.74 -36.57 8.71
CA ILE B 37 -36.33 -35.42 7.84
C ILE B 37 -35.17 -35.91 6.96
N ALA B 38 -35.06 -35.36 5.77
CA ALA B 38 -33.99 -35.76 4.81
C ALA B 38 -33.83 -34.70 3.73
N LYS B 39 -32.62 -34.57 3.23
CA LYS B 39 -32.27 -33.73 2.09
C LYS B 39 -32.19 -34.65 0.89
N ILE B 40 -32.80 -34.21 -0.22
CA ILE B 40 -32.72 -34.89 -1.53
C ILE B 40 -31.40 -34.48 -2.19
N ASP B 41 -30.52 -35.46 -2.35
CA ASP B 41 -29.10 -35.26 -2.72
C ASP B 41 -29.00 -34.53 -4.07
N HIS B 42 -27.99 -33.68 -4.17
CA HIS B 42 -27.78 -32.79 -5.34
C HIS B 42 -27.81 -33.61 -6.64
N ASP B 43 -27.09 -34.74 -6.70
CA ASP B 43 -26.79 -35.32 -8.03
C ASP B 43 -28.00 -36.12 -8.46
N PHE B 44 -28.75 -36.72 -7.53
CA PHE B 44 -30.11 -37.27 -7.81
C PHE B 44 -30.94 -36.17 -8.50
N ILE B 45 -30.91 -34.93 -7.98
CA ILE B 45 -31.76 -33.81 -8.49
C ILE B 45 -31.37 -33.44 -9.93
N ALA B 46 -30.08 -33.38 -10.25
CA ALA B 46 -29.61 -33.15 -11.64
C ALA B 46 -30.05 -34.29 -12.58
N SER B 47 -30.06 -35.54 -12.09
CA SER B 47 -30.39 -36.77 -12.87
C SER B 47 -31.85 -36.68 -13.33
N LEU B 48 -32.58 -35.68 -12.84
CA LEU B 48 -34.01 -35.47 -13.16
C LEU B 48 -34.13 -34.47 -14.32
N GLU B 49 -33.01 -34.00 -14.89
CA GLU B 49 -33.01 -32.82 -15.80
C GLU B 49 -33.74 -33.09 -17.13
N GLY B 50 -33.62 -34.29 -17.72
CA GLY B 50 -34.39 -34.60 -18.94
C GLY B 50 -35.89 -34.78 -18.68
N LYS B 51 -36.26 -35.21 -17.46
CA LYS B 51 -37.56 -35.84 -17.06
C LYS B 51 -38.71 -34.84 -17.22
N PRO B 52 -39.93 -35.28 -17.66
CA PRO B 52 -41.06 -34.37 -17.91
C PRO B 52 -41.77 -33.96 -16.62
N GLU B 53 -42.46 -32.82 -16.64
CA GLU B 53 -42.96 -32.15 -15.42
C GLU B 53 -44.47 -32.32 -15.27
N GLY B 54 -44.92 -32.84 -14.13
CA GLY B 54 -46.35 -32.94 -13.78
C GLY B 54 -47.05 -31.57 -13.70
N LYS B 55 -48.30 -31.59 -13.29
CA LYS B 55 -49.12 -30.37 -13.10
C LYS B 55 -48.61 -29.59 -11.88
N LEU B 56 -48.67 -28.25 -11.98
CA LEU B 56 -48.32 -27.26 -10.93
C LEU B 56 -49.63 -26.67 -10.41
N VAL B 57 -49.90 -26.76 -9.10
CA VAL B 57 -51.10 -26.09 -8.51
C VAL B 57 -50.61 -25.00 -7.55
N LEU B 58 -51.07 -23.77 -7.76
CA LEU B 58 -50.83 -22.60 -6.87
C LEU B 58 -52.01 -22.42 -5.92
N VAL B 59 -51.76 -22.34 -4.63
CA VAL B 59 -52.76 -21.94 -3.62
C VAL B 59 -52.36 -20.54 -3.13
N THR B 60 -53.28 -19.57 -3.24
CA THR B 60 -53.13 -18.19 -2.71
C THR B 60 -54.38 -17.89 -1.86
N ALA B 61 -54.64 -16.64 -1.50
CA ALA B 61 -55.82 -16.29 -0.67
C ALA B 61 -56.36 -14.89 -0.98
N ILE B 62 -57.42 -14.52 -0.27
CA ILE B 62 -58.02 -13.15 -0.29
C ILE B 62 -57.12 -12.27 0.55
N SER B 63 -57.24 -10.95 0.44
CA SER B 63 -56.44 -10.02 1.27
C SER B 63 -56.55 -10.53 2.70
N PRO B 64 -55.44 -10.86 3.39
CA PRO B 64 -55.53 -11.34 4.76
C PRO B 64 -56.22 -10.37 5.71
N THR B 65 -56.81 -10.90 6.78
CA THR B 65 -57.66 -10.23 7.78
C THR B 65 -57.23 -10.70 9.16
N PRO B 66 -57.61 -10.02 10.25
CA PRO B 66 -57.43 -10.59 11.59
C PRO B 66 -58.06 -11.96 11.82
N ALA B 67 -59.13 -12.30 11.08
CA ALA B 67 -59.97 -13.49 11.32
C ALA B 67 -59.19 -14.77 10.98
N GLY B 68 -58.42 -14.75 9.90
CA GLY B 68 -57.65 -15.90 9.40
C GLY B 68 -58.29 -16.45 8.14
N GLU B 69 -57.50 -16.97 7.21
CA GLU B 69 -57.96 -17.64 5.98
C GLU B 69 -57.51 -19.13 5.96
N GLY B 70 -56.53 -19.56 6.77
CA GLY B 70 -55.97 -20.93 6.76
C GLY B 70 -55.48 -21.34 5.38
N LYS B 71 -54.83 -20.45 4.64
CA LYS B 71 -54.30 -20.73 3.28
C LYS B 71 -53.43 -21.97 3.26
N THR B 72 -52.54 -22.09 4.24
CA THR B 72 -51.51 -23.16 4.29
C THR B 72 -52.19 -24.50 4.60
N THR B 73 -53.25 -24.50 5.41
CA THR B 73 -54.00 -25.76 5.72
C THR B 73 -54.55 -26.34 4.41
N THR B 74 -55.04 -25.48 3.50
CA THR B 74 -55.63 -25.88 2.22
C THR B 74 -54.56 -26.51 1.34
N THR B 75 -53.42 -25.87 1.24
CA THR B 75 -52.25 -26.40 0.50
C THR B 75 -52.06 -27.85 0.90
N VAL B 76 -52.09 -28.13 2.21
CA VAL B 76 -51.66 -29.41 2.82
C VAL B 76 -52.84 -30.37 2.85
N GLY B 77 -54.04 -29.84 3.02
CA GLY B 77 -55.29 -30.60 2.82
C GLY B 77 -55.48 -31.03 1.36
N LEU B 78 -55.09 -30.19 0.42
CA LEU B 78 -55.28 -30.48 -1.02
C LEU B 78 -54.37 -31.64 -1.39
N GLY B 79 -53.07 -31.51 -1.09
CA GLY B 79 -52.09 -32.58 -1.35
C GLY B 79 -52.62 -33.92 -0.88
N ASP B 80 -53.10 -34.02 0.37
CA ASP B 80 -53.64 -35.26 0.97
C ASP B 80 -54.82 -35.76 0.13
N ALA B 81 -55.70 -34.86 -0.32
CA ALA B 81 -56.92 -35.21 -1.10
C ALA B 81 -56.53 -35.77 -2.46
N LEU B 82 -55.59 -35.12 -3.17
CA LEU B 82 -55.07 -35.60 -4.47
C LEU B 82 -54.58 -37.05 -4.34
N ASN B 83 -53.83 -37.37 -3.28
CA ASN B 83 -53.39 -38.76 -2.95
C ASN B 83 -54.62 -39.67 -2.71
N ARG B 84 -55.58 -39.21 -1.93
CA ARG B 84 -56.79 -39.99 -1.64
C ARG B 84 -57.49 -40.39 -2.97
N ILE B 85 -57.61 -39.48 -3.95
CA ILE B 85 -58.40 -39.75 -5.20
C ILE B 85 -57.47 -40.28 -6.31
N GLY B 86 -56.31 -40.86 -5.95
CA GLY B 86 -55.45 -41.68 -6.83
C GLY B 86 -54.40 -40.91 -7.62
N LYS B 87 -54.10 -39.66 -7.28
CA LYS B 87 -53.02 -38.86 -7.94
C LYS B 87 -51.80 -38.77 -7.01
N ARG B 88 -50.62 -39.08 -7.52
CA ARG B 88 -49.35 -38.97 -6.74
C ARG B 88 -49.02 -37.48 -6.57
N ALA B 89 -49.36 -36.90 -5.42
CA ALA B 89 -49.23 -35.45 -5.15
C ALA B 89 -48.22 -35.18 -4.03
N VAL B 90 -47.38 -34.19 -4.26
CA VAL B 90 -46.38 -33.64 -3.29
C VAL B 90 -46.80 -32.22 -2.92
N MET B 91 -46.51 -31.80 -1.70
CA MET B 91 -46.70 -30.39 -1.24
C MET B 91 -45.34 -29.70 -1.04
N CYS B 92 -45.27 -28.43 -1.42
CA CYS B 92 -44.08 -27.55 -1.25
C CYS B 92 -44.45 -26.33 -0.42
N LEU B 93 -43.81 -26.16 0.75
CA LEU B 93 -44.12 -25.09 1.73
C LEU B 93 -42.86 -24.25 1.98
N ARG B 94 -42.95 -23.17 2.77
CA ARG B 94 -41.78 -22.34 3.18
C ARG B 94 -41.44 -22.68 4.62
N GLU B 95 -40.16 -22.56 4.99
CA GLU B 95 -39.67 -22.81 6.34
C GLU B 95 -39.99 -21.53 7.07
N PRO B 96 -40.65 -21.54 8.24
CA PRO B 96 -40.87 -20.30 8.98
C PRO B 96 -39.52 -19.96 9.66
N SER B 97 -39.25 -18.66 9.81
CA SER B 97 -38.03 -18.12 10.44
C SER B 97 -38.17 -18.38 11.94
N LEU B 98 -37.10 -18.78 12.60
CA LEU B 98 -37.09 -19.12 14.04
C LEU B 98 -37.36 -17.85 14.88
N GLY B 99 -36.83 -16.68 14.51
CA GLY B 99 -36.86 -15.45 15.33
C GLY B 99 -38.21 -15.15 16.01
N PRO B 100 -39.29 -15.07 15.20
CA PRO B 100 -40.63 -14.80 15.72
C PRO B 100 -41.27 -15.87 16.61
N CYS B 101 -40.74 -17.09 16.65
CA CYS B 101 -41.30 -18.17 17.52
C CYS B 101 -41.18 -17.68 18.98
N PHE B 102 -40.11 -16.95 19.26
CA PHE B 102 -39.70 -16.56 20.63
C PHE B 102 -40.37 -15.25 21.02
N GLY B 103 -40.93 -14.53 20.04
CA GLY B 103 -41.80 -13.35 20.23
C GLY B 103 -43.23 -13.75 20.54
N MET B 104 -44.09 -13.91 19.54
CA MET B 104 -45.52 -14.29 19.74
C MET B 104 -45.59 -15.81 19.95
N LYS B 105 -45.59 -16.61 18.91
CA LYS B 105 -45.54 -18.08 19.07
C LYS B 105 -45.29 -18.71 17.71
N GLY B 106 -44.70 -19.91 17.72
CA GLY B 106 -44.66 -20.76 16.51
C GLY B 106 -46.06 -21.25 16.17
N GLY B 107 -46.19 -22.03 15.11
CA GLY B 107 -47.47 -22.62 14.66
C GLY B 107 -47.22 -23.84 13.78
N ALA B 108 -48.20 -24.75 13.72
CA ALA B 108 -48.20 -25.89 12.78
C ALA B 108 -47.86 -25.43 11.35
N ALA B 109 -47.06 -26.20 10.62
CA ALA B 109 -47.00 -26.15 9.14
C ALA B 109 -48.35 -26.69 8.59
N GLY B 110 -49.28 -25.77 8.29
CA GLY B 110 -50.72 -26.06 8.07
C GLY B 110 -51.49 -25.91 9.36
N GLY B 111 -52.42 -26.80 9.68
CA GLY B 111 -53.11 -26.84 10.98
C GLY B 111 -54.12 -27.96 11.04
N GLY B 112 -54.53 -28.38 12.23
CA GLY B 112 -55.51 -29.46 12.47
C GLY B 112 -55.02 -30.82 11.97
N LYS B 113 -55.86 -31.51 11.20
CA LYS B 113 -55.53 -32.84 10.63
C LYS B 113 -54.88 -32.65 9.24
N ALA B 114 -54.47 -31.43 8.92
CA ALA B 114 -53.72 -31.08 7.70
C ALA B 114 -52.38 -30.43 8.05
N GLN B 115 -51.33 -31.24 8.23
CA GLN B 115 -50.09 -30.73 8.86
C GLN B 115 -48.86 -31.38 8.22
N VAL B 116 -47.89 -30.58 7.82
CA VAL B 116 -46.52 -31.08 7.57
C VAL B 116 -45.88 -31.20 8.94
N VAL B 117 -45.10 -32.26 9.15
CA VAL B 117 -44.52 -32.71 10.46
C VAL B 117 -43.18 -33.36 10.14
N PRO B 118 -42.23 -33.46 11.11
CA PRO B 118 -42.42 -33.03 12.50
C PRO B 118 -42.38 -31.50 12.67
N MET B 119 -43.39 -30.98 13.37
CA MET B 119 -43.70 -29.55 13.61
C MET B 119 -42.57 -28.83 14.40
N GLU B 120 -42.06 -29.44 15.45
CA GLU B 120 -41.16 -28.77 16.44
C GLU B 120 -39.84 -28.37 15.76
N GLN B 121 -39.29 -29.25 14.92
CA GLN B 121 -38.06 -29.05 14.11
C GLN B 121 -38.31 -27.96 13.06
N ILE B 122 -39.44 -28.03 12.36
CA ILE B 122 -39.82 -27.12 11.25
C ILE B 122 -39.87 -25.68 11.77
N ASN B 123 -40.30 -25.48 13.01
CA ASN B 123 -40.48 -24.14 13.60
C ASN B 123 -39.15 -23.55 14.10
N LEU B 124 -38.10 -24.36 14.21
CA LEU B 124 -36.82 -24.04 14.88
C LEU B 124 -35.68 -24.10 13.87
N HIS B 125 -34.64 -24.90 14.17
CA HIS B 125 -33.38 -25.08 13.42
C HIS B 125 -33.62 -25.92 12.15
N PHE B 126 -34.61 -26.81 12.19
CA PHE B 126 -34.96 -27.78 11.12
C PHE B 126 -33.67 -28.49 10.67
N THR B 127 -33.31 -28.34 9.40
CA THR B 127 -32.07 -28.86 8.77
C THR B 127 -30.99 -27.77 8.74
N GLY B 128 -31.25 -26.56 9.26
CA GLY B 128 -30.23 -25.52 9.40
C GLY B 128 -29.98 -24.71 8.14
N ASP B 129 -30.94 -24.72 7.21
CA ASP B 129 -30.95 -23.87 5.98
C ASP B 129 -30.83 -22.39 6.32
N PHE B 130 -31.56 -21.88 7.32
CA PHE B 130 -31.63 -20.41 7.62
C PHE B 130 -30.29 -19.97 8.22
N HIS B 131 -29.70 -20.81 9.07
CA HIS B 131 -28.33 -20.63 9.64
C HIS B 131 -27.31 -20.44 8.51
N ALA B 132 -27.36 -21.28 7.49
CA ALA B 132 -26.41 -21.28 6.36
C ALA B 132 -26.55 -19.97 5.58
N ILE B 133 -27.77 -19.42 5.43
CA ILE B 133 -28.04 -18.12 4.74
C ILE B 133 -27.49 -17.00 5.63
N THR B 134 -27.75 -17.05 6.93
CA THR B 134 -27.20 -16.09 7.92
C THR B 134 -25.67 -16.07 7.84
N SER B 135 -25.03 -17.24 7.66
CA SER B 135 -23.56 -17.36 7.54
C SER B 135 -23.06 -16.73 6.22
N ALA B 136 -23.63 -17.13 5.10
CA ALA B 136 -23.38 -16.53 3.76
C ALA B 136 -23.47 -15.01 3.91
N HIS B 137 -24.56 -14.54 4.50
CA HIS B 137 -24.92 -13.11 4.48
C HIS B 137 -23.94 -12.34 5.36
N SER B 138 -23.57 -12.91 6.49
CA SER B 138 -22.64 -12.34 7.50
C SER B 138 -21.20 -12.32 6.98
N LEU B 139 -20.73 -13.42 6.37
CA LEU B 139 -19.42 -13.49 5.66
C LEU B 139 -19.27 -12.30 4.71
N ALA B 140 -20.31 -12.05 3.90
CA ALA B 140 -20.30 -11.03 2.83
C ALA B 140 -20.12 -9.66 3.48
N ALA B 141 -20.83 -9.43 4.58
CA ALA B 141 -20.75 -8.18 5.36
C ALA B 141 -19.33 -8.03 5.93
N ALA B 142 -18.80 -9.08 6.57
CA ALA B 142 -17.42 -9.12 7.11
C ALA B 142 -16.45 -8.71 6.00
N LEU B 143 -16.54 -9.35 4.84
CA LEU B 143 -15.57 -9.14 3.71
C LEU B 143 -15.60 -7.68 3.21
N ILE B 144 -16.78 -6.99 3.26
CA ILE B 144 -16.95 -5.60 2.72
C ILE B 144 -16.17 -4.63 3.61
N ASP B 145 -16.44 -4.67 4.92
CA ASP B 145 -15.72 -3.85 5.93
C ASP B 145 -14.24 -4.24 5.94
N ASN B 146 -13.93 -5.51 5.76
CA ASN B 146 -12.53 -5.99 5.75
C ASN B 146 -11.82 -5.41 4.52
N HIS B 147 -12.48 -5.43 3.37
CA HIS B 147 -12.02 -4.70 2.16
C HIS B 147 -11.71 -3.24 2.48
N ILE B 148 -12.67 -2.53 3.11
CA ILE B 148 -12.56 -1.07 3.43
C ILE B 148 -11.36 -0.86 4.36
N TYR B 149 -11.16 -1.82 5.26
CA TYR B 149 -10.19 -1.73 6.39
C TYR B 149 -8.76 -1.79 5.86
N TRP B 150 -8.46 -2.66 4.88
CA TRP B 150 -7.04 -2.91 4.49
C TRP B 150 -6.53 -1.83 3.54
N ALA B 151 -7.33 -1.31 2.61
CA ALA B 151 -6.89 -0.29 1.64
C ALA B 151 -8.04 0.47 0.95
N ASN B 152 -9.28 -0.04 1.09
CA ASN B 152 -10.48 0.33 0.30
C ASN B 152 -10.11 0.40 -1.20
N GLU B 153 -9.67 -0.71 -1.76
CA GLU B 153 -9.13 -0.78 -3.15
C GLU B 153 -10.23 -0.38 -4.15
N LEU B 154 -11.49 -0.73 -3.87
CA LEU B 154 -12.66 -0.49 -4.77
C LEU B 154 -13.18 0.95 -4.63
N ASN B 155 -12.59 1.73 -3.72
CA ASN B 155 -13.01 3.10 -3.32
C ASN B 155 -14.49 3.11 -2.91
N ILE B 156 -14.89 2.25 -1.96
CA ILE B 156 -16.29 2.16 -1.47
C ILE B 156 -16.52 3.34 -0.54
N ASP B 157 -17.64 4.05 -0.76
CA ASP B 157 -18.18 5.17 0.06
C ASP B 157 -19.07 4.59 1.16
N VAL B 158 -18.64 4.67 2.42
CA VAL B 158 -19.39 4.11 3.59
C VAL B 158 -20.72 4.84 3.81
N ARG B 159 -21.02 5.93 3.10
CA ARG B 159 -22.37 6.56 3.16
C ARG B 159 -23.29 5.84 2.17
N ARG B 160 -22.72 4.96 1.34
CA ARG B 160 -23.43 4.44 0.13
C ARG B 160 -23.45 2.90 0.13
N ILE B 161 -23.29 2.29 1.29
CA ILE B 161 -23.42 0.81 1.41
C ILE B 161 -24.91 0.46 1.51
N HIS B 162 -25.40 -0.42 0.64
CA HIS B 162 -26.84 -0.81 0.61
C HIS B 162 -26.99 -2.12 1.33
N TRP B 163 -25.96 -2.98 1.26
CA TRP B 163 -25.84 -4.25 2.03
C TRP B 163 -25.85 -3.93 3.51
N ARG B 164 -26.81 -4.48 4.24
CA ARG B 164 -26.83 -4.47 5.73
C ARG B 164 -26.50 -5.87 6.26
N ARG B 165 -26.67 -6.08 7.56
CA ARG B 165 -26.38 -7.38 8.22
C ARG B 165 -27.68 -8.12 8.51
N VAL B 166 -27.57 -9.39 8.85
CA VAL B 166 -28.73 -10.20 9.30
C VAL B 166 -28.39 -11.04 10.52
N VAL B 167 -29.47 -11.43 11.20
CA VAL B 167 -29.57 -12.42 12.31
C VAL B 167 -31.03 -12.88 12.29
N ASP B 168 -31.35 -14.14 12.67
CA ASP B 168 -32.75 -14.64 12.73
C ASP B 168 -33.26 -14.56 14.16
N MET B 169 -33.67 -13.37 14.58
CA MET B 169 -34.14 -13.03 15.94
C MET B 169 -34.90 -11.72 15.78
N ASN B 170 -36.07 -11.59 16.40
CA ASN B 170 -36.77 -10.29 16.44
C ASN B 170 -35.95 -9.33 17.30
N ASP B 171 -34.96 -8.63 16.74
CA ASP B 171 -34.10 -7.76 17.58
C ASP B 171 -34.15 -6.31 17.08
N ARG B 172 -35.00 -5.51 17.74
CA ARG B 172 -35.21 -4.05 17.55
C ARG B 172 -33.93 -3.25 17.89
N ALA B 173 -33.07 -3.74 18.79
CA ALA B 173 -31.80 -3.07 19.16
C ALA B 173 -30.90 -2.83 17.92
N LEU B 174 -31.05 -3.65 16.85
CA LEU B 174 -30.04 -3.68 15.75
C LEU B 174 -30.56 -2.99 14.45
N ARG B 175 -31.75 -2.39 14.48
CA ARG B 175 -32.36 -1.67 13.33
C ARG B 175 -31.34 -0.68 12.81
N ALA B 176 -30.74 0.09 13.71
CA ALA B 176 -29.84 1.24 13.40
C ALA B 176 -28.61 1.22 14.32
N ILE B 177 -27.45 0.87 13.80
CA ILE B 177 -26.20 0.79 14.62
C ILE B 177 -25.20 1.79 14.04
N ASN B 178 -24.15 2.09 14.80
CA ASN B 178 -22.83 2.57 14.29
C ASN B 178 -21.87 1.43 14.60
N GLN B 179 -20.94 1.14 13.68
CA GLN B 179 -20.07 -0.06 13.79
C GLN B 179 -18.64 0.36 13.53
N SER B 180 -17.71 -0.56 13.73
CA SER B 180 -16.28 -0.37 13.44
C SER B 180 -15.76 0.78 14.31
N LEU B 181 -16.14 0.77 15.58
CA LEU B 181 -15.71 1.76 16.60
C LEU B 181 -14.52 1.16 17.41
N GLY B 182 -13.91 1.98 18.27
CA GLY B 182 -12.76 1.63 19.10
C GLY B 182 -11.43 1.87 18.42
N GLY B 183 -11.32 2.84 17.53
CA GLY B 183 -10.01 3.25 16.97
C GLY B 183 -9.46 2.31 15.88
N VAL B 184 -8.19 2.43 15.60
CA VAL B 184 -7.55 2.06 14.30
C VAL B 184 -7.84 0.60 13.93
N ALA B 185 -7.44 -0.36 14.74
CA ALA B 185 -7.47 -1.81 14.42
C ALA B 185 -8.91 -2.32 14.18
N ASN B 186 -9.94 -1.56 14.58
CA ASN B 186 -11.36 -1.97 14.40
C ASN B 186 -11.90 -1.40 13.06
N GLY B 187 -11.19 -0.46 12.43
CA GLY B 187 -11.51 -0.01 11.06
C GLY B 187 -12.28 1.31 10.97
N PHE B 188 -13.06 1.49 9.91
CA PHE B 188 -13.69 2.78 9.52
C PHE B 188 -15.13 2.79 10.02
N PRO B 189 -15.45 3.67 10.98
CA PRO B 189 -16.83 3.81 11.45
C PRO B 189 -17.77 4.21 10.29
N ARG B 190 -18.96 3.62 10.33
CA ARG B 190 -20.08 3.80 9.38
C ARG B 190 -21.39 3.46 10.09
N GLU B 191 -22.47 4.11 9.68
CA GLU B 191 -23.87 3.71 10.00
C GLU B 191 -24.10 2.34 9.35
N ASP B 192 -25.03 1.56 9.90
CA ASP B 192 -25.39 0.21 9.40
C ASP B 192 -26.60 -0.26 10.19
N GLY B 193 -27.18 -1.39 9.82
CA GLY B 193 -28.26 -2.01 10.61
C GLY B 193 -28.46 -3.45 10.21
N PHE B 194 -29.33 -4.15 10.93
CA PHE B 194 -29.66 -5.59 10.74
C PHE B 194 -31.10 -5.73 10.26
N ASP B 195 -31.32 -6.67 9.36
CA ASP B 195 -32.69 -7.17 9.13
C ASP B 195 -32.77 -8.61 9.66
N ILE B 196 -33.98 -9.19 9.67
CA ILE B 196 -34.22 -10.64 9.95
C ILE B 196 -33.82 -11.45 8.71
N THR B 197 -33.20 -12.63 8.91
CA THR B 197 -32.54 -13.44 7.84
C THR B 197 -33.43 -13.43 6.59
N VAL B 198 -34.75 -13.51 6.70
CA VAL B 198 -35.60 -13.75 5.50
C VAL B 198 -35.63 -12.50 4.60
N ALA B 199 -35.32 -11.33 5.18
CA ALA B 199 -35.22 -10.03 4.46
C ALA B 199 -34.05 -10.06 3.47
N SER B 200 -33.07 -10.94 3.72
CA SER B 200 -31.79 -11.05 2.98
C SER B 200 -32.05 -11.39 1.52
N GLU B 201 -31.29 -10.73 0.63
CA GLU B 201 -31.35 -10.95 -0.83
C GLU B 201 -30.77 -12.33 -1.09
N VAL B 202 -29.78 -12.74 -0.29
CA VAL B 202 -29.24 -14.12 -0.32
C VAL B 202 -30.41 -15.12 -0.30
N MET B 203 -31.42 -14.90 0.54
CA MET B 203 -32.60 -15.78 0.67
C MET B 203 -33.44 -15.72 -0.62
N ALA B 204 -33.60 -14.55 -1.21
CA ALA B 204 -34.32 -14.35 -2.48
C ALA B 204 -33.62 -15.17 -3.57
N VAL B 205 -32.30 -15.11 -3.62
CA VAL B 205 -31.46 -15.73 -4.67
C VAL B 205 -31.41 -17.25 -4.48
N PHE B 206 -31.54 -17.72 -3.25
CA PHE B 206 -31.58 -19.15 -2.85
C PHE B 206 -32.86 -19.79 -3.40
N CYS B 207 -33.98 -19.10 -3.26
CA CYS B 207 -35.31 -19.58 -3.67
C CYS B 207 -35.54 -19.42 -5.18
N LEU B 208 -34.63 -18.81 -5.92
CA LEU B 208 -34.85 -18.59 -7.38
C LEU B 208 -33.70 -19.19 -8.19
N ALA B 209 -32.70 -19.76 -7.48
CA ALA B 209 -31.60 -20.56 -8.04
C ALA B 209 -32.18 -21.85 -8.60
N LYS B 210 -31.74 -22.24 -9.81
CA LYS B 210 -31.96 -23.56 -10.46
C LYS B 210 -31.02 -24.60 -9.85
N ASN B 211 -29.81 -24.22 -9.48
CA ASN B 211 -28.71 -25.15 -9.12
C ASN B 211 -27.63 -24.32 -8.41
N LEU B 212 -26.49 -24.92 -8.08
CA LEU B 212 -25.35 -24.23 -7.40
C LEU B 212 -24.70 -23.23 -8.36
N ALA B 213 -24.67 -23.52 -9.66
CA ALA B 213 -24.01 -22.63 -10.62
C ALA B 213 -24.82 -21.34 -10.68
N ASP B 214 -26.11 -21.45 -10.89
CA ASP B 214 -27.01 -20.25 -11.01
C ASP B 214 -26.88 -19.36 -9.75
N LEU B 215 -26.81 -19.98 -8.57
CA LEU B 215 -26.81 -19.31 -7.24
C LEU B 215 -25.58 -18.38 -7.13
N GLU B 216 -24.46 -18.82 -7.68
CA GLU B 216 -23.17 -18.12 -7.59
C GLU B 216 -23.18 -16.91 -8.54
N GLU B 217 -23.84 -17.02 -9.68
CA GLU B 217 -23.91 -15.90 -10.66
C GLU B 217 -24.84 -14.86 -10.08
N ARG B 218 -26.01 -15.31 -9.63
CA ARG B 218 -27.04 -14.41 -9.08
C ARG B 218 -26.39 -13.58 -7.97
N LEU B 219 -25.74 -14.23 -6.99
CA LEU B 219 -25.06 -13.56 -5.84
C LEU B 219 -23.99 -12.61 -6.39
N GLY B 220 -23.34 -13.02 -7.49
CA GLY B 220 -22.25 -12.30 -8.18
C GLY B 220 -22.70 -10.89 -8.54
N ARG B 221 -23.97 -10.74 -8.90
CA ARG B 221 -24.57 -9.54 -9.53
C ARG B 221 -25.13 -8.56 -8.51
N ILE B 222 -25.31 -8.99 -7.25
CA ILE B 222 -25.88 -8.19 -6.13
C ILE B 222 -25.07 -6.89 -6.02
N VAL B 223 -25.75 -5.75 -6.03
CA VAL B 223 -25.11 -4.43 -5.91
C VAL B 223 -25.11 -4.11 -4.43
N ILE B 224 -23.93 -4.01 -3.82
CA ILE B 224 -23.79 -3.99 -2.33
C ILE B 224 -23.40 -2.60 -1.84
N ALA B 225 -23.06 -1.67 -2.73
CA ALA B 225 -22.58 -0.34 -2.35
C ALA B 225 -22.34 0.50 -3.60
N GLU B 226 -21.99 1.76 -3.39
CA GLU B 226 -21.50 2.69 -4.43
C GLU B 226 -20.13 3.22 -3.99
N THR B 227 -19.26 3.48 -4.97
CA THR B 227 -17.96 4.18 -4.81
C THR B 227 -18.24 5.66 -4.64
N ARG B 228 -17.22 6.44 -4.28
CA ARG B 228 -17.32 7.91 -4.08
C ARG B 228 -17.68 8.62 -5.41
N ASP B 229 -17.14 8.14 -6.55
CA ASP B 229 -17.46 8.58 -7.95
C ASP B 229 -18.80 7.92 -8.44
N ARG B 230 -19.56 7.31 -7.55
CA ARG B 230 -20.99 6.91 -7.72
C ARG B 230 -21.16 5.70 -8.66
N LYS B 231 -20.15 4.82 -8.75
CA LYS B 231 -20.13 3.59 -9.58
C LYS B 231 -20.58 2.42 -8.73
N PRO B 232 -21.38 1.46 -9.26
CA PRO B 232 -21.86 0.29 -8.50
C PRO B 232 -20.77 -0.72 -8.09
N VAL B 233 -20.87 -1.26 -6.87
CA VAL B 233 -19.97 -2.32 -6.32
C VAL B 233 -20.82 -3.55 -5.99
N THR B 234 -20.35 -4.73 -6.42
CA THR B 234 -21.07 -6.02 -6.32
C THR B 234 -20.37 -6.94 -5.34
N LEU B 235 -20.99 -8.10 -5.07
CA LEU B 235 -20.38 -9.19 -4.28
C LEU B 235 -19.19 -9.81 -5.05
N ALA B 236 -19.21 -9.82 -6.39
CA ALA B 236 -18.09 -10.39 -7.17
C ALA B 236 -16.83 -9.51 -7.00
N ASP B 237 -16.99 -8.18 -7.00
CA ASP B 237 -15.91 -7.17 -6.75
C ASP B 237 -15.22 -7.43 -5.41
N VAL B 238 -15.94 -7.96 -4.43
CA VAL B 238 -15.48 -8.22 -3.04
C VAL B 238 -15.14 -9.72 -2.88
N LYS B 239 -15.24 -10.47 -3.99
CA LYS B 239 -14.84 -11.90 -4.16
C LYS B 239 -15.47 -12.76 -3.05
N ALA B 240 -16.79 -12.64 -2.88
CA ALA B 240 -17.57 -13.23 -1.77
C ALA B 240 -18.40 -14.40 -2.31
N THR B 241 -18.51 -14.48 -3.62
CA THR B 241 -19.55 -15.28 -4.29
C THR B 241 -19.23 -16.75 -4.02
N GLY B 242 -18.05 -17.26 -4.39
CA GLY B 242 -17.71 -18.68 -4.22
C GLY B 242 -17.80 -19.15 -2.77
N ALA B 243 -17.31 -18.37 -1.81
CA ALA B 243 -17.27 -18.76 -0.39
C ALA B 243 -18.70 -18.91 0.12
N MET B 244 -19.58 -17.97 -0.27
CA MET B 244 -21.01 -17.94 0.16
C MET B 244 -21.70 -19.18 -0.37
N THR B 245 -21.29 -19.64 -1.54
CA THR B 245 -21.91 -20.78 -2.25
C THR B 245 -21.61 -22.08 -1.51
N VAL B 246 -20.38 -22.28 -1.07
CA VAL B 246 -20.03 -23.52 -0.32
C VAL B 246 -20.77 -23.46 1.03
N LEU B 247 -20.95 -22.24 1.59
CA LEU B 247 -21.76 -22.01 2.83
C LEU B 247 -23.21 -22.44 2.63
N LEU B 248 -23.70 -22.38 1.39
CA LEU B 248 -25.09 -22.66 1.00
C LEU B 248 -25.21 -24.02 0.29
N LYS B 249 -24.11 -24.73 0.01
CA LYS B 249 -24.15 -25.96 -0.83
C LYS B 249 -25.17 -26.97 -0.27
N ASP B 250 -24.92 -27.55 0.91
CA ASP B 250 -25.81 -28.57 1.52
C ASP B 250 -27.20 -27.99 1.66
N ALA B 251 -27.32 -26.73 2.04
CA ALA B 251 -28.61 -26.06 2.27
C ALA B 251 -29.50 -26.07 1.01
N LEU B 252 -28.92 -26.03 -0.20
CA LEU B 252 -29.68 -25.90 -1.48
C LEU B 252 -30.33 -27.24 -1.89
N GLN B 253 -30.02 -28.32 -1.17
CA GLN B 253 -30.78 -29.60 -1.30
C GLN B 253 -32.08 -29.41 -0.52
N PRO B 254 -33.24 -29.71 -1.15
CA PRO B 254 -34.53 -29.54 -0.52
C PRO B 254 -34.73 -30.54 0.62
N ASN B 255 -35.57 -30.17 1.59
CA ASN B 255 -35.90 -31.01 2.77
C ASN B 255 -37.20 -31.78 2.49
N LEU B 256 -37.12 -33.10 2.43
CA LEU B 256 -38.30 -34.00 2.45
C LEU B 256 -38.78 -34.16 3.89
N VAL B 257 -40.10 -34.07 4.08
CA VAL B 257 -40.86 -34.39 5.33
C VAL B 257 -42.21 -34.94 4.86
N GLN B 258 -43.21 -35.03 5.74
CA GLN B 258 -44.51 -35.69 5.45
C GLN B 258 -45.63 -35.03 6.26
N THR B 259 -46.85 -35.17 5.72
CA THR B 259 -48.12 -34.72 6.34
C THR B 259 -48.60 -35.82 7.31
N LEU B 260 -49.63 -35.53 8.09
CA LEU B 260 -50.18 -36.44 9.12
C LEU B 260 -50.65 -37.74 8.46
N GLU B 261 -50.79 -37.78 7.14
CA GLU B 261 -51.35 -38.94 6.41
C GLU B 261 -50.22 -39.58 5.57
N GLY B 262 -48.95 -39.28 5.93
CA GLY B 262 -47.73 -39.88 5.35
C GLY B 262 -47.46 -39.51 3.88
N ASN B 263 -48.02 -38.45 3.33
CA ASN B 263 -47.73 -38.05 1.92
C ASN B 263 -46.50 -37.13 1.81
N PRO B 264 -45.78 -37.13 0.67
CA PRO B 264 -44.50 -36.43 0.60
C PRO B 264 -44.70 -34.92 0.72
N ALA B 265 -43.81 -34.21 1.39
CA ALA B 265 -43.83 -32.73 1.46
C ALA B 265 -42.40 -32.18 1.39
N LEU B 266 -42.20 -31.13 0.60
CA LEU B 266 -40.88 -30.46 0.48
C LEU B 266 -41.04 -29.13 1.21
N ILE B 267 -40.22 -28.88 2.21
CA ILE B 267 -40.04 -27.54 2.84
C ILE B 267 -38.66 -27.04 2.44
N HIS B 268 -38.60 -25.95 1.70
CA HIS B 268 -37.34 -25.30 1.27
C HIS B 268 -37.52 -23.77 1.11
N GLY B 269 -36.72 -23.00 1.85
CA GLY B 269 -36.63 -21.53 1.71
C GLY B 269 -37.87 -20.80 2.23
N GLY B 270 -37.81 -19.48 2.27
CA GLY B 270 -38.96 -18.70 2.75
C GLY B 270 -38.58 -17.24 2.91
N PRO B 271 -38.65 -16.44 1.84
CA PRO B 271 -38.41 -15.02 1.95
C PRO B 271 -39.72 -14.28 2.19
N PHE B 272 -39.58 -12.98 2.38
CA PHE B 272 -40.70 -12.03 2.48
C PHE B 272 -41.51 -11.97 1.20
N ALA B 273 -42.81 -11.65 1.36
CA ALA B 273 -43.80 -11.45 0.27
C ALA B 273 -44.05 -9.95 0.07
N ASN B 274 -43.23 -9.09 0.70
CA ASN B 274 -43.27 -7.62 0.47
C ASN B 274 -41.99 -7.14 -0.17
N ILE B 275 -40.83 -7.32 0.46
CA ILE B 275 -39.54 -6.89 -0.15
C ILE B 275 -38.89 -8.07 -0.90
N ALA B 276 -39.60 -9.17 -1.13
CA ALA B 276 -39.19 -10.30 -2.00
C ALA B 276 -40.47 -11.03 -2.38
N HIS B 277 -40.41 -12.21 -3.00
CA HIS B 277 -41.54 -12.72 -3.80
C HIS B 277 -42.45 -13.70 -3.02
N GLY B 278 -42.03 -14.12 -1.82
CA GLY B 278 -42.81 -14.99 -0.90
C GLY B 278 -43.25 -16.31 -1.52
N CYS B 279 -42.33 -17.08 -2.10
CA CYS B 279 -42.53 -18.48 -2.56
C CYS B 279 -41.40 -19.36 -2.04
N ASN B 280 -41.61 -20.68 -2.00
CA ASN B 280 -40.53 -21.63 -1.67
C ASN B 280 -39.59 -21.73 -2.87
N SER B 281 -38.52 -22.53 -2.75
CA SER B 281 -37.47 -22.63 -3.78
C SER B 281 -38.03 -23.24 -5.06
N VAL B 282 -37.49 -22.77 -6.18
CA VAL B 282 -37.65 -23.36 -7.54
C VAL B 282 -37.12 -24.79 -7.47
N ILE B 283 -35.91 -24.97 -6.96
CA ILE B 283 -35.30 -26.31 -6.85
C ILE B 283 -36.34 -27.27 -6.28
N ALA B 284 -37.08 -26.89 -5.25
CA ALA B 284 -38.12 -27.74 -4.59
C ALA B 284 -39.29 -27.93 -5.56
N THR B 285 -39.94 -26.84 -5.94
CA THR B 285 -41.09 -26.87 -6.87
C THR B 285 -40.71 -27.75 -8.05
N ARG B 286 -39.55 -27.49 -8.67
CA ARG B 286 -39.08 -28.19 -9.90
C ARG B 286 -38.92 -29.70 -9.63
N THR B 287 -38.26 -30.05 -8.53
CA THR B 287 -38.00 -31.44 -8.08
C THR B 287 -39.34 -32.17 -7.93
N GLY B 288 -40.32 -31.54 -7.29
CA GLY B 288 -41.67 -32.12 -7.11
C GLY B 288 -42.31 -32.41 -8.45
N LEU B 289 -42.18 -31.51 -9.42
CA LEU B 289 -42.84 -31.65 -10.75
C LEU B 289 -42.28 -32.89 -11.44
N ARG B 290 -40.98 -33.10 -11.31
CA ARG B 290 -40.32 -34.26 -11.97
C ARG B 290 -40.60 -35.55 -11.19
N LEU B 291 -41.09 -35.49 -9.95
CA LEU B 291 -41.27 -36.70 -9.10
C LEU B 291 -42.74 -37.09 -8.91
N ALA B 292 -43.71 -36.17 -9.05
CA ALA B 292 -45.14 -36.44 -8.77
C ALA B 292 -46.05 -36.06 -9.94
N ASP B 293 -47.28 -36.55 -9.92
CA ASP B 293 -48.29 -36.23 -10.96
C ASP B 293 -48.69 -34.76 -10.74
N TYR B 294 -49.03 -34.38 -9.50
CA TYR B 294 -49.43 -33.01 -9.05
C TYR B 294 -48.40 -32.46 -8.06
N THR B 295 -48.03 -31.19 -8.23
CA THR B 295 -47.22 -30.43 -7.23
C THR B 295 -48.05 -29.18 -6.85
N VAL B 296 -48.30 -29.07 -5.55
CA VAL B 296 -49.12 -28.03 -4.86
C VAL B 296 -48.18 -27.14 -4.05
N THR B 297 -48.21 -25.84 -4.30
CA THR B 297 -47.37 -24.85 -3.59
C THR B 297 -48.23 -23.62 -3.26
N GLU B 298 -47.65 -22.58 -2.70
CA GLU B 298 -48.35 -21.32 -2.35
C GLU B 298 -47.35 -20.15 -2.35
N ALA B 299 -47.89 -18.98 -2.06
CA ALA B 299 -47.19 -17.68 -1.98
C ALA B 299 -47.85 -16.84 -0.87
N GLY B 300 -47.03 -16.15 -0.06
CA GLY B 300 -47.49 -15.37 1.10
C GLY B 300 -48.40 -14.25 0.65
N PHE B 301 -49.23 -13.74 1.56
CA PHE B 301 -49.95 -12.44 1.56
C PHE B 301 -51.17 -12.40 0.64
N GLY B 302 -51.74 -13.50 0.16
CA GLY B 302 -52.97 -13.31 -0.65
C GLY B 302 -52.65 -12.78 -2.05
N ALA B 303 -53.56 -13.02 -3.01
CA ALA B 303 -53.28 -13.14 -4.45
C ALA B 303 -52.74 -11.82 -5.04
N ASP B 304 -53.06 -10.69 -4.44
CA ASP B 304 -52.61 -9.37 -4.99
C ASP B 304 -51.09 -9.21 -4.89
N LEU B 305 -50.41 -9.86 -3.94
CA LEU B 305 -48.94 -9.78 -3.83
C LEU B 305 -48.30 -11.11 -4.22
N GLY B 306 -48.56 -12.16 -3.46
CA GLY B 306 -47.92 -13.48 -3.63
C GLY B 306 -48.13 -14.07 -5.02
N ALA B 307 -49.37 -14.30 -5.42
CA ALA B 307 -49.72 -14.92 -6.71
C ALA B 307 -49.08 -14.08 -7.83
N GLU B 308 -49.24 -12.76 -7.76
CA GLU B 308 -48.66 -11.80 -8.74
C GLU B 308 -47.14 -11.99 -8.84
N LYS B 309 -46.44 -12.18 -7.72
CA LYS B 309 -44.96 -12.36 -7.67
C LYS B 309 -44.55 -13.80 -8.09
N PHE B 310 -45.34 -14.80 -7.69
CA PHE B 310 -45.20 -16.23 -8.13
C PHE B 310 -45.18 -16.30 -9.65
N ILE B 311 -45.95 -15.43 -10.32
CA ILE B 311 -46.17 -15.45 -11.80
C ILE B 311 -45.21 -14.46 -12.47
N ASP B 312 -45.23 -13.20 -12.04
CA ASP B 312 -44.38 -12.15 -12.67
C ASP B 312 -42.90 -12.37 -12.37
N ILE B 313 -42.50 -13.07 -11.28
CA ILE B 313 -41.07 -13.32 -10.93
C ILE B 313 -40.72 -14.83 -11.04
N LYS B 314 -41.16 -15.68 -10.10
CA LYS B 314 -40.83 -17.14 -10.11
C LYS B 314 -41.17 -17.78 -11.46
N CYS B 315 -42.45 -17.82 -11.88
CA CYS B 315 -42.87 -18.44 -13.16
C CYS B 315 -42.18 -17.77 -14.34
N ARG B 316 -41.87 -16.47 -14.25
CA ARG B 316 -41.34 -15.70 -15.41
C ARG B 316 -39.85 -16.01 -15.61
N GLN B 317 -39.11 -16.21 -14.51
CA GLN B 317 -37.66 -16.48 -14.56
C GLN B 317 -37.41 -17.94 -14.91
N THR B 318 -38.31 -18.84 -14.51
CA THR B 318 -38.14 -20.32 -14.61
C THR B 318 -38.83 -20.84 -15.86
N GLY B 319 -39.85 -20.14 -16.32
CA GLY B 319 -40.75 -20.64 -17.38
C GLY B 319 -41.75 -21.66 -16.85
N LEU B 320 -41.86 -21.84 -15.53
CA LEU B 320 -42.96 -22.61 -14.88
C LEU B 320 -44.33 -22.04 -15.26
N LYS B 321 -45.33 -22.92 -15.31
CA LYS B 321 -46.73 -22.60 -15.72
C LYS B 321 -47.70 -23.33 -14.79
N PRO B 322 -48.36 -22.61 -13.86
CA PRO B 322 -49.39 -23.21 -13.03
C PRO B 322 -50.46 -23.89 -13.89
N SER B 323 -50.83 -25.13 -13.57
CA SER B 323 -51.88 -25.90 -14.29
C SER B 323 -53.27 -25.51 -13.79
N SER B 324 -53.36 -24.77 -12.69
CA SER B 324 -54.61 -24.55 -11.92
C SER B 324 -54.29 -23.72 -10.67
N VAL B 325 -55.23 -22.88 -10.23
CA VAL B 325 -55.06 -22.00 -9.03
C VAL B 325 -56.26 -22.16 -8.09
N VAL B 326 -56.00 -22.20 -6.79
CA VAL B 326 -57.04 -22.17 -5.72
C VAL B 326 -56.87 -20.89 -4.91
N ILE B 327 -57.84 -19.97 -4.96
CA ILE B 327 -57.89 -18.79 -4.06
C ILE B 327 -58.70 -19.20 -2.81
N VAL B 328 -58.02 -19.32 -1.67
CA VAL B 328 -58.63 -19.69 -0.37
C VAL B 328 -59.41 -18.48 0.12
N ALA B 329 -60.41 -18.71 0.96
CA ALA B 329 -61.24 -17.66 1.59
C ALA B 329 -62.05 -18.29 2.72
N THR B 330 -62.58 -17.47 3.62
CA THR B 330 -63.46 -17.89 4.73
C THR B 330 -64.56 -16.85 4.90
N ILE B 331 -65.70 -17.28 5.40
CA ILE B 331 -66.87 -16.44 5.76
C ILE B 331 -66.42 -15.31 6.71
N ARG B 332 -65.70 -15.64 7.80
CA ARG B 332 -65.17 -14.63 8.76
C ARG B 332 -64.33 -13.55 8.03
N ALA B 333 -63.34 -13.96 7.24
CA ALA B 333 -62.42 -13.05 6.50
C ALA B 333 -63.23 -12.16 5.56
N LEU B 334 -64.24 -12.69 4.87
CA LEU B 334 -65.05 -11.89 3.91
C LEU B 334 -65.95 -10.91 4.69
N LYS B 335 -66.58 -11.36 5.78
CA LYS B 335 -67.47 -10.52 6.63
C LYS B 335 -66.64 -9.41 7.27
N MET B 336 -65.33 -9.60 7.43
CA MET B 336 -64.45 -8.53 7.96
C MET B 336 -64.22 -7.52 6.84
N HIS B 337 -63.93 -7.98 5.63
CA HIS B 337 -63.82 -7.16 4.39
C HIS B 337 -65.16 -6.46 4.06
N GLY B 338 -66.25 -6.87 4.73
CA GLY B 338 -67.60 -6.28 4.60
C GLY B 338 -68.03 -5.48 5.84
N GLY B 339 -67.11 -5.13 6.74
CA GLY B 339 -67.29 -4.14 7.81
C GLY B 339 -67.71 -4.71 9.17
N VAL B 340 -67.52 -6.01 9.40
CA VAL B 340 -67.78 -6.64 10.74
C VAL B 340 -66.43 -6.66 11.48
N ASN B 341 -66.43 -6.28 12.77
CA ASN B 341 -65.24 -6.38 13.65
C ASN B 341 -65.03 -7.86 14.00
N LYS B 342 -63.80 -8.25 14.34
CA LYS B 342 -63.43 -9.65 14.72
C LYS B 342 -64.37 -10.19 15.81
N LYS B 343 -64.76 -9.35 16.77
CA LYS B 343 -65.57 -9.75 17.96
C LYS B 343 -67.03 -10.00 17.55
N ASP B 344 -67.51 -9.53 16.40
CA ASP B 344 -68.95 -9.66 16.02
C ASP B 344 -69.13 -10.77 14.96
N LEU B 345 -68.19 -11.71 14.88
CA LEU B 345 -68.09 -12.65 13.75
C LEU B 345 -68.99 -13.88 13.97
N GLN B 346 -69.45 -14.13 15.20
CA GLN B 346 -70.09 -15.40 15.63
C GLN B 346 -71.61 -15.26 15.46
N ALA B 347 -72.09 -14.72 14.32
CA ALA B 347 -73.49 -14.29 14.08
C ALA B 347 -73.73 -13.97 12.60
N GLU B 348 -74.67 -14.69 11.98
CA GLU B 348 -74.99 -14.61 10.53
C GLU B 348 -75.04 -13.13 10.14
N ASN B 349 -74.36 -12.75 9.07
CA ASN B 349 -74.52 -11.43 8.41
C ASN B 349 -74.34 -11.59 6.91
N LEU B 350 -75.37 -12.09 6.23
CA LEU B 350 -75.28 -12.25 4.76
C LEU B 350 -74.85 -10.91 4.14
N ASP B 351 -75.39 -9.79 4.62
CA ASP B 351 -75.26 -8.47 3.95
C ASP B 351 -73.77 -8.06 3.90
N ALA B 352 -73.06 -8.21 5.02
CA ALA B 352 -71.60 -7.98 5.18
C ALA B 352 -70.81 -8.93 4.27
N LEU B 353 -71.20 -10.20 4.20
CA LEU B 353 -70.52 -11.20 3.35
C LEU B 353 -70.56 -10.72 1.92
N GLU B 354 -71.73 -10.29 1.44
CA GLU B 354 -71.92 -9.89 0.02
C GLU B 354 -71.00 -8.69 -0.29
N LYS B 355 -70.84 -7.76 0.64
CA LYS B 355 -69.93 -6.60 0.48
C LYS B 355 -68.49 -7.12 0.41
N GLY B 356 -68.07 -7.86 1.45
CA GLY B 356 -66.71 -8.45 1.57
C GLY B 356 -66.36 -9.29 0.36
N PHE B 357 -67.36 -9.85 -0.33
CA PHE B 357 -67.18 -10.67 -1.53
C PHE B 357 -66.41 -9.87 -2.59
N ALA B 358 -66.54 -8.55 -2.64
CA ALA B 358 -65.79 -7.64 -3.55
C ALA B 358 -64.28 -7.98 -3.59
N ASN B 359 -63.63 -8.17 -2.43
CA ASN B 359 -62.20 -8.54 -2.30
C ASN B 359 -61.88 -9.82 -3.09
N LEU B 360 -62.69 -10.86 -2.92
CA LEU B 360 -62.59 -12.15 -3.67
C LEU B 360 -62.81 -11.90 -5.18
N GLU B 361 -63.82 -11.12 -5.56
CA GLU B 361 -64.21 -10.90 -6.97
C GLU B 361 -62.97 -10.40 -7.72
N ARG B 362 -62.32 -9.39 -7.16
CA ARG B 362 -61.11 -8.76 -7.77
C ARG B 362 -59.94 -9.76 -7.80
N HIS B 363 -59.65 -10.50 -6.70
CA HIS B 363 -58.61 -11.56 -6.68
C HIS B 363 -58.85 -12.54 -7.83
N VAL B 364 -60.05 -13.15 -7.90
CA VAL B 364 -60.42 -14.13 -8.98
C VAL B 364 -60.17 -13.49 -10.37
N ASN B 365 -60.81 -12.36 -10.70
CA ASN B 365 -60.57 -11.64 -11.98
C ASN B 365 -59.07 -11.38 -12.21
N ASN B 366 -58.32 -11.04 -11.16
CA ASN B 366 -56.87 -10.71 -11.27
C ASN B 366 -56.12 -11.94 -11.78
N VAL B 367 -56.40 -13.10 -11.22
CA VAL B 367 -55.70 -14.37 -11.59
C VAL B 367 -56.10 -14.79 -13.01
N ARG B 368 -57.35 -14.56 -13.41
CA ARG B 368 -57.83 -15.00 -14.75
C ARG B 368 -57.07 -14.20 -15.82
N SER B 369 -56.84 -12.90 -15.58
CA SER B 369 -56.10 -11.94 -16.44
C SER B 369 -54.65 -12.40 -16.67
N PHE B 370 -54.09 -13.37 -15.94
CA PHE B 370 -52.80 -14.03 -16.30
C PHE B 370 -53.04 -15.20 -17.26
N GLY B 371 -54.31 -15.59 -17.50
CA GLY B 371 -54.74 -16.70 -18.39
C GLY B 371 -54.76 -18.03 -17.67
N LEU B 372 -54.94 -18.02 -16.34
CA LEU B 372 -54.90 -19.21 -15.45
C LEU B 372 -56.31 -19.54 -14.99
N PRO B 373 -56.69 -20.83 -14.94
CA PRO B 373 -57.99 -21.22 -14.38
C PRO B 373 -58.02 -21.16 -12.85
N VAL B 374 -59.21 -21.03 -12.25
CA VAL B 374 -59.39 -20.72 -10.80
C VAL B 374 -60.55 -21.54 -10.22
N VAL B 375 -60.36 -22.07 -9.01
CA VAL B 375 -61.42 -22.58 -8.09
C VAL B 375 -61.18 -21.93 -6.71
N VAL B 376 -62.23 -21.71 -5.91
CA VAL B 376 -62.19 -20.96 -4.63
C VAL B 376 -62.35 -21.96 -3.47
N GLY B 377 -61.29 -22.22 -2.74
CA GLY B 377 -61.36 -23.06 -1.53
C GLY B 377 -61.94 -22.25 -0.39
N VAL B 378 -63.01 -22.77 0.25
CA VAL B 378 -63.64 -22.08 1.41
C VAL B 378 -63.41 -22.92 2.66
N ASN B 379 -62.36 -22.64 3.42
CA ASN B 379 -62.06 -23.28 4.73
C ASN B 379 -63.21 -23.10 5.75
N HIS B 380 -64.06 -24.11 5.85
CA HIS B 380 -65.24 -24.17 6.76
C HIS B 380 -64.84 -23.84 8.19
N PHE B 381 -65.68 -23.14 8.92
CA PHE B 381 -65.54 -22.93 10.37
C PHE B 381 -66.90 -23.31 10.96
N PHE B 382 -66.92 -23.87 12.18
CA PHE B 382 -68.12 -24.45 12.85
C PHE B 382 -69.23 -23.40 13.00
N GLN B 383 -68.90 -22.11 13.14
CA GLN B 383 -69.92 -21.03 13.31
C GLN B 383 -70.54 -20.59 11.98
N ASP B 384 -69.91 -20.83 10.84
CA ASP B 384 -70.49 -20.43 9.52
C ASP B 384 -71.84 -21.11 9.32
N THR B 385 -72.86 -20.36 8.90
CA THR B 385 -74.23 -20.86 8.62
C THR B 385 -74.27 -21.48 7.22
N ASP B 386 -75.11 -22.50 7.05
CA ASP B 386 -75.38 -23.19 5.75
C ASP B 386 -75.92 -22.14 4.75
N ALA B 387 -76.66 -21.15 5.26
CA ALA B 387 -77.13 -19.99 4.46
C ALA B 387 -75.93 -19.26 3.86
N GLU B 388 -74.94 -18.82 4.66
CA GLU B 388 -73.88 -17.90 4.16
C GLU B 388 -72.84 -18.68 3.34
N HIS B 389 -72.73 -20.00 3.52
CA HIS B 389 -71.95 -20.87 2.59
C HIS B 389 -72.64 -20.91 1.23
N ALA B 390 -73.97 -21.03 1.18
CA ALA B 390 -74.73 -20.99 -0.09
C ALA B 390 -74.65 -19.58 -0.70
N ARG B 391 -74.81 -18.56 0.13
CA ARG B 391 -74.64 -17.16 -0.31
C ARG B 391 -73.34 -17.04 -1.12
N LEU B 392 -72.21 -17.50 -0.55
CA LEU B 392 -70.89 -17.36 -1.21
C LEU B 392 -70.87 -18.14 -2.53
N LYS B 393 -71.38 -19.37 -2.53
CA LYS B 393 -71.41 -20.23 -3.75
C LYS B 393 -72.15 -19.48 -4.88
N GLU B 394 -73.30 -18.86 -4.58
CA GLU B 394 -74.21 -18.25 -5.59
C GLU B 394 -73.52 -17.05 -6.22
N LEU B 395 -72.99 -16.13 -5.39
CA LEU B 395 -72.20 -14.94 -5.83
C LEU B 395 -71.04 -15.35 -6.75
N CYS B 396 -70.36 -16.46 -6.45
CA CYS B 396 -69.19 -16.96 -7.22
C CYS B 396 -69.64 -17.40 -8.61
N ARG B 397 -70.75 -18.15 -8.74
CA ARG B 397 -71.24 -18.66 -10.05
C ARG B 397 -72.02 -17.55 -10.75
N ASP B 398 -72.73 -16.67 -10.03
CA ASP B 398 -73.52 -15.55 -10.60
C ASP B 398 -72.60 -14.43 -11.13
N ARG B 399 -71.66 -13.90 -10.33
CA ARG B 399 -70.82 -12.71 -10.68
C ARG B 399 -69.61 -13.15 -11.52
N LEU B 400 -68.82 -14.10 -10.98
CA LEU B 400 -67.78 -14.82 -11.76
C LEU B 400 -68.48 -16.02 -12.40
N GLN B 401 -67.73 -16.98 -12.96
CA GLN B 401 -68.28 -18.30 -13.38
C GLN B 401 -67.40 -19.34 -12.70
N VAL B 402 -67.32 -19.22 -11.36
CA VAL B 402 -66.29 -19.94 -10.56
C VAL B 402 -67.03 -20.81 -9.54
N GLU B 403 -66.52 -22.02 -9.36
CA GLU B 403 -66.85 -22.91 -8.26
C GLU B 403 -66.27 -22.36 -6.95
N ALA B 404 -67.08 -22.32 -5.89
CA ALA B 404 -66.63 -22.15 -4.49
C ALA B 404 -66.95 -23.45 -3.73
N ILE B 405 -65.96 -24.32 -3.60
CA ILE B 405 -66.10 -25.62 -2.90
C ILE B 405 -65.80 -25.40 -1.42
N THR B 406 -66.66 -25.92 -0.54
CA THR B 406 -66.44 -25.99 0.94
C THR B 406 -65.37 -27.04 1.27
N CYS B 407 -64.34 -26.67 2.02
CA CYS B 407 -63.22 -27.55 2.42
C CYS B 407 -63.26 -27.76 3.93
N LYS B 408 -62.92 -28.96 4.40
CA LYS B 408 -63.05 -29.32 5.84
C LYS B 408 -61.83 -30.06 6.35
N HIS B 409 -60.79 -30.22 5.53
CA HIS B 409 -59.50 -30.90 5.86
C HIS B 409 -59.08 -30.57 7.31
N TRP B 410 -59.18 -29.31 7.73
CA TRP B 410 -58.76 -28.90 9.09
C TRP B 410 -59.39 -29.84 10.12
N ALA B 411 -60.70 -30.09 10.02
CA ALA B 411 -61.46 -31.01 10.93
C ALA B 411 -61.34 -32.48 10.46
N GLU B 412 -61.26 -32.78 9.16
CA GLU B 412 -61.48 -34.17 8.64
C GLU B 412 -60.22 -34.77 7.98
N GLY B 413 -59.12 -34.03 7.81
CA GLY B 413 -57.98 -34.41 6.96
C GLY B 413 -58.36 -34.57 5.49
N GLY B 414 -57.53 -35.26 4.71
CA GLY B 414 -57.67 -35.32 3.25
C GLY B 414 -59.12 -35.36 2.79
N ALA B 415 -59.96 -36.20 3.42
CA ALA B 415 -61.34 -36.51 3.00
C ALA B 415 -62.17 -35.21 2.92
N GLY B 416 -61.69 -34.16 3.57
CA GLY B 416 -62.34 -32.85 3.63
C GLY B 416 -61.97 -31.98 2.45
N ALA B 417 -61.07 -32.41 1.55
CA ALA B 417 -60.62 -31.60 0.38
C ALA B 417 -60.68 -32.41 -0.94
N GLU B 418 -61.50 -33.47 -0.97
CA GLU B 418 -61.74 -34.32 -2.17
C GLU B 418 -62.59 -33.57 -3.21
N ALA B 419 -63.62 -32.82 -2.77
CA ALA B 419 -64.39 -31.92 -3.66
C ALA B 419 -63.40 -30.99 -4.34
N LEU B 420 -62.46 -30.41 -3.57
CA LEU B 420 -61.42 -29.52 -4.12
C LEU B 420 -60.49 -30.32 -5.01
N ALA B 421 -60.03 -31.50 -4.60
CA ALA B 421 -59.04 -32.29 -5.37
C ALA B 421 -59.62 -32.58 -6.75
N GLN B 422 -60.83 -33.09 -6.81
CA GLN B 422 -61.50 -33.41 -8.10
C GLN B 422 -61.57 -32.14 -8.97
N ALA B 423 -61.98 -31.00 -8.39
CA ALA B 423 -62.13 -29.68 -9.08
C ALA B 423 -60.78 -29.21 -9.64
N VAL B 424 -59.66 -29.51 -8.98
CA VAL B 424 -58.31 -29.05 -9.45
C VAL B 424 -57.86 -29.95 -10.60
N VAL B 425 -58.32 -31.21 -10.66
CA VAL B 425 -57.91 -32.18 -11.72
C VAL B 425 -58.64 -31.80 -13.02
N LYS B 426 -59.96 -31.59 -12.96
CA LYS B 426 -60.77 -31.10 -14.11
C LYS B 426 -60.11 -29.84 -14.70
N LEU B 427 -59.58 -28.95 -13.85
CA LEU B 427 -59.02 -27.63 -14.28
C LEU B 427 -57.66 -27.87 -14.95
N ALA B 428 -56.83 -28.70 -14.31
CA ALA B 428 -55.48 -29.12 -14.77
C ALA B 428 -55.57 -29.77 -16.15
N GLU B 429 -56.65 -30.51 -16.43
CA GLU B 429 -56.75 -31.50 -17.53
C GLU B 429 -57.46 -30.93 -18.77
N GLY B 430 -58.13 -29.76 -18.65
CA GLY B 430 -58.83 -29.09 -19.76
C GLY B 430 -58.05 -27.90 -20.30
N GLU B 431 -58.77 -26.93 -20.89
CA GLU B 431 -58.34 -25.54 -21.13
C GLU B 431 -56.85 -25.46 -21.48
N GLN B 432 -56.04 -24.84 -20.59
CA GLN B 432 -54.62 -24.44 -20.73
C GLN B 432 -54.48 -23.40 -21.85
N LYS B 433 -54.66 -22.12 -21.51
CA LYS B 433 -54.31 -20.94 -22.35
C LYS B 433 -52.86 -20.54 -22.04
N PRO B 434 -52.15 -19.81 -22.93
CA PRO B 434 -50.80 -19.33 -22.58
C PRO B 434 -50.80 -18.41 -21.35
N LEU B 435 -49.66 -18.30 -20.66
CA LEU B 435 -49.46 -17.47 -19.45
C LEU B 435 -49.12 -16.02 -19.82
N THR B 436 -50.08 -15.07 -19.74
CA THR B 436 -49.86 -13.60 -19.96
C THR B 436 -49.38 -12.95 -18.66
N PHE B 437 -48.53 -11.92 -18.74
CA PHE B 437 -47.92 -11.22 -17.58
C PHE B 437 -48.48 -9.80 -17.51
N ALA B 438 -48.41 -9.19 -16.32
CA ALA B 438 -48.98 -7.85 -16.01
C ALA B 438 -48.21 -6.67 -16.66
N TYR B 439 -47.12 -6.89 -17.38
CA TYR B 439 -46.36 -5.84 -18.10
C TYR B 439 -45.27 -6.53 -18.96
N GLU B 440 -44.73 -5.83 -19.96
CA GLU B 440 -43.60 -6.29 -20.81
C GLU B 440 -42.28 -5.94 -20.13
N THR B 441 -41.24 -6.76 -20.31
CA THR B 441 -39.94 -6.56 -19.63
C THR B 441 -39.35 -5.21 -20.05
N GLU B 442 -39.53 -4.83 -21.32
CA GLU B 442 -38.88 -3.64 -21.92
C GLU B 442 -39.59 -2.33 -21.54
N THR B 443 -40.88 -2.38 -21.20
CA THR B 443 -41.63 -1.28 -20.53
C THR B 443 -40.72 -0.72 -19.44
N LYS B 444 -40.54 0.61 -19.34
CA LYS B 444 -39.76 1.28 -18.25
C LYS B 444 -40.31 0.89 -16.87
N ILE B 445 -39.46 0.78 -15.85
CA ILE B 445 -39.86 0.39 -14.45
C ILE B 445 -41.16 1.11 -14.12
N THR B 446 -41.11 2.45 -14.15
CA THR B 446 -42.21 3.37 -13.74
C THR B 446 -43.54 2.89 -14.32
N ASP B 447 -43.58 2.59 -15.61
CA ASP B 447 -44.79 2.04 -16.28
C ASP B 447 -45.17 0.69 -15.64
N LYS B 448 -44.19 -0.14 -15.29
CA LYS B 448 -44.47 -1.48 -14.70
C LYS B 448 -45.17 -1.25 -13.36
N ILE B 449 -44.74 -0.22 -12.63
CA ILE B 449 -45.36 0.18 -11.33
C ILE B 449 -46.79 0.63 -11.60
N LYS B 450 -47.00 1.53 -12.57
CA LYS B 450 -48.35 2.02 -12.93
C LYS B 450 -49.17 0.82 -13.39
N ALA B 451 -48.59 -0.10 -14.18
CA ALA B 451 -49.32 -1.29 -14.71
C ALA B 451 -49.94 -2.07 -13.55
N ILE B 452 -49.16 -2.52 -12.56
CA ILE B 452 -49.66 -3.39 -11.45
C ILE B 452 -50.72 -2.63 -10.66
N ALA B 453 -50.35 -1.48 -10.10
CA ALA B 453 -51.23 -0.52 -9.38
C ALA B 453 -52.60 -0.34 -10.08
N THR B 454 -52.62 -0.01 -11.38
CA THR B 454 -53.85 0.22 -12.17
C THR B 454 -54.66 -1.07 -12.34
N LYS B 455 -54.04 -2.06 -13.00
CA LYS B 455 -54.71 -3.29 -13.48
C LYS B 455 -55.15 -4.17 -12.30
N LEU B 456 -54.32 -4.37 -11.27
CA LEU B 456 -54.60 -5.37 -10.19
C LEU B 456 -55.11 -4.69 -8.91
N TYR B 457 -54.55 -3.55 -8.52
CA TYR B 457 -54.84 -2.91 -7.20
C TYR B 457 -56.10 -2.03 -7.26
N GLY B 458 -56.42 -1.43 -8.41
CA GLY B 458 -57.54 -0.50 -8.59
C GLY B 458 -57.14 0.93 -8.28
N ALA B 459 -55.85 1.27 -8.37
CA ALA B 459 -55.33 2.65 -8.22
C ALA B 459 -55.75 3.52 -9.41
N ALA B 460 -55.99 4.80 -9.16
CA ALA B 460 -56.34 5.80 -10.20
C ALA B 460 -55.06 6.18 -10.90
N ASP B 461 -54.02 6.46 -10.12
CA ASP B 461 -52.67 6.82 -10.62
C ASP B 461 -51.58 6.39 -9.61
N ILE B 462 -50.38 6.93 -9.82
CA ILE B 462 -49.09 6.53 -9.21
C ILE B 462 -48.34 7.82 -8.94
N GLN B 463 -47.51 7.85 -7.92
CA GLN B 463 -46.67 9.04 -7.63
C GLN B 463 -45.29 8.55 -7.21
N ILE B 464 -44.30 8.75 -8.07
CA ILE B 464 -42.87 8.48 -7.74
C ILE B 464 -42.32 9.70 -6.99
N GLU B 465 -41.89 9.57 -5.74
CA GLU B 465 -41.26 10.68 -4.96
C GLU B 465 -39.78 10.89 -5.38
N SER B 466 -39.20 12.06 -5.06
CA SER B 466 -37.83 12.47 -5.53
C SER B 466 -36.78 11.37 -5.26
N LYS B 467 -36.70 10.87 -4.02
CA LYS B 467 -35.74 9.82 -3.58
C LYS B 467 -35.85 8.64 -4.56
N ALA B 468 -37.08 8.18 -4.82
CA ALA B 468 -37.35 7.06 -5.73
C ALA B 468 -37.10 7.52 -7.17
N ALA B 469 -37.48 8.74 -7.55
CA ALA B 469 -37.26 9.23 -8.94
C ALA B 469 -35.76 9.16 -9.30
N THR B 470 -34.87 9.82 -8.54
CA THR B 470 -33.43 9.86 -8.90
C THR B 470 -32.87 8.41 -8.90
N LYS B 471 -33.23 7.58 -7.93
CA LYS B 471 -32.77 6.15 -7.91
C LYS B 471 -33.25 5.42 -9.18
N LEU B 472 -34.52 5.54 -9.57
CA LEU B 472 -35.05 4.82 -10.76
C LEU B 472 -34.35 5.31 -12.03
N ALA B 473 -34.21 6.61 -12.23
CA ALA B 473 -33.38 7.21 -13.31
C ALA B 473 -31.98 6.56 -13.34
N GLY B 474 -31.29 6.48 -12.20
CA GLY B 474 -30.01 5.75 -12.03
C GLY B 474 -30.11 4.30 -12.51
N PHE B 475 -31.20 3.59 -12.20
CA PHE B 475 -31.37 2.16 -12.54
C PHE B 475 -31.43 2.02 -14.06
N GLU B 476 -32.22 2.85 -14.74
CA GLU B 476 -32.34 2.84 -16.23
C GLU B 476 -30.95 3.15 -16.81
N LYS B 477 -30.28 4.21 -16.34
CA LYS B 477 -28.94 4.66 -16.83
C LYS B 477 -28.01 3.43 -16.89
N ASP B 478 -27.81 2.73 -15.76
CA ASP B 478 -26.82 1.64 -15.54
C ASP B 478 -27.34 0.28 -16.03
N GLY B 479 -28.57 0.18 -16.55
CA GLY B 479 -29.01 -0.89 -17.48
C GLY B 479 -30.01 -1.87 -16.88
N TYR B 480 -30.74 -1.49 -15.81
CA TYR B 480 -31.63 -2.40 -15.04
C TYR B 480 -33.11 -2.22 -15.42
N GLY B 481 -33.42 -1.30 -16.35
CA GLY B 481 -34.78 -0.99 -16.83
C GLY B 481 -35.61 -2.24 -17.05
N LYS B 482 -35.03 -3.28 -17.67
CA LYS B 482 -35.75 -4.51 -18.11
C LYS B 482 -36.15 -5.39 -16.93
N LEU B 483 -35.81 -5.01 -15.70
CA LEU B 483 -35.99 -5.87 -14.49
C LEU B 483 -37.45 -5.85 -14.08
N PRO B 484 -38.04 -6.97 -13.60
CA PRO B 484 -39.39 -6.95 -13.04
C PRO B 484 -39.43 -6.12 -11.75
N VAL B 485 -40.64 -5.79 -11.30
CA VAL B 485 -40.88 -5.01 -10.06
C VAL B 485 -41.46 -5.93 -8.97
N CYS B 486 -41.07 -5.63 -7.73
CA CYS B 486 -41.53 -6.23 -6.47
C CYS B 486 -42.27 -5.16 -5.65
N MET B 487 -43.60 -5.25 -5.49
CA MET B 487 -44.37 -4.25 -4.73
C MET B 487 -44.34 -4.58 -3.23
N ALA B 488 -43.74 -3.68 -2.44
CA ALA B 488 -43.69 -3.73 -0.98
C ALA B 488 -44.70 -2.73 -0.41
N LYS B 489 -45.90 -3.23 -0.16
CA LYS B 489 -47.02 -2.48 0.44
C LYS B 489 -47.55 -3.30 1.60
N THR B 490 -48.57 -2.84 2.28
CA THR B 490 -49.40 -3.66 3.20
C THR B 490 -50.12 -4.77 2.39
N GLN B 491 -50.51 -5.85 3.08
CA GLN B 491 -51.16 -7.02 2.48
C GLN B 491 -52.67 -6.99 2.77
N TYR B 492 -53.08 -6.08 3.66
CA TYR B 492 -54.42 -5.98 4.30
C TYR B 492 -55.38 -5.14 3.45
N SER B 493 -54.84 -4.26 2.60
CA SER B 493 -55.60 -3.51 1.58
C SER B 493 -55.03 -3.83 0.21
N PHE B 494 -55.79 -3.54 -0.84
CA PHE B 494 -55.28 -3.41 -2.24
C PHE B 494 -54.67 -2.03 -2.37
N SER B 495 -55.06 -1.08 -1.50
CA SER B 495 -54.46 0.28 -1.44
C SER B 495 -53.21 0.19 -0.56
N THR B 496 -52.50 1.29 -0.36
CA THR B 496 -51.31 1.31 0.53
C THR B 496 -51.72 1.70 1.95
N ASP B 497 -53.04 1.73 2.24
CA ASP B 497 -53.65 2.07 3.55
C ASP B 497 -54.29 0.82 4.13
N PRO B 498 -53.71 0.20 5.17
CA PRO B 498 -54.20 -1.10 5.67
C PRO B 498 -55.71 -1.14 5.96
N THR B 499 -56.26 -0.02 6.44
CA THR B 499 -57.61 0.08 7.07
C THR B 499 -58.68 0.08 5.97
N LEU B 500 -58.29 0.20 4.72
CA LEU B 500 -59.19 0.21 3.53
C LEU B 500 -59.41 -1.23 3.01
N MET B 501 -60.55 -1.78 3.36
CA MET B 501 -60.93 -3.18 3.03
C MET B 501 -61.86 -3.15 1.81
N GLY B 502 -62.22 -4.36 1.32
CA GLY B 502 -63.00 -4.62 0.09
C GLY B 502 -62.15 -4.69 -1.17
N ALA B 503 -62.69 -4.18 -2.28
CA ALA B 503 -61.99 -3.83 -3.55
C ALA B 503 -62.05 -2.32 -3.75
N PRO B 504 -61.22 -1.56 -2.99
CA PRO B 504 -61.18 -0.11 -3.10
C PRO B 504 -60.58 0.33 -4.44
N SER B 505 -61.08 1.45 -4.98
CA SER B 505 -60.57 2.13 -6.18
C SER B 505 -60.11 3.55 -5.83
N GLY B 506 -59.60 4.28 -6.82
CA GLY B 506 -59.42 5.74 -6.73
C GLY B 506 -58.40 6.12 -5.70
N HIS B 507 -57.65 5.14 -5.19
CA HIS B 507 -56.52 5.40 -4.24
C HIS B 507 -55.27 5.67 -5.09
N LEU B 508 -54.24 6.23 -4.46
CA LEU B 508 -52.94 6.57 -5.07
C LEU B 508 -51.87 5.69 -4.39
N VAL B 509 -51.00 5.06 -5.19
CA VAL B 509 -49.76 4.39 -4.69
C VAL B 509 -48.61 5.41 -4.82
N SER B 510 -48.19 6.04 -3.71
CA SER B 510 -46.93 6.82 -3.60
C SER B 510 -45.77 5.82 -3.51
N VAL B 511 -44.75 5.97 -4.36
CA VAL B 511 -43.44 5.32 -4.13
C VAL B 511 -42.50 6.34 -3.46
N ARG B 512 -42.08 6.01 -2.23
CA ARG B 512 -41.22 6.84 -1.36
C ARG B 512 -39.76 6.41 -1.48
N ASP B 513 -39.53 5.17 -1.89
CA ASP B 513 -38.18 4.56 -1.99
C ASP B 513 -38.24 3.32 -2.87
N VAL B 514 -37.22 3.13 -3.70
CA VAL B 514 -36.94 1.90 -4.49
C VAL B 514 -35.61 1.28 -4.01
N ARG B 515 -35.42 -0.03 -4.13
CA ARG B 515 -34.17 -0.80 -3.78
C ARG B 515 -33.88 -1.74 -4.92
N LEU B 516 -32.63 -2.12 -5.14
CA LEU B 516 -32.21 -2.95 -6.29
C LEU B 516 -31.81 -4.35 -5.81
N SER B 517 -32.58 -5.38 -6.17
CA SER B 517 -32.23 -6.81 -5.91
C SER B 517 -31.73 -7.45 -7.21
N ALA B 518 -30.47 -7.19 -7.57
CA ALA B 518 -29.86 -7.55 -8.86
C ALA B 518 -29.79 -9.06 -8.97
N GLY B 519 -29.40 -9.74 -7.90
CA GLY B 519 -29.15 -11.19 -7.96
C GLY B 519 -30.43 -11.98 -8.06
N ALA B 520 -31.42 -11.64 -7.23
CA ALA B 520 -32.76 -12.24 -7.31
C ALA B 520 -33.38 -11.84 -8.66
N GLY B 521 -33.08 -10.63 -9.15
CA GLY B 521 -33.53 -10.16 -10.47
C GLY B 521 -34.83 -9.36 -10.43
N PHE B 522 -34.95 -8.37 -9.52
CA PHE B 522 -36.13 -7.46 -9.41
C PHE B 522 -35.82 -6.14 -8.67
N VAL B 523 -36.65 -5.14 -8.93
CA VAL B 523 -36.59 -3.82 -8.24
C VAL B 523 -37.63 -3.80 -7.10
N VAL B 524 -37.20 -3.49 -5.89
CA VAL B 524 -38.08 -3.45 -4.71
C VAL B 524 -38.62 -2.03 -4.65
N VAL B 525 -39.92 -1.92 -4.89
CA VAL B 525 -40.65 -0.63 -4.97
C VAL B 525 -41.36 -0.47 -3.62
N ILE B 526 -40.87 0.45 -2.79
CA ILE B 526 -41.36 0.58 -1.39
C ILE B 526 -42.46 1.65 -1.37
N CYS B 527 -43.60 1.28 -0.79
CA CYS B 527 -44.89 2.03 -0.85
C CYS B 527 -45.46 2.28 0.55
N GLY B 528 -45.03 1.54 1.56
CA GLY B 528 -45.46 1.81 2.94
C GLY B 528 -44.28 2.00 3.88
N GLU B 529 -44.52 1.81 5.17
CA GLU B 529 -43.51 1.42 6.16
C GLU B 529 -43.48 -0.10 6.06
N ILE B 530 -42.33 -0.70 5.71
CA ILE B 530 -42.17 -2.18 5.68
C ILE B 530 -41.20 -2.56 6.82
N MET B 531 -41.63 -3.49 7.69
CA MET B 531 -40.87 -3.95 8.88
C MET B 531 -39.95 -5.12 8.48
N THR B 532 -38.67 -4.80 8.29
CA THR B 532 -37.59 -5.74 7.94
C THR B 532 -36.91 -6.28 9.19
N MET B 533 -37.14 -5.68 10.35
CA MET B 533 -36.61 -6.17 11.64
C MET B 533 -37.71 -6.05 12.70
N PRO B 534 -38.60 -7.06 12.81
CA PRO B 534 -39.63 -7.04 13.86
C PRO B 534 -39.05 -7.00 15.30
N GLY B 535 -39.81 -6.35 16.18
CA GLY B 535 -39.57 -6.29 17.64
C GLY B 535 -40.33 -7.37 18.41
N LEU B 536 -39.84 -7.69 19.59
CA LEU B 536 -40.41 -8.71 20.49
C LEU B 536 -41.46 -8.00 21.30
N PRO B 537 -42.55 -8.68 21.69
CA PRO B 537 -43.62 -8.05 22.47
C PRO B 537 -43.14 -7.71 23.87
N LYS B 538 -43.92 -6.96 24.64
CA LYS B 538 -43.60 -6.56 26.04
C LYS B 538 -43.44 -7.85 26.87
N VAL B 539 -44.27 -8.86 26.62
CA VAL B 539 -44.15 -10.20 27.27
C VAL B 539 -43.85 -11.24 26.20
N PRO B 540 -42.55 -11.46 25.91
CA PRO B 540 -42.16 -12.36 24.83
C PRO B 540 -42.45 -13.81 25.21
N ALA B 541 -43.08 -14.56 24.31
CA ALA B 541 -43.29 -16.03 24.43
C ALA B 541 -42.07 -16.68 25.06
N ALA B 542 -40.85 -16.17 24.82
CA ALA B 542 -39.57 -16.72 25.34
C ALA B 542 -39.72 -16.95 26.84
N ASP B 543 -40.27 -15.93 27.51
CA ASP B 543 -40.33 -15.86 28.99
C ASP B 543 -40.82 -17.21 29.54
N THR B 544 -41.68 -17.90 28.78
CA THR B 544 -42.47 -19.07 29.22
C THR B 544 -42.10 -20.29 28.39
N ILE B 545 -41.36 -20.09 27.28
CA ILE B 545 -40.83 -21.21 26.45
C ILE B 545 -39.82 -21.92 27.32
N ARG B 546 -40.08 -23.19 27.57
CA ARG B 546 -39.56 -23.98 28.71
C ARG B 546 -39.19 -25.34 28.16
N LEU B 547 -38.33 -26.07 28.87
CA LEU B 547 -38.23 -27.54 28.71
C LEU B 547 -38.81 -28.22 29.97
N ASP B 548 -39.83 -29.06 29.74
CA ASP B 548 -40.40 -30.12 30.60
C ASP B 548 -39.38 -30.86 31.50
N ALA B 549 -39.90 -31.57 32.50
CA ALA B 549 -39.19 -32.61 33.29
C ALA B 549 -38.83 -33.82 32.42
N ASN B 550 -39.58 -34.04 31.34
CA ASN B 550 -39.38 -35.16 30.37
C ASN B 550 -38.74 -34.66 29.07
N GLY B 551 -38.17 -33.47 29.04
CA GLY B 551 -37.59 -32.88 27.81
C GLY B 551 -38.63 -32.39 26.79
N GLN B 552 -39.93 -32.52 27.00
CA GLN B 552 -40.92 -31.96 26.04
C GLN B 552 -40.86 -30.42 26.09
N ILE B 553 -41.16 -29.76 24.97
CA ILE B 553 -41.10 -28.27 24.84
C ILE B 553 -42.48 -27.75 25.23
N ASP B 554 -42.56 -26.87 26.24
CA ASP B 554 -43.82 -26.14 26.57
C ASP B 554 -43.62 -24.66 26.24
N GLY B 555 -44.69 -23.97 25.82
CA GLY B 555 -44.75 -22.51 25.65
C GLY B 555 -44.56 -22.11 24.20
N LEU B 556 -43.86 -22.91 23.42
CA LEU B 556 -43.58 -22.63 22.00
C LEU B 556 -44.89 -22.50 21.22
N PHE B 557 -45.90 -23.31 21.54
CA PHE B 557 -47.19 -23.40 20.78
C PHE B 557 -48.39 -23.38 21.72
N ALA B 558 -49.52 -22.88 21.22
CA ALA B 558 -50.77 -22.55 21.96
C ALA B 558 -51.64 -23.79 22.25
N PRO C 2 -15.06 52.64 -4.24
CA PRO C 2 -14.22 51.45 -3.95
C PRO C 2 -15.04 50.32 -3.29
N SER C 3 -14.38 49.27 -2.78
CA SER C 3 -15.02 48.21 -1.94
C SER C 3 -15.56 48.79 -0.62
N ASP C 4 -16.66 48.22 -0.10
CA ASP C 4 -17.21 48.60 1.22
C ASP C 4 -16.07 48.72 2.28
N ILE C 5 -15.12 47.77 2.36
CA ILE C 5 -14.06 47.68 3.41
C ILE C 5 -13.00 48.78 3.19
N GLU C 6 -12.67 49.12 1.95
CA GLU C 6 -11.81 50.29 1.62
C GLU C 6 -12.50 51.59 2.14
N ILE C 7 -13.80 51.75 1.87
CA ILE C 7 -14.57 52.95 2.31
C ILE C 7 -14.59 52.99 3.84
N ALA C 8 -14.87 51.84 4.47
CA ALA C 8 -14.92 51.63 5.93
C ALA C 8 -13.59 52.04 6.57
N ARG C 9 -12.49 51.47 6.06
CA ARG C 9 -11.12 51.69 6.62
C ARG C 9 -10.69 53.16 6.44
N ALA C 10 -11.10 53.83 5.37
CA ALA C 10 -10.58 55.18 5.04
C ALA C 10 -11.15 56.21 6.03
N ALA C 11 -12.20 55.85 6.77
CA ALA C 11 -12.94 56.75 7.67
C ALA C 11 -12.12 57.04 8.94
N THR C 12 -12.22 58.26 9.44
CA THR C 12 -11.77 58.61 10.80
C THR C 12 -13.00 58.58 11.72
N LEU C 13 -13.03 57.66 12.69
CA LEU C 13 -14.20 57.46 13.56
C LEU C 13 -14.14 58.39 14.77
N LYS C 14 -15.28 58.91 15.21
CA LYS C 14 -15.40 59.70 16.45
C LYS C 14 -15.13 58.75 17.63
N PRO C 15 -14.42 59.21 18.69
CA PRO C 15 -14.41 58.48 19.96
C PRO C 15 -15.86 58.18 20.32
N ILE C 16 -16.14 56.99 20.81
CA ILE C 16 -17.55 56.52 21.00
C ILE C 16 -18.33 57.46 21.95
N ALA C 17 -17.70 58.06 22.98
CA ALA C 17 -18.41 58.92 23.95
C ALA C 17 -19.02 60.16 23.26
N GLN C 18 -18.45 60.58 22.13
CA GLN C 18 -18.96 61.71 21.29
C GLN C 18 -20.26 61.30 20.60
N VAL C 19 -20.30 60.09 20.02
CA VAL C 19 -21.49 59.53 19.32
C VAL C 19 -22.61 59.42 20.36
N ALA C 20 -22.26 58.86 21.52
CA ALA C 20 -23.12 58.76 22.74
C ALA C 20 -23.79 60.11 23.10
N GLU C 21 -23.01 61.20 23.31
CA GLU C 21 -23.44 62.60 23.57
C GLU C 21 -24.69 62.98 22.75
N LYS C 22 -24.73 62.58 21.47
CA LYS C 22 -25.85 62.85 20.52
C LYS C 22 -27.15 62.20 20.99
N LEU C 23 -27.12 61.28 21.96
CA LEU C 23 -28.34 60.65 22.56
C LEU C 23 -28.42 60.93 24.06
N GLY C 24 -27.72 61.95 24.53
CA GLY C 24 -27.72 62.32 25.95
C GLY C 24 -27.09 61.27 26.86
N ILE C 25 -26.39 60.26 26.33
CA ILE C 25 -25.71 59.23 27.18
C ILE C 25 -24.36 59.80 27.65
N PRO C 26 -24.15 59.96 28.98
CA PRO C 26 -22.83 60.30 29.50
C PRO C 26 -21.81 59.13 29.51
N ASP C 27 -20.52 59.47 29.51
CA ASP C 27 -19.38 58.50 29.42
C ASP C 27 -19.40 57.58 30.64
N GLU C 28 -20.05 57.99 31.74
CA GLU C 28 -20.27 57.15 32.95
C GLU C 28 -21.06 55.88 32.57
N ALA C 29 -22.07 55.98 31.69
CA ALA C 29 -23.00 54.88 31.34
C ALA C 29 -22.39 53.92 30.29
N LEU C 30 -21.13 54.13 29.87
CA LEU C 30 -20.52 53.44 28.71
C LEU C 30 -19.48 52.39 29.14
N HIS C 31 -19.72 51.12 28.78
CA HIS C 31 -18.75 50.00 28.89
C HIS C 31 -18.02 49.83 27.55
N ASN C 32 -16.86 50.47 27.41
CA ASN C 32 -16.07 50.51 26.15
C ASN C 32 -15.61 49.09 25.78
N TYR C 33 -15.61 48.81 24.47
CA TYR C 33 -14.89 47.69 23.80
C TYR C 33 -14.00 48.36 22.77
N GLY C 34 -12.80 48.75 23.23
CA GLY C 34 -11.90 49.66 22.51
C GLY C 34 -12.52 51.03 22.42
N LYS C 35 -12.14 51.81 21.40
CA LYS C 35 -12.50 53.24 21.32
C LYS C 35 -13.85 53.41 20.62
N HIS C 36 -14.19 52.52 19.68
CA HIS C 36 -15.19 52.82 18.62
C HIS C 36 -16.51 52.09 18.90
N ILE C 37 -16.58 51.39 20.05
CA ILE C 37 -17.78 50.65 20.55
C ILE C 37 -17.89 50.86 22.05
N ALA C 38 -19.10 51.08 22.54
CA ALA C 38 -19.46 51.01 23.98
C ALA C 38 -20.80 50.27 24.11
N LYS C 39 -20.97 49.56 25.22
CA LYS C 39 -22.29 49.03 25.68
C LYS C 39 -22.96 50.11 26.55
N ILE C 40 -24.29 50.27 26.44
CA ILE C 40 -25.04 51.21 27.32
C ILE C 40 -25.34 50.46 28.61
N ASP C 41 -25.13 51.12 29.74
CA ASP C 41 -25.16 50.48 31.07
C ASP C 41 -26.60 50.14 31.42
N HIS C 42 -26.80 49.03 32.14
CA HIS C 42 -28.14 48.54 32.51
C HIS C 42 -28.89 49.58 33.38
N ASP C 43 -28.20 50.18 34.35
CA ASP C 43 -28.77 51.15 35.32
C ASP C 43 -29.19 52.43 34.58
N PHE C 44 -28.47 52.76 33.50
CA PHE C 44 -28.80 53.92 32.65
C PHE C 44 -30.05 53.61 31.80
N ILE C 45 -30.21 52.38 31.33
CA ILE C 45 -31.38 51.95 30.49
C ILE C 45 -32.66 51.94 31.36
N ALA C 46 -32.52 51.58 32.63
CA ALA C 46 -33.63 51.48 33.61
C ALA C 46 -34.21 52.87 33.95
N SER C 47 -33.32 53.84 34.12
CA SER C 47 -33.66 55.25 34.42
C SER C 47 -34.43 55.85 33.25
N LEU C 48 -34.53 55.15 32.10
CA LEU C 48 -35.30 55.67 30.92
C LEU C 48 -36.72 55.12 30.92
N GLU C 49 -37.08 54.29 31.90
CA GLU C 49 -38.48 53.80 31.96
C GLU C 49 -39.37 55.02 32.23
N GLY C 50 -40.56 55.06 31.61
CA GLY C 50 -41.56 56.14 31.78
C GLY C 50 -41.23 57.39 30.98
N LYS C 51 -39.97 57.62 30.62
CA LYS C 51 -39.55 58.68 29.63
C LYS C 51 -40.29 58.39 28.33
N PRO C 52 -40.78 59.40 27.55
CA PRO C 52 -41.69 59.15 26.42
C PRO C 52 -41.02 58.75 25.09
N GLU C 53 -41.66 57.82 24.36
CA GLU C 53 -41.14 57.17 23.11
C GLU C 53 -41.17 58.17 21.95
N GLY C 54 -40.21 58.07 21.03
CA GLY C 54 -40.25 58.86 19.78
C GLY C 54 -40.93 58.08 18.68
N LYS C 55 -40.74 58.48 17.44
CA LYS C 55 -41.36 57.79 16.29
C LYS C 55 -40.51 56.56 15.99
N LEU C 56 -41.15 55.48 15.53
CA LEU C 56 -40.50 54.18 15.19
C LEU C 56 -40.67 53.82 13.72
N VAL C 57 -39.58 53.87 12.93
CA VAL C 57 -39.64 53.58 11.45
C VAL C 57 -39.19 52.13 11.13
N LEU C 58 -40.09 51.31 10.59
CA LEU C 58 -39.81 49.92 10.14
C LEU C 58 -39.30 49.95 8.70
N VAL C 59 -38.10 49.44 8.43
CA VAL C 59 -37.58 49.29 7.04
C VAL C 59 -37.73 47.82 6.69
N THR C 60 -38.41 47.51 5.60
CA THR C 60 -38.60 46.13 5.11
C THR C 60 -38.30 46.19 3.63
N ALA C 61 -38.50 45.09 2.90
CA ALA C 61 -38.23 45.03 1.44
C ALA C 61 -39.28 44.19 0.74
N ILE C 62 -39.12 44.12 -0.58
CA ILE C 62 -39.84 43.18 -1.47
C ILE C 62 -39.27 41.77 -1.23
N SER C 63 -39.63 40.77 -2.03
CA SER C 63 -39.20 39.35 -1.89
C SER C 63 -37.72 39.28 -2.28
N PRO C 64 -36.83 38.71 -1.44
CA PRO C 64 -35.42 38.63 -1.80
C PRO C 64 -35.22 38.03 -3.20
N THR C 65 -34.21 38.52 -3.92
CA THR C 65 -33.76 38.04 -5.25
C THR C 65 -32.27 37.77 -5.20
N PRO C 66 -31.69 37.10 -6.23
CA PRO C 66 -30.24 37.10 -6.43
C PRO C 66 -29.62 38.46 -6.81
N ALA C 67 -30.42 39.37 -7.34
CA ALA C 67 -30.01 40.73 -7.76
C ALA C 67 -29.54 41.55 -6.54
N GLY C 68 -30.14 41.32 -5.36
CA GLY C 68 -29.94 42.14 -4.15
C GLY C 68 -30.90 43.32 -4.11
N GLU C 69 -31.24 43.81 -2.91
CA GLU C 69 -32.19 44.93 -2.70
C GLU C 69 -31.59 46.09 -1.90
N GLY C 70 -30.60 45.87 -1.02
CA GLY C 70 -29.94 46.92 -0.23
C GLY C 70 -30.83 47.42 0.91
N LYS C 71 -31.73 46.56 1.41
CA LYS C 71 -32.56 46.82 2.61
C LYS C 71 -31.67 47.54 3.63
N THR C 72 -30.60 46.89 4.08
CA THR C 72 -29.74 47.38 5.19
C THR C 72 -28.99 48.67 4.79
N THR C 73 -28.74 48.91 3.51
CA THR C 73 -28.22 50.21 3.00
C THR C 73 -29.31 51.29 3.18
N THR C 74 -30.59 50.97 2.96
CA THR C 74 -31.69 51.97 3.08
C THR C 74 -31.76 52.43 4.53
N THR C 75 -31.62 51.49 5.45
CA THR C 75 -31.76 51.75 6.90
C THR C 75 -30.67 52.73 7.34
N VAL C 76 -29.41 52.47 7.00
CA VAL C 76 -28.29 53.33 7.48
C VAL C 76 -28.36 54.69 6.74
N GLY C 77 -28.65 54.64 5.43
CA GLY C 77 -29.00 55.82 4.63
C GLY C 77 -30.06 56.60 5.36
N LEU C 78 -31.19 55.97 5.63
CA LEU C 78 -32.41 56.65 6.12
C LEU C 78 -32.09 57.38 7.43
N GLY C 79 -31.28 56.75 8.28
CA GLY C 79 -31.01 57.25 9.65
C GLY C 79 -30.07 58.43 9.65
N ASP C 80 -29.21 58.52 8.62
CA ASP C 80 -28.13 59.52 8.46
C ASP C 80 -28.79 60.79 7.92
N ALA C 81 -29.66 60.57 6.94
CA ALA C 81 -30.47 61.57 6.22
C ALA C 81 -31.39 62.29 7.20
N LEU C 82 -32.02 61.50 8.07
CA LEU C 82 -32.93 61.97 9.15
C LEU C 82 -32.14 62.94 10.01
N ASN C 83 -30.90 62.60 10.39
CA ASN C 83 -29.95 63.46 11.15
C ASN C 83 -29.51 64.67 10.32
N ARG C 84 -29.27 64.54 9.02
CA ARG C 84 -28.91 65.66 8.10
C ARG C 84 -29.99 66.72 8.08
N ILE C 85 -31.26 66.29 8.06
CA ILE C 85 -32.44 67.20 7.94
C ILE C 85 -32.91 67.59 9.34
N GLY C 86 -32.19 67.19 10.40
CA GLY C 86 -32.40 67.70 11.76
C GLY C 86 -33.08 66.73 12.72
N LYS C 87 -33.97 65.84 12.29
CA LYS C 87 -34.50 64.77 13.18
C LYS C 87 -33.33 64.03 13.85
N ARG C 88 -33.36 63.90 15.16
CA ARG C 88 -32.37 63.15 15.97
C ARG C 88 -32.73 61.67 15.87
N ALA C 89 -31.91 60.89 15.15
CA ALA C 89 -32.24 59.50 14.75
C ALA C 89 -31.11 58.54 15.10
N VAL C 90 -31.51 57.32 15.45
CA VAL C 90 -30.64 56.17 15.75
C VAL C 90 -31.12 54.98 14.91
N MET C 91 -30.19 54.30 14.28
CA MET C 91 -30.42 53.03 13.54
C MET C 91 -30.18 51.85 14.49
N CYS C 92 -31.10 50.90 14.56
CA CYS C 92 -30.89 49.59 15.20
C CYS C 92 -30.72 48.55 14.10
N LEU C 93 -29.78 47.61 14.28
CA LEU C 93 -29.46 46.46 13.37
C LEU C 93 -29.15 45.20 14.18
N ARG C 94 -29.09 44.08 13.46
CA ARG C 94 -28.71 42.74 13.97
C ARG C 94 -27.21 42.58 13.78
N GLU C 95 -26.48 42.07 14.78
CA GLU C 95 -25.05 41.60 14.67
C GLU C 95 -25.07 40.36 13.79
N PRO C 96 -24.18 40.23 12.77
CA PRO C 96 -24.10 39.01 11.98
C PRO C 96 -23.34 37.87 12.68
N SER C 97 -23.78 36.65 12.41
CA SER C 97 -23.18 35.35 12.83
C SER C 97 -21.74 35.31 12.36
N LEU C 98 -20.86 34.67 13.13
CA LEU C 98 -19.39 34.56 12.83
C LEU C 98 -19.21 33.51 11.74
N GLY C 99 -19.77 32.32 11.96
CA GLY C 99 -19.54 31.10 11.17
C GLY C 99 -19.65 31.30 9.67
N PRO C 100 -20.74 31.93 9.16
CA PRO C 100 -20.87 32.27 7.75
C PRO C 100 -19.70 33.11 7.19
N CYS C 101 -18.99 33.88 8.00
CA CYS C 101 -17.86 34.72 7.51
C CYS C 101 -16.78 33.82 6.88
N PHE C 102 -16.60 32.61 7.41
CA PHE C 102 -15.52 31.66 7.02
C PHE C 102 -16.03 30.73 5.92
N GLY C 103 -17.35 30.68 5.68
CA GLY C 103 -17.94 29.97 4.52
C GLY C 103 -17.89 30.82 3.26
N MET C 104 -18.86 31.72 3.07
CA MET C 104 -18.80 32.83 2.10
C MET C 104 -18.07 33.93 2.87
N LYS C 105 -17.87 35.13 2.31
CA LYS C 105 -17.16 36.19 3.07
C LYS C 105 -18.14 36.84 4.10
N GLY C 106 -17.63 37.77 4.91
CA GLY C 106 -18.49 38.71 5.66
C GLY C 106 -18.99 39.82 4.77
N GLY C 107 -19.80 40.74 5.31
CA GLY C 107 -20.36 41.92 4.62
C GLY C 107 -20.26 43.17 5.46
N ALA C 108 -20.24 44.34 4.82
CA ALA C 108 -20.51 45.67 5.43
C ALA C 108 -21.88 45.65 6.11
N ALA C 109 -21.99 46.25 7.28
CA ALA C 109 -23.28 46.51 7.96
C ALA C 109 -23.92 47.71 7.24
N GLY C 110 -24.71 47.40 6.20
CA GLY C 110 -25.19 48.35 5.18
C GLY C 110 -24.38 48.27 3.90
N GLY C 111 -23.64 49.34 3.55
CA GLY C 111 -22.70 49.34 2.41
C GLY C 111 -22.64 50.65 1.60
N GLY C 112 -21.58 50.78 0.79
CA GLY C 112 -21.19 52.06 0.20
C GLY C 112 -20.98 53.12 1.27
N LYS C 113 -21.67 54.25 1.13
CA LYS C 113 -21.52 55.42 2.01
C LYS C 113 -22.55 55.33 3.15
N ALA C 114 -23.33 54.23 3.20
CA ALA C 114 -24.34 53.94 4.24
C ALA C 114 -23.90 52.71 5.05
N GLN C 115 -22.81 52.86 5.81
CA GLN C 115 -22.21 51.75 6.62
C GLN C 115 -22.26 52.08 8.11
N VAL C 116 -22.51 51.11 8.96
CA VAL C 116 -22.19 51.23 10.43
C VAL C 116 -20.81 50.61 10.65
N VAL C 117 -20.02 51.17 11.56
CA VAL C 117 -18.56 50.86 11.72
C VAL C 117 -18.15 50.83 13.20
N PRO C 118 -17.08 50.10 13.58
CA PRO C 118 -16.16 49.44 12.63
C PRO C 118 -16.53 48.03 12.13
N MET C 119 -16.25 47.77 10.85
CA MET C 119 -16.78 46.68 9.98
C MET C 119 -16.18 45.32 10.34
N GLU C 120 -14.90 45.30 10.74
CA GLU C 120 -14.18 44.02 11.09
C GLU C 120 -14.79 43.44 12.37
N GLN C 121 -14.86 44.24 13.42
CA GLN C 121 -15.35 43.82 14.75
C GLN C 121 -16.83 43.43 14.63
N ILE C 122 -17.63 44.13 13.83
CA ILE C 122 -19.10 43.80 13.68
C ILE C 122 -19.19 42.39 13.09
N ASN C 123 -18.34 42.06 12.13
CA ASN C 123 -18.37 40.75 11.43
C ASN C 123 -17.70 39.65 12.26
N LEU C 124 -16.86 39.97 13.24
CA LEU C 124 -16.14 38.95 14.04
C LEU C 124 -16.71 38.92 15.46
N HIS C 125 -15.89 38.98 16.53
CA HIS C 125 -16.33 38.70 17.94
C HIS C 125 -17.24 39.82 18.47
N PHE C 126 -17.25 40.98 17.83
CA PHE C 126 -17.92 42.24 18.28
C PHE C 126 -17.71 42.44 19.79
N THR C 127 -18.74 42.33 20.64
CA THR C 127 -18.65 42.53 22.14
C THR C 127 -18.85 41.21 22.89
N GLY C 128 -18.71 40.09 22.18
CA GLY C 128 -18.84 38.72 22.71
C GLY C 128 -20.26 38.33 23.10
N ASP C 129 -21.28 38.87 22.45
CA ASP C 129 -22.72 38.55 22.69
C ASP C 129 -23.07 37.15 22.17
N PHE C 130 -22.68 36.83 20.93
CA PHE C 130 -22.91 35.49 20.32
C PHE C 130 -22.12 34.47 21.15
N HIS C 131 -20.97 34.87 21.69
CA HIS C 131 -20.17 34.04 22.61
C HIS C 131 -20.97 33.77 23.89
N ALA C 132 -21.57 34.80 24.47
CA ALA C 132 -22.31 34.69 25.75
C ALA C 132 -23.49 33.71 25.59
N ILE C 133 -24.22 33.82 24.49
CA ILE C 133 -25.41 33.00 24.13
C ILE C 133 -24.97 31.54 23.98
N THR C 134 -23.92 31.30 23.18
CA THR C 134 -23.29 29.98 23.03
C THR C 134 -23.06 29.42 24.45
N SER C 135 -22.26 30.12 25.28
CA SER C 135 -21.87 29.70 26.65
C SER C 135 -23.12 29.33 27.44
N ALA C 136 -24.14 30.17 27.37
CA ALA C 136 -25.40 30.00 28.09
C ALA C 136 -26.10 28.76 27.52
N HIS C 137 -26.12 28.62 26.22
CA HIS C 137 -26.84 27.49 25.56
C HIS C 137 -26.13 26.21 25.96
N SER C 138 -24.80 26.30 25.99
CA SER C 138 -23.86 25.16 26.19
C SER C 138 -23.85 24.69 27.67
N LEU C 139 -24.24 25.57 28.60
CA LEU C 139 -24.41 25.21 30.03
C LEU C 139 -25.73 24.46 30.20
N ALA C 140 -26.76 24.91 29.50
CA ALA C 140 -28.10 24.27 29.54
C ALA C 140 -27.99 22.79 29.09
N ALA C 141 -27.27 22.52 28.00
CA ALA C 141 -27.02 21.15 27.46
C ALA C 141 -26.27 20.31 28.49
N ALA C 142 -25.18 20.87 29.03
CA ALA C 142 -24.36 20.27 30.11
C ALA C 142 -25.28 19.85 31.25
N LEU C 143 -26.15 20.74 31.69
CA LEU C 143 -26.91 20.55 32.94
C LEU C 143 -27.89 19.41 32.73
N ILE C 144 -28.44 19.32 31.51
CA ILE C 144 -29.44 18.29 31.10
C ILE C 144 -28.75 16.93 31.13
N ASP C 145 -27.63 16.80 30.44
CA ASP C 145 -26.91 15.51 30.41
C ASP C 145 -26.57 15.17 31.87
N ASN C 146 -26.04 16.14 32.65
CA ASN C 146 -25.53 15.96 34.04
C ASN C 146 -26.66 15.38 34.89
N HIS C 147 -27.86 15.91 34.71
CA HIS C 147 -29.07 15.55 35.51
C HIS C 147 -29.37 14.06 35.29
N ILE C 148 -29.20 13.58 34.05
CA ILE C 148 -29.44 12.15 33.68
C ILE C 148 -28.35 11.29 34.32
N TYR C 149 -27.12 11.79 34.32
CA TYR C 149 -25.88 11.06 34.72
C TYR C 149 -26.00 10.60 36.19
N TRP C 150 -26.47 11.48 37.07
CA TRP C 150 -26.28 11.38 38.53
C TRP C 150 -27.44 10.63 39.19
N ALA C 151 -28.63 10.63 38.56
CA ALA C 151 -29.78 9.83 39.04
C ALA C 151 -30.91 9.83 38.02
N ASN C 152 -31.06 10.92 37.28
CA ASN C 152 -32.18 11.17 36.34
C ASN C 152 -33.49 11.19 37.14
N GLU C 153 -33.53 12.05 38.18
CA GLU C 153 -34.70 12.25 39.08
C GLU C 153 -35.92 12.70 38.26
N LEU C 154 -35.72 13.41 37.15
CA LEU C 154 -36.82 13.97 36.34
C LEU C 154 -37.42 12.91 35.42
N ASN C 155 -36.72 11.78 35.23
CA ASN C 155 -37.13 10.68 34.32
C ASN C 155 -37.13 11.18 32.86
N ILE C 156 -36.17 12.02 32.49
CA ILE C 156 -35.94 12.48 31.08
C ILE C 156 -35.71 11.26 30.16
N ASP C 157 -36.37 11.22 29.00
CA ASP C 157 -36.22 10.13 27.98
C ASP C 157 -35.15 10.51 26.95
N VAL C 158 -34.04 9.76 26.89
CA VAL C 158 -32.90 10.09 26.00
C VAL C 158 -33.37 10.05 24.55
N ARG C 159 -34.52 9.47 24.24
CA ARG C 159 -35.06 9.44 22.85
C ARG C 159 -35.95 10.64 22.55
N ARG C 160 -36.17 11.53 23.51
CA ARG C 160 -37.20 12.62 23.45
C ARG C 160 -36.68 13.93 24.05
N ILE C 161 -35.39 14.21 23.93
CA ILE C 161 -34.82 15.54 24.28
C ILE C 161 -34.86 16.43 23.05
N HIS C 162 -35.59 17.55 23.11
CA HIS C 162 -35.77 18.50 21.99
C HIS C 162 -34.57 19.43 21.93
N TRP C 163 -33.97 19.71 23.08
CA TRP C 163 -32.81 20.63 23.19
C TRP C 163 -31.64 20.00 22.45
N ARG C 164 -30.91 20.81 21.67
CA ARG C 164 -29.70 20.42 20.91
C ARG C 164 -28.58 21.34 21.40
N ARG C 165 -27.36 21.14 20.94
CA ARG C 165 -26.27 22.02 21.34
C ARG C 165 -26.05 23.04 20.23
N VAL C 166 -25.05 23.92 20.43
CA VAL C 166 -24.72 25.04 19.51
C VAL C 166 -23.23 25.33 19.53
N VAL C 167 -22.76 25.80 18.38
CA VAL C 167 -21.44 26.45 18.18
C VAL C 167 -21.68 27.51 17.10
N ASP C 168 -20.88 28.59 17.05
CA ASP C 168 -21.06 29.63 15.99
C ASP C 168 -20.16 29.32 14.78
N MET C 169 -20.37 28.17 14.15
CA MET C 169 -19.55 27.67 13.01
C MET C 169 -20.48 26.89 12.08
N ASN C 170 -20.25 27.00 10.78
CA ASN C 170 -20.96 26.21 9.74
C ASN C 170 -20.38 24.81 9.83
N ASP C 171 -20.72 24.00 10.85
CA ASP C 171 -20.08 22.67 11.02
C ASP C 171 -21.08 21.52 10.79
N ARG C 172 -21.10 21.04 9.55
CA ARG C 172 -21.93 19.93 9.04
C ARG C 172 -21.69 18.66 9.85
N ALA C 173 -20.46 18.45 10.32
CA ALA C 173 -20.06 17.24 11.06
C ALA C 173 -20.96 17.01 12.30
N LEU C 174 -21.48 18.09 12.92
CA LEU C 174 -22.18 18.05 14.23
C LEU C 174 -23.71 18.09 14.08
N ARG C 175 -24.27 18.17 12.85
CA ARG C 175 -25.75 18.10 12.67
C ARG C 175 -26.34 16.86 13.35
N ALA C 176 -25.68 15.71 13.27
CA ALA C 176 -26.14 14.47 13.93
C ALA C 176 -24.96 13.77 14.63
N ILE C 177 -25.11 13.50 15.93
CA ILE C 177 -24.04 13.13 16.89
C ILE C 177 -24.55 11.95 17.72
N ASN C 178 -23.65 11.09 18.16
CA ASN C 178 -23.81 10.23 19.37
C ASN C 178 -22.87 10.80 20.42
N GLN C 179 -23.40 11.08 21.61
CA GLN C 179 -22.65 11.64 22.76
C GLN C 179 -22.77 10.72 23.99
N SER C 180 -22.11 11.10 25.08
CA SER C 180 -22.05 10.33 26.33
C SER C 180 -21.55 8.89 26.07
N LEU C 181 -20.61 8.73 25.14
CA LEU C 181 -19.91 7.45 24.85
C LEU C 181 -18.62 7.41 25.69
N GLY C 182 -17.98 6.24 25.78
CA GLY C 182 -16.61 6.09 26.32
C GLY C 182 -16.58 5.32 27.62
N GLY C 183 -17.75 5.06 28.22
CA GLY C 183 -17.97 4.15 29.34
C GLY C 183 -18.78 4.80 30.47
N VAL C 184 -18.68 4.23 31.66
CA VAL C 184 -19.58 4.52 32.79
C VAL C 184 -19.45 5.98 33.17
N ALA C 185 -18.21 6.47 33.34
CA ALA C 185 -17.86 7.81 33.89
C ALA C 185 -18.33 8.94 32.97
N ASN C 186 -18.60 8.63 31.70
CA ASN C 186 -19.04 9.58 30.66
C ASN C 186 -20.56 9.62 30.51
N GLY C 187 -21.27 8.68 31.13
CA GLY C 187 -22.74 8.77 31.23
C GLY C 187 -23.48 7.91 30.22
N PHE C 188 -24.69 8.32 29.85
CA PHE C 188 -25.75 7.52 29.18
C PHE C 188 -25.79 7.88 27.70
N PRO C 189 -25.39 6.95 26.81
CA PRO C 189 -25.37 7.25 25.39
C PRO C 189 -26.75 7.76 24.93
N ARG C 190 -26.74 8.90 24.24
CA ARG C 190 -27.89 9.57 23.57
C ARG C 190 -27.52 9.87 22.11
N GLU C 191 -28.55 10.07 21.28
CA GLU C 191 -28.39 10.76 19.97
C GLU C 191 -28.50 12.27 20.26
N ASP C 192 -27.69 13.06 19.57
CA ASP C 192 -27.67 14.53 19.76
C ASP C 192 -27.29 15.19 18.42
N GLY C 193 -27.43 16.50 18.36
CA GLY C 193 -26.99 17.31 17.21
C GLY C 193 -26.67 18.72 17.68
N PHE C 194 -25.99 19.49 16.83
CA PHE C 194 -25.66 20.92 17.00
C PHE C 194 -26.38 21.75 15.92
N ASP C 195 -26.98 22.87 16.31
CA ASP C 195 -27.33 23.98 15.38
C ASP C 195 -26.24 25.05 15.50
N ILE C 196 -26.23 25.99 14.58
CA ILE C 196 -25.48 27.26 14.79
C ILE C 196 -26.10 28.01 16.00
N THR C 197 -25.25 28.69 16.77
CA THR C 197 -25.64 29.54 17.93
C THR C 197 -26.90 30.36 17.61
N VAL C 198 -27.03 30.85 16.38
CA VAL C 198 -28.06 31.81 15.89
C VAL C 198 -29.44 31.18 16.00
N ALA C 199 -29.53 29.84 15.89
CA ALA C 199 -30.80 29.09 15.75
C ALA C 199 -31.39 28.81 17.13
N SER C 200 -30.62 29.13 18.17
CA SER C 200 -30.97 28.87 19.58
C SER C 200 -32.22 29.67 19.89
N GLU C 201 -33.03 29.19 20.84
CA GLU C 201 -34.21 29.90 21.37
C GLU C 201 -33.71 30.94 22.39
N VAL C 202 -32.50 30.75 22.94
CA VAL C 202 -31.79 31.74 23.83
C VAL C 202 -31.68 33.06 23.06
N MET C 203 -31.16 32.99 21.84
CA MET C 203 -31.09 34.11 20.88
C MET C 203 -32.44 34.82 20.75
N ALA C 204 -33.51 34.10 20.40
CA ALA C 204 -34.85 34.64 20.13
C ALA C 204 -35.44 35.21 21.45
N VAL C 205 -35.18 34.52 22.57
CA VAL C 205 -35.45 35.01 23.94
C VAL C 205 -34.64 36.28 24.24
N PHE C 206 -33.38 36.34 23.90
CA PHE C 206 -32.53 37.53 24.20
C PHE C 206 -33.07 38.75 23.45
N CYS C 207 -33.50 38.54 22.20
CA CYS C 207 -33.97 39.61 21.26
C CYS C 207 -35.38 40.11 21.61
N LEU C 208 -36.03 39.49 22.61
CA LEU C 208 -37.46 39.73 22.99
C LEU C 208 -37.60 40.12 24.47
N ALA C 209 -36.69 39.70 25.36
CA ALA C 209 -36.64 40.12 26.77
C ALA C 209 -36.51 41.65 26.89
N LYS C 210 -37.29 42.21 27.82
CA LYS C 210 -37.41 43.64 28.14
C LYS C 210 -36.31 44.04 29.12
N ASN C 211 -35.90 43.11 29.98
CA ASN C 211 -34.86 43.30 31.04
C ASN C 211 -34.42 41.93 31.57
N LEU C 212 -33.48 41.88 32.49
CA LEU C 212 -32.95 40.60 33.01
C LEU C 212 -34.07 39.80 33.67
N ALA C 213 -35.10 40.41 34.24
CA ALA C 213 -36.15 39.65 34.95
C ALA C 213 -36.93 38.83 33.91
N ASP C 214 -37.29 39.48 32.80
CA ASP C 214 -38.03 38.90 31.66
C ASP C 214 -37.20 37.78 30.99
N LEU C 215 -35.90 38.01 30.77
CA LEU C 215 -34.95 36.99 30.24
C LEU C 215 -35.11 35.68 31.03
N GLU C 216 -34.98 35.74 32.36
CA GLU C 216 -34.96 34.57 33.29
C GLU C 216 -36.28 33.80 33.20
N GLU C 217 -37.39 34.53 33.25
CA GLU C 217 -38.78 33.99 33.15
C GLU C 217 -39.00 33.27 31.81
N ARG C 218 -38.37 33.74 30.75
CA ARG C 218 -38.54 33.22 29.38
C ARG C 218 -37.68 31.96 29.19
N LEU C 219 -36.39 32.03 29.51
CA LEU C 219 -35.50 30.85 29.50
C LEU C 219 -36.25 29.69 30.13
N GLY C 220 -36.86 29.94 31.29
CA GLY C 220 -37.36 28.90 32.21
C GLY C 220 -38.62 28.23 31.71
N ARG C 221 -39.29 28.84 30.73
CA ARG C 221 -40.51 28.28 30.12
C ARG C 221 -40.14 27.45 28.90
N ILE C 222 -38.85 27.46 28.49
CA ILE C 222 -38.42 26.66 27.31
C ILE C 222 -38.61 25.18 27.64
N VAL C 223 -39.32 24.41 26.80
CA VAL C 223 -39.45 22.93 26.99
C VAL C 223 -38.22 22.28 26.33
N ILE C 224 -37.41 21.55 27.10
CA ILE C 224 -36.09 21.00 26.66
C ILE C 224 -36.17 19.48 26.41
N ALA C 225 -37.06 18.74 27.07
CA ALA C 225 -37.28 17.31 26.77
C ALA C 225 -38.71 16.88 27.11
N GLU C 226 -38.94 15.57 27.13
CA GLU C 226 -40.06 14.91 27.82
C GLU C 226 -39.53 13.77 28.72
N THR C 227 -40.24 13.47 29.81
CA THR C 227 -40.04 12.25 30.62
C THR C 227 -40.46 11.05 29.78
N ARG C 228 -40.16 9.82 30.23
CA ARG C 228 -40.53 8.58 29.49
C ARG C 228 -42.05 8.48 29.31
N ASP C 229 -42.82 8.89 30.32
CA ASP C 229 -44.30 8.95 30.31
C ASP C 229 -44.77 10.29 29.72
N ARG C 230 -43.89 11.02 29.04
CA ARG C 230 -44.29 12.09 28.08
C ARG C 230 -44.61 13.41 28.79
N LYS C 231 -44.40 13.54 30.10
CA LYS C 231 -44.49 14.85 30.81
C LYS C 231 -43.38 15.78 30.30
N PRO C 232 -43.73 17.03 29.92
CA PRO C 232 -42.72 18.00 29.47
C PRO C 232 -41.81 18.49 30.60
N VAL C 233 -40.54 18.74 30.29
CA VAL C 233 -39.49 19.14 31.27
C VAL C 233 -38.85 20.45 30.78
N THR C 234 -38.85 21.50 31.59
CA THR C 234 -38.38 22.86 31.18
C THR C 234 -36.97 23.15 31.71
N LEU C 235 -36.30 24.20 31.20
CA LEU C 235 -34.99 24.68 31.74
C LEU C 235 -35.09 25.04 33.22
N ALA C 236 -36.29 25.32 33.75
CA ALA C 236 -36.50 25.62 35.18
C ALA C 236 -36.32 24.30 35.94
N ASP C 237 -36.86 23.20 35.39
CA ASP C 237 -36.77 21.85 36.03
C ASP C 237 -35.32 21.41 36.21
N VAL C 238 -34.37 21.96 35.46
CA VAL C 238 -32.92 21.62 35.56
C VAL C 238 -32.13 22.80 36.12
N LYS C 239 -32.81 23.87 36.54
CA LYS C 239 -32.24 24.96 37.40
C LYS C 239 -31.07 25.60 36.69
N ALA C 240 -31.24 25.80 35.40
CA ALA C 240 -30.29 26.46 34.46
C ALA C 240 -30.47 27.98 34.45
N THR C 241 -31.73 28.44 34.52
CA THR C 241 -32.19 29.80 34.12
C THR C 241 -31.30 30.88 34.75
N GLY C 242 -31.11 30.86 36.07
CA GLY C 242 -30.29 31.88 36.77
C GLY C 242 -28.90 32.06 36.18
N ALA C 243 -28.16 30.97 35.99
CA ALA C 243 -26.77 30.99 35.50
C ALA C 243 -26.71 31.36 34.00
N MET C 244 -27.63 30.84 33.17
CA MET C 244 -27.82 31.35 31.78
C MET C 244 -27.90 32.88 31.82
N THR C 245 -28.69 33.45 32.75
CA THR C 245 -28.96 34.90 32.86
C THR C 245 -27.70 35.64 33.29
N VAL C 246 -26.98 35.03 34.22
CA VAL C 246 -25.73 35.61 34.79
C VAL C 246 -24.71 35.76 33.65
N LEU C 247 -24.59 34.75 32.78
CA LEU C 247 -23.65 34.70 31.63
C LEU C 247 -24.09 35.69 30.55
N LEU C 248 -25.38 36.02 30.53
CA LEU C 248 -26.04 36.88 29.50
C LEU C 248 -26.19 38.32 30.02
N LYS C 249 -25.81 38.60 31.28
CA LYS C 249 -25.94 39.94 31.92
C LYS C 249 -25.27 41.04 31.08
N ASP C 250 -23.94 41.03 30.93
CA ASP C 250 -23.23 42.07 30.15
C ASP C 250 -23.83 42.17 28.75
N ALA C 251 -24.13 41.03 28.12
CA ALA C 251 -24.51 40.90 26.71
C ALA C 251 -25.84 41.59 26.43
N LEU C 252 -26.76 41.58 27.38
CA LEU C 252 -28.13 42.14 27.16
C LEU C 252 -28.08 43.67 27.06
N GLN C 253 -26.94 44.30 27.40
CA GLN C 253 -26.71 45.74 27.17
C GLN C 253 -26.46 45.99 25.69
N PRO C 254 -27.22 46.86 25.01
CA PRO C 254 -27.04 47.08 23.57
C PRO C 254 -25.66 47.70 23.30
N ASN C 255 -25.06 47.35 22.14
CA ASN C 255 -23.75 47.86 21.67
C ASN C 255 -24.02 49.10 20.82
N LEU C 256 -23.50 50.24 21.30
CA LEU C 256 -23.52 51.56 20.62
C LEU C 256 -22.36 51.58 19.63
N VAL C 257 -22.68 51.83 18.36
CA VAL C 257 -21.68 52.10 17.28
C VAL C 257 -22.14 53.38 16.56
N GLN C 258 -21.46 53.76 15.47
CA GLN C 258 -21.76 54.95 14.63
C GLN C 258 -21.88 54.58 13.15
N THR C 259 -22.38 55.52 12.32
CA THR C 259 -22.30 55.50 10.82
C THR C 259 -21.02 56.21 10.35
N LEU C 260 -20.68 56.14 9.06
CA LEU C 260 -19.52 56.86 8.45
C LEU C 260 -19.71 58.36 8.61
N GLU C 261 -20.91 58.79 9.01
CA GLU C 261 -21.25 60.22 9.29
C GLU C 261 -21.34 60.52 10.80
N GLY C 262 -21.09 59.57 11.71
CA GLY C 262 -20.91 59.84 13.16
C GLY C 262 -22.22 59.89 13.92
N ASN C 263 -23.30 59.45 13.28
CA ASN C 263 -24.70 59.39 13.82
C ASN C 263 -24.83 58.06 14.51
N PRO C 264 -25.62 57.96 15.60
CA PRO C 264 -25.56 56.79 16.47
C PRO C 264 -26.28 55.58 15.86
N ALA C 265 -25.72 54.39 16.12
CA ALA C 265 -26.17 53.10 15.58
C ALA C 265 -26.15 52.08 16.70
N LEU C 266 -27.27 51.38 16.92
CA LEU C 266 -27.40 50.24 17.86
C LEU C 266 -27.40 48.93 17.07
N ILE C 267 -26.57 48.00 17.51
CA ILE C 267 -26.42 46.63 16.98
C ILE C 267 -26.47 45.71 18.19
N HIS C 268 -27.44 44.80 18.20
CA HIS C 268 -27.74 43.93 19.34
C HIS C 268 -28.74 42.88 18.86
N GLY C 269 -28.40 41.60 18.95
CA GLY C 269 -29.28 40.50 18.52
C GLY C 269 -29.03 40.12 17.06
N GLY C 270 -29.53 38.95 16.66
CA GLY C 270 -29.28 38.36 15.34
C GLY C 270 -29.93 36.99 15.20
N PRO C 271 -31.25 36.87 15.47
CA PRO C 271 -31.95 35.60 15.31
C PRO C 271 -32.26 35.32 13.85
N PHE C 272 -32.61 34.09 13.50
CA PHE C 272 -33.07 33.75 12.13
C PHE C 272 -34.40 34.45 11.86
N ALA C 273 -34.77 34.56 10.59
CA ALA C 273 -36.03 35.18 10.14
C ALA C 273 -37.02 34.14 9.60
N ASN C 274 -36.63 32.86 9.55
CA ASN C 274 -37.54 31.73 9.16
C ASN C 274 -38.00 31.01 10.44
N ILE C 275 -37.10 30.45 11.25
CA ILE C 275 -37.50 29.73 12.51
C ILE C 275 -37.53 30.68 13.70
N ALA C 276 -37.26 31.97 13.50
CA ALA C 276 -37.49 33.04 14.50
C ALA C 276 -38.10 34.27 13.80
N HIS C 277 -38.08 35.42 14.50
CA HIS C 277 -38.89 36.65 14.23
C HIS C 277 -38.10 37.67 13.41
N GLY C 278 -36.82 37.38 13.20
CA GLY C 278 -35.89 38.07 12.30
C GLY C 278 -35.58 39.52 12.69
N CYS C 279 -35.64 39.90 13.98
CA CYS C 279 -35.54 41.32 14.41
C CYS C 279 -34.36 41.56 15.35
N ASN C 280 -33.93 42.82 15.48
CA ASN C 280 -32.85 43.17 16.46
C ASN C 280 -33.49 43.16 17.87
N SER C 281 -32.71 43.30 18.93
CA SER C 281 -33.18 43.10 20.32
C SER C 281 -34.25 44.16 20.66
N VAL C 282 -35.19 43.78 21.51
CA VAL C 282 -36.30 44.67 21.99
C VAL C 282 -35.63 45.74 22.84
N ILE C 283 -34.71 45.36 23.74
CA ILE C 283 -33.87 46.29 24.55
C ILE C 283 -33.23 47.39 23.65
N ALA C 284 -32.70 47.02 22.50
CA ALA C 284 -32.06 48.00 21.60
C ALA C 284 -33.13 49.03 21.17
N THR C 285 -34.20 48.61 20.51
CA THR C 285 -35.14 49.52 19.81
C THR C 285 -35.91 50.36 20.84
N ARG C 286 -36.13 49.78 22.01
CA ARG C 286 -36.80 50.44 23.16
C ARG C 286 -35.87 51.55 23.67
N THR C 287 -34.59 51.26 23.94
CA THR C 287 -33.57 52.27 24.33
C THR C 287 -33.50 53.37 23.26
N GLY C 288 -33.39 53.01 21.98
CA GLY C 288 -33.39 53.96 20.84
C GLY C 288 -34.54 54.96 20.93
N LEU C 289 -35.77 54.46 21.02
CA LEU C 289 -37.02 55.27 21.06
C LEU C 289 -36.97 56.37 22.13
N ARG C 290 -36.32 56.12 23.27
CA ARG C 290 -36.31 57.01 24.46
C ARG C 290 -35.08 57.91 24.47
N LEU C 291 -34.20 57.80 23.49
CA LEU C 291 -32.99 58.66 23.39
C LEU C 291 -33.03 59.48 22.10
N ALA C 292 -33.99 59.23 21.21
CA ALA C 292 -34.02 59.71 19.80
C ALA C 292 -35.44 60.12 19.45
N ASP C 293 -35.60 60.97 18.44
CA ASP C 293 -36.92 61.44 17.91
C ASP C 293 -37.46 60.36 16.98
N TYR C 294 -36.58 59.95 16.07
CA TYR C 294 -36.81 58.89 15.06
C TYR C 294 -35.86 57.75 15.37
N THR C 295 -36.38 56.51 15.29
CA THR C 295 -35.64 55.25 15.59
C THR C 295 -35.89 54.27 14.43
N VAL C 296 -34.87 54.02 13.59
CA VAL C 296 -34.93 53.14 12.37
C VAL C 296 -34.43 51.71 12.69
N THR C 297 -35.28 50.70 12.45
CA THR C 297 -34.98 49.25 12.67
C THR C 297 -35.54 48.47 11.48
N GLU C 298 -34.91 47.35 11.11
CA GLU C 298 -35.37 46.48 9.99
C GLU C 298 -35.67 45.10 10.53
N ALA C 299 -36.36 44.26 9.73
CA ALA C 299 -36.55 42.81 9.93
C ALA C 299 -36.21 42.06 8.63
N GLY C 300 -35.57 40.89 8.78
CA GLY C 300 -35.00 40.01 7.75
C GLY C 300 -36.02 39.54 6.71
N PHE C 301 -35.53 39.24 5.51
CA PHE C 301 -36.37 38.88 4.34
C PHE C 301 -37.37 40.02 4.08
N GLY C 302 -38.30 39.80 3.14
CA GLY C 302 -39.31 40.81 2.74
C GLY C 302 -40.39 40.96 3.78
N ALA C 303 -41.42 41.74 3.49
CA ALA C 303 -42.52 42.08 4.43
C ALA C 303 -43.56 40.94 4.56
N ASP C 304 -43.51 39.92 3.69
CA ASP C 304 -44.29 38.65 3.83
C ASP C 304 -43.83 37.87 5.08
N LEU C 305 -42.56 38.04 5.49
CA LEU C 305 -41.98 37.37 6.68
C LEU C 305 -41.51 38.42 7.72
N GLY C 306 -40.29 38.97 7.59
CA GLY C 306 -39.69 39.93 8.55
C GLY C 306 -40.71 40.93 9.08
N ALA C 307 -41.39 41.68 8.19
CA ALA C 307 -42.38 42.72 8.55
C ALA C 307 -43.51 42.07 9.35
N GLU C 308 -44.07 40.98 8.81
CA GLU C 308 -45.22 40.25 9.40
C GLU C 308 -44.89 39.86 10.85
N LYS C 309 -43.78 39.13 11.02
CA LYS C 309 -43.22 38.72 12.34
C LYS C 309 -42.90 39.95 13.20
N PHE C 310 -42.22 40.96 12.64
CA PHE C 310 -41.89 42.22 13.36
C PHE C 310 -43.12 42.86 14.01
N ILE C 311 -44.29 42.74 13.36
CA ILE C 311 -45.61 43.26 13.82
C ILE C 311 -46.35 42.21 14.67
N ASP C 312 -46.48 40.96 14.22
CA ASP C 312 -47.36 39.99 14.93
C ASP C 312 -46.61 39.32 16.08
N ILE C 313 -45.27 39.36 16.07
CA ILE C 313 -44.49 38.83 17.22
C ILE C 313 -43.97 40.03 18.01
N LYS C 314 -43.11 40.87 17.44
CA LYS C 314 -42.36 41.87 18.23
C LYS C 314 -43.36 42.91 18.81
N CYS C 315 -43.94 43.79 17.98
CA CYS C 315 -44.87 44.87 18.39
C CYS C 315 -45.96 44.27 19.28
N ARG C 316 -46.48 43.09 18.91
CA ARG C 316 -47.62 42.43 19.59
C ARG C 316 -47.23 42.10 21.04
N GLN C 317 -46.02 41.60 21.28
CA GLN C 317 -45.56 41.10 22.61
C GLN C 317 -45.19 42.30 23.50
N THR C 318 -44.78 43.41 22.87
CA THR C 318 -43.94 44.46 23.50
C THR C 318 -44.73 45.76 23.68
N GLY C 319 -45.69 46.05 22.80
CA GLY C 319 -46.60 47.20 22.89
C GLY C 319 -46.31 48.25 21.83
N LEU C 320 -45.34 47.99 20.93
CA LEU C 320 -44.75 48.96 19.99
C LEU C 320 -45.64 49.09 18.75
N LYS C 321 -45.64 50.25 18.10
CA LYS C 321 -46.37 50.46 16.82
C LYS C 321 -45.46 51.31 15.94
N PRO C 322 -45.08 50.85 14.74
CA PRO C 322 -44.33 51.68 13.80
C PRO C 322 -45.12 52.94 13.37
N SER C 323 -44.46 54.08 13.38
CA SER C 323 -45.05 55.37 12.97
C SER C 323 -45.23 55.36 11.46
N SER C 324 -44.33 54.64 10.75
CA SER C 324 -44.28 54.52 9.27
C SER C 324 -43.39 53.35 8.88
N VAL C 325 -43.60 52.83 7.65
CA VAL C 325 -42.92 51.67 7.03
C VAL C 325 -42.35 52.13 5.69
N VAL C 326 -41.12 51.69 5.39
CA VAL C 326 -40.38 51.90 4.11
C VAL C 326 -40.19 50.51 3.45
N ILE C 327 -40.72 50.28 2.26
CA ILE C 327 -40.52 48.95 1.61
C ILE C 327 -39.44 49.16 0.56
N VAL C 328 -38.27 48.55 0.77
CA VAL C 328 -37.09 48.77 -0.12
C VAL C 328 -37.30 47.96 -1.42
N ALA C 329 -36.92 48.53 -2.56
CA ALA C 329 -37.02 47.92 -3.90
C ALA C 329 -35.89 48.44 -4.79
N THR C 330 -35.36 47.56 -5.64
CA THR C 330 -34.41 47.91 -6.73
C THR C 330 -35.08 47.47 -8.02
N ILE C 331 -34.86 48.23 -9.09
CA ILE C 331 -35.29 47.91 -10.48
C ILE C 331 -34.81 46.49 -10.81
N ARG C 332 -33.54 46.18 -10.52
CA ARG C 332 -32.90 44.89 -10.87
C ARG C 332 -33.68 43.70 -10.30
N ALA C 333 -34.20 43.82 -9.07
CA ALA C 333 -34.98 42.80 -8.33
C ALA C 333 -36.38 42.63 -8.93
N LEU C 334 -37.10 43.74 -9.12
CA LEU C 334 -38.44 43.72 -9.75
C LEU C 334 -38.35 43.08 -11.13
N LYS C 335 -37.43 43.54 -11.98
CA LYS C 335 -37.16 42.93 -13.31
C LYS C 335 -36.99 41.42 -13.11
N MET C 336 -36.13 40.99 -12.18
CA MET C 336 -35.92 39.55 -11.89
C MET C 336 -37.26 38.86 -11.61
N HIS C 337 -38.20 39.54 -10.93
CA HIS C 337 -39.58 39.04 -10.62
C HIS C 337 -40.43 39.00 -11.88
N GLY C 338 -40.00 39.74 -12.91
CA GLY C 338 -40.65 39.81 -14.23
C GLY C 338 -40.23 38.65 -15.14
N GLY C 339 -39.33 37.78 -14.69
CA GLY C 339 -38.84 36.61 -15.45
C GLY C 339 -37.39 36.76 -15.89
N VAL C 340 -36.79 37.92 -15.66
CA VAL C 340 -35.43 38.26 -16.18
C VAL C 340 -34.39 37.53 -15.33
N ASN C 341 -33.51 36.76 -15.96
CA ASN C 341 -32.49 36.00 -15.21
C ASN C 341 -31.43 37.00 -14.73
N LYS C 342 -30.66 36.61 -13.70
CA LYS C 342 -29.57 37.41 -13.07
C LYS C 342 -28.72 38.06 -14.17
N LYS C 343 -28.47 37.29 -15.24
CA LYS C 343 -27.42 37.56 -16.24
C LYS C 343 -27.83 38.78 -17.09
N ASP C 344 -29.13 38.98 -17.34
CA ASP C 344 -29.64 39.97 -18.33
C ASP C 344 -30.36 41.13 -17.62
N LEU C 345 -29.65 41.87 -16.75
CA LEU C 345 -30.26 42.93 -15.92
C LEU C 345 -29.80 44.34 -16.32
N GLN C 346 -28.78 44.44 -17.18
CA GLN C 346 -28.05 45.69 -17.55
C GLN C 346 -28.91 46.58 -18.45
N ALA C 347 -29.52 45.98 -19.46
CA ALA C 347 -30.35 46.66 -20.49
C ALA C 347 -31.68 47.04 -19.84
N GLU C 348 -32.21 48.22 -20.17
CA GLU C 348 -33.60 48.67 -19.85
C GLU C 348 -34.54 47.51 -20.17
N ASN C 349 -35.56 47.29 -19.35
CA ASN C 349 -36.56 46.23 -19.62
C ASN C 349 -37.95 46.84 -19.44
N LEU C 350 -38.74 46.68 -20.49
CA LEU C 350 -40.02 47.41 -20.70
C LEU C 350 -41.04 46.90 -19.67
N ASP C 351 -41.30 45.60 -19.70
CA ASP C 351 -42.48 44.93 -19.07
C ASP C 351 -42.04 44.19 -17.82
N ALA C 352 -40.82 43.66 -17.82
CA ALA C 352 -40.26 42.93 -16.66
C ALA C 352 -40.69 43.69 -15.40
N LEU C 353 -40.38 45.00 -15.38
CA LEU C 353 -40.66 45.94 -14.26
C LEU C 353 -42.15 45.92 -13.89
N GLU C 354 -43.05 45.92 -14.88
CA GLU C 354 -44.52 46.00 -14.67
C GLU C 354 -45.09 44.67 -14.14
N LYS C 355 -44.56 43.50 -14.53
CA LYS C 355 -45.13 42.20 -14.08
C LYS C 355 -44.48 41.83 -12.74
N GLY C 356 -43.21 42.21 -12.54
CA GLY C 356 -42.45 42.11 -11.27
C GLY C 356 -42.97 43.04 -10.18
N PHE C 357 -43.53 44.20 -10.57
CA PHE C 357 -44.18 45.21 -9.69
C PHE C 357 -45.28 44.54 -8.81
N ALA C 358 -45.99 43.53 -9.33
CA ALA C 358 -47.06 42.79 -8.62
C ALA C 358 -46.52 42.25 -7.29
N ASN C 359 -45.22 41.91 -7.23
CA ASN C 359 -44.54 41.44 -5.99
C ASN C 359 -44.60 42.58 -4.99
N LEU C 360 -44.25 43.80 -5.41
CA LEU C 360 -44.31 45.04 -4.55
C LEU C 360 -45.78 45.42 -4.30
N GLU C 361 -46.67 45.16 -5.29
CA GLU C 361 -48.13 45.47 -5.29
C GLU C 361 -48.82 44.74 -4.12
N ARG C 362 -48.33 43.56 -3.73
CA ARG C 362 -48.91 42.70 -2.66
C ARG C 362 -48.25 43.01 -1.31
N HIS C 363 -46.95 43.39 -1.33
CA HIS C 363 -46.20 43.90 -0.14
C HIS C 363 -46.87 45.18 0.40
N VAL C 364 -47.05 46.23 -0.42
CA VAL C 364 -47.67 47.53 0.04
C VAL C 364 -49.06 47.25 0.63
N ASN C 365 -49.92 46.56 -0.13
CA ASN C 365 -51.28 46.12 0.29
C ASN C 365 -51.20 45.37 1.63
N ASN C 366 -50.27 44.42 1.73
CA ASN C 366 -50.01 43.59 2.95
C ASN C 366 -49.69 44.50 4.15
N VAL C 367 -48.73 45.44 4.04
CA VAL C 367 -48.31 46.32 5.18
C VAL C 367 -49.53 47.16 5.58
N ARG C 368 -50.16 47.85 4.62
CA ARG C 368 -51.40 48.67 4.83
C ARG C 368 -52.44 47.89 5.64
N SER C 369 -52.62 46.59 5.35
CA SER C 369 -53.62 45.69 6.01
C SER C 369 -53.44 45.67 7.53
N PHE C 370 -52.36 46.29 8.04
CA PHE C 370 -52.03 46.40 9.50
C PHE C 370 -52.32 47.82 10.00
N GLY C 371 -52.57 48.78 9.09
CA GLY C 371 -52.93 50.17 9.41
C GLY C 371 -51.67 51.02 9.52
N LEU C 372 -50.76 50.85 8.58
CA LEU C 372 -49.42 51.47 8.66
C LEU C 372 -49.16 52.27 7.38
N PRO C 373 -48.69 53.53 7.52
CA PRO C 373 -48.32 54.34 6.36
C PRO C 373 -47.05 53.76 5.75
N VAL C 374 -47.02 53.63 4.42
CA VAL C 374 -45.91 53.02 3.62
C VAL C 374 -45.33 54.08 2.68
N VAL C 375 -44.04 53.98 2.39
CA VAL C 375 -43.37 54.69 1.26
C VAL C 375 -42.39 53.68 0.64
N VAL C 376 -42.34 53.61 -0.71
CA VAL C 376 -41.44 52.68 -1.46
C VAL C 376 -40.09 53.37 -1.64
N GLY C 377 -39.06 52.85 -1.00
CA GLY C 377 -37.70 53.33 -1.24
C GLY C 377 -37.14 52.54 -2.39
N VAL C 378 -36.77 53.18 -3.48
CA VAL C 378 -36.12 52.46 -4.59
C VAL C 378 -34.63 52.83 -4.51
N ASN C 379 -33.82 51.87 -4.10
CA ASN C 379 -32.35 51.97 -4.05
C ASN C 379 -31.82 51.94 -5.48
N HIS C 380 -31.35 53.10 -5.96
CA HIS C 380 -30.86 53.35 -7.34
C HIS C 380 -29.67 52.45 -7.69
N PHE C 381 -29.48 52.16 -8.98
CA PHE C 381 -28.23 51.59 -9.54
C PHE C 381 -27.94 52.26 -10.90
N PHE C 382 -26.66 52.49 -11.24
CA PHE C 382 -26.22 53.30 -12.42
C PHE C 382 -26.58 52.59 -13.73
N GLN C 383 -27.23 51.41 -13.67
CA GLN C 383 -27.85 50.72 -14.83
C GLN C 383 -29.27 51.26 -15.07
N ASP C 384 -29.90 51.78 -14.04
CA ASP C 384 -31.34 52.14 -14.07
C ASP C 384 -31.51 53.35 -14.97
N THR C 385 -32.32 53.20 -16.01
CA THR C 385 -32.63 54.25 -17.01
C THR C 385 -33.57 55.31 -16.40
N ASP C 386 -33.68 56.47 -17.05
CA ASP C 386 -34.62 57.55 -16.66
C ASP C 386 -36.07 57.13 -16.97
N ALA C 387 -36.29 56.06 -17.76
CA ALA C 387 -37.65 55.56 -18.09
C ALA C 387 -38.09 54.50 -17.06
N GLU C 388 -37.16 53.64 -16.65
CA GLU C 388 -37.39 52.55 -15.66
C GLU C 388 -37.83 53.15 -14.31
N HIS C 389 -37.10 54.14 -13.78
CA HIS C 389 -37.42 54.84 -12.51
C HIS C 389 -38.73 55.62 -12.66
N ALA C 390 -38.93 56.28 -13.80
CA ALA C 390 -40.13 57.09 -14.11
C ALA C 390 -41.35 56.15 -14.19
N ARG C 391 -41.18 54.98 -14.79
CA ARG C 391 -42.23 53.94 -14.97
C ARG C 391 -42.71 53.48 -13.60
N LEU C 392 -41.76 53.08 -12.73
CA LEU C 392 -42.04 52.50 -11.38
C LEU C 392 -42.90 53.47 -10.58
N LYS C 393 -42.66 54.78 -10.72
CA LYS C 393 -43.38 55.84 -9.98
C LYS C 393 -44.84 55.93 -10.43
N GLU C 394 -45.07 55.97 -11.75
CA GLU C 394 -46.42 55.79 -12.37
C GLU C 394 -47.14 54.61 -11.70
N LEU C 395 -46.59 53.39 -11.81
CA LEU C 395 -47.30 52.17 -11.33
C LEU C 395 -47.70 52.35 -9.85
N CYS C 396 -46.83 53.02 -9.08
CA CYS C 396 -47.00 53.31 -7.63
C CYS C 396 -48.10 54.36 -7.42
N ARG C 397 -48.13 55.38 -8.29
CA ARG C 397 -49.12 56.48 -8.26
C ARG C 397 -50.51 55.93 -8.54
N ASP C 398 -50.68 55.14 -9.62
CA ASP C 398 -51.99 54.69 -10.15
C ASP C 398 -52.52 53.48 -9.38
N ARG C 399 -51.77 52.36 -9.42
CA ARG C 399 -52.17 51.00 -8.96
C ARG C 399 -52.30 50.95 -7.42
N LEU C 400 -51.30 51.48 -6.72
CA LEU C 400 -51.38 51.81 -5.28
C LEU C 400 -51.62 53.32 -5.21
N GLN C 401 -51.74 53.91 -4.03
CA GLN C 401 -51.80 55.38 -3.89
C GLN C 401 -50.51 55.80 -3.19
N VAL C 402 -49.36 55.29 -3.67
CA VAL C 402 -48.09 55.18 -2.90
C VAL C 402 -46.97 55.95 -3.61
N GLU C 403 -46.11 56.60 -2.84
CA GLU C 403 -44.93 57.35 -3.34
C GLU C 403 -43.72 56.40 -3.45
N ALA C 404 -42.99 56.50 -4.58
CA ALA C 404 -41.77 55.74 -4.88
C ALA C 404 -40.58 56.72 -4.98
N ILE C 405 -39.81 56.89 -3.90
CA ILE C 405 -38.68 57.86 -3.80
C ILE C 405 -37.34 57.20 -4.14
N THR C 406 -36.60 57.80 -5.06
CA THR C 406 -35.27 57.34 -5.56
C THR C 406 -34.21 57.63 -4.48
N CYS C 407 -33.42 56.63 -4.07
CA CYS C 407 -32.43 56.74 -2.97
C CYS C 407 -31.02 56.47 -3.51
N LYS C 408 -30.16 57.49 -3.47
CA LYS C 408 -28.76 57.45 -3.97
C LYS C 408 -27.79 57.50 -2.78
N HIS C 409 -28.23 57.06 -1.60
CA HIS C 409 -27.46 57.07 -0.34
C HIS C 409 -26.22 56.15 -0.42
N TRP C 410 -26.24 55.12 -1.27
CA TRP C 410 -25.11 54.17 -1.46
C TRP C 410 -23.88 54.95 -1.97
N ALA C 411 -24.06 55.76 -3.02
CA ALA C 411 -22.98 56.50 -3.71
C ALA C 411 -22.77 57.88 -3.07
N GLU C 412 -23.87 58.58 -2.79
CA GLU C 412 -23.82 60.01 -2.42
C GLU C 412 -23.56 60.12 -0.91
N GLY C 413 -24.14 59.22 -0.12
CA GLY C 413 -24.11 59.27 1.35
C GLY C 413 -25.49 59.63 1.88
N GLY C 414 -25.57 60.26 3.04
CA GLY C 414 -26.82 60.72 3.66
C GLY C 414 -27.62 61.56 2.68
N ALA C 415 -26.97 62.44 1.91
CA ALA C 415 -27.67 63.40 1.03
C ALA C 415 -28.62 62.69 0.06
N GLY C 416 -28.27 61.49 -0.42
CA GLY C 416 -29.08 60.74 -1.41
C GLY C 416 -30.35 60.11 -0.84
N ALA C 417 -30.58 60.21 0.48
CA ALA C 417 -31.84 59.77 1.15
C ALA C 417 -32.55 60.91 1.93
N GLU C 418 -32.16 62.19 1.76
CA GLU C 418 -32.91 63.34 2.34
C GLU C 418 -34.38 63.25 1.86
N ALA C 419 -34.61 63.04 0.57
CA ALA C 419 -35.97 62.92 -0.02
C ALA C 419 -36.78 61.85 0.73
N LEU C 420 -36.22 60.64 0.89
CA LEU C 420 -36.89 59.51 1.59
C LEU C 420 -37.22 59.94 3.04
N ALA C 421 -36.27 60.67 3.66
CA ALA C 421 -36.37 61.17 5.05
C ALA C 421 -37.55 62.12 5.17
N GLN C 422 -37.67 63.10 4.27
CA GLN C 422 -38.78 64.09 4.33
C GLN C 422 -40.09 63.28 4.37
N ALA C 423 -40.26 62.30 3.48
CA ALA C 423 -41.53 61.51 3.32
C ALA C 423 -41.82 60.67 4.56
N VAL C 424 -40.79 60.02 5.15
CA VAL C 424 -40.93 59.23 6.39
C VAL C 424 -41.43 60.13 7.53
N VAL C 425 -40.83 61.33 7.67
CA VAL C 425 -41.30 62.41 8.60
C VAL C 425 -42.82 62.69 8.40
N LYS C 426 -43.18 63.13 7.19
CA LYS C 426 -44.57 63.50 6.76
C LYS C 426 -45.55 62.35 7.13
N LEU C 427 -45.15 61.09 6.99
CA LEU C 427 -46.04 59.94 7.30
C LEU C 427 -46.13 59.70 8.82
N ALA C 428 -45.02 59.89 9.54
CA ALA C 428 -44.92 59.56 10.98
C ALA C 428 -45.75 60.56 11.78
N GLU C 429 -45.80 61.82 11.32
CA GLU C 429 -46.46 62.96 12.02
C GLU C 429 -47.79 63.26 11.29
N GLY C 430 -48.36 62.27 10.62
CA GLY C 430 -49.69 62.36 9.98
C GLY C 430 -50.67 61.38 10.61
N GLU C 431 -51.85 61.20 10.01
CA GLU C 431 -52.88 60.16 10.36
C GLU C 431 -52.15 58.90 10.87
N GLN C 432 -52.49 58.41 12.05
CA GLN C 432 -51.85 57.22 12.70
C GLN C 432 -52.93 56.21 13.13
N LYS C 433 -53.50 55.45 12.18
CA LYS C 433 -54.59 54.46 12.42
C LYS C 433 -54.11 53.41 13.42
N PRO C 434 -55.03 52.77 14.17
CA PRO C 434 -54.65 51.78 15.16
C PRO C 434 -54.03 50.56 14.46
N LEU C 435 -53.18 49.85 15.19
CA LEU C 435 -52.44 48.68 14.68
C LEU C 435 -53.39 47.47 14.69
N THR C 436 -53.77 46.98 13.51
CA THR C 436 -54.40 45.66 13.28
C THR C 436 -53.34 44.57 13.42
N PHE C 437 -53.74 43.31 13.65
CA PHE C 437 -52.89 42.11 13.40
C PHE C 437 -53.57 41.22 12.36
N ALA C 438 -52.77 40.30 11.82
CA ALA C 438 -53.16 39.33 10.78
C ALA C 438 -54.25 38.41 11.33
N TYR C 439 -54.07 37.86 12.53
CA TYR C 439 -54.97 36.89 13.21
C TYR C 439 -55.30 37.39 14.61
N GLU C 440 -56.42 36.94 15.19
CA GLU C 440 -56.75 37.19 16.61
C GLU C 440 -55.92 36.21 17.45
N THR C 441 -55.83 36.43 18.77
CA THR C 441 -54.96 35.68 19.70
C THR C 441 -55.69 34.40 20.14
N GLU C 442 -56.87 34.61 20.70
CA GLU C 442 -57.80 33.55 21.16
C GLU C 442 -58.44 32.90 19.93
N THR C 443 -57.66 32.12 19.18
CA THR C 443 -58.12 31.27 18.04
C THR C 443 -57.25 30.01 17.96
N LYS C 444 -57.75 28.97 17.28
CA LYS C 444 -56.97 27.74 16.94
C LYS C 444 -55.71 28.19 16.20
N ILE C 445 -54.55 27.60 16.56
CA ILE C 445 -53.23 27.87 15.89
C ILE C 445 -53.38 27.63 14.37
N THR C 446 -54.18 26.63 13.99
CA THR C 446 -54.54 26.26 12.59
C THR C 446 -55.17 27.49 11.89
N ASP C 447 -56.12 28.17 12.53
CA ASP C 447 -56.82 29.33 11.92
C ASP C 447 -55.81 30.47 11.74
N LYS C 448 -54.81 30.61 12.61
CA LYS C 448 -53.71 31.63 12.54
C LYS C 448 -52.81 31.41 11.31
N ILE C 449 -52.43 30.15 11.03
CA ILE C 449 -51.66 29.76 9.80
C ILE C 449 -52.54 30.08 8.59
N LYS C 450 -53.75 29.51 8.51
CA LYS C 450 -54.68 29.66 7.37
C LYS C 450 -54.88 31.15 7.09
N ALA C 451 -55.17 31.92 8.15
CA ALA C 451 -55.19 33.41 8.18
C ALA C 451 -54.00 33.98 7.41
N ILE C 452 -52.75 33.80 7.90
CA ILE C 452 -51.51 34.40 7.29
C ILE C 452 -51.46 34.11 5.79
N ALA C 453 -51.58 32.82 5.43
CA ALA C 453 -51.38 32.29 4.06
C ALA C 453 -52.43 32.87 3.10
N THR C 454 -53.69 32.97 3.52
CA THR C 454 -54.81 33.47 2.67
C THR C 454 -54.72 34.98 2.55
N LYS C 455 -54.61 35.70 3.68
CA LYS C 455 -54.64 37.19 3.72
C LYS C 455 -53.35 37.81 3.12
N LEU C 456 -52.15 37.19 3.29
CA LEU C 456 -50.85 37.79 2.86
C LEU C 456 -50.12 36.96 1.79
N TYR C 457 -50.04 35.64 1.93
CA TYR C 457 -49.19 34.78 1.05
C TYR C 457 -49.84 34.61 -0.33
N GLY C 458 -51.14 34.83 -0.45
CA GLY C 458 -51.87 34.74 -1.73
C GLY C 458 -52.38 33.32 -1.95
N ALA C 459 -52.34 32.51 -0.88
CA ALA C 459 -52.60 31.06 -0.93
C ALA C 459 -54.11 30.82 -0.95
N ALA C 460 -54.51 29.66 -1.49
CA ALA C 460 -55.89 29.16 -1.58
C ALA C 460 -56.27 28.44 -0.29
N ASP C 461 -55.35 27.65 0.28
CA ASP C 461 -55.61 26.88 1.53
C ASP C 461 -54.26 26.54 2.20
N ILE C 462 -54.32 25.80 3.33
CA ILE C 462 -53.16 25.13 4.00
C ILE C 462 -53.46 23.63 4.22
N GLN C 463 -52.51 22.73 3.92
CA GLN C 463 -52.47 21.30 4.37
C GLN C 463 -51.71 21.25 5.69
N ILE C 464 -52.12 20.36 6.60
CA ILE C 464 -51.38 19.98 7.84
C ILE C 464 -51.09 18.47 7.76
N GLU C 465 -49.84 18.07 7.55
CA GLU C 465 -49.43 16.64 7.58
C GLU C 465 -49.65 16.02 8.98
N SER C 466 -49.62 14.69 9.08
CA SER C 466 -49.98 13.93 10.31
C SER C 466 -49.02 14.34 11.43
N LYS C 467 -47.71 14.25 11.17
CA LYS C 467 -46.64 14.71 12.09
C LYS C 467 -47.04 16.04 12.76
N ALA C 468 -47.33 17.07 11.98
CA ALA C 468 -47.65 18.43 12.47
C ALA C 468 -49.01 18.42 13.21
N ALA C 469 -50.08 17.95 12.55
CA ALA C 469 -51.46 17.86 13.09
C ALA C 469 -51.44 17.33 14.53
N THR C 470 -50.75 16.20 14.73
CA THR C 470 -50.51 15.57 16.06
C THR C 470 -49.93 16.58 17.06
N LYS C 471 -48.77 17.17 16.76
CA LYS C 471 -48.00 18.04 17.71
C LYS C 471 -48.84 19.27 18.12
N LEU C 472 -49.52 19.89 17.15
CA LEU C 472 -50.46 21.03 17.32
C LEU C 472 -51.51 20.65 18.36
N ALA C 473 -52.21 19.53 18.16
CA ALA C 473 -53.16 18.96 19.15
C ALA C 473 -52.44 18.89 20.53
N GLY C 474 -51.15 18.52 20.54
CA GLY C 474 -50.31 18.55 21.74
C GLY C 474 -50.23 19.95 22.30
N PHE C 475 -49.82 20.91 21.49
CA PHE C 475 -49.62 22.32 21.92
C PHE C 475 -50.97 22.91 22.39
N GLU C 476 -52.08 22.40 21.85
CA GLU C 476 -53.43 23.04 22.01
C GLU C 476 -54.02 22.63 23.36
N LYS C 477 -53.94 21.34 23.72
CA LYS C 477 -54.44 20.83 25.03
C LYS C 477 -53.53 21.35 26.16
N ASP C 478 -52.20 21.39 25.95
CA ASP C 478 -51.21 21.74 26.99
C ASP C 478 -51.28 23.24 27.37
N GLY C 479 -51.99 24.09 26.63
CA GLY C 479 -52.18 25.51 26.97
C GLY C 479 -51.49 26.49 26.02
N TYR C 480 -50.69 26.03 25.05
CA TYR C 480 -49.92 26.91 24.11
C TYR C 480 -50.75 27.31 22.88
N GLY C 481 -52.09 27.22 22.94
CA GLY C 481 -53.03 27.45 21.82
C GLY C 481 -53.15 28.92 21.42
N LYS C 482 -53.11 29.85 22.37
CA LYS C 482 -53.25 31.30 22.07
C LYS C 482 -51.86 31.94 21.80
N LEU C 483 -50.91 31.20 21.24
CA LEU C 483 -49.53 31.71 20.93
C LEU C 483 -49.46 32.24 19.50
N PRO C 484 -48.66 33.29 19.24
CA PRO C 484 -48.32 33.69 17.88
C PRO C 484 -47.69 32.55 17.09
N VAL C 485 -47.61 32.74 15.77
CA VAL C 485 -47.08 31.74 14.80
C VAL C 485 -45.86 32.33 14.11
N CYS C 486 -44.83 31.50 13.88
CA CYS C 486 -43.56 31.91 13.23
C CYS C 486 -43.34 31.06 11.99
N MET C 487 -43.78 31.57 10.83
CA MET C 487 -43.79 30.86 9.54
C MET C 487 -42.36 30.67 9.05
N ALA C 488 -41.83 29.46 9.23
CA ALA C 488 -40.59 28.96 8.59
C ALA C 488 -40.98 28.41 7.22
N LYS C 489 -40.29 28.87 6.17
CA LYS C 489 -40.74 28.88 4.76
C LYS C 489 -39.67 29.59 3.93
N THR C 490 -39.52 29.26 2.65
CA THR C 490 -38.70 30.01 1.69
C THR C 490 -39.05 31.51 1.72
N GLN C 491 -38.11 32.37 1.34
CA GLN C 491 -38.27 33.86 1.37
C GLN C 491 -38.34 34.43 -0.06
N TYR C 492 -38.06 33.61 -1.07
CA TYR C 492 -37.92 34.02 -2.49
C TYR C 492 -39.31 34.11 -3.10
N SER C 493 -40.30 33.45 -2.49
CA SER C 493 -41.72 33.37 -2.96
C SER C 493 -42.67 33.63 -1.80
N PHE C 494 -43.85 34.18 -2.12
CA PHE C 494 -45.01 34.28 -1.21
C PHE C 494 -45.57 32.88 -0.97
N SER C 495 -45.29 31.96 -1.91
CA SER C 495 -45.67 30.53 -1.84
C SER C 495 -44.54 29.74 -1.16
N THR C 496 -44.74 28.44 -1.03
CA THR C 496 -43.80 27.49 -0.42
C THR C 496 -42.76 27.04 -1.45
N ASP C 497 -42.84 27.52 -2.70
CA ASP C 497 -42.07 27.05 -3.89
C ASP C 497 -41.08 28.14 -4.32
N PRO C 498 -39.79 28.06 -3.94
CA PRO C 498 -38.87 29.18 -4.16
C PRO C 498 -38.83 29.74 -5.59
N THR C 499 -39.34 29.00 -6.58
CA THR C 499 -39.24 29.35 -8.03
C THR C 499 -40.36 30.32 -8.46
N LEU C 500 -41.56 30.22 -7.86
CA LEU C 500 -42.75 31.02 -8.24
C LEU C 500 -42.57 32.48 -7.80
N MET C 501 -41.91 33.30 -8.60
CA MET C 501 -41.63 34.72 -8.27
C MET C 501 -42.90 35.55 -8.48
N GLY C 502 -42.81 36.88 -8.39
CA GLY C 502 -43.96 37.78 -8.55
C GLY C 502 -44.98 37.60 -7.43
N ALA C 503 -46.27 37.59 -7.78
CA ALA C 503 -47.42 37.59 -6.85
C ALA C 503 -48.38 36.46 -7.19
N PRO C 504 -47.96 35.19 -6.93
CA PRO C 504 -48.74 34.00 -7.28
C PRO C 504 -49.94 33.68 -6.38
N SER C 505 -51.10 33.38 -6.96
CA SER C 505 -52.34 32.99 -6.24
C SER C 505 -52.63 31.51 -6.52
N GLY C 506 -53.54 30.90 -5.76
CA GLY C 506 -53.95 29.49 -5.93
C GLY C 506 -53.11 28.53 -5.09
N HIS C 507 -51.81 28.80 -4.90
CA HIS C 507 -50.81 27.84 -4.36
C HIS C 507 -51.30 27.25 -3.02
N LEU C 508 -50.80 26.07 -2.64
CA LEU C 508 -51.12 25.45 -1.33
C LEU C 508 -49.91 25.53 -0.39
N VAL C 509 -50.16 25.85 0.88
CA VAL C 509 -49.11 25.94 1.95
C VAL C 509 -49.19 24.67 2.79
N SER C 510 -48.37 23.67 2.44
CA SER C 510 -48.25 22.39 3.17
C SER C 510 -47.32 22.58 4.40
N VAL C 511 -47.90 22.44 5.58
CA VAL C 511 -47.20 22.46 6.90
C VAL C 511 -46.74 21.05 7.27
N ARG C 512 -45.47 20.70 7.07
CA ARG C 512 -44.92 19.34 7.34
C ARG C 512 -44.64 19.10 8.84
N ASP C 513 -44.16 20.11 9.59
CA ASP C 513 -43.74 19.96 11.02
C ASP C 513 -44.04 21.26 11.78
N VAL C 514 -44.22 21.17 13.12
CA VAL C 514 -44.20 22.34 14.03
C VAL C 514 -43.17 22.14 15.17
N ARG C 515 -42.83 23.26 15.82
CA ARG C 515 -41.87 23.39 16.95
C ARG C 515 -42.42 24.42 17.94
N LEU C 516 -42.25 24.15 19.23
CA LEU C 516 -42.67 25.08 20.32
C LEU C 516 -41.45 25.87 20.80
N SER C 517 -41.47 27.20 20.64
CA SER C 517 -40.63 28.15 21.41
C SER C 517 -41.51 28.80 22.49
N ALA C 518 -41.55 28.24 23.69
CA ALA C 518 -42.40 28.73 24.79
C ALA C 518 -41.76 29.98 25.41
N GLY C 519 -40.42 30.05 25.40
CA GLY C 519 -39.65 31.20 25.94
C GLY C 519 -39.84 32.44 25.08
N ALA C 520 -39.55 32.36 23.79
CA ALA C 520 -39.83 33.45 22.83
C ALA C 520 -41.35 33.67 22.74
N GLY C 521 -42.12 32.62 23.02
CA GLY C 521 -43.59 32.59 23.09
C GLY C 521 -44.18 32.67 21.70
N PHE C 522 -43.68 31.83 20.80
CA PHE C 522 -44.27 31.58 19.44
C PHE C 522 -44.13 30.09 19.07
N VAL C 523 -45.04 29.65 18.19
CA VAL C 523 -45.04 28.29 17.56
C VAL C 523 -44.39 28.42 16.19
N VAL C 524 -43.22 27.82 16.01
CA VAL C 524 -42.51 27.75 14.71
C VAL C 524 -43.30 26.77 13.82
N VAL C 525 -43.59 27.20 12.58
CA VAL C 525 -44.46 26.49 11.61
C VAL C 525 -43.63 26.18 10.34
N ILE C 526 -43.31 24.90 10.13
CA ILE C 526 -42.32 24.45 9.10
C ILE C 526 -43.08 23.93 7.86
N CYS C 527 -42.82 24.56 6.71
CA CYS C 527 -43.37 24.20 5.37
C CYS C 527 -42.25 23.68 4.47
N GLY C 528 -41.36 24.56 4.02
CA GLY C 528 -40.10 24.16 3.36
C GLY C 528 -39.20 23.28 4.24
N GLU C 529 -38.17 22.72 3.62
CA GLU C 529 -37.00 22.07 4.29
C GLU C 529 -36.18 23.18 4.99
N ILE C 530 -35.84 23.00 6.26
CA ILE C 530 -35.12 24.01 7.08
C ILE C 530 -33.73 23.46 7.42
N MET C 531 -32.73 24.34 7.51
CA MET C 531 -31.31 24.00 7.77
C MET C 531 -30.81 24.82 8.97
N THR C 532 -30.75 24.21 10.15
CA THR C 532 -30.38 24.93 11.39
C THR C 532 -28.85 24.94 11.54
N MET C 533 -28.15 24.03 10.82
CA MET C 533 -26.66 24.00 10.77
C MET C 533 -26.16 24.06 9.32
N PRO C 534 -25.70 25.22 8.83
CA PRO C 534 -25.22 25.31 7.45
C PRO C 534 -23.83 24.67 7.35
N GLY C 535 -23.37 24.45 6.11
CA GLY C 535 -22.16 23.71 5.75
C GLY C 535 -21.19 24.53 4.89
N LEU C 536 -19.92 24.57 5.28
CA LEU C 536 -18.85 25.24 4.52
C LEU C 536 -18.85 24.80 3.07
N PRO C 537 -18.44 25.65 2.09
CA PRO C 537 -18.25 25.20 0.71
C PRO C 537 -16.98 24.36 0.56
N LYS C 538 -16.75 23.89 -0.66
CA LYS C 538 -15.53 23.10 -0.98
C LYS C 538 -14.30 24.02 -0.81
N VAL C 539 -14.32 25.20 -1.40
CA VAL C 539 -13.28 26.24 -1.15
C VAL C 539 -13.91 27.34 -0.31
N PRO C 540 -13.91 27.18 1.02
CA PRO C 540 -14.48 28.18 1.90
C PRO C 540 -13.56 29.41 2.02
N ALA C 541 -14.20 30.56 2.25
CA ALA C 541 -13.57 31.88 2.41
C ALA C 541 -12.40 31.79 3.38
N ALA C 542 -12.55 30.94 4.42
CA ALA C 542 -11.52 30.69 5.46
C ALA C 542 -10.15 30.60 4.79
N ASP C 543 -10.00 29.71 3.78
CA ASP C 543 -8.71 29.37 3.09
C ASP C 543 -7.90 30.60 2.68
N THR C 544 -8.54 31.70 2.29
CA THR C 544 -7.78 32.89 1.85
C THR C 544 -7.91 34.03 2.86
N ILE C 545 -8.62 33.85 3.99
CA ILE C 545 -8.64 34.83 5.12
C ILE C 545 -7.27 34.76 5.80
N ARG C 546 -6.73 35.91 6.25
CA ARG C 546 -5.27 36.09 6.52
C ARG C 546 -4.94 37.52 6.99
N LEU C 547 -3.68 37.74 7.38
CA LEU C 547 -3.10 39.09 7.64
C LEU C 547 -1.98 39.33 6.62
N ASP C 548 -1.80 40.60 6.23
CA ASP C 548 -0.69 41.15 5.39
C ASP C 548 0.63 41.17 6.15
N ALA C 549 1.68 41.62 5.44
CA ALA C 549 2.93 42.18 6.01
C ALA C 549 2.63 43.13 7.17
N ASN C 550 1.76 44.11 6.94
CA ASN C 550 1.48 45.20 7.92
C ASN C 550 0.28 44.85 8.81
N GLY C 551 -0.30 43.66 8.68
CA GLY C 551 -1.24 43.10 9.67
C GLY C 551 -2.69 43.47 9.40
N GLN C 552 -3.03 43.87 8.18
CA GLN C 552 -4.45 44.03 7.74
C GLN C 552 -4.98 42.66 7.38
N ILE C 553 -6.29 42.48 7.50
CA ILE C 553 -7.04 41.23 7.19
C ILE C 553 -7.32 41.18 5.69
N ASP C 554 -6.93 40.13 4.97
CA ASP C 554 -7.44 39.87 3.59
C ASP C 554 -8.50 38.77 3.65
N GLY C 555 -9.21 38.55 2.54
CA GLY C 555 -9.98 37.32 2.31
C GLY C 555 -11.36 37.37 2.91
N LEU C 556 -11.64 38.35 3.76
CA LEU C 556 -12.89 38.41 4.55
C LEU C 556 -13.96 39.26 3.84
N PHE C 557 -13.62 39.98 2.76
CA PHE C 557 -14.55 40.81 1.95
C PHE C 557 -14.08 40.87 0.49
N PRO D 2 -14.86 39.15 55.98
CA PRO D 2 -15.63 39.06 54.72
C PRO D 2 -14.96 38.09 53.75
N SER D 3 -15.73 37.49 52.84
CA SER D 3 -15.27 36.60 51.73
C SER D 3 -14.49 37.40 50.67
N ASP D 4 -13.52 36.75 50.01
CA ASP D 4 -12.72 37.31 48.87
C ASP D 4 -13.62 38.19 48.01
N ILE D 5 -14.79 37.70 47.55
CA ILE D 5 -15.67 38.50 46.65
C ILE D 5 -16.08 39.82 47.33
N GLU D 6 -16.56 39.80 48.58
CA GLU D 6 -17.00 41.02 49.32
C GLU D 6 -15.82 42.00 49.40
N ILE D 7 -14.59 41.48 49.55
CA ILE D 7 -13.36 42.32 49.61
C ILE D 7 -13.21 42.99 48.25
N ALA D 8 -13.35 42.24 47.16
CA ALA D 8 -13.19 42.78 45.79
C ALA D 8 -14.28 43.85 45.52
N ARG D 9 -15.52 43.57 45.90
CA ARG D 9 -16.68 44.44 45.56
C ARG D 9 -16.51 45.79 46.26
N ALA D 10 -15.92 45.79 47.45
CA ALA D 10 -15.75 46.99 48.29
C ALA D 10 -14.62 47.89 47.73
N ALA D 11 -13.77 47.39 46.83
CA ALA D 11 -12.62 48.13 46.25
C ALA D 11 -13.12 49.22 45.32
N THR D 12 -12.34 50.31 45.23
CA THR D 12 -12.57 51.47 44.33
C THR D 12 -11.41 51.43 43.33
N LEU D 13 -11.68 50.88 42.14
CA LEU D 13 -10.66 50.60 41.11
C LEU D 13 -10.22 51.93 40.50
N LYS D 14 -8.93 52.09 40.25
CA LYS D 14 -8.42 53.15 39.35
C LYS D 14 -8.98 52.91 37.93
N PRO D 15 -9.38 53.96 37.17
CA PRO D 15 -9.49 53.85 35.71
C PRO D 15 -8.17 53.32 35.12
N ILE D 16 -8.23 52.38 34.16
CA ILE D 16 -7.00 51.63 33.75
C ILE D 16 -5.97 52.58 33.15
N ALA D 17 -6.36 53.70 32.55
CA ALA D 17 -5.37 54.65 32.03
C ALA D 17 -4.40 55.02 33.17
N GLN D 18 -4.88 55.19 34.40
CA GLN D 18 -4.04 55.59 35.56
C GLN D 18 -3.13 54.44 36.01
N VAL D 19 -3.49 53.21 35.69
CA VAL D 19 -2.66 52.02 36.01
C VAL D 19 -1.56 51.99 34.95
N ALA D 20 -1.98 52.24 33.70
CA ALA D 20 -1.16 52.08 32.49
C ALA D 20 0.04 53.02 32.52
N GLU D 21 -0.14 54.26 32.98
CA GLU D 21 0.90 55.32 33.08
C GLU D 21 2.10 54.79 33.86
N LYS D 22 1.86 54.14 35.00
CA LYS D 22 2.93 53.70 35.92
C LYS D 22 3.84 52.66 35.24
N LEU D 23 3.67 52.39 33.93
CA LEU D 23 4.54 51.51 33.09
C LEU D 23 5.06 52.23 31.83
N GLY D 24 4.47 53.37 31.47
CA GLY D 24 4.83 54.17 30.28
C GLY D 24 3.80 54.00 29.17
N ILE D 25 2.65 53.41 29.48
CA ILE D 25 1.63 53.10 28.44
C ILE D 25 0.75 54.34 28.33
N PRO D 26 0.76 55.04 27.17
CA PRO D 26 -0.19 56.12 26.93
C PRO D 26 -1.60 55.56 26.68
N ASP D 27 -2.64 56.36 26.94
CA ASP D 27 -4.09 56.02 26.79
C ASP D 27 -4.35 55.61 25.34
N GLU D 28 -3.69 56.29 24.39
CA GLU D 28 -3.77 56.04 22.92
C GLU D 28 -3.46 54.56 22.63
N ALA D 29 -2.70 53.89 23.51
CA ALA D 29 -2.23 52.50 23.37
C ALA D 29 -3.19 51.48 24.00
N LEU D 30 -4.25 51.93 24.66
CA LEU D 30 -5.20 51.01 25.33
C LEU D 30 -6.52 50.86 24.55
N HIS D 31 -6.99 49.63 24.40
CA HIS D 31 -8.37 49.28 23.96
C HIS D 31 -9.18 48.87 25.20
N ASN D 32 -9.93 49.82 25.77
CA ASN D 32 -10.73 49.65 27.01
C ASN D 32 -11.67 48.45 26.84
N TYR D 33 -11.81 47.68 27.90
CA TYR D 33 -12.92 46.73 28.13
C TYR D 33 -13.63 47.12 29.42
N GLY D 34 -14.70 47.93 29.36
CA GLY D 34 -15.16 48.71 30.54
C GLY D 34 -14.13 49.78 30.93
N LYS D 35 -14.13 50.23 32.18
CA LYS D 35 -13.29 51.37 32.64
C LYS D 35 -12.01 50.91 33.36
N HIS D 36 -11.92 49.64 33.75
CA HIS D 36 -10.88 49.08 34.65
C HIS D 36 -10.15 47.87 34.02
N ILE D 37 -10.27 47.68 32.70
CA ILE D 37 -9.56 46.67 31.85
C ILE D 37 -9.24 47.35 30.52
N ALA D 38 -8.07 47.05 29.95
CA ALA D 38 -7.71 47.39 28.56
C ALA D 38 -6.76 46.33 27.99
N LYS D 39 -6.75 46.16 26.66
CA LYS D 39 -5.66 45.41 26.00
C LYS D 39 -4.62 46.44 25.59
N ILE D 40 -3.34 46.05 25.53
CA ILE D 40 -2.21 46.91 25.05
C ILE D 40 -1.99 46.58 23.58
N ASP D 41 -2.06 47.62 22.74
CA ASP D 41 -2.21 47.52 21.27
C ASP D 41 -0.92 46.93 20.70
N HIS D 42 -1.04 45.99 19.77
CA HIS D 42 0.07 45.34 19.03
C HIS D 42 1.23 46.33 18.76
N ASP D 43 0.91 47.53 18.26
CA ASP D 43 1.93 48.47 17.74
C ASP D 43 2.82 48.98 18.87
N PHE D 44 2.25 49.22 20.06
CA PHE D 44 2.96 49.68 21.28
C PHE D 44 3.90 48.57 21.75
N ILE D 45 3.48 47.32 21.64
CA ILE D 45 4.26 46.13 22.10
C ILE D 45 5.40 45.82 21.11
N ALA D 46 5.15 45.92 19.79
CA ALA D 46 6.20 45.89 18.75
C ALA D 46 7.22 47.00 19.05
N SER D 47 6.73 48.17 19.47
CA SER D 47 7.54 49.35 19.75
C SER D 47 8.58 49.05 20.85
N LEU D 48 8.41 47.99 21.65
CA LEU D 48 9.27 47.73 22.83
C LEU D 48 10.41 46.74 22.53
N GLU D 49 10.72 46.42 21.26
CA GLU D 49 11.68 45.32 20.94
C GLU D 49 13.12 45.78 21.30
N GLY D 50 13.41 47.06 21.17
CA GLY D 50 14.65 47.62 21.72
C GLY D 50 14.80 47.37 23.22
N LYS D 51 13.90 47.97 24.02
CA LYS D 51 14.09 48.35 25.46
C LYS D 51 14.70 47.18 26.25
N PRO D 52 15.63 47.46 27.19
CA PRO D 52 16.15 46.43 28.10
C PRO D 52 15.05 45.81 28.97
N GLU D 53 15.35 44.63 29.53
CA GLU D 53 14.43 43.84 30.39
C GLU D 53 14.90 43.91 31.85
N GLY D 54 13.97 44.10 32.79
CA GLY D 54 14.22 44.13 34.24
C GLY D 54 14.39 42.72 34.81
N LYS D 55 14.18 42.57 36.13
CA LYS D 55 14.24 41.29 36.87
C LYS D 55 12.92 40.51 36.70
N LEU D 56 13.07 39.21 36.40
CA LEU D 56 11.97 38.23 36.33
C LEU D 56 11.98 37.41 37.62
N VAL D 57 10.86 37.41 38.35
CA VAL D 57 10.67 36.62 39.60
C VAL D 57 9.65 35.52 39.33
N LEU D 58 9.99 34.26 39.59
CA LEU D 58 9.09 33.09 39.40
C LEU D 58 8.57 32.65 40.78
N VAL D 59 7.27 32.41 40.87
CA VAL D 59 6.56 31.98 42.10
C VAL D 59 6.00 30.58 41.84
N THR D 60 6.75 29.56 42.25
CA THR D 60 6.30 28.15 42.28
C THR D 60 5.96 27.82 43.75
N ALA D 61 5.65 26.56 44.04
CA ALA D 61 5.15 26.08 45.36
C ALA D 61 5.53 24.62 45.60
N ILE D 62 5.10 24.06 46.73
CA ILE D 62 5.25 22.61 47.05
C ILE D 62 4.09 21.80 46.43
N SER D 63 4.31 20.50 46.28
CA SER D 63 3.29 19.51 45.86
C SER D 63 1.99 19.85 46.59
N PRO D 64 0.92 20.18 45.84
CA PRO D 64 -0.35 20.59 46.43
C PRO D 64 -0.98 19.65 47.46
N THR D 65 -1.89 20.19 48.26
CA THR D 65 -2.59 19.50 49.35
C THR D 65 -4.02 20.00 49.42
N PRO D 66 -4.96 19.17 49.92
CA PRO D 66 -6.34 19.60 50.14
C PRO D 66 -6.41 20.92 50.92
N ALA D 67 -5.39 21.16 51.74
CA ALA D 67 -5.25 22.24 52.73
C ALA D 67 -5.10 23.60 52.08
N GLY D 68 -4.50 23.64 50.89
CA GLY D 68 -4.13 24.87 50.18
C GLY D 68 -2.78 25.43 50.63
N GLU D 69 -2.10 26.15 49.72
CA GLU D 69 -0.77 26.77 49.94
C GLU D 69 -0.79 28.26 49.54
N GLY D 70 -1.74 28.71 48.69
CA GLY D 70 -1.95 30.12 48.29
C GLY D 70 -0.83 30.68 47.42
N LYS D 71 -0.35 29.88 46.46
CA LYS D 71 0.63 30.31 45.40
C LYS D 71 0.20 31.66 44.83
N THR D 72 -0.94 31.69 44.14
CA THR D 72 -1.46 32.90 43.46
C THR D 72 -1.47 34.09 44.43
N THR D 73 -1.83 33.88 45.70
CA THR D 73 -1.94 34.99 46.70
C THR D 73 -0.56 35.64 46.89
N THR D 74 0.52 34.85 46.98
CA THR D 74 1.90 35.36 47.11
C THR D 74 2.29 36.15 45.86
N THR D 75 2.06 35.63 44.66
CA THR D 75 2.36 36.38 43.40
C THR D 75 1.85 37.83 43.51
N VAL D 76 0.62 38.04 44.00
CA VAL D 76 -0.06 39.37 43.99
C VAL D 76 0.45 40.23 45.16
N GLY D 77 0.56 39.62 46.36
CA GLY D 77 1.15 40.22 47.57
C GLY D 77 2.61 40.59 47.32
N LEU D 78 3.38 39.71 46.70
CA LEU D 78 4.81 39.98 46.46
C LEU D 78 4.92 41.21 45.56
N GLY D 79 4.16 41.20 44.45
CA GLY D 79 4.05 42.30 43.48
C GLY D 79 3.63 43.59 44.16
N ASP D 80 2.59 43.55 45.02
CA ASP D 80 2.12 44.71 45.82
C ASP D 80 3.30 45.22 46.66
N ALA D 81 3.96 44.33 47.39
CA ALA D 81 5.05 44.60 48.36
C ALA D 81 6.25 45.24 47.65
N LEU D 82 6.57 44.77 46.46
CA LEU D 82 7.72 45.30 45.68
C LEU D 82 7.42 46.77 45.35
N ASN D 83 6.21 47.07 44.88
CA ASN D 83 5.67 48.43 44.67
C ASN D 83 5.86 49.27 45.95
N ARG D 84 5.36 48.74 47.07
CA ARG D 84 5.45 49.40 48.39
C ARG D 84 6.91 49.79 48.72
N ILE D 85 7.89 48.91 48.52
CA ILE D 85 9.30 49.12 48.99
C ILE D 85 10.12 49.94 47.97
N GLY D 86 9.46 50.55 46.97
CA GLY D 86 10.02 51.51 46.01
C GLY D 86 10.49 50.86 44.72
N LYS D 87 10.08 49.63 44.43
CA LYS D 87 10.43 48.95 43.15
C LYS D 87 9.18 48.95 42.24
N ARG D 88 9.32 49.33 40.97
CA ARG D 88 8.18 49.39 40.03
C ARG D 88 7.93 47.96 39.50
N ALA D 89 6.81 47.35 39.87
CA ALA D 89 6.58 45.90 39.64
C ALA D 89 5.22 45.64 39.01
N VAL D 90 5.18 44.61 38.15
CA VAL D 90 3.96 44.15 37.40
C VAL D 90 3.78 42.65 37.69
N MET D 91 2.54 42.21 37.89
CA MET D 91 2.15 40.79 38.07
C MET D 91 1.72 40.21 36.72
N CYS D 92 2.27 39.03 36.36
CA CYS D 92 1.76 38.22 35.23
C CYS D 92 1.00 36.99 35.74
N LEU D 93 -0.27 36.82 35.32
CA LEU D 93 -1.20 35.75 35.76
C LEU D 93 -1.96 35.21 34.57
N ARG D 94 -2.56 34.04 34.76
CA ARG D 94 -3.42 33.36 33.75
C ARG D 94 -4.88 33.70 34.05
N GLU D 95 -5.71 33.83 33.00
CA GLU D 95 -7.19 33.78 32.99
C GLU D 95 -7.61 32.36 33.38
N PRO D 96 -8.56 32.16 34.31
CA PRO D 96 -9.11 30.83 34.55
C PRO D 96 -10.19 30.44 33.54
N SER D 97 -10.34 29.15 33.25
CA SER D 97 -11.51 28.60 32.50
C SER D 97 -12.78 29.20 33.10
N LEU D 98 -13.78 29.51 32.27
CA LEU D 98 -15.14 29.93 32.67
C LEU D 98 -15.94 28.74 33.21
N GLY D 99 -15.82 27.57 32.56
CA GLY D 99 -16.60 26.33 32.77
C GLY D 99 -16.58 25.77 34.21
N PRO D 100 -15.43 25.76 34.92
CA PRO D 100 -15.39 25.27 36.28
C PRO D 100 -16.08 26.20 37.29
N CYS D 101 -16.32 27.45 36.92
CA CYS D 101 -17.04 28.41 37.79
C CYS D 101 -18.39 27.79 38.18
N PHE D 102 -18.95 26.96 37.28
CA PHE D 102 -20.36 26.49 37.25
C PHE D 102 -20.44 25.09 37.85
N GLY D 103 -19.36 24.31 37.88
CA GLY D 103 -19.33 23.05 38.65
C GLY D 103 -19.20 23.31 40.15
N MET D 104 -17.96 23.37 40.66
CA MET D 104 -17.52 24.05 41.90
C MET D 104 -17.64 25.56 41.69
N LYS D 105 -17.37 26.40 42.67
CA LYS D 105 -17.58 27.86 42.50
C LYS D 105 -16.36 28.41 41.72
N GLY D 106 -16.38 29.70 41.40
CA GLY D 106 -15.20 30.45 40.96
C GLY D 106 -14.30 30.77 42.15
N GLY D 107 -13.43 31.77 42.03
CA GLY D 107 -12.45 32.14 43.07
C GLY D 107 -11.74 33.42 42.70
N ALA D 108 -11.23 34.14 43.69
CA ALA D 108 -10.42 35.36 43.49
C ALA D 108 -9.17 35.05 42.67
N ALA D 109 -8.62 36.08 42.05
CA ALA D 109 -7.28 36.11 41.41
C ALA D 109 -6.24 36.43 42.49
N GLY D 110 -5.85 35.46 43.30
CA GLY D 110 -5.20 35.66 44.60
C GLY D 110 -6.12 35.20 45.73
N GLY D 111 -6.19 35.99 46.82
CA GLY D 111 -7.17 35.86 47.92
C GLY D 111 -7.09 37.04 48.89
N GLY D 112 -8.10 37.22 49.74
CA GLY D 112 -8.11 38.29 50.75
C GLY D 112 -7.68 39.62 50.16
N LYS D 113 -6.63 40.23 50.74
CA LYS D 113 -6.18 41.62 50.46
C LYS D 113 -5.08 41.61 49.40
N ALA D 114 -4.85 40.46 48.78
CA ALA D 114 -3.92 40.25 47.65
C ALA D 114 -4.73 39.70 46.47
N GLN D 115 -5.27 40.59 45.67
CA GLN D 115 -6.25 40.21 44.62
C GLN D 115 -6.00 41.04 43.38
N VAL D 116 -6.35 40.48 42.23
CA VAL D 116 -6.43 41.19 40.93
C VAL D 116 -7.92 41.26 40.59
N VAL D 117 -8.36 42.43 40.15
CA VAL D 117 -9.78 42.85 40.08
C VAL D 117 -9.93 43.62 38.77
N PRO D 118 -11.10 43.66 38.09
CA PRO D 118 -12.36 43.08 38.54
C PRO D 118 -12.39 41.55 38.61
N MET D 119 -12.87 41.00 39.73
CA MET D 119 -12.87 39.55 40.03
C MET D 119 -13.91 38.87 39.13
N GLU D 120 -15.13 39.40 39.08
CA GLU D 120 -16.28 38.80 38.37
C GLU D 120 -15.95 38.64 36.88
N GLN D 121 -15.25 39.60 36.29
CA GLN D 121 -14.98 39.63 34.83
C GLN D 121 -13.82 38.68 34.48
N ILE D 122 -12.81 38.59 35.33
CA ILE D 122 -11.70 37.61 35.18
C ILE D 122 -12.29 36.20 35.15
N ASN D 123 -13.39 35.94 35.83
CA ASN D 123 -13.89 34.56 36.06
C ASN D 123 -14.71 34.09 34.86
N LEU D 124 -15.50 35.00 34.28
CA LEU D 124 -16.47 34.67 33.20
C LEU D 124 -15.85 35.00 31.83
N HIS D 125 -16.47 35.90 31.06
CA HIS D 125 -15.94 36.43 29.76
C HIS D 125 -15.09 37.66 30.10
N PHE D 126 -13.79 37.49 30.26
CA PHE D 126 -12.88 38.57 30.70
C PHE D 126 -12.85 39.62 29.58
N THR D 127 -12.11 39.35 28.50
CA THR D 127 -11.98 40.17 27.27
C THR D 127 -12.34 39.29 26.07
N GLY D 128 -12.71 38.04 26.29
CA GLY D 128 -13.14 37.14 25.21
C GLY D 128 -11.99 36.35 24.61
N ASP D 129 -10.87 36.24 25.30
CA ASP D 129 -9.67 35.45 24.89
C ASP D 129 -10.08 34.00 24.65
N PHE D 130 -10.65 33.39 25.68
CA PHE D 130 -11.02 31.95 25.67
C PHE D 130 -12.08 31.72 24.61
N HIS D 131 -12.94 32.68 24.29
CA HIS D 131 -13.93 32.54 23.20
C HIS D 131 -13.18 32.49 21.88
N ALA D 132 -12.22 33.40 21.67
CA ALA D 132 -11.40 33.50 20.43
C ALA D 132 -10.66 32.17 20.19
N ILE D 133 -10.12 31.58 21.26
CA ILE D 133 -9.44 30.28 21.15
C ILE D 133 -10.47 29.18 20.79
N THR D 134 -11.61 29.16 21.46
CA THR D 134 -12.72 28.22 21.15
C THR D 134 -13.15 28.38 19.69
N SER D 135 -13.02 29.57 19.11
CA SER D 135 -13.54 29.87 17.76
C SER D 135 -12.48 29.49 16.74
N ALA D 136 -11.23 29.85 17.04
CA ALA D 136 -10.07 29.43 16.23
C ALA D 136 -10.10 27.88 16.13
N HIS D 137 -10.30 27.20 17.26
CA HIS D 137 -10.16 25.72 17.33
C HIS D 137 -11.33 25.07 16.57
N SER D 138 -12.53 25.59 16.81
CA SER D 138 -13.78 25.10 16.20
C SER D 138 -13.72 25.24 14.67
N LEU D 139 -12.98 26.23 14.15
CA LEU D 139 -12.93 26.47 12.68
C LEU D 139 -12.07 25.38 12.06
N ALA D 140 -10.93 25.02 12.68
CA ALA D 140 -10.01 23.95 12.19
C ALA D 140 -10.71 22.57 12.34
N ALA D 141 -11.45 22.32 13.42
CA ALA D 141 -12.38 21.18 13.50
C ALA D 141 -13.30 21.17 12.25
N ALA D 142 -14.11 22.21 12.06
CA ALA D 142 -15.11 22.34 10.96
C ALA D 142 -14.49 22.07 9.58
N LEU D 143 -13.32 22.70 9.34
CA LEU D 143 -12.56 22.69 8.08
C LEU D 143 -11.91 21.32 7.87
N ILE D 144 -11.68 20.55 8.94
CA ILE D 144 -11.09 19.18 8.83
C ILE D 144 -12.19 18.26 8.32
N ASP D 145 -13.33 18.18 8.97
CA ASP D 145 -14.44 17.29 8.53
C ASP D 145 -15.01 17.80 7.22
N ASN D 146 -14.65 19.03 6.82
CA ASN D 146 -15.19 19.68 5.60
C ASN D 146 -14.37 19.17 4.41
N HIS D 147 -13.06 19.06 4.63
CA HIS D 147 -12.07 18.56 3.65
C HIS D 147 -12.44 17.12 3.30
N ILE D 148 -12.87 16.36 4.30
CA ILE D 148 -13.13 14.90 4.10
C ILE D 148 -14.48 14.76 3.41
N TYR D 149 -15.41 15.68 3.69
CA TYR D 149 -16.77 15.65 3.10
C TYR D 149 -16.67 15.80 1.58
N TRP D 150 -15.74 16.62 1.11
CA TRP D 150 -15.67 17.09 -0.30
C TRP D 150 -14.52 16.35 -0.99
N ALA D 151 -14.62 15.04 -1.16
CA ALA D 151 -13.62 14.18 -1.86
C ALA D 151 -12.37 13.84 -1.04
N ASN D 152 -12.21 14.32 0.19
CA ASN D 152 -11.07 13.92 1.06
C ASN D 152 -9.81 13.82 0.18
N GLU D 153 -9.27 14.96 -0.23
CA GLU D 153 -8.15 15.05 -1.19
C GLU D 153 -6.84 14.58 -0.54
N LEU D 154 -6.58 14.97 0.71
CA LEU D 154 -5.30 14.66 1.45
C LEU D 154 -5.26 13.19 1.88
N ASN D 155 -6.36 12.46 1.68
CA ASN D 155 -6.47 11.05 2.07
C ASN D 155 -6.42 10.93 3.60
N ILE D 156 -7.12 11.83 4.31
CA ILE D 156 -7.12 11.81 5.80
C ILE D 156 -7.73 10.48 6.23
N ASP D 157 -7.08 9.81 7.18
CA ASP D 157 -7.55 8.56 7.80
C ASP D 157 -8.37 8.93 9.04
N VAL D 158 -9.70 8.70 9.00
CA VAL D 158 -10.72 9.21 9.97
C VAL D 158 -10.45 8.57 11.32
N ARG D 159 -9.63 7.52 11.33
CA ARG D 159 -9.29 6.75 12.55
C ARG D 159 -7.99 7.27 13.13
N ARG D 160 -7.31 8.21 12.48
CA ARG D 160 -5.96 8.69 12.89
C ARG D 160 -5.97 10.21 13.09
N ILE D 161 -7.11 10.79 13.46
CA ILE D 161 -7.21 12.27 13.62
C ILE D 161 -6.95 12.65 15.09
N HIS D 162 -5.82 13.33 15.34
CA HIS D 162 -5.31 13.66 16.69
C HIS D 162 -6.08 14.87 17.20
N TRP D 163 -6.44 15.77 16.29
CA TRP D 163 -7.28 16.96 16.57
C TRP D 163 -8.61 16.53 17.17
N ARG D 164 -8.96 17.09 18.32
CA ARG D 164 -10.28 16.98 18.97
C ARG D 164 -10.95 18.36 18.91
N ARG D 165 -12.16 18.48 19.46
CA ARG D 165 -12.92 19.75 19.47
C ARG D 165 -12.83 20.32 20.90
N VAL D 166 -13.42 21.49 21.16
CA VAL D 166 -13.32 22.16 22.48
C VAL D 166 -14.56 22.99 22.72
N VAL D 167 -14.77 23.30 23.99
CA VAL D 167 -15.80 24.23 24.51
C VAL D 167 -15.34 24.54 25.93
N ASP D 168 -15.58 25.76 26.44
CA ASP D 168 -15.27 26.17 27.83
C ASP D 168 -16.51 25.86 28.67
N MET D 169 -16.91 24.60 28.71
CA MET D 169 -17.93 24.08 29.66
C MET D 169 -17.39 22.79 30.26
N ASN D 170 -17.87 22.49 31.47
CA ASN D 170 -17.55 21.25 32.22
C ASN D 170 -18.55 20.19 31.77
N ASP D 171 -18.43 19.76 30.51
CA ASP D 171 -19.43 18.88 29.84
C ASP D 171 -18.85 17.48 29.59
N ARG D 172 -19.06 16.56 30.53
CA ARG D 172 -18.59 15.14 30.41
C ARG D 172 -19.28 14.41 29.23
N ALA D 173 -20.38 14.96 28.68
CA ALA D 173 -21.13 14.33 27.58
C ALA D 173 -20.31 14.36 26.29
N LEU D 174 -19.39 15.32 26.11
CA LEU D 174 -18.71 15.56 24.81
C LEU D 174 -17.32 14.90 24.81
N ARG D 175 -16.95 14.20 25.88
CA ARG D 175 -15.64 13.51 26.03
C ARG D 175 -15.39 12.59 24.84
N ALA D 176 -16.35 11.75 24.48
CA ALA D 176 -16.27 10.81 23.32
C ALA D 176 -17.62 10.78 22.58
N ILE D 177 -17.63 11.24 21.33
CA ILE D 177 -18.86 11.30 20.47
C ILE D 177 -18.61 10.48 19.19
N ASN D 178 -19.70 10.18 18.47
CA ASN D 178 -19.71 9.81 17.03
C ASN D 178 -20.39 10.95 16.27
N GLN D 179 -19.83 11.39 15.16
CA GLN D 179 -20.20 12.64 14.45
C GLN D 179 -20.22 12.36 12.95
N SER D 180 -20.75 13.30 12.16
CA SER D 180 -20.98 13.13 10.71
C SER D 180 -21.86 11.88 10.49
N LEU D 181 -22.88 11.76 11.33
CA LEU D 181 -23.97 10.75 11.23
C LEU D 181 -25.19 11.38 10.53
N GLY D 182 -26.17 10.55 10.16
CA GLY D 182 -27.45 10.97 9.55
C GLY D 182 -27.46 10.95 8.04
N GLY D 183 -26.41 10.47 7.38
CA GLY D 183 -26.44 10.19 5.93
C GLY D 183 -25.37 10.87 5.10
N VAL D 184 -25.52 10.77 3.79
CA VAL D 184 -24.58 11.29 2.76
C VAL D 184 -24.37 12.79 2.96
N ALA D 185 -25.44 13.59 3.01
CA ALA D 185 -25.32 15.07 3.04
C ALA D 185 -24.49 15.50 4.26
N ASN D 186 -24.36 14.62 5.28
CA ASN D 186 -23.75 14.99 6.59
C ASN D 186 -22.26 14.61 6.61
N GLY D 187 -21.85 13.59 5.88
CA GLY D 187 -20.41 13.29 5.74
C GLY D 187 -20.04 11.91 6.23
N PHE D 188 -18.75 11.69 6.42
CA PHE D 188 -18.20 10.34 6.69
C PHE D 188 -18.16 10.16 8.21
N PRO D 189 -18.98 9.23 8.77
CA PRO D 189 -18.95 8.99 10.20
C PRO D 189 -17.54 8.85 10.78
N ARG D 190 -17.33 9.32 12.00
CA ARG D 190 -16.04 9.06 12.67
C ARG D 190 -16.18 9.27 14.17
N GLU D 191 -15.26 8.68 14.96
CA GLU D 191 -15.07 9.01 16.40
C GLU D 191 -14.34 10.34 16.58
N ASP D 192 -14.71 11.10 17.61
CA ASP D 192 -14.20 12.45 17.96
C ASP D 192 -14.60 12.64 19.41
N GLY D 193 -14.18 13.74 20.04
CA GLY D 193 -14.63 14.11 21.40
C GLY D 193 -14.30 15.57 21.63
N PHE D 194 -14.58 16.11 22.81
CA PHE D 194 -14.22 17.49 23.19
C PHE D 194 -13.29 17.47 24.42
N ASP D 195 -12.30 18.35 24.45
CA ASP D 195 -11.54 18.77 25.66
C ASP D 195 -12.07 20.15 26.04
N ILE D 196 -11.86 20.55 27.27
CA ILE D 196 -12.12 21.95 27.72
C ILE D 196 -11.13 22.85 26.99
N THR D 197 -11.56 24.06 26.63
CA THR D 197 -10.85 24.98 25.69
C THR D 197 -9.38 25.18 26.07
N VAL D 198 -9.04 25.17 27.36
CA VAL D 198 -7.64 25.48 27.81
C VAL D 198 -6.70 24.31 27.50
N ALA D 199 -7.22 23.15 27.12
CA ALA D 199 -6.40 21.95 26.84
C ALA D 199 -6.00 21.93 25.36
N SER D 200 -6.57 22.85 24.55
CA SER D 200 -6.30 23.05 23.10
C SER D 200 -4.84 23.41 22.89
N GLU D 201 -4.21 22.80 21.89
CA GLU D 201 -2.81 23.16 21.55
C GLU D 201 -2.78 24.62 21.14
N VAL D 202 -3.89 25.09 20.58
CA VAL D 202 -4.03 26.51 20.17
C VAL D 202 -3.74 27.36 21.41
N MET D 203 -4.19 26.94 22.58
CA MET D 203 -3.92 27.66 23.84
C MET D 203 -2.41 27.62 24.18
N ALA D 204 -1.73 26.49 23.99
CA ALA D 204 -0.28 26.42 24.21
C ALA D 204 0.42 27.44 23.29
N VAL D 205 0.12 27.40 22.00
CA VAL D 205 0.76 28.29 20.98
C VAL D 205 0.48 29.77 21.35
N PHE D 206 -0.76 30.10 21.69
CA PHE D 206 -1.11 31.45 22.19
C PHE D 206 -0.03 31.92 23.19
N CYS D 207 0.25 31.09 24.18
CA CYS D 207 1.04 31.44 25.40
C CYS D 207 2.56 31.45 25.16
N LEU D 208 3.00 30.95 24.01
CA LEU D 208 4.43 30.78 23.62
C LEU D 208 4.79 31.63 22.39
N ALA D 209 3.81 31.92 21.51
CA ALA D 209 3.91 32.94 20.43
C ALA D 209 4.57 34.23 20.91
N LYS D 210 5.48 34.76 20.09
CA LYS D 210 6.25 36.02 20.31
C LYS D 210 5.45 37.21 19.73
N ASN D 211 4.70 36.93 18.68
CA ASN D 211 3.87 37.88 17.88
C ASN D 211 3.05 37.06 16.90
N LEU D 212 2.25 37.75 16.09
CA LEU D 212 1.29 37.21 15.10
C LEU D 212 2.02 36.45 14.00
N ALA D 213 3.20 36.87 13.58
CA ALA D 213 4.01 36.08 12.62
C ALA D 213 4.18 34.65 13.18
N ASP D 214 4.77 34.53 14.39
CA ASP D 214 5.10 33.27 15.11
C ASP D 214 3.84 32.44 15.40
N LEU D 215 2.68 33.05 15.70
CA LEU D 215 1.43 32.31 16.03
C LEU D 215 1.02 31.47 14.82
N GLU D 216 1.22 32.01 13.61
CA GLU D 216 0.81 31.38 12.33
C GLU D 216 1.82 30.29 12.00
N GLU D 217 3.11 30.60 12.12
CA GLU D 217 4.19 29.62 11.84
C GLU D 217 3.96 28.39 12.74
N ARG D 218 3.68 28.60 14.03
CA ARG D 218 3.45 27.51 15.03
C ARG D 218 2.14 26.79 14.68
N LEU D 219 1.04 27.51 14.51
CA LEU D 219 -0.29 26.91 14.24
C LEU D 219 -0.18 25.94 13.06
N GLY D 220 0.63 26.28 12.05
CA GLY D 220 0.82 25.50 10.82
C GLY D 220 1.73 24.28 10.99
N ARG D 221 2.38 24.13 12.16
CA ARG D 221 3.22 22.95 12.51
C ARG D 221 2.34 21.87 13.17
N ILE D 222 1.17 22.28 13.67
CA ILE D 222 0.26 21.38 14.42
C ILE D 222 -0.11 20.20 13.51
N VAL D 223 0.15 18.99 13.99
CA VAL D 223 -0.22 17.74 13.28
C VAL D 223 -1.62 17.33 13.74
N ILE D 224 -2.61 17.48 12.86
CA ILE D 224 -4.06 17.35 13.17
C ILE D 224 -4.47 15.91 12.94
N ALA D 225 -3.81 15.23 12.02
CA ALA D 225 -4.20 13.85 11.64
C ALA D 225 -3.09 13.19 10.81
N GLU D 226 -3.37 11.96 10.38
CA GLU D 226 -2.43 11.09 9.64
C GLU D 226 -3.18 10.60 8.41
N THR D 227 -2.52 10.33 7.30
CA THR D 227 -3.19 9.78 6.09
C THR D 227 -3.25 8.25 6.25
N ARG D 228 -4.00 7.52 5.39
CA ARG D 228 -4.05 6.04 5.52
C ARG D 228 -2.61 5.49 5.49
N ASP D 229 -1.77 5.97 4.55
CA ASP D 229 -0.33 5.59 4.40
C ASP D 229 0.53 6.26 5.50
N ARG D 230 -0.12 6.89 6.50
CA ARG D 230 0.47 7.23 7.82
C ARG D 230 1.43 8.43 7.69
N LYS D 231 1.33 9.22 6.61
CA LYS D 231 2.05 10.50 6.45
C LYS D 231 1.33 11.56 7.28
N PRO D 232 2.03 12.62 7.77
CA PRO D 232 1.40 13.63 8.62
C PRO D 232 0.46 14.57 7.86
N VAL D 233 -0.48 15.19 8.57
CA VAL D 233 -1.35 16.30 8.05
C VAL D 233 -1.35 17.44 9.07
N THR D 234 -1.14 18.67 8.59
CA THR D 234 -1.02 19.90 9.41
C THR D 234 -2.22 20.83 9.17
N LEU D 235 -2.55 21.63 10.17
CA LEU D 235 -3.54 22.74 10.05
C LEU D 235 -3.18 23.53 8.78
N ALA D 236 -1.89 23.59 8.39
CA ALA D 236 -1.47 24.29 7.15
C ALA D 236 -1.99 23.56 5.92
N ASP D 237 -2.08 22.22 5.96
CA ASP D 237 -2.59 21.39 4.84
C ASP D 237 -4.08 21.65 4.61
N VAL D 238 -4.87 21.79 5.68
CA VAL D 238 -6.34 22.14 5.57
C VAL D 238 -6.53 23.68 5.59
N LYS D 239 -5.46 24.44 5.35
CA LYS D 239 -5.45 25.90 5.04
C LYS D 239 -6.20 26.64 6.14
N ALA D 240 -5.86 26.35 7.40
CA ALA D 240 -6.57 26.84 8.60
C ALA D 240 -5.84 28.01 9.27
N THR D 241 -4.52 28.07 9.21
CA THR D 241 -3.64 28.96 10.02
C THR D 241 -4.12 30.41 9.95
N GLY D 242 -4.11 30.99 8.75
CA GLY D 242 -4.52 32.39 8.45
C GLY D 242 -5.82 32.79 9.15
N ALA D 243 -6.90 32.03 8.93
CA ALA D 243 -8.25 32.29 9.46
C ALA D 243 -8.22 32.27 11.00
N MET D 244 -7.49 31.33 11.58
CA MET D 244 -7.33 31.16 13.04
C MET D 244 -6.60 32.40 13.60
N THR D 245 -5.46 32.77 13.01
CA THR D 245 -4.63 33.96 13.35
C THR D 245 -5.51 35.22 13.36
N VAL D 246 -6.49 35.29 12.45
CA VAL D 246 -7.38 36.47 12.32
C VAL D 246 -8.34 36.46 13.51
N LEU D 247 -8.86 35.30 13.90
CA LEU D 247 -9.77 35.20 15.05
C LEU D 247 -9.01 35.37 16.36
N LEU D 248 -7.68 35.41 16.33
CA LEU D 248 -6.86 35.64 17.56
C LEU D 248 -6.16 37.00 17.50
N LYS D 249 -6.36 37.83 16.46
CA LYS D 249 -5.60 39.11 16.28
C LYS D 249 -5.74 39.89 17.58
N ASP D 250 -6.98 40.20 17.99
CA ASP D 250 -7.28 41.05 19.18
C ASP D 250 -6.90 40.26 20.43
N ALA D 251 -7.34 39.00 20.54
CA ALA D 251 -6.99 38.10 21.66
C ALA D 251 -5.52 38.26 22.05
N LEU D 252 -4.62 38.25 21.07
CA LEU D 252 -3.15 38.08 21.33
C LEU D 252 -2.57 39.32 22.04
N GLN D 253 -3.24 40.46 22.02
CA GLN D 253 -2.88 41.62 22.88
C GLN D 253 -3.10 41.21 24.34
N PRO D 254 -2.15 41.54 25.26
CA PRO D 254 -2.28 41.19 26.67
C PRO D 254 -3.20 42.17 27.40
N ASN D 255 -3.84 41.70 28.49
CA ASN D 255 -4.91 42.42 29.22
C ASN D 255 -4.24 43.09 30.41
N LEU D 256 -4.37 44.41 30.54
CA LEU D 256 -3.85 45.15 31.71
C LEU D 256 -5.02 45.32 32.64
N VAL D 257 -4.76 45.10 33.91
CA VAL D 257 -5.73 45.11 35.03
C VAL D 257 -4.94 45.48 36.29
N GLN D 258 -5.49 45.33 37.49
CA GLN D 258 -4.85 45.90 38.69
C GLN D 258 -5.15 45.08 39.94
N THR D 259 -4.25 45.17 40.93
CA THR D 259 -4.47 44.69 42.33
C THR D 259 -5.36 45.68 43.08
N LEU D 260 -5.89 45.23 44.24
CA LEU D 260 -6.66 46.02 45.23
C LEU D 260 -5.91 47.30 45.64
N GLU D 261 -4.61 47.40 45.42
CA GLU D 261 -3.78 48.52 45.90
C GLU D 261 -3.35 49.41 44.72
N GLY D 262 -3.97 49.28 43.53
CA GLY D 262 -3.76 50.17 42.36
C GLY D 262 -2.64 49.76 41.40
N ASN D 263 -1.84 48.74 41.72
CA ASN D 263 -0.64 48.36 40.93
C ASN D 263 -0.96 47.58 39.66
N PRO D 264 -0.11 47.71 38.62
CA PRO D 264 -0.36 47.07 37.33
C PRO D 264 -0.20 45.54 37.39
N ALA D 265 -1.09 44.83 36.69
CA ALA D 265 -1.14 43.35 36.61
C ALA D 265 -1.61 42.90 35.21
N LEU D 266 -0.80 42.08 34.50
CA LEU D 266 -1.22 41.47 33.22
C LEU D 266 -1.80 40.08 33.47
N ILE D 267 -2.95 39.78 32.87
CA ILE D 267 -3.60 38.45 32.84
C ILE D 267 -3.76 38.02 31.38
N HIS D 268 -3.12 36.94 30.94
CA HIS D 268 -3.06 36.56 29.51
C HIS D 268 -2.66 35.09 29.37
N GLY D 269 -3.58 34.30 28.79
CA GLY D 269 -3.40 32.87 28.54
C GLY D 269 -3.95 32.08 29.69
N GLY D 270 -4.00 30.76 29.57
CA GLY D 270 -4.55 29.89 30.63
C GLY D 270 -4.57 28.43 30.21
N PRO D 271 -3.38 27.88 29.96
CA PRO D 271 -3.27 26.50 29.50
C PRO D 271 -3.18 25.56 30.69
N PHE D 272 -3.26 24.26 30.45
CA PHE D 272 -3.09 23.20 31.48
C PHE D 272 -1.62 23.15 31.88
N ALA D 273 -1.30 22.51 33.00
CA ALA D 273 0.08 22.39 33.52
C ALA D 273 0.52 20.92 33.50
N ASN D 274 -0.28 20.02 32.94
CA ASN D 274 0.05 18.58 32.81
C ASN D 274 0.31 18.29 31.33
N ILE D 275 -0.66 18.57 30.45
CA ILE D 275 -0.52 18.30 28.99
C ILE D 275 0.05 19.53 28.26
N ALA D 276 0.27 20.64 28.98
CA ALA D 276 0.97 21.85 28.51
C ALA D 276 1.82 22.43 29.65
N HIS D 277 2.56 23.51 29.37
CA HIS D 277 3.65 24.04 30.22
C HIS D 277 3.10 24.84 31.42
N GLY D 278 1.82 25.22 31.40
CA GLY D 278 1.10 25.80 32.55
C GLY D 278 1.61 27.17 32.94
N CYS D 279 2.05 27.99 31.99
CA CYS D 279 2.47 29.39 32.23
C CYS D 279 1.56 30.34 31.47
N ASN D 280 1.64 31.65 31.76
CA ASN D 280 0.81 32.66 31.06
C ASN D 280 1.60 33.09 29.82
N SER D 281 0.97 33.88 28.95
CA SER D 281 1.47 34.20 27.59
C SER D 281 2.85 34.84 27.70
N VAL D 282 3.77 34.40 26.83
CA VAL D 282 5.16 34.92 26.65
C VAL D 282 5.08 36.42 26.31
N ILE D 283 4.01 36.84 25.63
CA ILE D 283 3.83 38.28 25.28
C ILE D 283 3.69 39.05 26.59
N ALA D 284 2.85 38.55 27.50
CA ALA D 284 2.58 39.18 28.82
C ALA D 284 3.91 39.42 29.56
N THR D 285 4.68 38.37 29.84
CA THR D 285 5.87 38.46 30.73
C THR D 285 6.95 39.33 30.06
N ARG D 286 7.15 39.16 28.74
CA ARG D 286 8.06 39.98 27.90
C ARG D 286 7.61 41.44 28.01
N THR D 287 6.32 41.72 27.88
CA THR D 287 5.77 43.11 27.96
C THR D 287 6.07 43.66 29.36
N GLY D 288 5.88 42.83 30.39
CA GLY D 288 6.25 43.20 31.76
C GLY D 288 7.73 43.58 31.88
N LEU D 289 8.62 42.76 31.36
CA LEU D 289 10.09 42.91 31.58
C LEU D 289 10.57 44.22 30.94
N ARG D 290 9.97 44.63 29.84
CA ARG D 290 10.39 45.83 29.07
C ARG D 290 9.60 47.06 29.55
N LEU D 291 8.86 46.99 30.67
CA LEU D 291 8.12 48.18 31.17
C LEU D 291 8.32 48.37 32.69
N ALA D 292 8.85 47.38 33.41
CA ALA D 292 8.91 47.37 34.89
C ALA D 292 10.34 47.05 35.37
N ASP D 293 10.63 47.29 36.65
CA ASP D 293 11.92 46.89 37.30
C ASP D 293 11.86 45.41 37.62
N TYR D 294 10.65 44.93 37.97
CA TYR D 294 10.41 43.50 38.31
C TYR D 294 9.12 43.01 37.68
N THR D 295 9.12 41.76 37.26
CA THR D 295 7.93 41.07 36.72
C THR D 295 7.80 39.78 37.49
N VAL D 296 6.66 39.60 38.13
CA VAL D 296 6.29 38.43 38.98
C VAL D 296 5.27 37.62 38.19
N THR D 297 5.59 36.36 37.94
CA THR D 297 4.71 35.43 37.22
C THR D 297 4.66 34.11 38.01
N GLU D 298 3.66 33.26 37.76
CA GLU D 298 3.61 31.92 38.38
C GLU D 298 3.46 30.87 37.29
N ALA D 299 3.70 29.63 37.69
CA ALA D 299 3.56 28.37 36.92
C ALA D 299 2.55 27.47 37.62
N GLY D 300 1.55 26.96 36.90
CA GLY D 300 0.60 25.94 37.35
C GLY D 300 1.27 24.90 38.23
N PHE D 301 0.58 24.43 39.28
CA PHE D 301 1.01 23.32 40.16
C PHE D 301 2.35 23.67 40.84
N GLY D 302 2.90 22.73 41.61
CA GLY D 302 4.19 22.85 42.31
C GLY D 302 5.39 22.81 41.38
N ALA D 303 6.60 23.03 41.92
CA ALA D 303 7.87 23.22 41.17
C ALA D 303 8.37 21.89 40.56
N ASP D 304 7.74 20.75 40.86
CA ASP D 304 8.04 19.46 40.18
C ASP D 304 7.47 19.47 38.75
N LEU D 305 6.43 20.30 38.54
CA LEU D 305 5.72 20.39 37.24
C LEU D 305 5.76 21.82 36.68
N GLY D 306 5.26 22.81 37.41
CA GLY D 306 5.16 24.21 36.93
C GLY D 306 6.51 24.85 36.65
N ALA D 307 7.45 24.83 37.60
CA ALA D 307 8.77 25.48 37.52
C ALA D 307 9.64 24.81 36.43
N GLU D 308 9.77 23.48 36.45
CA GLU D 308 10.52 22.67 35.47
C GLU D 308 10.12 23.16 34.07
N LYS D 309 8.81 23.20 33.79
CA LYS D 309 8.24 23.62 32.49
C LYS D 309 8.50 25.12 32.28
N PHE D 310 8.35 25.93 33.32
CA PHE D 310 8.58 27.39 33.14
C PHE D 310 10.07 27.57 32.74
N ILE D 311 10.97 26.72 33.24
CA ILE D 311 12.41 26.80 32.83
C ILE D 311 12.63 25.99 31.56
N ASP D 312 12.34 24.69 31.59
CA ASP D 312 12.74 23.78 30.47
C ASP D 312 11.91 23.99 29.22
N ILE D 313 10.72 24.60 29.30
CA ILE D 313 9.91 24.85 28.08
C ILE D 313 9.88 26.35 27.84
N LYS D 314 9.26 27.12 28.74
CA LYS D 314 9.04 28.57 28.46
C LYS D 314 10.39 29.29 28.40
N CYS D 315 11.24 29.19 29.44
CA CYS D 315 12.52 29.96 29.54
C CYS D 315 13.47 29.52 28.44
N ARG D 316 13.50 28.25 28.08
CA ARG D 316 14.40 27.72 27.03
C ARG D 316 14.00 28.24 25.64
N GLN D 317 12.73 28.25 25.27
CA GLN D 317 12.29 28.69 23.91
C GLN D 317 12.60 30.17 23.70
N THR D 318 12.44 30.96 24.77
CA THR D 318 12.28 32.44 24.77
C THR D 318 13.62 33.15 24.98
N GLY D 319 14.58 32.50 25.61
CA GLY D 319 15.84 33.12 26.08
C GLY D 319 15.72 33.66 27.48
N LEU D 320 14.50 33.80 28.01
CA LEU D 320 14.23 34.35 29.38
C LEU D 320 15.01 33.55 30.42
N LYS D 321 15.40 34.24 31.51
CA LYS D 321 16.16 33.68 32.65
C LYS D 321 15.68 34.41 33.91
N PRO D 322 14.93 33.75 34.81
CA PRO D 322 14.49 34.41 36.05
C PRO D 322 15.62 34.78 37.04
N SER D 323 15.49 35.95 37.66
CA SER D 323 16.40 36.52 38.70
C SER D 323 16.42 35.60 39.93
N SER D 324 15.26 35.09 40.32
CA SER D 324 15.04 34.45 41.64
C SER D 324 13.70 33.74 41.62
N VAL D 325 13.56 32.74 42.48
CA VAL D 325 12.35 31.87 42.61
C VAL D 325 11.92 31.91 44.08
N VAL D 326 10.65 32.20 44.33
CA VAL D 326 9.97 31.99 45.64
C VAL D 326 9.27 30.62 45.58
N ILE D 327 9.47 29.79 46.60
CA ILE D 327 8.69 28.53 46.75
C ILE D 327 7.73 28.68 47.92
N VAL D 328 6.43 28.66 47.63
CA VAL D 328 5.36 28.90 48.62
C VAL D 328 5.15 27.60 49.41
N ALA D 329 5.02 27.74 50.74
CA ALA D 329 4.63 26.66 51.68
C ALA D 329 3.67 27.21 52.74
N THR D 330 2.78 26.37 53.21
CA THR D 330 1.99 26.58 54.44
C THR D 330 2.30 25.46 55.44
N ILE D 331 2.25 25.81 56.73
CA ILE D 331 2.49 24.86 57.86
C ILE D 331 1.50 23.68 57.72
N ARG D 332 0.22 24.01 57.50
CA ARG D 332 -0.88 23.03 57.25
C ARG D 332 -0.47 22.06 56.13
N ALA D 333 0.02 22.58 54.98
CA ALA D 333 0.39 21.81 53.77
C ALA D 333 1.55 20.86 54.09
N LEU D 334 2.60 21.36 54.72
CA LEU D 334 3.75 20.50 55.14
C LEU D 334 3.26 19.40 56.08
N LYS D 335 2.40 19.68 57.06
CA LYS D 335 1.89 18.67 58.04
C LYS D 335 1.07 17.58 57.32
N MET D 336 0.41 17.92 56.21
CA MET D 336 -0.42 16.96 55.44
C MET D 336 0.53 15.99 54.73
N HIS D 337 1.68 16.51 54.28
CA HIS D 337 2.79 15.73 53.68
C HIS D 337 3.58 15.03 54.80
N GLY D 338 3.20 15.29 56.05
CA GLY D 338 3.76 14.61 57.23
C GLY D 338 2.82 13.57 57.77
N GLY D 339 1.63 13.42 57.16
CA GLY D 339 0.70 12.30 57.40
C GLY D 339 -0.58 12.78 58.05
N VAL D 340 -0.61 14.00 58.54
CA VAL D 340 -1.80 14.56 59.24
C VAL D 340 -2.94 14.69 58.20
N ASN D 341 -4.11 14.11 58.53
CA ASN D 341 -5.39 14.26 57.78
C ASN D 341 -5.96 15.64 58.09
N LYS D 342 -6.64 16.26 57.11
CA LYS D 342 -6.95 17.71 57.07
C LYS D 342 -7.77 18.14 58.29
N LYS D 343 -8.47 17.24 58.98
CA LYS D 343 -9.34 17.63 60.13
C LYS D 343 -8.44 17.96 61.32
N ASP D 344 -7.33 17.24 61.47
CA ASP D 344 -6.44 17.28 62.65
C ASP D 344 -5.42 18.43 62.55
N LEU D 345 -5.62 19.44 61.67
CA LEU D 345 -4.53 20.39 61.29
C LEU D 345 -4.30 21.48 62.34
N GLN D 346 -5.30 21.77 63.19
CA GLN D 346 -5.26 22.76 64.32
C GLN D 346 -4.18 22.41 65.35
N ALA D 347 -4.15 21.18 65.86
CA ALA D 347 -3.22 20.71 66.92
C ALA D 347 -1.76 20.85 66.46
N GLU D 348 -0.91 21.46 67.30
CA GLU D 348 0.55 21.47 67.09
C GLU D 348 0.98 20.01 66.84
N ASN D 349 1.75 19.75 65.79
CA ASN D 349 2.46 18.47 65.54
C ASN D 349 3.76 18.78 64.79
N LEU D 350 4.84 19.15 65.49
CA LEU D 350 6.17 19.45 64.89
C LEU D 350 6.82 18.20 64.29
N ASP D 351 6.34 17.00 64.66
CA ASP D 351 6.88 15.72 64.12
C ASP D 351 6.47 15.64 62.66
N ALA D 352 5.17 15.82 62.40
CA ALA D 352 4.52 15.83 61.07
C ALA D 352 5.10 16.95 60.22
N LEU D 353 5.40 18.11 60.82
CA LEU D 353 6.05 19.24 60.13
C LEU D 353 7.44 18.81 59.62
N GLU D 354 8.26 18.13 60.42
CA GLU D 354 9.61 17.72 59.95
C GLU D 354 9.46 16.71 58.80
N LYS D 355 8.60 15.70 58.96
CA LYS D 355 8.33 14.64 57.94
C LYS D 355 8.08 15.28 56.57
N GLY D 356 7.13 16.23 56.50
CA GLY D 356 6.66 16.85 55.25
C GLY D 356 7.60 17.92 54.71
N PHE D 357 8.54 18.42 55.52
CA PHE D 357 9.68 19.26 55.05
C PHE D 357 10.39 18.55 53.87
N ALA D 358 10.54 17.23 53.95
CA ALA D 358 10.99 16.32 52.86
C ALA D 358 10.50 16.79 51.48
N ASN D 359 9.20 17.09 51.33
CA ASN D 359 8.57 17.62 50.10
C ASN D 359 9.20 18.96 49.72
N LEU D 360 9.13 19.99 50.59
CA LEU D 360 9.82 21.30 50.41
C LEU D 360 11.31 21.11 50.11
N GLU D 361 11.99 20.24 50.86
CA GLU D 361 13.46 20.04 50.73
C GLU D 361 13.82 19.65 49.31
N ARG D 362 13.00 18.85 48.67
CA ARG D 362 13.27 18.36 47.29
C ARG D 362 13.09 19.52 46.29
N HIS D 363 11.97 20.24 46.36
CA HIS D 363 11.66 21.40 45.47
C HIS D 363 12.81 22.42 45.52
N VAL D 364 13.18 22.91 46.70
CA VAL D 364 14.38 23.80 46.84
C VAL D 364 15.56 23.16 46.12
N ASN D 365 15.87 21.88 46.38
CA ASN D 365 17.11 21.25 45.83
C ASN D 365 16.96 21.11 44.32
N ASN D 366 15.72 20.96 43.81
CA ASN D 366 15.42 20.78 42.37
C ASN D 366 15.61 22.12 41.64
N VAL D 367 14.98 23.17 42.17
CA VAL D 367 15.04 24.55 41.61
C VAL D 367 16.50 25.04 41.61
N ARG D 368 17.26 24.80 42.70
CA ARG D 368 18.70 25.20 42.82
C ARG D 368 19.54 24.48 41.73
N SER D 369 19.12 23.27 41.33
CA SER D 369 19.85 22.41 40.36
C SER D 369 19.96 23.17 39.04
N PHE D 370 19.04 24.13 38.83
CA PHE D 370 18.88 24.99 37.61
C PHE D 370 19.73 26.27 37.72
N GLY D 371 20.50 26.40 38.81
CA GLY D 371 21.41 27.53 39.07
C GLY D 371 20.62 28.79 39.34
N LEU D 372 19.56 28.68 40.14
CA LEU D 372 18.61 29.77 40.41
C LEU D 372 18.51 29.98 41.92
N PRO D 373 18.68 31.23 42.42
CA PRO D 373 18.47 31.56 43.82
C PRO D 373 17.01 31.39 44.31
N VAL D 374 16.83 31.02 45.57
CA VAL D 374 15.52 30.54 46.13
C VAL D 374 15.33 31.14 47.53
N VAL D 375 14.10 31.61 47.78
CA VAL D 375 13.58 31.96 49.12
C VAL D 375 12.21 31.29 49.23
N VAL D 376 11.86 30.94 50.47
CA VAL D 376 10.67 30.15 50.87
C VAL D 376 9.67 31.15 51.43
N GLY D 377 8.51 31.30 50.79
CA GLY D 377 7.37 32.09 51.26
C GLY D 377 6.41 31.22 52.05
N VAL D 378 6.26 31.49 53.35
CA VAL D 378 5.31 30.75 54.23
C VAL D 378 4.04 31.60 54.41
N ASN D 379 2.91 31.14 53.86
CA ASN D 379 1.64 31.90 53.92
C ASN D 379 0.98 31.58 55.25
N HIS D 380 0.89 32.61 56.12
CA HIS D 380 0.56 32.47 57.56
C HIS D 380 -0.89 32.00 57.68
N PHE D 381 -1.21 31.37 58.81
CA PHE D 381 -2.57 30.97 59.22
C PHE D 381 -2.67 31.13 60.73
N PHE D 382 -3.80 31.61 61.25
CA PHE D 382 -3.99 31.98 62.67
C PHE D 382 -3.75 30.75 63.56
N GLN D 383 -4.13 29.55 63.12
CA GLN D 383 -4.00 28.31 63.97
C GLN D 383 -2.53 27.90 64.09
N ASP D 384 -1.62 28.55 63.35
CA ASP D 384 -0.18 28.17 63.29
C ASP D 384 0.46 28.59 64.63
N THR D 385 1.13 27.67 65.34
CA THR D 385 1.81 28.03 66.61
C THR D 385 3.12 28.73 66.27
N ASP D 386 3.67 29.46 67.22
CA ASP D 386 4.92 30.24 67.06
C ASP D 386 6.07 29.25 66.88
N ALA D 387 6.00 28.06 67.50
CA ALA D 387 7.09 27.04 67.53
C ALA D 387 7.12 26.27 66.21
N GLU D 388 5.98 26.20 65.52
CA GLU D 388 5.88 25.53 64.21
C GLU D 388 6.62 26.38 63.18
N HIS D 389 6.34 27.70 63.12
CA HIS D 389 7.04 28.67 62.24
C HIS D 389 8.54 28.68 62.53
N ALA D 390 8.94 28.55 63.80
CA ALA D 390 10.34 28.63 64.28
C ALA D 390 11.09 27.37 63.86
N ARG D 391 10.44 26.20 63.93
CA ARG D 391 11.09 24.92 63.59
C ARG D 391 11.22 24.80 62.07
N LEU D 392 10.30 25.39 61.28
CA LEU D 392 10.43 25.46 59.79
C LEU D 392 11.63 26.32 59.43
N LYS D 393 11.81 27.47 60.08
CA LYS D 393 12.95 28.39 59.84
C LYS D 393 14.27 27.70 60.20
N GLU D 394 14.32 27.09 61.39
CA GLU D 394 15.41 26.20 61.85
C GLU D 394 15.75 25.16 60.77
N LEU D 395 14.77 24.40 60.29
CA LEU D 395 14.91 23.29 59.28
C LEU D 395 15.46 23.83 57.94
N CYS D 396 14.83 24.87 57.39
CA CYS D 396 15.27 25.58 56.16
C CYS D 396 16.71 26.12 56.32
N ARG D 397 17.10 26.68 57.46
CA ARG D 397 18.47 27.24 57.63
C ARG D 397 19.46 26.07 57.80
N ASP D 398 19.11 25.03 58.55
CA ASP D 398 20.09 23.98 58.97
C ASP D 398 20.37 23.02 57.80
N ARG D 399 19.34 22.66 57.03
CA ARG D 399 19.39 21.57 56.01
C ARG D 399 19.64 22.12 54.59
N LEU D 400 18.97 23.22 54.21
CA LEU D 400 18.92 23.76 52.83
C LEU D 400 19.68 25.08 52.71
N GLN D 401 20.11 25.63 53.85
CA GLN D 401 20.72 26.98 53.96
C GLN D 401 19.88 27.91 53.08
N VAL D 402 18.63 28.21 53.50
CA VAL D 402 17.60 29.03 52.79
C VAL D 402 16.73 29.79 53.81
N GLU D 403 16.26 30.98 53.42
CA GLU D 403 15.47 31.90 54.29
C GLU D 403 13.99 31.57 54.15
N ALA D 404 13.27 31.49 55.27
CA ALA D 404 11.83 31.16 55.37
C ALA D 404 11.10 32.38 55.89
N ILE D 405 10.48 33.15 54.99
CA ILE D 405 9.88 34.48 55.31
C ILE D 405 8.37 34.30 55.49
N THR D 406 7.91 34.33 56.73
CA THR D 406 6.47 34.44 57.08
C THR D 406 5.88 35.61 56.28
N CYS D 407 4.82 35.38 55.52
CA CYS D 407 4.04 36.42 54.78
C CYS D 407 2.60 36.40 55.27
N LYS D 408 2.03 37.58 55.55
CA LYS D 408 0.65 37.78 56.04
C LYS D 408 -0.03 38.77 55.10
N HIS D 409 0.20 38.64 53.80
CA HIS D 409 -0.35 39.56 52.77
C HIS D 409 -1.82 39.22 52.52
N TRP D 410 -2.25 37.97 52.72
CA TRP D 410 -3.69 37.56 52.66
C TRP D 410 -4.54 38.41 53.60
N ALA D 411 -3.96 38.89 54.72
CA ALA D 411 -4.65 39.64 55.80
C ALA D 411 -4.29 41.14 55.81
N GLU D 412 -3.03 41.49 55.52
CA GLU D 412 -2.45 42.85 55.65
C GLU D 412 -2.06 43.47 54.30
N GLY D 413 -2.19 42.74 53.19
CA GLY D 413 -1.87 43.24 51.84
C GLY D 413 -0.37 43.41 51.67
N GLY D 414 0.04 44.38 50.85
CA GLY D 414 1.46 44.70 50.61
C GLY D 414 2.29 44.43 51.85
N ALA D 415 2.04 45.18 52.93
CA ALA D 415 2.75 45.08 54.23
C ALA D 415 3.20 43.64 54.57
N GLY D 416 2.32 42.64 54.47
CA GLY D 416 2.60 41.27 54.93
C GLY D 416 3.68 40.58 54.10
N ALA D 417 3.98 41.11 52.91
CA ALA D 417 4.95 40.55 51.94
C ALA D 417 6.18 41.44 51.77
N GLU D 418 6.41 42.44 52.64
CA GLU D 418 7.56 43.40 52.51
C GLU D 418 8.85 42.64 52.81
N ALA D 419 8.86 41.83 53.86
CA ALA D 419 10.06 41.07 54.25
C ALA D 419 10.50 40.21 53.05
N LEU D 420 9.53 39.64 52.33
CA LEU D 420 9.74 38.71 51.19
C LEU D 420 10.25 39.47 49.98
N ALA D 421 9.72 40.67 49.74
CA ALA D 421 10.15 41.58 48.67
C ALA D 421 11.59 42.00 48.98
N GLN D 422 11.89 42.31 50.25
CA GLN D 422 13.27 42.71 50.60
C GLN D 422 14.23 41.57 50.19
N ALA D 423 13.80 40.32 50.36
CA ALA D 423 14.64 39.11 50.24
C ALA D 423 14.81 38.67 48.77
N VAL D 424 13.78 38.84 47.94
CA VAL D 424 13.76 38.61 46.46
C VAL D 424 14.74 39.58 45.77
N VAL D 425 14.60 40.88 46.04
CA VAL D 425 15.48 41.98 45.56
C VAL D 425 16.96 41.61 45.82
N LYS D 426 17.27 41.16 47.03
CA LYS D 426 18.61 40.65 47.47
C LYS D 426 19.08 39.48 46.57
N LEU D 427 18.24 38.47 46.32
CA LEU D 427 18.64 37.28 45.51
C LEU D 427 18.99 37.78 44.10
N ALA D 428 18.20 38.74 43.59
CA ALA D 428 18.30 39.34 42.25
C ALA D 428 19.59 40.15 42.09
N GLU D 429 20.00 40.87 43.15
CA GLU D 429 21.14 41.85 43.13
C GLU D 429 22.44 41.07 43.33
N GLY D 430 22.38 39.95 44.07
CA GLY D 430 23.52 39.03 44.37
C GLY D 430 24.00 38.24 43.16
N GLU D 431 24.83 37.22 43.39
CA GLU D 431 25.67 36.57 42.33
C GLU D 431 24.79 35.86 41.30
N GLN D 432 24.94 36.22 40.03
CA GLN D 432 24.21 35.64 38.87
C GLN D 432 25.05 34.50 38.26
N LYS D 433 24.55 33.26 38.32
CA LYS D 433 25.16 32.02 37.76
C LYS D 433 24.49 31.70 36.42
N PRO D 434 25.11 30.81 35.59
CA PRO D 434 24.44 30.31 34.37
C PRO D 434 23.13 29.54 34.65
N LEU D 435 22.11 29.77 33.81
CA LEU D 435 20.85 29.00 33.85
C LEU D 435 21.08 27.64 33.20
N THR D 436 21.17 26.58 33.97
CA THR D 436 21.30 25.20 33.43
C THR D 436 19.88 24.66 33.18
N PHE D 437 19.72 23.52 32.50
CA PHE D 437 18.42 22.87 32.21
C PHE D 437 18.47 21.44 32.75
N ALA D 438 17.38 20.67 32.65
CA ALA D 438 17.26 19.29 33.20
C ALA D 438 17.82 18.26 32.22
N TYR D 439 17.79 18.54 30.91
CA TYR D 439 18.36 17.66 29.85
C TYR D 439 19.02 18.54 28.78
N GLU D 440 20.01 17.97 28.07
CA GLU D 440 20.53 18.51 26.77
C GLU D 440 19.48 18.23 25.68
N THR D 441 19.33 19.12 24.69
CA THR D 441 18.23 19.03 23.69
C THR D 441 18.51 17.87 22.73
N GLU D 442 19.77 17.50 22.46
CA GLU D 442 20.10 16.46 21.44
C GLU D 442 20.31 15.11 22.14
N THR D 443 19.65 14.86 23.27
CA THR D 443 19.50 13.53 23.90
C THR D 443 18.22 12.91 23.31
N LYS D 444 18.06 11.59 23.40
CA LYS D 444 16.80 10.87 23.06
C LYS D 444 15.68 11.38 23.99
N ILE D 445 14.45 11.44 23.47
CA ILE D 445 13.25 11.86 24.25
C ILE D 445 13.22 11.01 25.51
N THR D 446 13.43 9.68 25.38
CA THR D 446 13.31 8.69 26.48
C THR D 446 14.32 9.05 27.54
N ASP D 447 15.49 9.55 27.11
CA ASP D 447 16.57 10.03 28.01
C ASP D 447 16.14 11.39 28.58
N LYS D 448 15.47 12.25 27.82
CA LYS D 448 14.89 13.48 28.43
C LYS D 448 13.88 13.07 29.54
N ILE D 449 13.05 12.05 29.31
CA ILE D 449 12.04 11.58 30.32
C ILE D 449 12.74 11.03 31.55
N LYS D 450 13.68 10.08 31.35
CA LYS D 450 14.41 9.45 32.47
C LYS D 450 15.14 10.55 33.25
N ALA D 451 15.69 11.56 32.59
CA ALA D 451 16.51 12.60 33.27
C ALA D 451 15.62 13.43 34.20
N ILE D 452 14.35 13.64 33.83
CA ILE D 452 13.38 14.39 34.67
C ILE D 452 12.93 13.47 35.80
N ALA D 453 12.64 12.22 35.51
CA ALA D 453 12.08 11.25 36.49
C ALA D 453 13.12 10.95 37.59
N THR D 454 14.38 10.74 37.22
CA THR D 454 15.43 10.20 38.15
C THR D 454 16.16 11.36 38.84
N LYS D 455 16.26 12.55 38.22
CA LYS D 455 16.94 13.69 38.88
C LYS D 455 15.95 14.52 39.73
N LEU D 456 14.65 14.62 39.38
CA LEU D 456 13.73 15.61 40.03
C LEU D 456 12.62 14.90 40.81
N TYR D 457 12.14 13.73 40.37
CA TYR D 457 10.98 13.05 41.01
C TYR D 457 11.47 12.06 42.09
N GLY D 458 12.77 11.74 42.11
CA GLY D 458 13.39 10.76 43.02
C GLY D 458 13.27 9.34 42.51
N ALA D 459 12.75 9.13 41.30
CA ALA D 459 12.29 7.81 40.83
C ALA D 459 13.49 6.93 40.56
N ALA D 460 13.41 5.63 40.82
CA ALA D 460 14.44 4.63 40.41
C ALA D 460 14.62 4.71 38.88
N ASP D 461 13.56 4.39 38.14
CA ASP D 461 13.63 4.21 36.67
C ASP D 461 12.35 4.73 36.01
N ILE D 462 12.26 4.57 34.69
CA ILE D 462 11.03 4.79 33.88
C ILE D 462 10.73 3.50 33.10
N GLN D 463 9.47 3.27 32.73
CA GLN D 463 9.04 2.15 31.86
C GLN D 463 8.22 2.74 30.69
N ILE D 464 8.57 2.41 29.44
CA ILE D 464 7.76 2.82 28.25
C ILE D 464 6.95 1.61 27.78
N GLU D 465 5.64 1.59 28.04
CA GLU D 465 4.65 0.66 27.46
C GLU D 465 4.71 0.78 25.92
N SER D 466 4.29 -0.26 25.21
CA SER D 466 4.43 -0.43 23.73
C SER D 466 3.73 0.72 22.97
N LYS D 467 2.44 0.99 23.24
CA LYS D 467 1.65 2.06 22.59
C LYS D 467 2.54 3.26 22.32
N ALA D 468 3.25 3.70 23.36
CA ALA D 468 4.11 4.91 23.44
C ALA D 468 5.47 4.68 22.83
N ALA D 469 6.05 3.48 23.03
CA ALA D 469 7.36 3.06 22.48
C ALA D 469 7.34 3.20 20.96
N THR D 470 6.27 2.70 20.31
CA THR D 470 6.12 2.78 18.84
C THR D 470 6.14 4.27 18.45
N LYS D 471 5.27 5.07 19.07
CA LYS D 471 5.12 6.52 18.78
C LYS D 471 6.42 7.30 19.04
N LEU D 472 7.13 7.04 20.15
CA LEU D 472 8.42 7.70 20.44
C LEU D 472 9.41 7.34 19.31
N ALA D 473 9.40 6.08 18.86
CA ALA D 473 10.20 5.59 17.71
C ALA D 473 9.78 6.29 16.42
N GLY D 474 8.48 6.56 16.24
CA GLY D 474 7.95 7.36 15.13
C GLY D 474 8.43 8.81 15.21
N PHE D 475 8.28 9.43 16.39
CA PHE D 475 8.54 10.87 16.67
C PHE D 475 10.01 11.20 16.39
N GLU D 476 10.87 10.26 16.73
CA GLU D 476 12.35 10.42 16.67
C GLU D 476 12.77 10.22 15.21
N LYS D 477 12.05 9.36 14.48
CA LYS D 477 12.33 9.08 13.04
C LYS D 477 11.84 10.26 12.17
N ASP D 478 10.73 10.93 12.55
CA ASP D 478 10.11 12.06 11.80
C ASP D 478 10.80 13.37 12.18
N GLY D 479 11.85 13.32 13.02
CA GLY D 479 12.73 14.46 13.32
C GLY D 479 12.19 15.39 14.42
N TYR D 480 11.33 14.90 15.34
CA TYR D 480 10.87 15.62 16.56
C TYR D 480 11.71 15.21 17.80
N GLY D 481 12.76 14.42 17.59
CA GLY D 481 13.67 13.93 18.64
C GLY D 481 14.20 15.02 19.56
N LYS D 482 14.53 16.23 19.06
CA LYS D 482 15.27 17.27 19.82
C LYS D 482 14.29 18.13 20.60
N LEU D 483 13.02 17.77 20.61
CA LEU D 483 11.93 18.57 21.18
C LEU D 483 11.99 18.42 22.71
N PRO D 484 11.57 19.44 23.49
CA PRO D 484 11.37 19.28 24.93
C PRO D 484 10.24 18.32 25.31
N VAL D 485 10.17 18.09 26.62
CA VAL D 485 9.31 17.07 27.25
C VAL D 485 8.37 17.75 28.25
N CYS D 486 7.06 17.52 28.07
CA CYS D 486 5.95 18.05 28.89
C CYS D 486 5.31 16.88 29.62
N MET D 487 5.74 16.63 30.85
CA MET D 487 5.41 15.43 31.66
C MET D 487 4.01 15.61 32.19
N ALA D 488 3.06 14.84 31.64
CA ALA D 488 1.64 14.84 32.02
C ALA D 488 1.43 13.76 33.08
N LYS D 489 1.35 14.13 34.36
CA LYS D 489 1.19 13.20 35.51
C LYS D 489 0.41 13.87 36.66
N THR D 490 0.15 13.16 37.75
CA THR D 490 -0.48 13.80 38.94
C THR D 490 0.48 14.81 39.58
N GLN D 491 -0.09 15.86 40.20
CA GLN D 491 0.64 17.02 40.82
C GLN D 491 0.83 16.75 42.30
N TYR D 492 0.09 15.77 42.84
CA TYR D 492 -0.10 15.54 44.29
C TYR D 492 1.08 14.77 44.87
N SER D 493 2.04 14.37 44.05
CA SER D 493 3.17 13.51 44.45
C SER D 493 4.22 13.63 43.38
N PHE D 494 5.50 13.57 43.73
CA PHE D 494 6.62 13.44 42.76
C PHE D 494 6.50 12.11 42.02
N SER D 495 5.83 11.12 42.59
CA SER D 495 5.53 9.80 41.92
C SER D 495 4.26 9.89 41.06
N THR D 496 3.87 8.82 40.38
CA THR D 496 2.63 8.75 39.57
C THR D 496 1.45 8.31 40.44
N ASP D 497 1.72 7.78 41.63
CA ASP D 497 0.68 7.51 42.67
C ASP D 497 0.32 8.83 43.36
N PRO D 498 -0.92 9.34 43.20
CA PRO D 498 -1.36 10.54 43.89
C PRO D 498 -1.30 10.49 45.42
N THR D 499 -1.30 9.28 46.02
CA THR D 499 -1.43 9.06 47.48
C THR D 499 -0.04 9.10 48.15
N LEU D 500 1.03 8.81 47.44
CA LEU D 500 2.42 8.91 48.00
C LEU D 500 2.81 10.38 48.22
N MET D 501 2.70 10.85 49.46
CA MET D 501 2.97 12.25 49.82
C MET D 501 4.45 12.41 50.19
N GLY D 502 4.87 13.60 50.61
CA GLY D 502 6.27 13.89 50.99
C GLY D 502 7.22 13.85 49.80
N ALA D 503 8.31 13.09 49.94
CA ALA D 503 9.43 13.02 48.99
C ALA D 503 9.83 11.57 48.75
N PRO D 504 8.94 10.73 48.16
CA PRO D 504 9.24 9.33 47.85
C PRO D 504 10.38 9.13 46.84
N SER D 505 11.29 8.24 47.20
CA SER D 505 12.46 7.80 46.41
C SER D 505 12.30 6.34 45.96
N GLY D 506 12.75 6.02 44.74
CA GLY D 506 12.83 4.63 44.22
C GLY D 506 11.54 4.09 43.61
N HIS D 507 10.55 4.94 43.32
CA HIS D 507 9.30 4.61 42.59
C HIS D 507 9.58 4.44 41.09
N LEU D 508 8.59 3.95 40.35
CA LEU D 508 8.65 3.69 38.89
C LEU D 508 7.68 4.59 38.13
N VAL D 509 8.18 5.38 37.18
CA VAL D 509 7.33 6.26 36.32
C VAL D 509 7.05 5.49 35.04
N SER D 510 5.82 5.04 34.84
CA SER D 510 5.39 4.32 33.61
C SER D 510 4.75 5.34 32.67
N VAL D 511 5.28 5.48 31.46
CA VAL D 511 4.68 6.26 30.35
C VAL D 511 3.66 5.36 29.65
N ARG D 512 2.37 5.71 29.71
CA ARG D 512 1.26 4.95 29.10
C ARG D 512 1.21 5.32 27.62
N ASP D 513 1.48 6.59 27.32
CA ASP D 513 1.19 7.14 25.96
C ASP D 513 1.93 8.47 25.81
N VAL D 514 2.09 8.93 24.56
CA VAL D 514 2.68 10.25 24.22
C VAL D 514 1.84 10.90 23.13
N ARG D 515 1.74 12.22 23.17
CA ARG D 515 1.12 13.07 22.12
C ARG D 515 2.20 14.02 21.58
N LEU D 516 2.02 14.50 20.36
CA LEU D 516 2.94 15.49 19.75
C LEU D 516 2.26 16.85 19.65
N SER D 517 2.85 17.86 20.27
CA SER D 517 2.46 19.28 20.08
C SER D 517 3.58 19.98 19.35
N ALA D 518 3.49 19.99 18.01
CA ALA D 518 4.48 20.63 17.12
C ALA D 518 4.25 22.16 17.11
N GLY D 519 3.02 22.61 17.29
CA GLY D 519 2.71 24.04 17.47
C GLY D 519 3.54 24.65 18.58
N ALA D 520 3.35 24.19 19.82
CA ALA D 520 4.03 24.64 21.04
C ALA D 520 5.52 24.33 21.00
N GLY D 521 5.85 23.19 20.37
CA GLY D 521 7.22 22.65 20.25
C GLY D 521 7.63 21.88 21.49
N PHE D 522 6.83 20.89 21.88
CA PHE D 522 7.14 19.93 22.98
C PHE D 522 6.36 18.62 22.79
N VAL D 523 6.80 17.57 23.50
CA VAL D 523 6.23 16.19 23.41
C VAL D 523 5.44 15.89 24.69
N VAL D 524 4.12 15.68 24.58
CA VAL D 524 3.33 15.41 25.82
C VAL D 524 3.54 13.95 26.20
N VAL D 525 3.86 13.72 27.48
CA VAL D 525 4.25 12.38 28.01
C VAL D 525 3.27 11.99 29.11
N ILE D 526 2.35 11.08 28.80
CA ILE D 526 1.21 10.73 29.68
C ILE D 526 1.66 9.64 30.66
N CYS D 527 1.60 9.90 31.96
CA CYS D 527 2.10 8.96 33.00
C CYS D 527 0.97 8.56 33.94
N GLY D 528 -0.23 9.09 33.75
CA GLY D 528 -1.45 8.67 34.48
C GLY D 528 -2.71 8.89 33.67
N GLU D 529 -3.89 8.79 34.30
CA GLU D 529 -5.17 9.22 33.68
C GLU D 529 -5.26 10.73 33.87
N ILE D 530 -5.28 11.46 32.75
CA ILE D 530 -5.39 12.95 32.73
C ILE D 530 -6.81 13.30 32.32
N MET D 531 -7.46 14.19 33.09
CA MET D 531 -8.75 14.83 32.75
C MET D 531 -8.44 15.94 31.74
N THR D 532 -9.15 15.96 30.61
CA THR D 532 -9.13 17.10 29.64
C THR D 532 -10.55 17.68 29.49
N MET D 533 -11.53 17.08 30.13
CA MET D 533 -12.94 17.55 30.21
C MET D 533 -13.50 17.14 31.56
N PRO D 534 -13.56 18.07 32.54
CA PRO D 534 -14.12 17.78 33.86
C PRO D 534 -15.64 17.70 33.73
N GLY D 535 -16.26 16.92 34.62
CA GLY D 535 -17.74 16.77 34.73
C GLY D 535 -18.31 17.75 35.74
N LEU D 536 -19.64 17.83 35.84
CA LEU D 536 -20.33 18.68 36.85
C LEU D 536 -20.66 17.78 38.03
N PRO D 537 -20.74 18.31 39.27
CA PRO D 537 -21.00 17.46 40.43
C PRO D 537 -22.50 17.20 40.48
N LYS D 538 -22.96 16.42 41.47
CA LYS D 538 -24.39 16.06 41.71
C LYS D 538 -25.22 17.35 41.86
N VAL D 539 -24.69 18.37 42.55
CA VAL D 539 -25.35 19.70 42.76
C VAL D 539 -24.42 20.78 42.25
N PRO D 540 -24.50 21.10 40.94
CA PRO D 540 -23.58 22.09 40.38
C PRO D 540 -23.86 23.49 40.98
N ALA D 541 -22.79 24.25 41.24
CA ALA D 541 -22.84 25.68 41.58
C ALA D 541 -23.92 26.39 40.74
N ALA D 542 -24.09 25.98 39.49
CA ALA D 542 -25.06 26.53 38.51
C ALA D 542 -26.49 26.58 39.06
N ASP D 543 -26.87 25.60 39.88
CA ASP D 543 -28.26 25.46 40.38
C ASP D 543 -28.56 26.66 41.28
N THR D 544 -27.53 27.27 41.88
CA THR D 544 -27.70 28.39 42.85
C THR D 544 -27.15 29.72 42.32
N ILE D 545 -26.61 29.76 41.10
CA ILE D 545 -26.06 31.03 40.52
C ILE D 545 -27.19 31.89 39.92
N ARG D 546 -27.41 33.08 40.49
CA ARG D 546 -28.59 33.94 40.21
C ARG D 546 -28.19 35.41 40.30
N LEU D 547 -29.04 36.28 39.74
CA LEU D 547 -29.07 37.73 40.03
C LEU D 547 -30.09 37.92 41.17
N ASP D 548 -29.71 38.66 42.23
CA ASP D 548 -30.67 39.14 43.25
C ASP D 548 -31.43 40.37 42.73
N ALA D 549 -32.32 40.92 43.57
CA ALA D 549 -33.10 42.16 43.33
C ALA D 549 -32.27 43.21 42.57
N ASN D 550 -31.17 43.68 43.19
CA ASN D 550 -30.29 44.75 42.64
C ASN D 550 -29.51 44.29 41.41
N GLY D 551 -29.64 43.01 41.00
CA GLY D 551 -28.88 42.42 39.87
C GLY D 551 -27.44 42.09 40.24
N GLN D 552 -27.13 41.88 41.51
CA GLN D 552 -25.84 41.34 41.96
C GLN D 552 -25.78 39.86 41.57
N ILE D 553 -24.58 39.28 41.51
CA ILE D 553 -24.38 37.82 41.24
C ILE D 553 -24.15 37.10 42.58
N ASP D 554 -25.01 36.16 42.95
CA ASP D 554 -24.81 35.28 44.13
C ASP D 554 -24.57 33.83 43.68
N GLY D 555 -23.74 33.11 44.43
CA GLY D 555 -23.53 31.65 44.37
C GLY D 555 -22.36 31.29 43.47
N LEU D 556 -21.61 32.30 43.02
CA LEU D 556 -20.49 32.17 42.05
C LEU D 556 -19.18 32.07 42.85
N PHE D 557 -19.18 32.50 44.11
CA PHE D 557 -17.95 32.58 44.93
C PHE D 557 -18.22 32.09 46.36
N SER E 3 42.43 -44.07 -38.09
CA SER E 3 41.59 -43.17 -37.21
C SER E 3 40.67 -44.04 -36.34
N ASP E 4 40.31 -43.53 -35.16
CA ASP E 4 39.57 -44.29 -34.11
C ASP E 4 38.12 -44.47 -34.52
N ILE E 5 37.62 -43.59 -35.40
CA ILE E 5 36.24 -43.62 -35.97
C ILE E 5 36.14 -44.65 -37.12
N GLU E 6 37.19 -44.81 -37.94
CA GLU E 6 37.22 -45.90 -38.96
C GLU E 6 37.28 -47.27 -38.26
N ILE E 7 38.04 -47.41 -37.17
CA ILE E 7 38.16 -48.68 -36.38
C ILE E 7 36.79 -49.03 -35.79
N ALA E 8 36.16 -48.04 -35.16
CA ALA E 8 34.88 -48.23 -34.44
C ALA E 8 33.78 -48.60 -35.44
N ARG E 9 33.79 -47.96 -36.62
CA ARG E 9 32.73 -48.09 -37.66
C ARG E 9 32.81 -49.45 -38.35
N ALA E 10 33.91 -50.20 -38.14
CA ALA E 10 34.17 -51.52 -38.76
C ALA E 10 33.92 -52.67 -37.77
N ALA E 11 33.66 -52.39 -36.49
CA ALA E 11 33.31 -53.42 -35.49
C ALA E 11 32.02 -54.10 -35.90
N THR E 12 31.93 -55.43 -35.78
CA THR E 12 30.67 -56.19 -35.98
C THR E 12 29.92 -56.19 -34.64
N LEU E 13 29.09 -55.15 -34.43
CA LEU E 13 28.42 -54.80 -33.16
C LEU E 13 27.43 -55.90 -32.78
N LYS E 14 27.62 -56.49 -31.58
CA LYS E 14 26.82 -57.60 -31.00
C LYS E 14 25.57 -57.04 -30.32
N PRO E 15 24.41 -57.71 -30.40
CA PRO E 15 23.23 -57.30 -29.65
C PRO E 15 23.56 -57.18 -28.16
N ILE E 16 22.90 -56.24 -27.46
CA ILE E 16 23.24 -55.88 -26.03
C ILE E 16 22.70 -56.97 -25.09
N ALA E 17 21.66 -57.71 -25.49
CA ALA E 17 21.10 -58.86 -24.73
C ALA E 17 22.16 -59.96 -24.59
N GLN E 18 22.97 -60.15 -25.62
CA GLN E 18 24.02 -61.19 -25.64
C GLN E 18 25.04 -60.84 -24.54
N VAL E 19 25.62 -59.65 -24.62
CA VAL E 19 26.74 -59.18 -23.75
C VAL E 19 26.20 -58.93 -22.34
N ALA E 20 24.87 -58.88 -22.19
CA ALA E 20 24.13 -58.73 -20.90
C ALA E 20 24.11 -60.04 -20.14
N GLU E 21 24.17 -61.19 -20.84
CA GLU E 21 24.26 -62.53 -20.22
C GLU E 21 25.72 -62.81 -19.84
N LYS E 22 26.64 -62.15 -20.53
CA LYS E 22 28.09 -62.09 -20.18
C LYS E 22 28.25 -61.68 -18.71
N LEU E 23 27.18 -61.14 -18.08
CA LEU E 23 27.14 -60.73 -16.64
C LEU E 23 25.82 -61.16 -15.97
N GLY E 24 25.12 -62.17 -16.49
CA GLY E 24 23.96 -62.80 -15.83
C GLY E 24 22.81 -61.83 -15.57
N ILE E 25 22.47 -61.01 -16.60
CA ILE E 25 21.32 -60.04 -16.62
C ILE E 25 20.29 -60.53 -17.63
N PRO E 26 19.07 -60.92 -17.20
CA PRO E 26 18.04 -61.39 -18.13
C PRO E 26 17.44 -60.25 -18.97
N ASP E 27 17.15 -60.55 -20.24
CA ASP E 27 16.56 -59.66 -21.27
C ASP E 27 15.44 -58.81 -20.63
N GLU E 28 14.75 -59.32 -19.60
CA GLU E 28 13.55 -58.70 -18.97
C GLU E 28 13.94 -57.40 -18.22
N ALA E 29 15.17 -57.33 -17.67
CA ALA E 29 15.70 -56.17 -16.88
C ALA E 29 16.73 -55.39 -17.69
N LEU E 30 16.34 -54.97 -18.89
CA LEU E 30 17.19 -54.29 -19.90
C LEU E 30 16.36 -53.25 -20.67
N HIS E 31 16.63 -51.96 -20.48
CA HIS E 31 15.95 -50.83 -21.16
C HIS E 31 16.80 -50.43 -22.37
N ASN E 32 16.29 -50.65 -23.59
CA ASN E 32 17.08 -50.67 -24.84
C ASN E 32 17.09 -49.28 -25.48
N TYR E 33 18.28 -48.79 -25.84
CA TYR E 33 18.54 -47.52 -26.56
C TYR E 33 19.25 -47.86 -27.89
N GLY E 34 18.47 -48.04 -28.96
CA GLY E 34 18.90 -48.83 -30.12
C GLY E 34 19.01 -50.30 -29.72
N LYS E 35 19.89 -51.07 -30.37
CA LYS E 35 20.08 -52.52 -30.07
C LYS E 35 21.49 -52.81 -29.53
N HIS E 36 22.36 -51.79 -29.42
CA HIS E 36 23.79 -51.89 -29.02
C HIS E 36 24.06 -51.09 -27.74
N ILE E 37 22.98 -50.67 -27.08
CA ILE E 37 22.95 -49.96 -25.76
C ILE E 37 21.70 -50.41 -24.97
N ALA E 38 21.84 -50.75 -23.69
CA ALA E 38 20.71 -50.89 -22.75
C ALA E 38 21.08 -50.26 -21.40
N LYS E 39 20.06 -49.76 -20.69
CA LYS E 39 20.10 -49.46 -19.23
C LYS E 39 19.68 -50.73 -18.47
N ILE E 40 20.17 -50.92 -17.24
CA ILE E 40 19.75 -51.99 -16.27
C ILE E 40 18.59 -51.49 -15.40
N ASP E 41 17.51 -52.27 -15.25
CA ASP E 41 16.24 -51.91 -14.56
C ASP E 41 16.48 -51.77 -13.06
N HIS E 42 15.77 -50.84 -12.42
CA HIS E 42 15.89 -50.45 -10.98
C HIS E 42 15.67 -51.66 -10.05
N ASP E 43 14.55 -52.37 -10.22
CA ASP E 43 14.20 -53.57 -9.43
C ASP E 43 15.36 -54.58 -9.49
N PHE E 44 15.98 -54.74 -10.67
CA PHE E 44 17.12 -55.67 -10.87
C PHE E 44 18.32 -55.23 -10.03
N ILE E 45 18.70 -53.94 -10.10
CA ILE E 45 19.84 -53.37 -9.32
C ILE E 45 19.52 -53.57 -7.84
N ALA E 46 18.25 -53.41 -7.47
CA ALA E 46 17.71 -53.51 -6.10
C ALA E 46 17.56 -54.98 -5.67
N SER E 47 17.67 -55.94 -6.61
CA SER E 47 17.71 -57.40 -6.33
C SER E 47 19.15 -57.88 -6.12
N LEU E 48 20.14 -57.00 -6.25
CA LEU E 48 21.58 -57.33 -6.22
C LEU E 48 22.17 -57.11 -4.82
N GLU E 49 21.48 -56.46 -3.88
CA GLU E 49 22.08 -55.87 -2.65
C GLU E 49 22.52 -56.99 -1.68
N GLY E 50 21.92 -58.18 -1.75
CA GLY E 50 22.42 -59.38 -1.05
C GLY E 50 23.87 -59.70 -1.42
N LYS E 51 24.19 -59.71 -2.72
CA LYS E 51 25.38 -60.39 -3.36
C LYS E 51 26.70 -59.72 -2.99
N PRO E 52 27.77 -60.51 -2.74
CA PRO E 52 29.08 -59.93 -2.38
C PRO E 52 29.75 -59.21 -3.56
N GLU E 53 30.67 -58.31 -3.24
CA GLU E 53 31.40 -57.48 -4.23
C GLU E 53 32.60 -58.27 -4.75
N GLY E 54 32.84 -58.18 -6.06
CA GLY E 54 34.07 -58.68 -6.68
C GLY E 54 35.23 -57.72 -6.42
N LYS E 55 36.27 -57.87 -7.22
CA LYS E 55 37.50 -57.06 -7.19
C LYS E 55 37.25 -55.72 -7.89
N LEU E 56 37.85 -54.66 -7.37
CA LEU E 56 37.68 -53.28 -7.86
C LEU E 56 39.07 -52.72 -8.24
N VAL E 57 39.36 -52.64 -9.52
CA VAL E 57 40.66 -52.13 -10.03
C VAL E 57 40.45 -50.65 -10.37
N LEU E 58 41.39 -49.78 -9.98
CA LEU E 58 41.29 -48.30 -10.19
C LEU E 58 42.43 -47.81 -11.09
N VAL E 59 42.14 -47.50 -12.35
CA VAL E 59 43.12 -46.89 -13.28
C VAL E 59 43.18 -45.38 -12.98
N THR E 60 44.40 -44.86 -12.78
CA THR E 60 44.74 -43.43 -12.64
C THR E 60 45.87 -43.16 -13.63
N ALA E 61 46.51 -41.99 -13.56
CA ALA E 61 47.69 -41.66 -14.39
C ALA E 61 48.62 -40.72 -13.62
N ILE E 62 49.78 -40.46 -14.22
CA ILE E 62 50.65 -39.28 -13.91
C ILE E 62 49.83 -38.03 -14.29
N SER E 63 50.23 -36.86 -13.80
CA SER E 63 49.60 -35.57 -14.16
C SER E 63 49.45 -35.52 -15.67
N PRO E 64 48.33 -34.98 -16.22
CA PRO E 64 48.20 -34.82 -17.67
C PRO E 64 49.29 -33.90 -18.25
N THR E 65 49.63 -34.13 -19.53
CA THR E 65 50.59 -33.33 -20.34
C THR E 65 50.00 -33.12 -21.73
N PRO E 66 50.47 -32.12 -22.51
CA PRO E 66 50.01 -31.94 -23.89
C PRO E 66 50.34 -33.12 -24.83
N ALA E 67 51.30 -33.98 -24.45
CA ALA E 67 51.83 -35.12 -25.24
C ALA E 67 50.77 -36.20 -25.53
N GLY E 68 49.92 -36.53 -24.56
CA GLY E 68 49.02 -37.70 -24.64
C GLY E 68 49.51 -38.80 -23.72
N GLU E 69 48.63 -39.35 -22.88
CA GLU E 69 48.94 -40.35 -21.82
C GLU E 69 48.06 -41.60 -22.04
N GLY E 70 46.77 -41.37 -22.31
CA GLY E 70 45.80 -42.41 -22.76
C GLY E 70 45.31 -43.26 -21.61
N LYS E 71 44.89 -42.65 -20.49
CA LYS E 71 44.36 -43.38 -19.31
C LYS E 71 43.21 -44.30 -19.73
N THR E 72 42.27 -43.71 -20.50
CA THR E 72 40.96 -44.31 -20.82
C THR E 72 41.15 -45.54 -21.71
N THR E 73 42.13 -45.52 -22.62
CA THR E 73 42.52 -46.73 -23.40
C THR E 73 42.78 -47.83 -22.37
N THR E 74 43.74 -47.60 -21.49
CA THR E 74 44.22 -48.58 -20.48
C THR E 74 43.02 -49.13 -19.71
N THR E 75 42.04 -48.29 -19.38
CA THR E 75 40.82 -48.72 -18.65
C THR E 75 40.04 -49.75 -19.48
N VAL E 76 39.87 -49.48 -20.78
CA VAL E 76 39.18 -50.38 -21.75
C VAL E 76 40.15 -51.52 -22.10
N GLY E 77 41.42 -51.19 -22.34
CA GLY E 77 42.49 -52.14 -22.67
C GLY E 77 42.59 -53.24 -21.63
N LEU E 78 42.74 -52.84 -20.36
CA LEU E 78 42.77 -53.77 -19.20
C LEU E 78 41.46 -54.57 -19.18
N GLY E 79 40.31 -53.91 -19.24
CA GLY E 79 38.98 -54.57 -19.19
C GLY E 79 38.78 -55.59 -20.31
N ASP E 80 39.34 -55.31 -21.49
CA ASP E 80 39.44 -56.25 -22.65
C ASP E 80 40.28 -57.46 -22.22
N ALA E 81 41.59 -57.23 -22.00
CA ALA E 81 42.62 -58.22 -21.59
C ALA E 81 42.07 -59.14 -20.48
N LEU E 82 41.63 -58.54 -19.36
CA LEU E 82 41.12 -59.25 -18.16
C LEU E 82 40.23 -60.41 -18.60
N ASN E 83 39.35 -60.21 -19.59
CA ASN E 83 38.44 -61.28 -20.10
C ASN E 83 39.24 -62.35 -20.86
N ARG E 84 40.22 -61.93 -21.67
CA ARG E 84 41.09 -62.87 -22.42
C ARG E 84 41.83 -63.76 -21.41
N ILE E 85 42.10 -63.22 -20.21
CA ILE E 85 42.73 -63.93 -19.07
C ILE E 85 41.69 -64.84 -18.35
N GLY E 86 40.42 -64.85 -18.79
CA GLY E 86 39.36 -65.75 -18.29
C GLY E 86 38.54 -65.14 -17.15
N LYS E 87 39.05 -64.09 -16.51
CA LYS E 87 38.27 -63.33 -15.50
C LYS E 87 37.13 -62.64 -16.25
N ARG E 88 35.87 -62.94 -15.91
CA ARG E 88 34.72 -62.22 -16.53
C ARG E 88 34.65 -60.86 -15.84
N ALA E 89 35.09 -59.82 -16.55
CA ALA E 89 35.30 -58.46 -15.99
C ALA E 89 34.34 -57.45 -16.64
N VAL E 90 34.36 -56.22 -16.14
CA VAL E 90 33.54 -55.08 -16.63
C VAL E 90 34.27 -53.78 -16.35
N MET E 91 34.28 -52.86 -17.30
CA MET E 91 34.91 -51.53 -17.11
C MET E 91 33.80 -50.48 -16.93
N CYS E 92 34.16 -49.41 -16.23
CA CYS E 92 33.29 -48.27 -15.88
C CYS E 92 33.97 -46.97 -16.32
N LEU E 93 33.25 -46.21 -17.15
CA LEU E 93 33.75 -44.91 -17.67
C LEU E 93 32.74 -43.82 -17.34
N ARG E 94 33.20 -42.57 -17.39
CA ARG E 94 32.31 -41.39 -17.41
C ARG E 94 31.73 -41.19 -18.82
N GLU E 95 30.47 -40.78 -18.92
CA GLU E 95 29.89 -40.25 -20.19
C GLU E 95 30.63 -38.95 -20.50
N PRO E 96 31.06 -38.71 -21.76
CA PRO E 96 31.63 -37.43 -22.16
C PRO E 96 30.56 -36.33 -22.25
N SER E 97 31.00 -35.09 -22.18
CA SER E 97 30.16 -33.88 -22.35
C SER E 97 29.79 -33.71 -23.84
N LEU E 98 28.56 -33.31 -24.17
CA LEU E 98 28.19 -33.05 -25.60
C LEU E 98 28.83 -31.74 -26.09
N GLY E 99 28.74 -30.68 -25.30
CA GLY E 99 29.18 -29.34 -25.71
C GLY E 99 30.58 -29.39 -26.31
N PRO E 100 31.59 -29.86 -25.54
CA PRO E 100 33.00 -29.81 -25.97
C PRO E 100 33.30 -30.33 -27.38
N CYS E 101 32.49 -31.29 -27.88
CA CYS E 101 32.59 -31.96 -29.20
C CYS E 101 32.55 -30.95 -30.36
N PHE E 102 31.79 -29.87 -30.20
CA PHE E 102 31.46 -28.93 -31.30
C PHE E 102 32.45 -27.76 -31.32
N GLY E 103 33.35 -27.68 -30.32
CA GLY E 103 34.52 -26.79 -30.34
C GLY E 103 35.69 -27.52 -30.96
N MET E 104 36.68 -27.92 -30.15
CA MET E 104 37.67 -28.97 -30.51
C MET E 104 36.86 -30.23 -30.79
N LYS E 105 37.33 -31.15 -31.63
CA LYS E 105 36.53 -32.31 -32.10
C LYS E 105 36.14 -33.19 -30.90
N GLY E 106 35.02 -33.93 -30.98
CA GLY E 106 34.71 -35.05 -30.07
C GLY E 106 35.76 -36.15 -30.13
N GLY E 107 35.65 -37.19 -29.31
CA GLY E 107 36.72 -38.20 -29.15
C GLY E 107 36.20 -39.56 -28.76
N ALA E 108 37.01 -40.60 -29.01
CA ALA E 108 36.75 -42.03 -28.72
C ALA E 108 36.67 -42.28 -27.21
N ALA E 109 35.74 -43.16 -26.79
CA ALA E 109 35.67 -43.75 -25.44
C ALA E 109 36.79 -44.79 -25.33
N GLY E 110 38.03 -44.30 -25.27
CA GLY E 110 39.25 -45.13 -25.25
C GLY E 110 40.25 -44.61 -26.26
N GLY E 111 40.59 -45.46 -27.24
CA GLY E 111 41.39 -45.13 -28.43
C GLY E 111 42.01 -46.38 -29.03
N GLY E 112 42.27 -46.37 -30.33
CA GLY E 112 42.90 -47.50 -31.06
C GLY E 112 41.98 -48.69 -31.07
N LYS E 113 42.52 -49.91 -30.93
CA LYS E 113 41.75 -51.18 -30.95
C LYS E 113 41.39 -51.56 -29.50
N ALA E 114 41.25 -50.52 -28.65
CA ALA E 114 40.94 -50.60 -27.20
C ALA E 114 40.00 -49.44 -26.83
N GLN E 115 38.72 -49.54 -27.19
CA GLN E 115 37.71 -48.48 -26.95
C GLN E 115 36.30 -49.08 -26.80
N VAL E 116 35.42 -48.34 -26.14
CA VAL E 116 33.97 -48.69 -25.98
C VAL E 116 33.17 -48.04 -27.11
N VAL E 117 32.16 -48.73 -27.62
CA VAL E 117 31.38 -48.32 -28.82
C VAL E 117 29.91 -48.56 -28.51
N PRO E 118 28.94 -47.92 -29.21
CA PRO E 118 29.19 -47.04 -30.36
C PRO E 118 29.73 -45.64 -30.04
N MET E 119 30.70 -45.19 -30.82
CA MET E 119 31.46 -43.92 -30.60
C MET E 119 30.53 -42.70 -30.66
N GLU E 120 29.82 -42.52 -31.77
CA GLU E 120 28.89 -41.40 -32.06
C GLU E 120 27.93 -41.23 -30.88
N GLN E 121 27.18 -42.29 -30.58
CA GLN E 121 26.13 -42.34 -29.53
C GLN E 121 26.70 -41.81 -28.21
N ILE E 122 27.92 -42.23 -27.84
CA ILE E 122 28.55 -41.88 -26.53
C ILE E 122 28.86 -40.38 -26.48
N ASN E 123 29.33 -39.78 -27.58
CA ASN E 123 29.80 -38.37 -27.63
C ASN E 123 28.61 -37.40 -27.62
N LEU E 124 27.39 -37.87 -27.91
CA LEU E 124 26.21 -37.00 -28.20
C LEU E 124 25.12 -37.20 -27.14
N HIS E 125 23.87 -37.48 -27.55
CA HIS E 125 22.68 -37.64 -26.65
C HIS E 125 22.82 -38.89 -25.78
N PHE E 126 23.68 -39.83 -26.18
CA PHE E 126 23.83 -41.21 -25.68
C PHE E 126 22.47 -41.82 -25.26
N THR E 127 22.05 -41.68 -23.99
CA THR E 127 20.78 -42.25 -23.43
C THR E 127 19.91 -41.21 -22.72
N GLY E 128 20.27 -39.92 -22.74
CA GLY E 128 19.47 -38.82 -22.12
C GLY E 128 20.06 -38.32 -20.80
N ASP E 129 21.04 -39.04 -20.22
CA ASP E 129 21.60 -38.79 -18.86
C ASP E 129 21.89 -37.29 -18.62
N PHE E 130 22.54 -36.61 -19.56
CA PHE E 130 23.01 -35.22 -19.36
C PHE E 130 21.86 -34.25 -19.65
N HIS E 131 20.97 -34.63 -20.58
CA HIS E 131 19.70 -33.92 -20.84
C HIS E 131 18.82 -33.99 -19.59
N ALA E 132 18.78 -35.13 -18.91
CA ALA E 132 17.92 -35.37 -17.73
C ALA E 132 18.46 -34.52 -16.58
N ILE E 133 19.78 -34.40 -16.47
CA ILE E 133 20.40 -33.58 -15.40
C ILE E 133 20.23 -32.10 -15.72
N THR E 134 20.31 -31.69 -16.99
CA THR E 134 20.13 -30.28 -17.46
C THR E 134 18.71 -29.82 -17.15
N SER E 135 17.72 -30.72 -17.26
CA SER E 135 16.29 -30.40 -17.10
C SER E 135 15.95 -30.35 -15.61
N ALA E 136 16.40 -31.36 -14.84
CA ALA E 136 16.34 -31.38 -13.37
C ALA E 136 16.93 -30.07 -12.84
N HIS E 137 18.17 -29.76 -13.18
CA HIS E 137 18.88 -28.55 -12.66
C HIS E 137 18.14 -27.29 -13.11
N SER E 138 17.66 -27.26 -14.36
CA SER E 138 16.95 -26.08 -14.95
C SER E 138 15.64 -25.83 -14.16
N LEU E 139 15.02 -26.89 -13.65
CA LEU E 139 13.79 -26.78 -12.83
C LEU E 139 14.10 -26.07 -11.52
N ALA E 140 15.06 -26.58 -10.75
CA ALA E 140 15.55 -25.96 -9.50
C ALA E 140 15.62 -24.42 -9.69
N ALA E 141 16.35 -23.96 -10.70
CA ALA E 141 16.66 -22.54 -10.95
C ALA E 141 15.37 -21.81 -11.36
N ALA E 142 14.43 -22.51 -11.99
CA ALA E 142 13.13 -21.95 -12.38
C ALA E 142 12.28 -21.76 -11.12
N LEU E 143 12.32 -22.74 -10.20
CA LEU E 143 11.53 -22.67 -8.94
C LEU E 143 12.13 -21.59 -8.03
N ILE E 144 13.46 -21.32 -8.14
CA ILE E 144 14.12 -20.33 -7.25
C ILE E 144 13.62 -18.95 -7.62
N ASP E 145 13.70 -18.59 -8.89
CA ASP E 145 13.24 -17.26 -9.38
C ASP E 145 11.72 -17.13 -9.21
N ASN E 146 10.96 -18.21 -9.51
CA ASN E 146 9.49 -18.30 -9.33
C ASN E 146 9.15 -17.95 -7.89
N HIS E 147 9.83 -18.59 -6.96
CA HIS E 147 9.62 -18.34 -5.51
C HIS E 147 9.61 -16.83 -5.25
N ILE E 148 10.60 -16.10 -5.81
CA ILE E 148 10.84 -14.67 -5.51
C ILE E 148 9.81 -13.84 -6.24
N TYR E 149 9.39 -14.26 -7.42
CA TYR E 149 8.40 -13.51 -8.24
C TYR E 149 7.07 -13.36 -7.50
N TRP E 150 6.61 -14.42 -6.81
CA TRP E 150 5.35 -14.49 -6.02
C TRP E 150 5.62 -14.20 -4.53
N ALA E 151 6.02 -12.98 -4.17
CA ALA E 151 6.11 -12.52 -2.77
C ALA E 151 7.25 -13.16 -1.98
N ASN E 152 8.19 -13.88 -2.58
CA ASN E 152 9.49 -14.22 -1.95
C ASN E 152 9.32 -14.42 -0.45
N GLU E 153 8.55 -15.42 -0.04
CA GLU E 153 8.25 -15.67 1.40
C GLU E 153 9.51 -16.13 2.16
N LEU E 154 10.55 -16.60 1.46
CA LEU E 154 11.79 -17.11 2.11
C LEU E 154 12.78 -15.96 2.31
N ASN E 155 12.42 -14.74 1.88
CA ASN E 155 13.29 -13.55 1.95
C ASN E 155 14.69 -13.95 1.45
N ILE E 156 14.77 -14.48 0.23
CA ILE E 156 16.03 -14.74 -0.55
C ILE E 156 16.63 -13.40 -0.99
N ASP E 157 17.91 -13.17 -0.70
CA ASP E 157 18.72 -12.02 -1.17
C ASP E 157 19.20 -12.32 -2.59
N VAL E 158 18.74 -11.56 -3.60
CA VAL E 158 19.07 -11.83 -5.03
C VAL E 158 20.57 -11.64 -5.28
N ARG E 159 21.35 -11.11 -4.32
CA ARG E 159 22.82 -10.89 -4.43
C ARG E 159 23.58 -12.16 -3.99
N ARG E 160 22.92 -13.07 -3.30
CA ARG E 160 23.58 -14.19 -2.60
C ARG E 160 22.89 -15.50 -3.02
N ILE E 161 22.43 -15.61 -4.28
CA ILE E 161 22.00 -16.92 -4.86
C ILE E 161 23.23 -17.61 -5.45
N HIS E 162 23.65 -18.74 -4.84
CA HIS E 162 24.87 -19.51 -5.22
C HIS E 162 24.62 -20.33 -6.49
N TRP E 163 23.38 -20.80 -6.63
CA TRP E 163 22.88 -21.76 -7.65
C TRP E 163 22.77 -21.11 -9.02
N ARG E 164 23.79 -21.28 -9.86
CA ARG E 164 23.79 -20.81 -11.25
C ARG E 164 22.93 -21.77 -12.08
N ARG E 165 22.73 -21.48 -13.38
CA ARG E 165 21.98 -22.32 -14.35
C ARG E 165 22.96 -23.25 -15.09
N VAL E 166 22.48 -24.07 -16.02
CA VAL E 166 23.35 -24.99 -16.79
C VAL E 166 22.83 -25.20 -18.23
N VAL E 167 23.77 -25.58 -19.11
CA VAL E 167 23.50 -26.00 -20.53
C VAL E 167 24.69 -26.86 -20.97
N ASP E 168 24.43 -28.01 -21.56
CA ASP E 168 25.52 -28.83 -22.14
C ASP E 168 25.85 -28.27 -23.52
N MET E 169 26.43 -27.06 -23.55
CA MET E 169 27.03 -26.40 -24.75
C MET E 169 28.22 -25.56 -24.30
N ASN E 170 29.19 -25.33 -25.19
CA ASN E 170 30.33 -24.41 -24.94
C ASN E 170 29.86 -22.99 -25.24
N ASP E 171 28.97 -22.40 -24.42
CA ASP E 171 28.46 -21.03 -24.68
C ASP E 171 29.05 -20.02 -23.68
N ARG E 172 30.27 -19.57 -23.92
CA ARG E 172 30.92 -18.46 -23.20
C ARG E 172 29.91 -17.32 -22.96
N ALA E 173 28.96 -17.06 -23.85
CA ALA E 173 28.09 -15.85 -23.76
C ALA E 173 27.16 -15.89 -22.53
N LEU E 174 27.04 -17.05 -21.86
CA LEU E 174 26.06 -17.24 -20.77
C LEU E 174 26.80 -17.37 -19.43
N ARG E 175 28.12 -17.18 -19.44
CA ARG E 175 28.97 -17.20 -18.23
C ARG E 175 28.39 -16.31 -17.14
N ALA E 176 28.15 -15.06 -17.49
CA ALA E 176 27.61 -14.02 -16.59
C ALA E 176 26.45 -13.35 -17.31
N ILE E 177 25.24 -13.36 -16.75
CA ILE E 177 24.08 -12.65 -17.35
C ILE E 177 23.42 -11.73 -16.31
N ASN E 178 22.56 -10.81 -16.78
CA ASN E 178 21.42 -10.21 -16.03
C ASN E 178 20.14 -10.85 -16.56
N GLN E 179 19.24 -11.27 -15.68
CA GLN E 179 18.00 -12.01 -16.05
C GLN E 179 16.81 -11.38 -15.31
N SER E 180 15.64 -12.02 -15.38
CA SER E 180 14.36 -11.48 -14.87
C SER E 180 14.23 -9.98 -15.22
N LEU E 181 14.81 -9.54 -16.34
CA LEU E 181 14.58 -8.16 -16.87
C LEU E 181 13.19 -8.16 -17.50
N GLY E 182 12.63 -6.98 -17.74
CA GLY E 182 11.59 -6.79 -18.77
C GLY E 182 10.46 -5.90 -18.30
N GLY E 183 10.26 -5.78 -16.99
CA GLY E 183 9.01 -5.28 -16.40
C GLY E 183 8.49 -6.14 -15.24
N VAL E 184 7.45 -5.64 -14.60
CA VAL E 184 6.83 -6.27 -13.41
C VAL E 184 6.59 -7.75 -13.72
N ALA E 185 5.92 -8.09 -14.82
CA ALA E 185 5.44 -9.47 -15.06
C ALA E 185 6.59 -10.48 -15.02
N ASN E 186 7.81 -10.09 -15.40
CA ASN E 186 9.02 -10.94 -15.50
C ASN E 186 9.80 -11.07 -14.17
N GLY E 187 9.47 -10.24 -13.18
CA GLY E 187 10.05 -10.30 -11.82
C GLY E 187 11.23 -9.36 -11.64
N PHE E 188 12.13 -9.77 -10.74
CA PHE E 188 13.10 -8.91 -10.06
C PHE E 188 14.46 -9.21 -10.68
N PRO E 189 15.12 -8.18 -11.26
CA PRO E 189 16.44 -8.36 -11.85
C PRO E 189 17.52 -8.92 -10.92
N ARG E 190 18.45 -9.69 -11.47
CA ARG E 190 19.62 -10.20 -10.71
C ARG E 190 20.72 -10.66 -11.65
N GLU E 191 21.96 -10.61 -11.15
CA GLU E 191 23.14 -11.32 -11.72
C GLU E 191 22.89 -12.82 -11.59
N ASP E 192 23.35 -13.58 -12.58
CA ASP E 192 23.24 -15.04 -12.65
C ASP E 192 24.27 -15.47 -13.69
N GLY E 193 24.46 -16.76 -13.89
CA GLY E 193 25.33 -17.26 -14.96
C GLY E 193 25.01 -18.70 -15.28
N PHE E 194 25.54 -19.21 -16.37
CA PHE E 194 25.46 -20.64 -16.74
C PHE E 194 26.85 -21.26 -16.56
N ASP E 195 26.87 -22.52 -16.11
CA ASP E 195 28.03 -23.44 -16.26
C ASP E 195 27.73 -24.47 -17.37
N ILE E 196 28.72 -25.30 -17.73
CA ILE E 196 28.52 -26.55 -18.52
C ILE E 196 27.82 -27.55 -17.61
N THR E 197 26.81 -28.27 -18.11
CA THR E 197 25.93 -29.21 -17.35
C THR E 197 26.69 -30.17 -16.42
N VAL E 198 27.92 -30.56 -16.76
CA VAL E 198 28.67 -31.55 -15.94
C VAL E 198 29.21 -30.84 -14.70
N ALA E 199 29.09 -29.52 -14.59
CA ALA E 199 29.50 -28.76 -13.38
C ALA E 199 28.40 -28.75 -12.31
N SER E 200 27.14 -28.95 -12.70
CA SER E 200 26.01 -29.03 -11.76
C SER E 200 26.42 -29.79 -10.49
N GLU E 201 26.03 -29.32 -9.31
CA GLU E 201 26.12 -30.15 -8.08
C GLU E 201 25.32 -31.44 -8.31
N VAL E 202 24.28 -31.38 -9.14
CA VAL E 202 23.37 -32.51 -9.44
C VAL E 202 24.22 -33.62 -10.08
N MET E 203 25.14 -33.26 -10.97
CA MET E 203 26.08 -34.24 -11.56
C MET E 203 26.80 -34.94 -10.40
N ALA E 204 27.56 -34.19 -9.60
CA ALA E 204 28.34 -34.72 -8.45
C ALA E 204 27.44 -35.66 -7.67
N VAL E 205 26.23 -35.25 -7.39
CA VAL E 205 25.30 -35.98 -6.47
C VAL E 205 24.82 -37.25 -7.19
N PHE E 206 24.40 -37.12 -8.46
CA PHE E 206 24.05 -38.24 -9.37
C PHE E 206 25.04 -39.39 -9.16
N CYS E 207 26.32 -39.04 -9.15
CA CYS E 207 27.45 -39.99 -9.19
C CYS E 207 27.72 -40.61 -7.82
N LEU E 208 27.24 -39.99 -6.74
CA LEU E 208 27.53 -40.42 -5.35
C LEU E 208 26.29 -41.02 -4.70
N ALA E 209 25.12 -40.96 -5.35
CA ALA E 209 23.87 -41.55 -4.82
C ALA E 209 23.98 -43.07 -4.87
N LYS E 210 23.27 -43.77 -3.98
CA LYS E 210 23.24 -45.26 -3.87
C LYS E 210 21.90 -45.78 -4.41
N ASN E 211 20.89 -44.91 -4.46
CA ASN E 211 19.51 -45.23 -4.91
C ASN E 211 18.77 -43.89 -5.00
N LEU E 212 17.47 -43.91 -5.32
CA LEU E 212 16.67 -42.68 -5.57
C LEU E 212 16.37 -41.99 -4.24
N ALA E 213 16.02 -42.78 -3.22
CA ALA E 213 15.77 -42.31 -1.84
C ALA E 213 16.99 -41.52 -1.34
N ASP E 214 18.22 -41.98 -1.67
CA ASP E 214 19.51 -41.34 -1.28
C ASP E 214 19.70 -40.03 -2.08
N LEU E 215 19.35 -40.05 -3.37
CA LEU E 215 19.46 -38.86 -4.28
C LEU E 215 18.52 -37.74 -3.83
N GLU E 216 17.21 -38.01 -3.70
CA GLU E 216 16.23 -37.01 -3.22
C GLU E 216 16.78 -36.39 -1.93
N GLU E 217 17.10 -37.23 -0.95
CA GLU E 217 17.69 -36.86 0.37
C GLU E 217 18.94 -35.95 0.18
N ARG E 218 19.82 -36.28 -0.79
CA ARG E 218 21.07 -35.52 -1.04
C ARG E 218 20.78 -34.14 -1.65
N LEU E 219 19.92 -34.08 -2.67
CA LEU E 219 19.54 -32.77 -3.25
C LEU E 219 19.04 -31.85 -2.12
N GLY E 220 18.10 -32.34 -1.31
CA GLY E 220 17.47 -31.59 -0.22
C GLY E 220 18.46 -30.74 0.57
N ARG E 221 19.64 -31.31 0.86
CA ARG E 221 20.70 -30.64 1.67
C ARG E 221 21.50 -29.63 0.83
N ILE E 222 21.17 -29.44 -0.45
CA ILE E 222 21.88 -28.47 -1.34
C ILE E 222 21.45 -27.05 -0.94
N VAL E 223 22.43 -26.15 -0.86
CA VAL E 223 22.30 -24.73 -0.41
C VAL E 223 22.35 -23.80 -1.63
N ILE E 224 21.20 -23.27 -2.04
CA ILE E 224 21.08 -22.60 -3.37
C ILE E 224 21.13 -21.09 -3.17
N ALA E 225 21.02 -20.61 -1.92
CA ALA E 225 20.98 -19.16 -1.56
C ALA E 225 21.18 -18.90 -0.06
N GLU E 226 21.27 -17.62 0.31
CA GLU E 226 21.15 -17.05 1.68
C GLU E 226 20.08 -15.94 1.72
N THR E 227 19.38 -15.80 2.83
CA THR E 227 18.40 -14.71 3.08
C THR E 227 19.13 -13.38 3.23
N ARG E 228 18.41 -12.29 3.50
CA ARG E 228 19.01 -10.97 3.83
C ARG E 228 19.68 -11.08 5.19
N ASP E 229 19.16 -11.93 6.08
CA ASP E 229 19.77 -12.17 7.42
C ASP E 229 20.89 -13.20 7.26
N ARG E 230 21.58 -13.24 6.11
CA ARG E 230 22.70 -14.18 5.85
C ARG E 230 22.39 -15.56 6.47
N LYS E 231 21.33 -16.26 6.01
CA LYS E 231 20.93 -17.62 6.48
C LYS E 231 20.51 -18.52 5.32
N PRO E 232 20.97 -19.80 5.31
CA PRO E 232 20.74 -20.74 4.20
C PRO E 232 19.31 -21.04 3.73
N VAL E 233 19.13 -20.99 2.41
CA VAL E 233 18.02 -21.64 1.66
C VAL E 233 18.58 -22.89 0.97
N THR E 234 17.76 -23.94 0.82
CA THR E 234 18.11 -25.23 0.16
C THR E 234 17.09 -25.57 -0.94
N LEU E 235 17.26 -26.70 -1.61
CA LEU E 235 16.33 -27.14 -2.69
C LEU E 235 15.07 -27.70 -2.05
N ALA E 236 15.19 -28.20 -0.81
CA ALA E 236 14.05 -28.58 0.05
C ALA E 236 13.14 -27.36 0.21
N ASP E 237 13.71 -26.20 0.52
CA ASP E 237 12.95 -24.96 0.87
C ASP E 237 12.08 -24.51 -0.31
N VAL E 238 12.58 -24.61 -1.55
CA VAL E 238 11.82 -24.21 -2.76
C VAL E 238 11.05 -25.40 -3.30
N LYS E 239 11.02 -26.52 -2.55
CA LYS E 239 10.12 -27.68 -2.74
C LYS E 239 10.34 -28.31 -4.12
N ALA E 240 11.61 -28.58 -4.45
CA ALA E 240 12.11 -28.99 -5.79
C ALA E 240 12.69 -30.40 -5.80
N THR E 241 13.01 -30.98 -4.63
CA THR E 241 13.73 -32.28 -4.51
C THR E 241 12.95 -33.40 -5.18
N GLY E 242 11.73 -33.67 -4.72
CA GLY E 242 10.86 -34.71 -5.28
C GLY E 242 10.88 -34.65 -6.79
N ALA E 243 10.41 -33.55 -7.36
CA ALA E 243 10.23 -33.36 -8.83
C ALA E 243 11.58 -33.50 -9.55
N MET E 244 12.67 -33.07 -8.93
CA MET E 244 14.03 -33.22 -9.51
C MET E 244 14.30 -34.72 -9.68
N THR E 245 13.81 -35.53 -8.74
CA THR E 245 14.06 -36.99 -8.65
C THR E 245 13.40 -37.61 -9.86
N VAL E 246 12.15 -37.20 -10.12
CA VAL E 246 11.23 -37.79 -11.14
C VAL E 246 11.84 -37.59 -12.54
N LEU E 247 12.60 -36.51 -12.71
CA LEU E 247 13.37 -36.22 -13.95
C LEU E 247 14.66 -37.06 -14.00
N LEU E 248 15.17 -37.53 -12.85
CA LEU E 248 16.45 -38.29 -12.74
C LEU E 248 16.18 -39.78 -12.49
N LYS E 249 14.91 -40.22 -12.57
CA LYS E 249 14.53 -41.63 -12.24
C LYS E 249 15.23 -42.58 -13.20
N ASP E 250 14.78 -42.60 -14.46
CA ASP E 250 15.32 -43.46 -15.54
C ASP E 250 16.85 -43.22 -15.65
N ALA E 251 17.25 -41.94 -15.61
CA ALA E 251 18.65 -41.47 -15.74
C ALA E 251 19.58 -42.29 -14.86
N LEU E 252 19.22 -42.52 -13.60
CA LEU E 252 20.08 -43.11 -12.52
C LEU E 252 20.43 -44.59 -12.78
N GLN E 253 19.64 -45.27 -13.63
CA GLN E 253 19.92 -46.64 -14.10
C GLN E 253 21.21 -46.65 -14.92
N PRO E 254 22.18 -47.54 -14.62
CA PRO E 254 23.49 -47.51 -15.27
C PRO E 254 23.38 -47.99 -16.74
N ASN E 255 24.31 -47.55 -17.60
CA ASN E 255 24.25 -47.78 -19.08
C ASN E 255 25.24 -48.87 -19.54
N LEU E 256 24.68 -49.97 -20.09
CA LEU E 256 25.46 -51.10 -20.67
C LEU E 256 25.78 -50.88 -22.16
N VAL E 257 27.07 -50.87 -22.51
CA VAL E 257 27.59 -50.95 -23.90
C VAL E 257 28.72 -52.00 -23.95
N GLN E 258 29.38 -52.16 -25.11
CA GLN E 258 30.43 -53.19 -25.38
C GLN E 258 31.77 -52.51 -25.69
N THR E 259 32.87 -53.25 -25.54
CA THR E 259 34.20 -52.94 -26.11
C THR E 259 34.26 -53.51 -27.53
N LEU E 260 35.32 -53.22 -28.28
CA LEU E 260 35.45 -53.69 -29.68
C LEU E 260 35.42 -55.25 -29.68
N GLU E 261 35.79 -55.87 -28.56
CA GLU E 261 35.99 -57.34 -28.44
C GLU E 261 34.82 -57.98 -27.66
N GLY E 262 33.66 -57.32 -27.65
CA GLY E 262 32.40 -57.87 -27.11
C GLY E 262 32.39 -58.01 -25.60
N ASN E 263 33.37 -57.41 -24.89
CA ASN E 263 33.38 -57.31 -23.40
C ASN E 263 32.38 -56.25 -22.95
N PRO E 264 31.76 -56.40 -21.76
CA PRO E 264 30.72 -55.49 -21.28
C PRO E 264 31.33 -54.24 -20.63
N ALA E 265 30.72 -53.06 -20.84
CA ALA E 265 31.18 -51.77 -20.24
C ALA E 265 30.00 -51.03 -19.61
N LEU E 266 30.30 -50.18 -18.63
CA LEU E 266 29.32 -49.30 -17.93
C LEU E 266 29.80 -47.83 -18.00
N ILE E 267 29.07 -47.02 -18.76
CA ILE E 267 29.17 -45.54 -18.88
C ILE E 267 28.03 -44.92 -18.04
N HIS E 268 28.33 -44.18 -16.97
CA HIS E 268 27.23 -43.61 -16.14
C HIS E 268 27.52 -42.15 -15.81
N GLY E 269 28.48 -41.88 -14.94
CA GLY E 269 28.66 -40.49 -14.45
C GLY E 269 29.15 -39.54 -15.54
N GLY E 270 29.47 -38.30 -15.19
CA GLY E 270 30.28 -37.45 -16.08
C GLY E 270 30.76 -36.14 -15.48
N PRO E 271 31.15 -36.08 -14.18
CA PRO E 271 31.47 -34.82 -13.52
C PRO E 271 32.92 -34.35 -13.75
N PHE E 272 33.17 -33.05 -13.60
CA PHE E 272 34.51 -32.39 -13.56
C PHE E 272 35.35 -33.01 -12.46
N ALA E 273 36.66 -32.78 -12.50
CA ALA E 273 37.63 -33.34 -11.53
C ALA E 273 38.42 -32.21 -10.85
N ASN E 274 37.94 -30.96 -10.91
CA ASN E 274 38.44 -29.79 -10.12
C ASN E 274 37.39 -29.41 -9.05
N ILE E 275 36.16 -29.08 -9.46
CA ILE E 275 35.05 -28.66 -8.54
C ILE E 275 34.26 -29.88 -8.06
N ALA E 276 34.58 -31.09 -8.54
CA ALA E 276 33.92 -32.36 -8.12
C ALA E 276 34.93 -33.52 -8.16
N HIS E 277 34.48 -34.71 -7.75
CA HIS E 277 35.35 -35.89 -7.45
C HIS E 277 35.88 -36.54 -8.72
N GLY E 278 35.35 -36.19 -9.88
CA GLY E 278 35.91 -36.57 -11.21
C GLY E 278 35.83 -38.06 -11.45
N CYS E 279 34.93 -38.78 -10.78
CA CYS E 279 34.74 -40.23 -10.91
C CYS E 279 33.41 -40.47 -11.61
N ASN E 280 33.20 -41.68 -12.12
CA ASN E 280 31.89 -42.16 -12.62
C ASN E 280 31.06 -42.54 -11.39
N SER E 281 29.82 -42.92 -11.65
CA SER E 281 28.72 -43.01 -10.66
C SER E 281 29.00 -44.15 -9.69
N VAL E 282 28.57 -44.00 -8.44
CA VAL E 282 28.62 -45.11 -7.45
C VAL E 282 27.74 -46.26 -7.95
N ILE E 283 26.49 -45.98 -8.34
CA ILE E 283 25.50 -47.01 -8.79
C ILE E 283 26.15 -47.92 -9.84
N ALA E 284 27.05 -47.38 -10.67
CA ALA E 284 27.64 -48.05 -11.85
C ALA E 284 28.74 -49.01 -11.45
N THR E 285 29.54 -48.67 -10.44
CA THR E 285 30.66 -49.52 -9.95
C THR E 285 30.04 -50.56 -9.00
N ARG E 286 29.17 -50.09 -8.11
CA ARG E 286 28.46 -50.92 -7.10
C ARG E 286 27.75 -52.07 -7.84
N THR E 287 27.19 -51.79 -9.03
CA THR E 287 26.47 -52.81 -9.84
C THR E 287 27.50 -53.76 -10.46
N GLY E 288 28.62 -53.23 -10.98
CA GLY E 288 29.69 -53.99 -11.66
C GLY E 288 30.43 -54.97 -10.77
N LEU E 289 30.32 -54.81 -9.45
CA LEU E 289 30.98 -55.69 -8.45
C LEU E 289 30.08 -56.91 -8.19
N ARG E 290 28.79 -56.65 -7.93
CA ARG E 290 27.73 -57.68 -7.72
C ARG E 290 27.76 -58.70 -8.88
N LEU E 291 27.86 -58.22 -10.12
CA LEU E 291 27.65 -59.01 -11.37
C LEU E 291 28.96 -59.61 -11.92
N ALA E 292 30.11 -58.93 -11.81
CA ALA E 292 31.40 -59.35 -12.43
C ALA E 292 32.37 -59.85 -11.38
N ASP E 293 33.46 -60.49 -11.83
CA ASP E 293 34.63 -60.82 -10.98
C ASP E 293 35.40 -59.52 -10.71
N TYR E 294 36.13 -59.01 -11.70
CA TYR E 294 36.94 -57.78 -11.62
C TYR E 294 36.09 -56.62 -12.18
N THR E 295 36.28 -55.42 -11.62
CA THR E 295 35.55 -54.17 -11.97
C THR E 295 36.56 -53.01 -12.05
N VAL E 296 37.00 -52.69 -13.27
CA VAL E 296 38.00 -51.62 -13.52
C VAL E 296 37.23 -50.31 -13.80
N THR E 297 37.57 -49.26 -13.06
CA THR E 297 37.01 -47.89 -13.25
C THR E 297 38.20 -46.92 -13.31
N GLU E 298 37.93 -45.62 -13.32
CA GLU E 298 39.00 -44.59 -13.34
C GLU E 298 38.50 -43.22 -12.85
N ALA E 299 39.48 -42.36 -12.58
CA ALA E 299 39.28 -40.97 -12.15
C ALA E 299 39.92 -40.04 -13.19
N GLY E 300 39.35 -38.85 -13.37
CA GLY E 300 39.87 -37.79 -14.25
C GLY E 300 41.15 -37.19 -13.70
N PHE E 301 42.02 -36.67 -14.58
CA PHE E 301 43.32 -36.06 -14.23
C PHE E 301 44.18 -37.09 -13.50
N GLY E 302 45.36 -36.67 -13.07
CA GLY E 302 46.27 -37.52 -12.29
C GLY E 302 45.62 -38.14 -11.06
N ALA E 303 46.46 -38.86 -10.31
CA ALA E 303 46.23 -39.42 -8.96
C ALA E 303 46.36 -38.33 -7.90
N ASP E 304 47.08 -37.22 -8.19
CA ASP E 304 47.13 -36.02 -7.28
C ASP E 304 45.69 -35.59 -6.98
N LEU E 305 44.82 -35.62 -7.99
CA LEU E 305 43.44 -35.12 -7.96
C LEU E 305 42.46 -36.30 -8.09
N GLY E 306 42.49 -37.02 -9.20
CA GLY E 306 41.55 -38.13 -9.48
C GLY E 306 41.52 -39.15 -8.35
N ALA E 307 42.55 -39.99 -8.28
CA ALA E 307 42.61 -41.14 -7.35
C ALA E 307 42.27 -40.68 -5.92
N GLU E 308 42.97 -39.66 -5.41
CA GLU E 308 42.82 -39.07 -4.05
C GLU E 308 41.34 -38.84 -3.70
N LYS E 309 40.60 -38.09 -4.51
CA LYS E 309 39.14 -37.84 -4.35
C LYS E 309 38.34 -39.13 -4.58
N PHE E 310 38.82 -40.03 -5.44
CA PHE E 310 38.17 -41.34 -5.70
C PHE E 310 38.10 -42.12 -4.38
N ILE E 311 39.11 -41.94 -3.51
CA ILE E 311 39.24 -42.64 -2.19
C ILE E 311 38.57 -41.76 -1.15
N ASP E 312 39.19 -40.61 -0.87
CA ASP E 312 38.86 -39.71 0.26
C ASP E 312 37.44 -39.20 0.14
N ILE E 313 36.82 -39.36 -1.04
CA ILE E 313 35.38 -39.03 -1.24
C ILE E 313 34.61 -40.32 -1.61
N LYS E 314 34.83 -40.92 -2.79
CA LYS E 314 33.96 -42.04 -3.27
C LYS E 314 34.03 -43.25 -2.32
N CYS E 315 35.23 -43.67 -1.89
CA CYS E 315 35.42 -44.88 -1.05
C CYS E 315 35.16 -44.54 0.43
N ARG E 316 35.27 -43.27 0.79
CA ARG E 316 35.00 -42.84 2.19
C ARG E 316 33.50 -42.86 2.41
N GLN E 317 32.71 -42.34 1.45
CA GLN E 317 31.23 -42.25 1.56
C GLN E 317 30.60 -43.63 1.40
N THR E 318 31.17 -44.48 0.53
CA THR E 318 30.56 -45.77 0.11
C THR E 318 31.16 -46.92 0.91
N GLY E 319 32.41 -46.76 1.37
CA GLY E 319 33.20 -47.85 1.96
C GLY E 319 33.47 -48.93 0.93
N LEU E 320 33.82 -48.54 -0.30
CA LEU E 320 34.38 -49.43 -1.37
C LEU E 320 35.89 -49.57 -1.15
N LYS E 321 36.37 -50.82 -1.20
CA LYS E 321 37.79 -51.20 -1.00
C LYS E 321 38.39 -51.48 -2.38
N PRO E 322 39.26 -50.59 -2.92
CA PRO E 322 39.93 -50.86 -4.18
C PRO E 322 41.07 -51.88 -3.99
N SER E 323 40.95 -53.03 -4.65
CA SER E 323 41.89 -54.19 -4.58
C SER E 323 43.24 -53.82 -5.19
N SER E 324 43.26 -52.98 -6.22
CA SER E 324 44.50 -52.64 -6.97
C SER E 324 44.35 -51.31 -7.71
N VAL E 325 45.48 -50.62 -7.91
CA VAL E 325 45.56 -49.37 -8.71
C VAL E 325 46.56 -49.60 -9.84
N VAL E 326 46.16 -49.31 -11.08
CA VAL E 326 47.04 -49.10 -12.27
C VAL E 326 47.33 -47.59 -12.32
N ILE E 327 48.60 -47.22 -12.50
CA ILE E 327 49.03 -45.83 -12.74
C ILE E 327 49.61 -45.76 -14.14
N VAL E 328 48.79 -45.39 -15.11
CA VAL E 328 49.18 -45.15 -16.52
C VAL E 328 50.34 -44.14 -16.58
N ALA E 329 51.10 -44.18 -17.69
CA ALA E 329 52.24 -43.30 -18.03
C ALA E 329 52.55 -43.46 -19.53
N THR E 330 53.26 -42.50 -20.13
CA THR E 330 53.89 -42.66 -21.47
C THR E 330 55.25 -41.97 -21.47
N ILE E 331 56.11 -42.43 -22.38
CA ILE E 331 57.53 -42.00 -22.52
C ILE E 331 57.54 -40.51 -22.86
N ARG E 332 56.74 -40.06 -23.83
CA ARG E 332 56.66 -38.63 -24.24
C ARG E 332 56.17 -37.78 -23.06
N ALA E 333 54.99 -38.11 -22.52
CA ALA E 333 54.38 -37.42 -21.36
C ALA E 333 55.42 -37.30 -20.24
N LEU E 334 56.16 -38.37 -19.95
CA LEU E 334 57.19 -38.34 -18.88
C LEU E 334 58.31 -37.40 -19.30
N LYS E 335 58.80 -37.55 -20.54
CA LYS E 335 59.85 -36.69 -21.13
C LYS E 335 59.39 -35.24 -21.11
N MET E 336 58.08 -34.98 -21.27
CA MET E 336 57.54 -33.59 -21.16
C MET E 336 57.78 -33.05 -19.73
N HIS E 337 57.53 -33.89 -18.71
CA HIS E 337 57.76 -33.56 -17.27
C HIS E 337 59.27 -33.47 -17.00
N GLY E 338 60.11 -33.78 -18.02
CA GLY E 338 61.58 -33.74 -17.94
C GLY E 338 62.19 -32.43 -18.43
N GLY E 339 61.47 -31.65 -19.24
CA GLY E 339 61.97 -30.38 -19.85
C GLY E 339 61.91 -30.42 -21.37
N VAL E 340 61.66 -31.60 -21.94
CA VAL E 340 61.57 -31.82 -23.42
C VAL E 340 60.40 -31.00 -23.96
N ASN E 341 60.56 -30.38 -25.12
CA ASN E 341 59.43 -29.70 -25.82
C ASN E 341 58.58 -30.76 -26.53
N LYS E 342 57.54 -30.30 -27.23
CA LYS E 342 56.43 -31.12 -27.78
C LYS E 342 56.82 -31.67 -29.15
N LYS E 343 57.51 -30.84 -29.94
CA LYS E 343 57.91 -31.11 -31.34
C LYS E 343 59.34 -31.66 -31.37
N ASP E 344 59.90 -31.98 -30.20
CA ASP E 344 61.24 -32.60 -30.05
C ASP E 344 61.09 -34.04 -29.51
N LEU E 345 59.86 -34.45 -29.19
CA LEU E 345 59.55 -35.69 -28.43
C LEU E 345 59.82 -36.93 -29.28
N GLN E 346 59.79 -36.78 -30.60
CA GLN E 346 59.89 -37.88 -31.62
C GLN E 346 61.30 -38.51 -31.55
N ALA E 347 62.26 -37.80 -30.92
CA ALA E 347 63.65 -38.24 -30.65
C ALA E 347 63.73 -39.00 -29.31
N GLU E 348 64.83 -39.74 -29.11
CA GLU E 348 65.16 -40.49 -27.86
C GLU E 348 65.81 -39.52 -26.87
N ASN E 349 65.74 -39.81 -25.56
CA ASN E 349 66.20 -38.92 -24.47
C ASN E 349 66.04 -39.61 -23.11
N LEU E 350 67.14 -40.15 -22.55
CA LEU E 350 67.11 -40.83 -21.23
C LEU E 350 67.25 -39.76 -20.13
N ASP E 351 68.15 -38.79 -20.32
CA ASP E 351 68.40 -37.63 -19.41
C ASP E 351 67.10 -36.82 -19.17
N ALA E 352 66.05 -37.00 -19.98
CA ALA E 352 64.73 -36.34 -19.87
C ALA E 352 63.70 -37.30 -19.26
N LEU E 353 63.74 -38.58 -19.66
CA LEU E 353 62.94 -39.66 -19.03
C LEU E 353 63.20 -39.63 -17.52
N GLU E 354 64.48 -39.63 -17.15
CA GLU E 354 64.98 -39.54 -15.74
C GLU E 354 64.43 -38.29 -15.02
N LYS E 355 64.56 -37.10 -15.63
CA LYS E 355 64.25 -35.80 -14.95
C LYS E 355 62.74 -35.73 -14.66
N GLY E 356 61.91 -36.34 -15.52
CA GLY E 356 60.45 -36.31 -15.42
C GLY E 356 59.87 -37.52 -14.74
N PHE E 357 60.72 -38.46 -14.27
CA PHE E 357 60.32 -39.68 -13.52
C PHE E 357 59.80 -39.28 -12.13
N ALA E 358 60.29 -38.15 -11.62
CA ALA E 358 59.88 -37.48 -10.36
C ALA E 358 58.34 -37.44 -10.26
N ASN E 359 57.67 -37.12 -11.38
CA ASN E 359 56.18 -37.09 -11.44
C ASN E 359 55.70 -38.50 -11.08
N LEU E 360 56.01 -39.52 -11.89
CA LEU E 360 55.59 -40.93 -11.66
C LEU E 360 55.97 -41.34 -10.22
N GLU E 361 57.15 -40.88 -9.76
CA GLU E 361 57.71 -41.13 -8.40
C GLU E 361 56.64 -40.81 -7.35
N ARG E 362 56.19 -39.56 -7.30
CA ARG E 362 55.30 -39.02 -6.24
C ARG E 362 53.96 -39.78 -6.25
N HIS E 363 53.35 -39.99 -7.42
CA HIS E 363 51.99 -40.59 -7.57
C HIS E 363 51.94 -42.00 -6.99
N VAL E 364 52.99 -42.81 -7.21
CA VAL E 364 53.08 -44.25 -6.75
C VAL E 364 53.24 -44.29 -5.22
N ASN E 365 54.14 -43.46 -4.66
CA ASN E 365 54.28 -43.23 -3.19
C ASN E 365 52.92 -42.83 -2.60
N ASN E 366 52.24 -41.91 -3.30
CA ASN E 366 50.96 -41.28 -2.91
C ASN E 366 49.86 -42.34 -2.79
N VAL E 367 49.75 -43.23 -3.79
CA VAL E 367 48.64 -44.24 -3.88
C VAL E 367 48.86 -45.34 -2.85
N ARG E 368 50.09 -45.83 -2.70
CA ARG E 368 50.51 -46.78 -1.64
C ARG E 368 50.29 -46.14 -0.25
N SER E 369 50.62 -44.87 -0.07
CA SER E 369 50.28 -44.07 1.13
C SER E 369 48.93 -44.52 1.69
N PHE E 370 47.93 -44.66 0.82
CA PHE E 370 46.55 -45.07 1.17
C PHE E 370 46.48 -46.57 1.52
N GLY E 371 47.56 -47.32 1.32
CA GLY E 371 47.67 -48.76 1.66
C GLY E 371 47.27 -49.66 0.50
N LEU E 372 47.44 -49.18 -0.74
CA LEU E 372 46.92 -49.83 -1.97
C LEU E 372 48.07 -50.39 -2.82
N PRO E 373 47.89 -51.64 -3.30
CA PRO E 373 48.84 -52.25 -4.23
C PRO E 373 48.89 -51.46 -5.55
N VAL E 374 50.09 -51.13 -6.00
CA VAL E 374 50.33 -50.38 -7.26
C VAL E 374 50.98 -51.32 -8.29
N VAL E 375 50.62 -51.16 -9.56
CA VAL E 375 51.47 -51.48 -10.74
C VAL E 375 51.44 -50.24 -11.64
N VAL E 376 52.50 -49.99 -12.41
CA VAL E 376 52.54 -48.94 -13.48
C VAL E 376 52.06 -49.56 -14.80
N GLY E 377 51.26 -48.82 -15.59
CA GLY E 377 50.98 -49.10 -17.01
C GLY E 377 51.64 -48.08 -17.92
N VAL E 378 52.47 -48.52 -18.88
CA VAL E 378 53.19 -47.64 -19.84
C VAL E 378 52.61 -47.92 -21.24
N ASN E 379 51.69 -47.08 -21.70
CA ASN E 379 51.14 -47.16 -23.07
C ASN E 379 52.29 -46.82 -24.02
N HIS E 380 52.68 -47.81 -24.83
CA HIS E 380 53.80 -47.77 -25.82
C HIS E 380 53.45 -46.81 -26.97
N PHE E 381 54.48 -46.30 -27.65
CA PHE E 381 54.32 -45.49 -28.89
C PHE E 381 55.51 -45.80 -29.81
N PHE E 382 55.29 -45.78 -31.13
CA PHE E 382 56.21 -46.35 -32.16
C PHE E 382 57.55 -45.59 -32.16
N GLN E 383 57.59 -44.32 -31.74
CA GLN E 383 58.85 -43.54 -31.63
C GLN E 383 59.37 -43.60 -30.19
N ASP E 384 59.01 -44.65 -29.45
CA ASP E 384 59.66 -45.03 -28.18
C ASP E 384 60.69 -46.12 -28.49
N THR E 385 61.95 -45.84 -28.15
CA THR E 385 63.11 -46.75 -28.32
C THR E 385 63.00 -47.84 -27.25
N ASP E 386 63.54 -49.04 -27.50
CA ASP E 386 63.60 -50.15 -26.51
C ASP E 386 64.47 -49.71 -25.32
N ALA E 387 65.40 -48.77 -25.57
CA ALA E 387 66.38 -48.19 -24.60
C ALA E 387 65.65 -47.37 -23.53
N GLU E 388 64.84 -46.40 -23.98
CA GLU E 388 63.93 -45.61 -23.12
C GLU E 388 63.14 -46.60 -22.24
N HIS E 389 62.43 -47.54 -22.87
CA HIS E 389 61.52 -48.52 -22.21
C HIS E 389 62.25 -49.35 -21.14
N ALA E 390 63.49 -49.78 -21.42
CA ALA E 390 64.32 -50.65 -20.53
C ALA E 390 64.68 -49.86 -19.25
N ARG E 391 64.98 -48.56 -19.38
CA ARG E 391 65.32 -47.64 -18.25
C ARG E 391 64.11 -47.47 -17.32
N LEU E 392 62.87 -47.37 -17.86
CA LEU E 392 61.60 -47.05 -17.14
C LEU E 392 61.17 -48.23 -16.24
N LYS E 393 61.57 -49.45 -16.58
CA LYS E 393 61.41 -50.63 -15.68
C LYS E 393 62.44 -50.52 -14.55
N GLU E 394 63.68 -50.15 -14.89
CA GLU E 394 64.80 -49.98 -13.92
C GLU E 394 64.49 -48.85 -12.91
N LEU E 395 64.22 -47.63 -13.38
CA LEU E 395 63.85 -46.50 -12.47
C LEU E 395 62.66 -46.92 -11.60
N CYS E 396 61.67 -47.62 -12.19
CA CYS E 396 60.49 -48.17 -11.45
C CYS E 396 60.92 -49.29 -10.50
N ARG E 397 61.79 -50.20 -10.96
CA ARG E 397 62.35 -51.31 -10.14
C ARG E 397 63.21 -50.71 -9.04
N ASP E 398 64.26 -49.99 -9.41
CA ASP E 398 65.34 -49.54 -8.48
C ASP E 398 64.77 -48.54 -7.47
N ARG E 399 64.05 -47.51 -7.93
CA ARG E 399 63.58 -46.39 -7.06
C ARG E 399 62.29 -46.79 -6.33
N LEU E 400 61.33 -47.41 -7.01
CA LEU E 400 59.97 -47.65 -6.45
C LEU E 400 59.70 -49.13 -6.13
N GLN E 401 60.35 -50.08 -6.79
CA GLN E 401 60.10 -51.54 -6.62
C GLN E 401 58.67 -51.85 -7.11
N VAL E 402 58.38 -51.50 -8.38
CA VAL E 402 57.06 -51.70 -9.05
C VAL E 402 57.29 -52.11 -10.50
N GLU E 403 56.55 -53.12 -10.98
CA GLU E 403 56.43 -53.51 -12.41
C GLU E 403 55.98 -52.30 -13.23
N ALA E 404 56.66 -52.04 -14.35
CA ALA E 404 56.38 -50.95 -15.33
C ALA E 404 56.00 -51.56 -16.69
N ILE E 405 54.82 -52.19 -16.76
CA ILE E 405 54.34 -53.08 -17.86
C ILE E 405 54.08 -52.28 -19.13
N THR E 406 54.75 -52.64 -20.23
CA THR E 406 54.48 -52.08 -21.60
C THR E 406 53.11 -52.61 -22.04
N CYS E 407 52.21 -51.69 -22.43
CA CYS E 407 50.82 -51.97 -22.91
C CYS E 407 50.64 -51.38 -24.33
N LYS E 408 50.44 -52.22 -25.34
CA LYS E 408 50.31 -51.80 -26.76
C LYS E 408 48.90 -52.14 -27.28
N HIS E 409 47.91 -52.17 -26.39
CA HIS E 409 46.50 -52.48 -26.70
C HIS E 409 45.95 -51.54 -27.79
N TRP E 410 46.48 -50.31 -27.89
CA TRP E 410 46.08 -49.28 -28.90
C TRP E 410 46.29 -49.81 -30.32
N ALA E 411 47.37 -50.57 -30.54
CA ALA E 411 47.73 -51.17 -31.85
C ALA E 411 47.26 -52.63 -31.94
N GLU E 412 47.21 -53.37 -30.82
CA GLU E 412 47.10 -54.87 -30.80
C GLU E 412 45.84 -55.41 -30.07
N GLY E 413 44.99 -54.55 -29.50
CA GLY E 413 43.78 -54.97 -28.78
C GLY E 413 44.13 -55.59 -27.45
N GLY E 414 43.20 -56.34 -26.85
CA GLY E 414 43.34 -56.92 -25.50
C GLY E 414 44.74 -57.48 -25.29
N ALA E 415 45.20 -58.30 -26.25
CA ALA E 415 46.42 -59.13 -26.15
C ALA E 415 47.61 -58.29 -25.65
N GLY E 416 47.69 -57.03 -26.10
CA GLY E 416 48.84 -56.14 -25.81
C GLY E 416 48.79 -55.55 -24.42
N ALA E 417 47.75 -55.89 -23.64
CA ALA E 417 47.54 -55.52 -22.23
C ALA E 417 47.31 -56.76 -21.35
N GLU E 418 47.66 -57.96 -21.81
CA GLU E 418 47.42 -59.24 -21.08
C GLU E 418 48.42 -59.38 -19.92
N ALA E 419 49.66 -58.95 -20.16
CA ALA E 419 50.75 -58.89 -19.15
C ALA E 419 50.28 -58.06 -17.93
N LEU E 420 49.72 -56.86 -18.19
CA LEU E 420 49.14 -55.89 -17.22
C LEU E 420 48.04 -56.61 -16.41
N ALA E 421 47.04 -57.17 -17.10
CA ALA E 421 45.90 -57.92 -16.51
C ALA E 421 46.44 -59.01 -15.58
N GLN E 422 47.47 -59.75 -16.01
CA GLN E 422 48.19 -60.74 -15.15
C GLN E 422 48.68 -60.09 -13.84
N ALA E 423 49.48 -59.01 -13.91
CA ALA E 423 50.09 -58.39 -12.71
C ALA E 423 49.04 -57.68 -11.84
N VAL E 424 47.77 -57.56 -12.28
CA VAL E 424 46.64 -56.86 -11.59
C VAL E 424 45.79 -57.87 -10.80
N VAL E 425 45.69 -59.11 -11.29
CA VAL E 425 45.18 -60.28 -10.50
C VAL E 425 46.21 -60.63 -9.41
N LYS E 426 47.49 -60.32 -9.68
CA LYS E 426 48.62 -60.53 -8.74
C LYS E 426 48.30 -59.78 -7.46
N LEU E 427 48.10 -58.47 -7.59
CA LEU E 427 48.01 -57.53 -6.44
C LEU E 427 46.63 -57.66 -5.78
N ALA E 428 45.58 -57.81 -6.60
CA ALA E 428 44.18 -58.04 -6.15
C ALA E 428 44.12 -59.29 -5.27
N GLU E 429 44.95 -60.30 -5.55
CA GLU E 429 45.21 -61.50 -4.71
C GLU E 429 46.65 -61.41 -4.18
N LYS E 433 45.50 -55.02 3.47
CA LYS E 433 45.72 -53.78 4.27
C LYS E 433 44.50 -52.90 4.17
N PRO E 434 43.81 -52.58 5.29
CA PRO E 434 42.72 -51.59 5.27
C PRO E 434 43.16 -50.24 4.65
N LEU E 435 42.25 -49.57 3.94
CA LEU E 435 42.57 -48.34 3.15
C LEU E 435 42.65 -47.12 4.09
N THR E 436 43.79 -46.43 4.04
CA THR E 436 44.07 -45.16 4.74
C THR E 436 43.41 -44.03 3.95
N PHE E 437 43.08 -42.93 4.63
CA PHE E 437 42.69 -41.63 4.03
C PHE E 437 43.70 -40.56 4.49
N ALA E 438 43.91 -39.54 3.66
CA ALA E 438 44.97 -38.52 3.84
C ALA E 438 44.69 -37.65 5.07
N TYR E 439 43.43 -37.55 5.50
CA TYR E 439 42.99 -36.78 6.70
C TYR E 439 41.94 -37.56 7.51
N GLU E 440 41.76 -37.24 8.81
CA GLU E 440 40.63 -37.74 9.64
C GLU E 440 39.40 -36.86 9.34
N THR E 441 38.22 -37.38 9.63
CA THR E 441 36.91 -36.71 9.39
C THR E 441 36.77 -35.51 10.35
N GLU E 442 37.06 -35.70 11.64
CA GLU E 442 36.87 -34.66 12.69
C GLU E 442 38.17 -33.85 12.79
N THR E 443 38.55 -33.24 11.67
CA THR E 443 39.64 -32.24 11.57
C THR E 443 39.10 -31.04 10.79
N LYS E 444 39.52 -29.82 11.14
CA LYS E 444 39.00 -28.55 10.56
C LYS E 444 39.38 -28.51 9.06
N ILE E 445 38.45 -28.00 8.21
CA ILE E 445 38.56 -28.00 6.73
C ILE E 445 39.91 -27.40 6.34
N THR E 446 40.32 -26.31 6.99
CA THR E 446 41.67 -25.71 6.83
C THR E 446 42.74 -26.77 7.04
N ASP E 447 42.67 -27.57 8.11
CA ASP E 447 43.69 -28.60 8.47
C ASP E 447 43.65 -29.77 7.46
N LYS E 448 42.45 -30.17 6.99
CA LYS E 448 42.22 -31.23 5.97
C LYS E 448 42.92 -30.87 4.66
N ILE E 449 42.85 -29.59 4.29
CA ILE E 449 43.55 -28.99 3.11
C ILE E 449 45.05 -29.11 3.34
N LYS E 450 45.52 -28.76 4.55
CA LYS E 450 46.96 -28.77 4.94
C LYS E 450 47.52 -30.18 4.74
N ALA E 451 46.79 -31.19 5.21
CA ALA E 451 47.03 -32.63 4.95
C ALA E 451 47.30 -32.88 3.47
N ILE E 452 46.34 -32.56 2.59
CA ILE E 452 46.45 -32.86 1.13
C ILE E 452 47.65 -32.11 0.54
N ALA E 453 47.77 -30.81 0.80
CA ALA E 453 48.82 -29.92 0.23
C ALA E 453 50.22 -30.46 0.56
N THR E 454 50.47 -30.94 1.78
CA THR E 454 51.83 -31.35 2.25
C THR E 454 52.09 -32.82 1.91
N LYS E 455 51.17 -33.71 2.27
CA LYS E 455 51.36 -35.19 2.19
C LYS E 455 51.39 -35.66 0.73
N LEU E 456 50.64 -35.02 -0.17
CA LEU E 456 50.38 -35.49 -1.56
C LEU E 456 50.92 -34.51 -2.62
N TYR E 457 50.82 -33.20 -2.40
CA TYR E 457 51.28 -32.14 -3.33
C TYR E 457 52.75 -31.80 -3.08
N GLY E 458 53.35 -32.29 -1.99
CA GLY E 458 54.71 -31.90 -1.55
C GLY E 458 54.87 -30.39 -1.39
N ALA E 459 53.89 -29.71 -0.79
CA ALA E 459 53.84 -28.24 -0.65
C ALA E 459 54.44 -27.85 0.70
N ALA E 460 55.03 -26.67 0.83
CA ALA E 460 55.66 -26.19 2.09
C ALA E 460 54.53 -25.90 3.09
N ASP E 461 53.60 -25.04 2.70
CA ASP E 461 52.51 -24.50 3.55
C ASP E 461 51.38 -24.08 2.61
N ILE E 462 50.12 -24.24 3.06
CA ILE E 462 48.93 -23.58 2.44
C ILE E 462 48.86 -22.17 3.00
N GLN E 463 48.21 -21.26 2.26
CA GLN E 463 47.81 -19.88 2.66
C GLN E 463 46.31 -19.76 2.31
N ILE E 464 45.51 -19.21 3.23
CA ILE E 464 44.02 -19.03 3.15
C ILE E 464 43.71 -17.55 2.89
N GLU E 465 43.35 -17.15 1.67
CA GLU E 465 43.04 -15.74 1.29
C GLU E 465 41.78 -15.28 2.04
N SER E 466 41.62 -13.96 2.17
CA SER E 466 40.58 -13.29 3.01
C SER E 466 39.20 -13.88 2.70
N LYS E 467 38.68 -13.62 1.49
CA LYS E 467 37.34 -14.11 1.06
C LYS E 467 37.12 -15.54 1.59
N ALA E 468 38.14 -16.41 1.49
CA ALA E 468 38.10 -17.84 1.88
C ALA E 468 37.98 -18.08 3.40
N ALA E 469 38.70 -17.32 4.26
CA ALA E 469 38.72 -17.51 5.74
C ALA E 469 37.30 -17.33 6.31
N THR E 470 36.64 -16.24 5.91
CA THR E 470 35.29 -15.85 6.38
C THR E 470 34.26 -16.90 5.93
N LYS E 471 34.34 -17.37 4.68
CA LYS E 471 33.43 -18.42 4.16
C LYS E 471 33.63 -19.73 4.93
N LEU E 472 34.86 -20.05 5.37
CA LEU E 472 35.23 -21.35 6.02
C LEU E 472 34.79 -21.40 7.49
N ALA E 473 34.99 -20.29 8.22
CA ALA E 473 34.45 -20.00 9.58
C ALA E 473 32.93 -20.17 9.60
N GLY E 474 32.23 -19.52 8.66
CA GLY E 474 30.79 -19.74 8.40
C GLY E 474 30.47 -21.21 8.19
N PHE E 475 31.32 -21.95 7.48
CA PHE E 475 31.14 -23.40 7.20
C PHE E 475 31.28 -24.19 8.49
N GLU E 476 32.39 -24.00 9.20
CA GLU E 476 32.67 -24.69 10.50
C GLU E 476 31.45 -24.52 11.42
N LYS E 477 31.08 -23.25 11.70
CA LYS E 477 30.00 -22.79 12.64
C LYS E 477 28.68 -23.53 12.34
N ASP E 478 28.21 -23.46 11.08
CA ASP E 478 26.92 -24.05 10.60
C ASP E 478 27.01 -25.59 10.55
N GLY E 479 28.14 -26.17 10.95
CA GLY E 479 28.29 -27.58 11.34
C GLY E 479 28.70 -28.48 10.20
N TYR E 480 29.45 -27.95 9.21
CA TYR E 480 29.86 -28.61 7.94
C TYR E 480 31.36 -28.98 7.92
N GLY E 481 32.09 -28.71 9.02
CA GLY E 481 33.54 -28.96 9.14
C GLY E 481 33.92 -30.40 8.86
N LYS E 482 33.03 -31.35 9.19
CA LYS E 482 33.28 -32.82 9.13
C LYS E 482 33.27 -33.28 7.66
N LEU E 483 32.91 -32.40 6.71
CA LEU E 483 32.82 -32.76 5.27
C LEU E 483 34.23 -32.88 4.68
N PRO E 484 34.46 -33.87 3.79
CA PRO E 484 35.73 -33.98 3.07
C PRO E 484 36.02 -32.76 2.20
N VAL E 485 37.21 -32.75 1.60
CA VAL E 485 37.73 -31.59 0.83
C VAL E 485 37.83 -32.05 -0.63
N CYS E 486 37.42 -31.18 -1.54
CA CYS E 486 37.53 -31.33 -3.02
C CYS E 486 38.48 -30.25 -3.56
N MET E 487 39.77 -30.56 -3.69
CA MET E 487 40.81 -29.60 -4.16
C MET E 487 40.58 -29.28 -5.64
N ALA E 488 40.29 -28.02 -5.97
CA ALA E 488 40.08 -27.52 -7.35
C ALA E 488 41.27 -26.64 -7.75
N LYS E 489 42.25 -27.23 -8.43
CA LYS E 489 43.50 -26.55 -8.86
C LYS E 489 43.78 -26.95 -10.31
N THR E 490 44.90 -26.54 -10.88
CA THR E 490 45.37 -27.07 -12.19
C THR E 490 45.74 -28.55 -12.03
N GLN E 491 45.33 -29.37 -13.01
CA GLN E 491 45.61 -30.83 -13.12
C GLN E 491 47.06 -31.07 -13.56
N TYR E 492 47.64 -30.07 -14.26
CA TYR E 492 48.91 -30.13 -15.04
C TYR E 492 50.14 -30.10 -14.12
N SER E 493 49.98 -29.89 -12.81
CA SER E 493 51.10 -29.70 -11.86
C SER E 493 50.62 -30.00 -10.45
N PHE E 494 51.47 -30.62 -9.62
CA PHE E 494 51.20 -30.83 -8.17
C PHE E 494 50.92 -29.48 -7.48
N SER E 495 51.46 -28.38 -8.04
CA SER E 495 51.36 -27.01 -7.47
C SER E 495 50.10 -26.32 -7.99
N THR E 496 49.94 -25.04 -7.65
CA THR E 496 48.88 -24.15 -8.19
C THR E 496 49.35 -23.50 -9.50
N ASP E 497 50.59 -23.77 -9.92
CA ASP E 497 51.22 -23.19 -11.13
C ASP E 497 51.32 -24.29 -12.18
N PRO E 498 50.62 -24.14 -13.34
CA PRO E 498 50.58 -25.18 -14.37
C PRO E 498 51.97 -25.57 -14.91
N THR E 499 52.90 -24.61 -15.02
CA THR E 499 54.22 -24.77 -15.68
C THR E 499 55.22 -25.49 -14.75
N LEU E 500 54.90 -25.69 -13.47
CA LEU E 500 55.75 -26.47 -12.53
C LEU E 500 55.57 -27.97 -12.79
N MET E 501 56.37 -28.50 -13.71
CA MET E 501 56.36 -29.92 -14.18
C MET E 501 57.15 -30.78 -13.20
N GLY E 502 57.00 -32.11 -13.31
CA GLY E 502 57.66 -33.08 -12.42
C GLY E 502 57.10 -32.94 -11.01
N ALA E 503 57.93 -33.23 -10.00
CA ALA E 503 57.55 -33.26 -8.56
C ALA E 503 58.10 -32.01 -7.86
N PRO E 504 57.37 -30.86 -7.87
CA PRO E 504 57.85 -29.62 -7.28
C PRO E 504 57.78 -29.73 -5.76
N SER E 505 58.58 -28.94 -5.04
CA SER E 505 58.68 -29.01 -3.56
C SER E 505 58.75 -27.61 -2.96
N GLY E 506 58.11 -27.41 -1.80
CA GLY E 506 58.18 -26.21 -0.94
C GLY E 506 57.37 -25.05 -1.47
N HIS E 507 56.64 -25.28 -2.56
CA HIS E 507 55.69 -24.31 -3.15
C HIS E 507 54.55 -24.03 -2.16
N LEU E 508 53.81 -22.94 -2.39
CA LEU E 508 52.69 -22.43 -1.55
C LEU E 508 51.38 -22.74 -2.28
N VAL E 509 50.41 -23.29 -1.58
CA VAL E 509 49.04 -23.52 -2.12
C VAL E 509 48.16 -22.41 -1.51
N SER E 510 47.94 -21.35 -2.29
CA SER E 510 47.06 -20.21 -1.96
C SER E 510 45.61 -20.52 -2.38
N VAL E 511 44.69 -20.53 -1.42
CA VAL E 511 43.24 -20.83 -1.62
C VAL E 511 42.47 -19.51 -1.79
N ARG E 512 41.92 -19.28 -2.99
CA ARG E 512 41.35 -17.99 -3.50
C ARG E 512 39.92 -17.80 -2.97
N ASP E 513 39.11 -18.87 -3.02
CA ASP E 513 37.65 -18.88 -2.75
C ASP E 513 37.28 -20.29 -2.29
N VAL E 514 36.02 -20.53 -1.95
CA VAL E 514 35.51 -21.80 -1.38
C VAL E 514 34.02 -21.86 -1.69
N ARG E 515 33.50 -23.01 -2.13
CA ARG E 515 32.05 -23.24 -2.38
C ARG E 515 31.61 -24.46 -1.56
N LEU E 516 30.37 -24.48 -1.06
CA LEU E 516 29.86 -25.64 -0.27
C LEU E 516 29.00 -26.55 -1.13
N SER E 517 29.34 -27.84 -1.21
CA SER E 517 28.58 -28.86 -1.99
C SER E 517 27.96 -29.90 -1.03
N ALA E 518 27.01 -29.44 -0.21
CA ALA E 518 26.48 -30.13 1.00
C ALA E 518 25.62 -31.33 0.62
N GLY E 519 25.22 -31.42 -0.65
CA GLY E 519 24.39 -32.50 -1.20
C GLY E 519 25.25 -33.66 -1.67
N ALA E 520 26.45 -33.39 -2.18
CA ALA E 520 27.38 -34.44 -2.65
C ALA E 520 28.07 -35.03 -1.43
N GLY E 521 28.70 -34.14 -0.67
CA GLY E 521 29.17 -34.37 0.70
C GLY E 521 30.55 -33.81 0.91
N PHE E 522 30.98 -32.85 0.09
CA PHE E 522 32.31 -32.19 0.17
C PHE E 522 32.19 -30.67 0.07
N VAL E 523 33.28 -30.01 0.46
CA VAL E 523 33.57 -28.55 0.36
C VAL E 523 34.50 -28.34 -0.85
N VAL E 524 34.11 -27.51 -1.81
CA VAL E 524 34.98 -27.13 -2.96
C VAL E 524 35.98 -26.06 -2.47
N VAL E 525 37.28 -26.35 -2.56
CA VAL E 525 38.39 -25.47 -2.13
C VAL E 525 39.13 -24.99 -3.37
N ILE E 526 38.83 -23.76 -3.80
CA ILE E 526 39.32 -23.17 -5.09
C ILE E 526 40.68 -22.52 -4.84
N CYS E 527 41.69 -22.91 -5.62
CA CYS E 527 43.10 -22.43 -5.49
C CYS E 527 43.42 -21.45 -6.63
N GLY E 528 43.17 -21.85 -7.87
CA GLY E 528 43.55 -21.05 -9.06
C GLY E 528 42.39 -20.33 -9.71
N GLU E 529 42.25 -20.52 -11.03
CA GLU E 529 41.15 -20.01 -11.88
C GLU E 529 40.53 -21.21 -12.61
N ILE E 530 39.28 -21.57 -12.31
CA ILE E 530 38.64 -22.79 -12.87
C ILE E 530 37.52 -22.38 -13.83
N MET E 531 37.54 -22.93 -15.04
CA MET E 531 36.54 -22.68 -16.10
C MET E 531 35.39 -23.68 -15.91
N THR E 532 34.19 -23.18 -15.66
CA THR E 532 32.98 -24.00 -15.46
C THR E 532 32.11 -23.87 -16.70
N MET E 533 32.56 -23.11 -17.69
CA MET E 533 31.88 -22.94 -19.00
C MET E 533 32.93 -22.68 -20.08
N PRO E 534 33.38 -23.71 -20.84
CA PRO E 534 34.33 -23.52 -21.93
C PRO E 534 33.79 -22.70 -23.12
N GLY E 535 34.69 -21.99 -23.81
CA GLY E 535 34.37 -21.29 -25.06
C GLY E 535 34.58 -22.16 -26.29
N LEU E 536 33.98 -21.73 -27.40
CA LEU E 536 34.22 -22.32 -28.73
C LEU E 536 35.40 -21.59 -29.31
N PRO E 537 36.31 -22.26 -30.06
CA PRO E 537 37.45 -21.58 -30.66
C PRO E 537 37.06 -20.77 -31.91
N LYS E 538 38.02 -20.01 -32.48
CA LYS E 538 37.88 -19.11 -33.67
C LYS E 538 37.23 -19.87 -34.83
N VAL E 539 37.66 -21.12 -35.02
CA VAL E 539 37.17 -22.02 -36.11
C VAL E 539 36.69 -23.30 -35.42
N PRO E 540 35.39 -23.37 -35.08
CA PRO E 540 34.87 -24.55 -34.38
C PRO E 540 34.66 -25.70 -35.38
N ALA E 541 34.99 -26.91 -34.97
CA ALA E 541 34.62 -28.19 -35.61
C ALA E 541 33.20 -28.17 -36.16
N ALA E 542 32.28 -27.52 -35.46
CA ALA E 542 30.86 -27.36 -35.82
C ALA E 542 30.74 -26.92 -37.27
N ASP E 543 31.58 -25.95 -37.66
CA ASP E 543 31.62 -25.36 -39.03
C ASP E 543 31.48 -26.49 -40.06
N THR E 544 32.19 -27.60 -39.84
CA THR E 544 32.38 -28.66 -40.83
C THR E 544 32.03 -30.01 -40.23
N ILE E 545 31.15 -30.04 -39.22
CA ILE E 545 30.45 -31.28 -38.77
C ILE E 545 29.20 -31.43 -39.65
N ARG E 546 29.03 -32.59 -40.29
CA ARG E 546 28.07 -32.78 -41.42
C ARG E 546 27.72 -34.26 -41.64
N LEU E 547 26.62 -34.46 -42.34
CA LEU E 547 26.28 -35.73 -43.05
C LEU E 547 26.84 -35.66 -44.47
N ASP E 548 27.52 -36.70 -44.94
CA ASP E 548 27.78 -36.91 -46.39
C ASP E 548 26.48 -37.44 -47.05
N ALA E 549 26.55 -37.75 -48.35
CA ALA E 549 25.42 -38.21 -49.17
C ALA E 549 24.77 -39.50 -48.60
N ASN E 550 25.47 -40.29 -47.77
CA ASN E 550 24.94 -41.57 -47.20
C ASN E 550 24.44 -41.42 -45.76
N GLY E 551 24.24 -40.17 -45.30
CA GLY E 551 23.70 -39.86 -43.96
C GLY E 551 24.64 -40.34 -42.87
N GLN E 552 25.95 -40.28 -43.11
CA GLN E 552 27.00 -40.65 -42.15
C GLN E 552 27.64 -39.36 -41.62
N ILE E 553 28.03 -39.33 -40.34
CA ILE E 553 28.58 -38.12 -39.66
C ILE E 553 30.06 -37.96 -40.06
N ASP E 554 30.42 -36.81 -40.64
CA ASP E 554 31.83 -36.47 -41.00
C ASP E 554 32.27 -35.21 -40.25
N GLY E 555 33.52 -35.18 -39.77
CA GLY E 555 34.15 -34.01 -39.15
C GLY E 555 34.01 -34.01 -37.64
N LEU E 556 33.29 -35.01 -37.09
CA LEU E 556 33.09 -35.14 -35.63
C LEU E 556 34.31 -35.85 -35.05
N PHE E 557 35.23 -36.32 -35.89
CA PHE E 557 36.49 -37.02 -35.52
C PHE E 557 37.54 -36.78 -36.60
N PRO F 2 -12.34 -44.45 -13.05
CA PRO F 2 -11.01 -44.13 -12.48
C PRO F 2 -10.20 -43.13 -13.34
N SER F 3 -9.03 -42.70 -12.87
CA SER F 3 -8.21 -41.64 -13.52
C SER F 3 -7.54 -42.16 -14.80
N ASP F 4 -7.22 -41.24 -15.72
CA ASP F 4 -6.52 -41.57 -16.99
C ASP F 4 -5.21 -42.29 -16.67
N ILE F 5 -4.51 -41.94 -15.58
CA ILE F 5 -3.21 -42.59 -15.22
C ILE F 5 -3.48 -44.00 -14.64
N GLU F 6 -4.54 -44.18 -13.85
CA GLU F 6 -4.94 -45.49 -13.27
C GLU F 6 -5.36 -46.46 -14.40
N ILE F 7 -6.14 -45.98 -15.37
CA ILE F 7 -6.52 -46.72 -16.60
C ILE F 7 -5.23 -47.22 -17.28
N ALA F 8 -4.33 -46.30 -17.66
CA ALA F 8 -3.17 -46.53 -18.56
C ALA F 8 -2.00 -47.20 -17.84
N ARG F 9 -2.03 -47.27 -16.50
CA ARG F 9 -0.99 -47.98 -15.72
C ARG F 9 -1.34 -49.47 -15.66
N ALA F 10 -2.63 -49.78 -15.48
CA ALA F 10 -3.18 -51.15 -15.36
C ALA F 10 -2.85 -51.96 -16.62
N ALA F 11 -3.31 -51.46 -17.77
CA ALA F 11 -3.18 -52.09 -19.10
C ALA F 11 -1.80 -52.74 -19.24
N THR F 12 -1.75 -54.04 -19.51
CA THR F 12 -0.50 -54.75 -19.92
C THR F 12 -0.19 -54.29 -21.34
N LEU F 13 1.09 -54.05 -21.63
CA LEU F 13 1.54 -53.37 -22.88
C LEU F 13 2.19 -54.39 -23.81
N LYS F 14 1.84 -54.32 -25.11
CA LYS F 14 2.32 -55.28 -26.14
C LYS F 14 3.74 -54.93 -26.54
N PRO F 15 4.66 -55.92 -26.67
CA PRO F 15 6.00 -55.70 -27.21
C PRO F 15 5.98 -54.92 -28.55
N ILE F 16 6.96 -54.05 -28.77
CA ILE F 16 6.88 -52.98 -29.82
C ILE F 16 7.01 -53.62 -31.21
N ALA F 17 7.85 -54.65 -31.38
CA ALA F 17 7.99 -55.41 -32.66
C ALA F 17 6.61 -55.89 -33.12
N GLN F 18 5.91 -56.66 -32.26
CA GLN F 18 4.53 -57.20 -32.42
C GLN F 18 3.58 -56.16 -33.00
N VAL F 19 3.74 -54.89 -32.60
CA VAL F 19 2.88 -53.73 -32.98
C VAL F 19 3.38 -53.14 -34.30
N ALA F 20 4.71 -53.14 -34.50
CA ALA F 20 5.40 -52.66 -35.72
C ALA F 20 5.13 -53.61 -36.88
N GLU F 21 4.98 -54.91 -36.60
CA GLU F 21 4.72 -55.97 -37.63
C GLU F 21 3.33 -55.73 -38.22
N LYS F 22 2.38 -55.25 -37.41
CA LYS F 22 1.00 -54.86 -37.83
C LYS F 22 1.05 -53.75 -38.90
N LEU F 23 2.23 -53.16 -39.20
CA LEU F 23 2.36 -52.06 -40.21
C LEU F 23 3.28 -52.46 -41.37
N GLY F 24 4.01 -53.57 -41.25
CA GLY F 24 4.94 -54.05 -42.29
C GLY F 24 6.33 -53.47 -42.09
N ILE F 25 6.81 -53.52 -40.83
CA ILE F 25 8.11 -52.99 -40.33
C ILE F 25 8.84 -54.13 -39.61
N PRO F 26 10.01 -54.59 -40.08
CA PRO F 26 10.75 -55.65 -39.40
C PRO F 26 11.36 -55.11 -38.10
N ASP F 27 12.31 -55.84 -37.51
CA ASP F 27 13.05 -55.42 -36.29
C ASP F 27 14.22 -54.50 -36.65
N GLU F 28 14.90 -54.78 -37.78
CA GLU F 28 16.10 -54.03 -38.24
C GLU F 28 15.74 -52.54 -38.36
N ALA F 29 14.53 -52.26 -38.85
CA ALA F 29 14.02 -50.89 -39.13
C ALA F 29 13.63 -50.19 -37.81
N LEU F 30 13.77 -50.89 -36.67
CA LEU F 30 13.38 -50.39 -35.32
C LEU F 30 14.62 -50.17 -34.45
N HIS F 31 14.73 -48.97 -33.88
CA HIS F 31 15.59 -48.65 -32.72
C HIS F 31 14.71 -48.51 -31.46
N ASN F 32 14.88 -49.40 -30.48
CA ASN F 32 13.98 -49.53 -29.31
C ASN F 32 14.34 -48.50 -28.25
N TYR F 33 13.32 -47.94 -27.59
CA TYR F 33 13.42 -47.08 -26.37
C TYR F 33 12.60 -47.72 -25.22
N GLY F 34 13.20 -48.68 -24.50
CA GLY F 34 12.50 -49.56 -23.55
C GLY F 34 11.96 -50.80 -24.26
N LYS F 35 10.70 -51.16 -24.00
CA LYS F 35 10.03 -52.37 -24.58
C LYS F 35 8.68 -52.02 -25.22
N HIS F 36 8.21 -50.76 -25.13
CA HIS F 36 6.85 -50.31 -25.57
C HIS F 36 6.95 -49.04 -26.42
N ILE F 37 8.19 -48.64 -26.77
CA ILE F 37 8.57 -47.44 -27.58
C ILE F 37 9.69 -47.85 -28.52
N ALA F 38 9.67 -47.40 -29.77
CA ALA F 38 10.84 -47.56 -30.67
C ALA F 38 10.71 -46.59 -31.84
N LYS F 39 11.86 -46.18 -32.38
CA LYS F 39 11.99 -45.27 -33.55
C LYS F 39 12.17 -46.11 -34.82
N ILE F 40 11.85 -45.54 -35.98
CA ILE F 40 11.87 -46.21 -37.31
C ILE F 40 13.10 -45.70 -38.08
N ASP F 41 13.98 -46.62 -38.49
CA ASP F 41 15.24 -46.31 -39.24
C ASP F 41 14.94 -45.46 -40.48
N HIS F 42 15.84 -44.51 -40.78
CA HIS F 42 15.84 -43.62 -41.98
C HIS F 42 15.90 -44.46 -43.28
N ASP F 43 16.85 -45.40 -43.37
CA ASP F 43 17.04 -46.30 -44.54
C ASP F 43 15.71 -47.01 -44.86
N PHE F 44 15.11 -47.66 -43.84
CA PHE F 44 13.78 -48.31 -43.99
C PHE F 44 12.79 -47.26 -44.53
N ILE F 45 12.82 -46.04 -43.97
CA ILE F 45 11.92 -44.93 -44.39
C ILE F 45 12.27 -44.53 -45.82
N ALA F 46 13.57 -44.55 -46.17
CA ALA F 46 14.09 -44.22 -47.52
C ALA F 46 13.57 -45.25 -48.52
N SER F 47 13.37 -46.49 -48.07
CA SER F 47 12.89 -47.63 -48.89
C SER F 47 11.36 -47.60 -49.06
N LEU F 48 10.67 -46.47 -48.73
CA LEU F 48 9.20 -46.30 -48.90
C LEU F 48 8.89 -45.26 -49.98
N GLU F 49 9.87 -44.45 -50.40
CA GLU F 49 9.75 -43.51 -51.55
C GLU F 49 8.99 -44.21 -52.68
N GLY F 50 7.76 -43.75 -52.96
CA GLY F 50 6.80 -44.43 -53.85
C GLY F 50 5.63 -44.99 -53.05
N LYS F 51 5.71 -46.27 -52.66
CA LYS F 51 4.65 -47.00 -51.91
C LYS F 51 3.46 -46.06 -51.71
N PRO F 52 2.45 -46.04 -52.61
CA PRO F 52 1.36 -45.08 -52.52
C PRO F 52 0.89 -44.83 -51.08
N GLU F 53 0.60 -43.55 -50.76
CA GLU F 53 -0.03 -43.08 -49.51
C GLU F 53 -1.54 -43.35 -49.55
N GLY F 54 -2.06 -44.00 -48.51
CA GLY F 54 -3.51 -44.22 -48.35
C GLY F 54 -4.25 -42.98 -47.85
N LYS F 55 -5.32 -43.21 -47.08
CA LYS F 55 -6.32 -42.21 -46.65
C LYS F 55 -5.80 -41.47 -45.42
N LEU F 56 -5.81 -40.13 -45.49
CA LEU F 56 -5.40 -39.20 -44.41
C LEU F 56 -6.65 -38.45 -43.92
N VAL F 57 -7.09 -38.78 -42.70
CA VAL F 57 -8.26 -38.14 -42.04
C VAL F 57 -7.70 -37.15 -41.00
N LEU F 58 -8.16 -35.89 -41.06
CA LEU F 58 -7.63 -34.75 -40.27
C LEU F 58 -8.65 -34.37 -39.19
N VAL F 59 -8.36 -34.71 -37.93
CA VAL F 59 -9.20 -34.39 -36.73
C VAL F 59 -8.75 -33.02 -36.16
N THR F 60 -9.67 -32.05 -36.22
CA THR F 60 -9.65 -30.71 -35.58
C THR F 60 -10.84 -30.64 -34.61
N ALA F 61 -11.29 -29.44 -34.23
CA ALA F 61 -12.32 -29.24 -33.19
C ALA F 61 -12.98 -27.87 -33.29
N ILE F 62 -13.89 -27.58 -32.38
CA ILE F 62 -14.50 -26.22 -32.20
C ILE F 62 -13.57 -25.37 -31.35
N SER F 63 -13.70 -24.05 -31.46
CA SER F 63 -12.93 -23.05 -30.66
C SER F 63 -12.82 -23.61 -29.24
N PRO F 64 -11.60 -23.80 -28.68
CA PRO F 64 -11.45 -24.39 -27.36
C PRO F 64 -12.21 -23.56 -26.31
N THR F 65 -12.77 -24.26 -25.33
CA THR F 65 -13.59 -23.73 -24.21
C THR F 65 -13.10 -24.38 -22.93
N PRO F 66 -13.31 -23.74 -21.76
CA PRO F 66 -13.01 -24.37 -20.47
C PRO F 66 -13.62 -25.76 -20.28
N ALA F 67 -14.77 -26.02 -20.91
CA ALA F 67 -15.59 -27.24 -20.73
C ALA F 67 -14.77 -28.48 -21.08
N GLY F 68 -13.95 -28.44 -22.14
CA GLY F 68 -13.24 -29.62 -22.64
C GLY F 68 -13.98 -30.22 -23.83
N GLU F 69 -13.26 -30.44 -24.93
CA GLU F 69 -13.80 -30.92 -26.22
C GLU F 69 -13.31 -32.35 -26.46
N GLY F 70 -12.21 -32.72 -25.78
CA GLY F 70 -11.56 -34.04 -25.82
C GLY F 70 -11.26 -34.45 -27.24
N LYS F 71 -10.66 -33.53 -28.02
CA LYS F 71 -10.35 -33.73 -29.45
C LYS F 71 -9.33 -34.88 -29.59
N THR F 72 -8.25 -34.83 -28.81
CA THR F 72 -7.15 -35.81 -28.95
C THR F 72 -7.67 -37.22 -28.59
N THR F 73 -8.73 -37.33 -27.79
CA THR F 73 -9.25 -38.67 -27.36
C THR F 73 -9.97 -39.29 -28.58
N THR F 74 -10.68 -38.47 -29.37
CA THR F 74 -11.31 -38.89 -30.65
C THR F 74 -10.23 -39.52 -31.54
N THR F 75 -9.18 -38.75 -31.87
CA THR F 75 -8.05 -39.18 -32.72
C THR F 75 -7.64 -40.60 -32.32
N VAL F 76 -7.62 -40.91 -31.03
CA VAL F 76 -7.13 -42.22 -30.51
C VAL F 76 -8.25 -43.26 -30.55
N GLY F 77 -9.52 -42.83 -30.50
CA GLY F 77 -10.69 -43.73 -30.61
C GLY F 77 -11.00 -44.07 -32.05
N LEU F 78 -11.06 -43.05 -32.91
CA LEU F 78 -11.31 -43.19 -34.37
C LEU F 78 -10.39 -44.28 -34.95
N GLY F 79 -9.11 -44.25 -34.60
CA GLY F 79 -8.11 -45.24 -35.04
C GLY F 79 -8.29 -46.60 -34.38
N ASP F 80 -8.41 -46.63 -33.04
CA ASP F 80 -8.79 -47.83 -32.25
C ASP F 80 -9.87 -48.59 -33.04
N ALA F 81 -11.01 -47.92 -33.26
CA ALA F 81 -12.18 -48.40 -34.04
C ALA F 81 -11.73 -48.90 -35.43
N LEU F 82 -11.29 -47.98 -36.30
CA LEU F 82 -10.92 -48.26 -37.72
C LEU F 82 -10.22 -49.61 -37.86
N ASN F 83 -9.06 -49.77 -37.21
CA ASN F 83 -8.29 -51.03 -37.25
C ASN F 83 -9.26 -52.21 -37.07
N ARG F 84 -10.29 -52.05 -36.23
CA ARG F 84 -11.14 -53.17 -35.74
C ARG F 84 -12.37 -53.37 -36.63
N ILE F 85 -12.96 -52.31 -37.20
CA ILE F 85 -14.08 -52.42 -38.19
C ILE F 85 -13.58 -53.12 -39.46
N GLY F 86 -12.28 -53.02 -39.75
CA GLY F 86 -11.64 -53.70 -40.89
C GLY F 86 -10.35 -53.03 -41.30
N LYS F 87 -10.44 -51.85 -41.91
CA LYS F 87 -9.30 -51.11 -42.53
C LYS F 87 -8.21 -50.85 -41.50
N ARG F 88 -6.95 -51.21 -41.80
CA ARG F 88 -5.79 -51.13 -40.88
C ARG F 88 -5.27 -49.69 -40.79
N ALA F 89 -5.52 -49.03 -39.65
CA ALA F 89 -5.29 -47.57 -39.40
C ALA F 89 -4.10 -47.33 -38.46
N VAL F 90 -3.50 -46.13 -38.52
CA VAL F 90 -2.42 -45.64 -37.61
C VAL F 90 -2.66 -44.16 -37.30
N MET F 91 -2.40 -43.76 -36.05
CA MET F 91 -2.62 -42.38 -35.53
C MET F 91 -1.27 -41.65 -35.38
N CYS F 92 -1.28 -40.35 -35.65
CA CYS F 92 -0.11 -39.45 -35.52
C CYS F 92 -0.45 -38.35 -34.51
N LEU F 93 0.44 -38.15 -33.54
CA LEU F 93 0.25 -37.09 -32.53
C LEU F 93 1.55 -36.30 -32.30
N ARG F 94 1.38 -35.22 -31.57
CA ARG F 94 2.43 -34.28 -31.13
C ARG F 94 2.87 -34.70 -29.73
N GLU F 95 4.16 -35.00 -29.55
CA GLU F 95 4.84 -35.09 -28.22
C GLU F 95 4.55 -33.81 -27.45
N PRO F 96 4.07 -33.89 -26.20
CA PRO F 96 3.89 -32.69 -25.39
C PRO F 96 5.24 -32.20 -24.84
N SER F 97 5.40 -30.90 -24.61
CA SER F 97 6.63 -30.36 -23.99
C SER F 97 6.66 -30.78 -22.51
N LEU F 98 7.86 -30.93 -21.97
CA LEU F 98 8.10 -31.32 -20.55
C LEU F 98 7.77 -30.11 -19.64
N GLY F 99 8.34 -28.94 -19.92
CA GLY F 99 8.33 -27.73 -19.07
C GLY F 99 7.03 -27.53 -18.29
N PRO F 100 5.89 -27.39 -19.00
CA PRO F 100 4.60 -27.14 -18.35
C PRO F 100 3.89 -28.31 -17.64
N CYS F 101 4.47 -29.52 -17.64
CA CYS F 101 4.08 -30.65 -16.75
C CYS F 101 4.42 -30.32 -15.29
N PHE F 102 5.54 -29.62 -15.09
CA PHE F 102 6.07 -29.20 -13.77
C PHE F 102 5.39 -27.93 -13.26
N GLY F 103 4.56 -27.28 -14.09
CA GLY F 103 3.76 -26.09 -13.75
C GLY F 103 2.30 -26.44 -13.45
N MET F 104 1.54 -26.79 -14.49
CA MET F 104 0.06 -26.98 -14.38
C MET F 104 -0.28 -28.43 -13.98
N LYS F 105 0.19 -29.41 -14.74
CA LYS F 105 -0.20 -30.84 -14.63
C LYS F 105 0.22 -31.53 -15.95
N GLY F 106 0.53 -32.82 -15.93
CA GLY F 106 0.90 -33.59 -17.14
C GLY F 106 -0.29 -34.33 -17.69
N GLY F 107 -0.69 -34.06 -18.93
CA GLY F 107 -1.91 -34.65 -19.54
C GLY F 107 -1.64 -36.01 -20.17
N ALA F 108 -2.69 -36.78 -20.44
CA ALA F 108 -2.62 -38.05 -21.21
C ALA F 108 -2.60 -37.77 -22.70
N ALA F 109 -2.10 -38.72 -23.49
CA ALA F 109 -2.30 -38.77 -24.95
C ALA F 109 -3.74 -39.21 -25.23
N GLY F 110 -4.68 -38.24 -25.19
CA GLY F 110 -6.14 -38.47 -25.18
C GLY F 110 -6.66 -38.64 -23.76
N GLY F 111 -7.68 -39.47 -23.57
CA GLY F 111 -8.18 -39.86 -22.24
C GLY F 111 -9.03 -41.10 -22.32
N GLY F 112 -9.31 -41.75 -21.19
CA GLY F 112 -10.25 -42.89 -21.09
C GLY F 112 -9.67 -44.18 -21.66
N LYS F 113 -10.45 -44.86 -22.53
CA LYS F 113 -10.02 -46.09 -23.27
C LYS F 113 -9.37 -45.71 -24.60
N ALA F 114 -9.35 -44.40 -24.89
CA ALA F 114 -8.83 -43.76 -26.12
C ALA F 114 -7.51 -43.05 -25.79
N GLN F 115 -6.49 -43.83 -25.46
CA GLN F 115 -5.15 -43.31 -25.09
C GLN F 115 -4.07 -43.90 -25.99
N VAL F 116 -2.99 -43.14 -26.17
CA VAL F 116 -1.65 -43.72 -26.50
C VAL F 116 -0.85 -43.71 -25.22
N VAL F 117 0.08 -44.66 -25.09
CA VAL F 117 0.72 -45.08 -23.82
C VAL F 117 2.07 -45.70 -24.22
N PRO F 118 3.16 -45.60 -23.42
CA PRO F 118 3.13 -45.22 -22.00
C PRO F 118 2.95 -43.72 -21.74
N MET F 119 2.02 -43.36 -20.84
CA MET F 119 1.71 -41.97 -20.40
C MET F 119 2.95 -41.36 -19.75
N GLU F 120 3.39 -42.01 -18.69
CA GLU F 120 4.62 -41.75 -17.90
C GLU F 120 5.65 -41.08 -18.81
N GLN F 121 6.25 -41.87 -19.70
CA GLN F 121 7.39 -41.51 -20.58
C GLN F 121 6.97 -40.39 -21.52
N ILE F 122 5.80 -40.49 -22.13
CA ILE F 122 5.37 -39.60 -23.25
C ILE F 122 5.41 -38.16 -22.74
N ASN F 123 5.08 -37.92 -21.47
CA ASN F 123 4.93 -36.56 -20.87
C ASN F 123 6.30 -35.96 -20.52
N LEU F 124 7.29 -36.80 -20.31
CA LEU F 124 8.64 -36.39 -19.86
C LEU F 124 9.60 -36.39 -21.06
N HIS F 125 10.69 -37.15 -20.96
CA HIS F 125 11.85 -37.18 -21.90
C HIS F 125 11.43 -37.93 -23.18
N PHE F 126 10.48 -38.87 -23.06
CA PHE F 126 10.02 -39.79 -24.13
C PHE F 126 11.25 -40.42 -24.78
N THR F 127 11.64 -40.04 -26.00
CA THR F 127 12.88 -40.54 -26.68
C THR F 127 13.93 -39.42 -26.89
N GLY F 128 13.79 -38.27 -26.24
CA GLY F 128 14.80 -37.18 -26.25
C GLY F 128 14.75 -36.36 -27.53
N ASP F 129 13.67 -36.45 -28.29
CA ASP F 129 13.49 -35.59 -29.49
C ASP F 129 13.72 -34.14 -29.07
N PHE F 130 12.88 -33.64 -28.15
CA PHE F 130 12.79 -32.22 -27.69
C PHE F 130 14.12 -31.78 -27.07
N HIS F 131 14.83 -32.69 -26.40
CA HIS F 131 16.20 -32.51 -25.86
C HIS F 131 17.22 -32.22 -26.97
N ALA F 132 17.14 -32.96 -28.08
CA ALA F 132 17.99 -32.80 -29.28
C ALA F 132 17.67 -31.46 -29.97
N ILE F 133 16.40 -31.10 -30.06
CA ILE F 133 16.01 -29.76 -30.62
C ILE F 133 16.71 -28.68 -29.78
N THR F 134 16.48 -28.63 -28.48
CA THR F 134 16.99 -27.55 -27.63
C THR F 134 18.50 -27.45 -27.88
N SER F 135 19.21 -28.57 -28.10
CA SER F 135 20.68 -28.63 -28.30
C SER F 135 21.08 -27.99 -29.64
N ALA F 136 20.41 -28.39 -30.70
CA ALA F 136 20.64 -27.79 -32.03
C ALA F 136 20.46 -26.27 -31.86
N HIS F 137 19.30 -25.88 -31.34
CA HIS F 137 18.94 -24.47 -31.10
C HIS F 137 20.06 -23.79 -30.29
N SER F 138 20.49 -24.42 -29.20
CA SER F 138 21.56 -23.89 -28.33
C SER F 138 22.84 -23.66 -29.15
N LEU F 139 23.45 -24.74 -29.64
CA LEU F 139 24.65 -24.71 -30.50
C LEU F 139 24.52 -23.56 -31.50
N ALA F 140 23.40 -23.53 -32.22
CA ALA F 140 23.10 -22.46 -33.19
C ALA F 140 23.45 -21.10 -32.54
N ALA F 141 22.95 -20.89 -31.32
CA ALA F 141 23.01 -19.62 -30.56
C ALA F 141 24.44 -19.39 -30.06
N ALA F 142 25.03 -20.37 -29.41
CA ALA F 142 26.46 -20.40 -29.00
C ALA F 142 27.36 -19.89 -30.15
N LEU F 143 27.19 -20.45 -31.37
CA LEU F 143 27.98 -20.15 -32.58
C LEU F 143 27.75 -18.71 -33.05
N ILE F 144 26.53 -18.19 -32.89
CA ILE F 144 26.25 -16.78 -33.29
C ILE F 144 27.17 -15.88 -32.47
N ASP F 145 27.13 -16.00 -31.14
CA ASP F 145 27.93 -15.16 -30.21
C ASP F 145 29.42 -15.42 -30.37
N ASN F 146 29.78 -16.65 -30.75
CA ASN F 146 31.19 -17.03 -31.02
C ASN F 146 31.71 -16.28 -32.25
N HIS F 147 30.96 -16.30 -33.36
CA HIS F 147 31.29 -15.57 -34.60
C HIS F 147 31.50 -14.08 -34.29
N ILE F 148 30.81 -13.56 -33.26
CA ILE F 148 30.87 -12.12 -32.91
C ILE F 148 32.13 -11.86 -32.05
N TYR F 149 32.42 -12.75 -31.10
CA TYR F 149 33.60 -12.68 -30.18
C TYR F 149 34.89 -12.58 -30.98
N TRP F 150 35.06 -13.48 -31.97
CA TRP F 150 36.30 -13.70 -32.78
C TRP F 150 36.32 -12.85 -34.05
N ALA F 151 36.04 -11.55 -33.94
CA ALA F 151 36.29 -10.54 -34.99
C ALA F 151 35.00 -10.20 -35.77
N ASN F 152 33.93 -10.98 -35.66
CA ASN F 152 32.60 -10.60 -36.19
C ASN F 152 32.76 -10.32 -37.69
N GLU F 153 33.10 -11.35 -38.46
CA GLU F 153 33.54 -11.26 -39.88
C GLU F 153 32.33 -10.82 -40.75
N LEU F 154 31.09 -11.00 -40.26
CA LEU F 154 29.81 -10.74 -40.98
C LEU F 154 29.23 -9.36 -40.59
N ASN F 155 29.95 -8.61 -39.75
CA ASN F 155 29.52 -7.33 -39.13
C ASN F 155 28.07 -7.44 -38.64
N ILE F 156 27.79 -8.43 -37.77
CA ILE F 156 26.43 -8.65 -37.19
C ILE F 156 26.14 -7.48 -36.26
N ASP F 157 24.93 -6.90 -36.41
CA ASP F 157 24.38 -5.89 -35.47
C ASP F 157 23.72 -6.64 -34.29
N VAL F 158 24.39 -6.54 -33.15
CA VAL F 158 24.03 -7.16 -31.84
C VAL F 158 22.68 -6.60 -31.36
N ARG F 159 22.23 -5.48 -31.94
CA ARG F 159 20.92 -4.84 -31.64
C ARG F 159 19.80 -5.43 -32.52
N ARG F 160 20.15 -6.35 -33.43
CA ARG F 160 19.21 -6.85 -34.47
C ARG F 160 19.39 -8.35 -34.63
N ILE F 161 19.64 -9.09 -33.54
CA ILE F 161 19.69 -10.58 -33.59
C ILE F 161 18.27 -11.12 -33.31
N HIS F 162 17.60 -11.64 -34.33
CA HIS F 162 16.23 -12.22 -34.27
C HIS F 162 16.29 -13.54 -33.51
N TRP F 163 17.32 -14.35 -33.78
CA TRP F 163 17.54 -15.67 -33.13
C TRP F 163 17.60 -15.51 -31.61
N ARG F 164 16.78 -16.26 -30.90
CA ARG F 164 16.76 -16.21 -29.41
C ARG F 164 17.33 -17.53 -28.87
N ARG F 165 17.14 -17.79 -27.58
CA ARG F 165 17.60 -19.04 -26.95
C ARG F 165 16.38 -19.87 -26.55
N VAL F 166 16.60 -21.00 -25.91
CA VAL F 166 15.49 -21.99 -25.74
C VAL F 166 15.80 -22.96 -24.59
N VAL F 167 14.77 -23.26 -23.80
CA VAL F 167 14.80 -24.30 -22.74
C VAL F 167 13.38 -24.85 -22.55
N ASP F 168 13.23 -26.19 -22.51
CA ASP F 168 11.94 -26.87 -22.21
C ASP F 168 11.72 -26.77 -20.69
N MET F 169 11.19 -25.61 -20.26
CA MET F 169 10.96 -25.23 -18.84
C MET F 169 10.19 -23.92 -18.82
N ASN F 170 9.20 -23.78 -17.93
CA ASN F 170 8.44 -22.52 -17.80
C ASN F 170 9.26 -21.57 -16.93
N ASP F 171 10.27 -20.91 -17.48
CA ASP F 171 11.13 -20.06 -16.63
C ASP F 171 11.01 -18.61 -17.05
N ARG F 172 10.11 -17.88 -16.38
CA ARG F 172 9.78 -16.46 -16.71
C ARG F 172 11.05 -15.60 -16.65
N ALA F 173 12.00 -15.95 -15.79
CA ALA F 173 13.21 -15.16 -15.51
C ALA F 173 14.07 -15.01 -16.74
N LEU F 174 13.97 -15.92 -17.72
CA LEU F 174 14.86 -15.94 -18.94
C LEU F 174 14.13 -15.32 -20.13
N ARG F 175 12.97 -14.69 -19.91
CA ARG F 175 12.18 -14.09 -21.00
C ARG F 175 12.98 -12.97 -21.65
N ALA F 176 13.69 -12.18 -20.84
CA ALA F 176 14.48 -10.98 -21.24
C ALA F 176 15.75 -10.91 -20.37
N ILE F 177 16.91 -11.09 -20.98
CA ILE F 177 18.21 -11.13 -20.24
C ILE F 177 19.21 -10.19 -20.90
N ASN F 178 20.29 -9.91 -20.18
CA ASN F 178 21.56 -9.37 -20.74
C ASN F 178 22.57 -10.50 -20.63
N GLN F 179 23.26 -10.80 -21.74
CA GLN F 179 24.29 -11.87 -21.82
C GLN F 179 25.62 -11.28 -22.30
N SER F 180 26.68 -12.07 -22.26
CA SER F 180 28.07 -11.67 -22.64
C SER F 180 28.60 -10.56 -21.71
N LEU F 181 28.35 -10.70 -20.41
CA LEU F 181 28.92 -9.85 -19.31
C LEU F 181 30.20 -10.47 -18.77
N GLY F 182 31.07 -9.67 -18.12
CA GLY F 182 32.20 -10.17 -17.30
C GLY F 182 33.57 -9.59 -17.67
N GLY F 183 33.69 -9.14 -18.92
CA GLY F 183 34.92 -8.55 -19.48
C GLY F 183 35.16 -9.04 -20.88
N VAL F 184 36.37 -8.76 -21.37
CA VAL F 184 36.95 -9.20 -22.69
C VAL F 184 36.58 -10.65 -23.01
N ALA F 185 37.01 -11.59 -22.18
CA ALA F 185 37.02 -13.04 -22.47
C ALA F 185 35.61 -13.59 -22.67
N ASN F 186 34.59 -12.86 -22.21
CA ASN F 186 33.19 -13.35 -22.08
C ASN F 186 32.33 -12.89 -23.28
N GLY F 187 32.81 -11.92 -24.09
CA GLY F 187 32.13 -11.47 -25.31
C GLY F 187 31.66 -10.02 -25.29
N PHE F 188 30.97 -9.62 -26.35
CA PHE F 188 30.34 -8.29 -26.50
C PHE F 188 28.97 -8.40 -25.88
N PRO F 189 28.62 -7.58 -24.84
CA PRO F 189 27.27 -7.66 -24.25
C PRO F 189 26.18 -7.21 -25.24
N ARG F 190 24.94 -7.65 -25.00
CA ARG F 190 23.69 -7.44 -25.78
C ARG F 190 22.47 -8.00 -25.03
N GLU F 191 21.29 -7.51 -25.37
CA GLU F 191 19.99 -8.08 -24.92
C GLU F 191 19.74 -9.40 -25.66
N ASP F 192 18.81 -10.24 -25.19
CA ASP F 192 18.57 -11.65 -25.60
C ASP F 192 17.45 -12.18 -24.69
N GLY F 193 16.94 -13.36 -25.00
CA GLY F 193 15.90 -14.03 -24.19
C GLY F 193 15.78 -15.50 -24.55
N PHE F 194 15.03 -16.26 -23.75
CA PHE F 194 14.79 -17.70 -24.04
C PHE F 194 13.32 -17.86 -24.42
N ASP F 195 13.04 -18.85 -25.25
CA ASP F 195 11.64 -19.32 -25.40
C ASP F 195 11.58 -20.76 -24.94
N ILE F 196 10.39 -21.27 -24.61
CA ILE F 196 10.10 -22.73 -24.47
C ILE F 196 10.47 -23.40 -25.82
N THR F 197 11.09 -24.57 -25.79
CA THR F 197 11.66 -25.28 -26.97
C THR F 197 10.62 -25.35 -28.10
N VAL F 198 9.39 -25.76 -27.81
CA VAL F 198 8.30 -25.94 -28.82
C VAL F 198 8.14 -24.65 -29.66
N ALA F 199 8.60 -23.49 -29.18
CA ALA F 199 8.53 -22.18 -29.90
C ALA F 199 9.65 -22.06 -30.95
N SER F 200 10.71 -22.89 -30.87
CA SER F 200 11.85 -22.89 -31.81
C SER F 200 11.35 -23.07 -33.26
N GLU F 201 11.99 -22.40 -34.21
CA GLU F 201 11.78 -22.64 -35.66
C GLU F 201 12.42 -23.98 -36.00
N VAL F 202 13.49 -24.37 -35.30
CA VAL F 202 14.11 -25.71 -35.42
C VAL F 202 13.01 -26.75 -35.23
N MET F 203 12.02 -26.47 -34.39
CA MET F 203 10.84 -27.36 -34.20
C MET F 203 9.98 -27.33 -35.47
N ALA F 204 9.49 -26.15 -35.83
CA ALA F 204 8.69 -25.98 -37.06
C ALA F 204 9.44 -26.65 -38.22
N VAL F 205 10.74 -26.39 -38.36
CA VAL F 205 11.60 -26.95 -39.44
C VAL F 205 11.53 -28.48 -39.38
N PHE F 206 11.85 -29.02 -38.20
CA PHE F 206 11.81 -30.47 -37.82
C PHE F 206 10.51 -31.08 -38.34
N CYS F 207 9.39 -30.47 -37.96
CA CYS F 207 8.03 -30.99 -38.26
C CYS F 207 7.72 -31.01 -39.76
N LEU F 208 8.31 -30.11 -40.57
CA LEU F 208 8.01 -29.98 -42.02
C LEU F 208 9.15 -30.55 -42.91
N ALA F 209 9.99 -31.45 -42.40
CA ALA F 209 11.10 -32.07 -43.15
C ALA F 209 10.76 -33.54 -43.51
N LYS F 210 10.85 -33.87 -44.81
CA LYS F 210 10.68 -35.23 -45.35
C LYS F 210 12.00 -36.01 -45.22
N ASN F 211 13.11 -35.40 -45.65
CA ASN F 211 14.47 -35.99 -45.65
C ASN F 211 15.31 -35.19 -44.65
N LEU F 212 16.47 -35.75 -44.29
CA LEU F 212 17.57 -35.05 -43.57
C LEU F 212 18.15 -33.91 -44.43
N ALA F 213 18.01 -33.94 -45.75
CA ALA F 213 18.59 -32.91 -46.65
C ALA F 213 17.56 -31.77 -46.81
N ASP F 214 16.27 -32.10 -46.74
CA ASP F 214 15.20 -31.07 -46.62
C ASP F 214 15.45 -30.27 -45.34
N LEU F 215 16.02 -30.87 -44.27
CA LEU F 215 16.23 -30.21 -42.95
C LEU F 215 17.46 -29.31 -43.00
N GLU F 216 18.60 -29.92 -43.29
CA GLU F 216 19.88 -29.25 -43.63
C GLU F 216 19.58 -27.96 -44.42
N GLU F 217 18.89 -28.10 -45.55
CA GLU F 217 18.59 -26.96 -46.47
C GLU F 217 17.74 -25.95 -45.71
N ARG F 218 16.63 -26.41 -45.13
CA ARG F 218 15.61 -25.58 -44.44
C ARG F 218 16.31 -24.77 -43.33
N LEU F 219 16.97 -25.41 -42.39
CA LEU F 219 17.68 -24.65 -41.33
C LEU F 219 18.53 -23.56 -42.00
N GLY F 220 19.17 -23.87 -43.13
CA GLY F 220 20.06 -22.94 -43.86
C GLY F 220 19.40 -21.60 -44.17
N ARG F 221 18.08 -21.59 -44.39
CA ARG F 221 17.32 -20.37 -44.84
C ARG F 221 16.89 -19.50 -43.64
N ILE F 222 17.14 -19.96 -42.40
CA ILE F 222 16.73 -19.22 -41.16
C ILE F 222 17.53 -17.92 -41.09
N VAL F 223 16.84 -16.77 -41.10
CA VAL F 223 17.43 -15.43 -40.85
C VAL F 223 17.64 -15.26 -39.33
N ILE F 224 18.89 -15.27 -38.89
CA ILE F 224 19.23 -15.21 -37.44
C ILE F 224 19.45 -13.76 -37.00
N ALA F 225 19.92 -12.88 -37.88
CA ALA F 225 20.20 -11.48 -37.53
C ALA F 225 20.34 -10.63 -38.78
N GLU F 226 20.60 -9.33 -38.57
CA GLU F 226 20.93 -8.31 -39.59
C GLU F 226 22.32 -7.76 -39.29
N THR F 227 23.05 -7.41 -40.36
CA THR F 227 24.31 -6.63 -40.32
C THR F 227 23.95 -5.16 -40.04
N ARG F 228 24.93 -4.26 -39.90
CA ARG F 228 24.64 -2.84 -39.58
C ARG F 228 24.02 -2.13 -40.78
N ASP F 229 24.06 -2.72 -41.98
CA ASP F 229 23.44 -2.13 -43.21
C ASP F 229 22.13 -2.85 -43.51
N ARG F 230 21.52 -3.44 -42.46
CA ARG F 230 20.15 -4.03 -42.42
C ARG F 230 20.05 -5.25 -43.33
N LYS F 231 21.21 -5.83 -43.74
CA LYS F 231 21.31 -7.00 -44.65
C LYS F 231 21.06 -8.27 -43.83
N PRO F 232 20.28 -9.26 -44.32
CA PRO F 232 19.93 -10.43 -43.52
C PRO F 232 21.08 -11.44 -43.46
N VAL F 233 21.46 -11.85 -42.25
CA VAL F 233 22.42 -12.97 -41.96
C VAL F 233 21.60 -14.23 -41.68
N THR F 234 22.05 -15.39 -42.15
CA THR F 234 21.36 -16.70 -42.02
C THR F 234 22.18 -17.65 -41.14
N LEU F 235 21.56 -18.76 -40.73
CA LEU F 235 22.26 -19.89 -40.07
C LEU F 235 23.31 -20.45 -41.05
N ALA F 236 23.02 -20.40 -42.35
CA ALA F 236 24.00 -20.79 -43.39
C ALA F 236 25.24 -19.91 -43.17
N ASP F 237 25.07 -18.59 -43.01
CA ASP F 237 26.21 -17.65 -42.89
C ASP F 237 27.09 -18.03 -41.69
N VAL F 238 26.56 -18.58 -40.60
CA VAL F 238 27.38 -18.96 -39.40
C VAL F 238 27.66 -20.47 -39.38
N LYS F 239 27.70 -21.11 -40.56
CA LYS F 239 28.27 -22.45 -40.78
C LYS F 239 27.80 -23.38 -39.66
N ALA F 240 26.50 -23.71 -39.68
CA ALA F 240 25.78 -24.30 -38.53
C ALA F 240 24.87 -25.48 -38.94
N THR F 241 24.20 -25.43 -40.10
CA THR F 241 23.23 -26.46 -40.57
C THR F 241 23.81 -27.86 -40.42
N GLY F 242 25.09 -28.01 -40.70
CA GLY F 242 25.80 -29.29 -40.52
C GLY F 242 25.70 -29.83 -39.11
N ALA F 243 26.19 -29.10 -38.10
CA ALA F 243 26.31 -29.64 -36.72
C ALA F 243 24.93 -29.95 -36.13
N MET F 244 23.95 -29.11 -36.46
CA MET F 244 22.54 -29.22 -35.98
C MET F 244 21.89 -30.50 -36.53
N THR F 245 22.16 -30.84 -37.80
CA THR F 245 21.48 -31.95 -38.53
C THR F 245 21.96 -33.26 -37.90
N VAL F 246 23.27 -33.39 -37.69
CA VAL F 246 23.86 -34.45 -36.81
C VAL F 246 23.05 -34.52 -35.51
N LEU F 247 22.90 -33.41 -34.81
CA LEU F 247 22.27 -33.38 -33.47
C LEU F 247 20.80 -33.78 -33.56
N LEU F 248 20.14 -33.48 -34.67
CA LEU F 248 18.70 -33.81 -34.85
C LEU F 248 18.50 -35.16 -35.57
N LYS F 249 19.57 -35.84 -36.05
CA LYS F 249 19.44 -36.99 -36.98
C LYS F 249 18.52 -38.07 -36.39
N ASP F 250 19.00 -38.80 -35.38
CA ASP F 250 18.24 -39.81 -34.61
C ASP F 250 16.84 -39.30 -34.28
N ALA F 251 16.69 -38.00 -33.98
CA ALA F 251 15.41 -37.39 -33.59
C ALA F 251 14.42 -37.39 -34.77
N LEU F 252 14.89 -37.15 -35.99
CA LEU F 252 14.03 -36.93 -37.18
C LEU F 252 13.37 -38.23 -37.60
N GLN F 253 13.81 -39.36 -37.00
CA GLN F 253 13.15 -40.70 -37.05
C GLN F 253 11.92 -40.69 -36.14
N PRO F 254 10.71 -40.95 -36.69
CA PRO F 254 9.50 -41.06 -35.88
C PRO F 254 9.60 -42.15 -34.81
N ASN F 255 8.88 -41.98 -33.69
CA ASN F 255 8.82 -42.95 -32.56
C ASN F 255 7.49 -43.69 -32.61
N LEU F 256 7.51 -45.01 -32.82
CA LEU F 256 6.30 -45.90 -32.76
C LEU F 256 5.97 -46.25 -31.30
N VAL F 257 4.71 -46.04 -30.93
CA VAL F 257 4.05 -46.45 -29.64
C VAL F 257 2.62 -46.94 -29.97
N GLN F 258 1.85 -47.36 -28.97
CA GLN F 258 0.51 -48.00 -29.21
C GLN F 258 -0.62 -47.35 -28.40
N THR F 259 -1.85 -47.65 -28.83
CA THR F 259 -3.13 -47.31 -28.15
C THR F 259 -3.35 -48.32 -27.02
N LEU F 260 -4.45 -48.20 -26.29
CA LEU F 260 -4.74 -49.09 -25.13
C LEU F 260 -5.01 -50.52 -25.62
N GLU F 261 -5.70 -50.65 -26.75
CA GLU F 261 -6.20 -51.94 -27.31
C GLU F 261 -5.04 -52.67 -27.98
N GLY F 262 -4.07 -51.94 -28.56
CA GLY F 262 -2.86 -52.50 -29.19
C GLY F 262 -2.65 -52.00 -30.62
N ASN F 263 -3.30 -50.89 -30.99
CA ASN F 263 -3.22 -50.29 -32.35
C ASN F 263 -1.92 -49.48 -32.45
N PRO F 264 -1.39 -49.29 -33.67
CA PRO F 264 -0.13 -48.56 -33.87
C PRO F 264 -0.35 -47.04 -33.92
N ALA F 265 0.52 -46.24 -33.26
CA ALA F 265 0.51 -44.76 -33.34
C ALA F 265 1.93 -44.20 -33.41
N LEU F 266 2.07 -43.02 -34.02
CA LEU F 266 3.33 -42.22 -34.08
C LEU F 266 3.18 -40.97 -33.21
N ILE F 267 4.17 -40.72 -32.36
CA ILE F 267 4.38 -39.45 -31.58
C ILE F 267 5.65 -38.80 -32.13
N HIS F 268 5.55 -37.57 -32.66
CA HIS F 268 6.66 -36.87 -33.32
C HIS F 268 6.33 -35.39 -33.49
N GLY F 269 7.28 -34.53 -33.16
CA GLY F 269 7.12 -33.07 -33.25
C GLY F 269 6.13 -32.63 -32.20
N GLY F 270 6.13 -31.33 -31.85
CA GLY F 270 5.10 -30.71 -31.01
C GLY F 270 5.17 -29.19 -31.09
N PRO F 271 5.02 -28.60 -32.29
CA PRO F 271 5.18 -27.15 -32.47
C PRO F 271 3.97 -26.47 -31.85
N PHE F 272 4.12 -25.23 -31.38
CA PHE F 272 2.98 -24.34 -31.01
C PHE F 272 2.05 -24.21 -32.22
N ALA F 273 0.75 -24.04 -31.96
CA ALA F 273 -0.29 -23.81 -32.99
C ALA F 273 -0.71 -22.33 -32.99
N ASN F 274 0.19 -21.42 -32.58
CA ASN F 274 0.05 -19.96 -32.79
C ASN F 274 1.24 -19.41 -33.59
N ILE F 275 2.47 -19.50 -33.03
CA ILE F 275 3.77 -19.07 -33.65
C ILE F 275 4.26 -20.13 -34.64
N ALA F 276 3.61 -21.29 -34.71
CA ALA F 276 3.82 -22.38 -35.71
C ALA F 276 2.47 -23.06 -36.03
N HIS F 277 2.47 -24.19 -36.74
CA HIS F 277 1.28 -24.71 -37.45
C HIS F 277 0.53 -25.76 -36.59
N GLY F 278 1.22 -26.37 -35.64
CA GLY F 278 0.55 -27.15 -34.59
C GLY F 278 0.20 -28.55 -35.05
N CYS F 279 0.88 -29.03 -36.09
CA CYS F 279 0.77 -30.42 -36.54
C CYS F 279 1.97 -31.18 -36.00
N ASN F 280 1.90 -32.51 -35.96
CA ASN F 280 3.08 -33.39 -35.76
C ASN F 280 3.98 -33.29 -36.99
N SER F 281 5.09 -34.01 -36.95
CA SER F 281 6.10 -34.03 -38.04
C SER F 281 5.40 -34.42 -39.36
N VAL F 282 6.03 -34.04 -40.48
CA VAL F 282 5.60 -34.42 -41.85
C VAL F 282 6.15 -35.81 -42.16
N ILE F 283 7.28 -36.18 -41.56
CA ILE F 283 7.91 -37.51 -41.79
C ILE F 283 7.09 -38.57 -41.04
N ALA F 284 6.47 -38.19 -39.92
CA ALA F 284 5.60 -39.09 -39.12
C ALA F 284 4.35 -39.45 -39.94
N THR F 285 3.62 -38.42 -40.39
CA THR F 285 2.42 -38.48 -41.25
C THR F 285 2.73 -39.36 -42.49
N ARG F 286 3.75 -38.97 -43.28
CA ARG F 286 4.04 -39.53 -44.62
C ARG F 286 4.40 -41.01 -44.48
N THR F 287 5.22 -41.37 -43.47
CA THR F 287 5.69 -42.76 -43.26
C THR F 287 4.49 -43.65 -42.91
N GLY F 288 3.46 -43.08 -42.27
CA GLY F 288 2.27 -43.80 -41.82
C GLY F 288 1.27 -43.99 -42.94
N LEU F 289 1.27 -43.05 -43.89
CA LEU F 289 0.45 -43.09 -45.12
C LEU F 289 0.92 -44.26 -46.02
N ARG F 290 2.22 -44.59 -45.97
CA ARG F 290 2.88 -45.55 -46.88
C ARG F 290 2.96 -46.94 -46.25
N LEU F 291 2.47 -47.12 -45.03
CA LEU F 291 2.52 -48.42 -44.30
C LEU F 291 1.11 -48.92 -43.95
N ALA F 292 0.14 -48.01 -43.78
CA ALA F 292 -1.25 -48.32 -43.37
C ALA F 292 -2.26 -47.63 -44.29
N ASP F 293 -3.33 -48.35 -44.65
CA ASP F 293 -4.47 -47.85 -45.45
C ASP F 293 -4.85 -46.46 -44.92
N TYR F 294 -5.41 -46.43 -43.71
CA TYR F 294 -5.95 -45.21 -43.06
C TYR F 294 -4.92 -44.67 -42.05
N THR F 295 -4.59 -43.37 -42.16
CA THR F 295 -3.70 -42.60 -41.23
C THR F 295 -4.48 -41.40 -40.69
N VAL F 296 -4.57 -41.27 -39.35
CA VAL F 296 -5.34 -40.16 -38.67
C VAL F 296 -4.35 -39.31 -37.83
N THR F 297 -4.43 -37.98 -37.99
CA THR F 297 -3.54 -36.96 -37.37
C THR F 297 -4.43 -35.81 -36.86
N GLU F 298 -3.83 -34.73 -36.36
CA GLU F 298 -4.59 -33.61 -35.76
C GLU F 298 -3.72 -32.35 -35.75
N ALA F 299 -4.31 -31.25 -35.32
CA ALA F 299 -3.69 -29.91 -35.29
C ALA F 299 -4.35 -29.06 -34.21
N GLY F 300 -3.55 -28.53 -33.27
CA GLY F 300 -4.04 -27.90 -32.03
C GLY F 300 -4.89 -26.67 -32.29
N PHE F 301 -5.81 -26.35 -31.36
CA PHE F 301 -6.52 -25.06 -31.17
C PHE F 301 -7.82 -24.99 -31.97
N GLY F 302 -8.34 -26.11 -32.47
CA GLY F 302 -9.56 -26.09 -33.30
C GLY F 302 -9.32 -25.57 -34.72
N ALA F 303 -10.37 -25.57 -35.55
CA ALA F 303 -10.33 -25.54 -37.03
C ALA F 303 -10.14 -24.11 -37.56
N ASP F 304 -10.30 -23.09 -36.70
CA ASP F 304 -9.98 -21.68 -37.05
C ASP F 304 -8.47 -21.54 -37.17
N LEU F 305 -7.69 -22.34 -36.43
CA LEU F 305 -6.19 -22.27 -36.40
C LEU F 305 -5.57 -23.61 -36.82
N GLY F 306 -5.72 -24.66 -36.01
CA GLY F 306 -5.14 -25.99 -36.28
C GLY F 306 -5.32 -26.38 -37.75
N ALA F 307 -6.57 -26.43 -38.22
CA ALA F 307 -6.93 -26.86 -39.58
C ALA F 307 -6.28 -25.93 -40.60
N GLU F 308 -6.57 -24.63 -40.52
CA GLU F 308 -6.19 -23.62 -41.55
C GLU F 308 -4.68 -23.69 -41.82
N LYS F 309 -3.87 -24.11 -40.85
CA LYS F 309 -2.39 -24.21 -40.95
C LYS F 309 -1.96 -25.62 -41.39
N PHE F 310 -2.62 -26.66 -40.88
CA PHE F 310 -2.42 -28.06 -41.35
C PHE F 310 -2.64 -28.15 -42.86
N ILE F 311 -3.57 -27.36 -43.38
CA ILE F 311 -3.93 -27.31 -44.83
C ILE F 311 -3.05 -26.28 -45.55
N ASP F 312 -3.15 -25.00 -45.20
CA ASP F 312 -2.49 -23.86 -45.90
C ASP F 312 -0.97 -23.92 -45.72
N ILE F 313 -0.47 -24.66 -44.73
CA ILE F 313 1.00 -24.70 -44.44
C ILE F 313 1.52 -26.12 -44.59
N LYS F 314 1.00 -27.11 -43.84
CA LYS F 314 1.59 -28.48 -43.87
C LYS F 314 1.36 -29.11 -45.26
N CYS F 315 0.09 -29.28 -45.62
CA CYS F 315 -0.37 -29.97 -46.86
C CYS F 315 0.10 -29.22 -48.10
N ARG F 316 0.02 -27.89 -48.11
CA ARG F 316 0.52 -27.06 -49.24
C ARG F 316 1.99 -27.41 -49.52
N GLN F 317 2.89 -27.06 -48.60
CA GLN F 317 4.36 -27.31 -48.66
C GLN F 317 4.67 -28.74 -49.13
N THR F 318 3.75 -29.70 -48.93
CA THR F 318 4.00 -31.15 -49.13
C THR F 318 3.18 -31.72 -50.30
N GLY F 319 2.11 -31.04 -50.74
CA GLY F 319 1.09 -31.63 -51.62
C GLY F 319 0.40 -32.82 -50.98
N LEU F 320 0.27 -32.81 -49.65
CA LEU F 320 -0.47 -33.86 -48.89
C LEU F 320 -1.96 -33.58 -49.04
N LYS F 321 -2.74 -34.66 -49.03
CA LYS F 321 -4.14 -34.71 -49.53
C LYS F 321 -4.98 -35.35 -48.45
N PRO F 322 -5.60 -34.56 -47.53
CA PRO F 322 -6.50 -35.13 -46.53
C PRO F 322 -7.81 -35.48 -47.25
N SER F 323 -8.26 -36.74 -47.15
CA SER F 323 -9.47 -37.28 -47.82
C SER F 323 -10.75 -36.84 -47.10
N SER F 324 -10.84 -37.17 -45.80
CA SER F 324 -11.96 -36.81 -44.88
C SER F 324 -11.45 -35.96 -43.69
N VAL F 325 -12.32 -35.12 -43.11
CA VAL F 325 -12.03 -34.26 -41.92
C VAL F 325 -13.09 -34.51 -40.85
N VAL F 326 -12.70 -34.96 -39.63
CA VAL F 326 -13.56 -34.92 -38.40
C VAL F 326 -13.50 -33.49 -37.85
N ILE F 327 -14.59 -32.95 -37.31
CA ILE F 327 -14.59 -31.72 -36.47
C ILE F 327 -15.22 -32.06 -35.12
N VAL F 328 -14.42 -32.21 -34.07
CA VAL F 328 -14.87 -32.67 -32.73
C VAL F 328 -15.66 -31.54 -32.06
N ALA F 329 -16.70 -31.91 -31.31
CA ALA F 329 -17.51 -31.01 -30.45
C ALA F 329 -18.03 -31.81 -29.25
N THR F 330 -18.50 -31.09 -28.23
CA THR F 330 -19.29 -31.63 -27.09
C THR F 330 -20.48 -30.70 -26.85
N ILE F 331 -21.64 -31.26 -26.49
CA ILE F 331 -22.80 -30.45 -26.04
C ILE F 331 -22.28 -29.48 -24.97
N ARG F 332 -21.67 -30.02 -23.92
CA ARG F 332 -20.96 -29.29 -22.84
C ARG F 332 -20.43 -27.95 -23.40
N ALA F 333 -19.38 -28.02 -24.23
CA ALA F 333 -18.64 -26.87 -24.78
C ALA F 333 -19.53 -26.06 -25.71
N LEU F 334 -20.36 -26.75 -26.51
CA LEU F 334 -21.21 -26.08 -27.52
C LEU F 334 -22.20 -25.16 -26.79
N LYS F 335 -22.70 -25.58 -25.63
CA LYS F 335 -23.49 -24.72 -24.72
C LYS F 335 -22.68 -23.49 -24.31
N MET F 336 -21.42 -23.70 -23.88
CA MET F 336 -20.53 -22.61 -23.36
C MET F 336 -20.45 -21.48 -24.39
N HIS F 337 -20.43 -21.81 -25.69
CA HIS F 337 -20.42 -20.82 -26.81
C HIS F 337 -21.75 -20.04 -26.87
N GLY F 338 -22.80 -20.51 -26.19
CA GLY F 338 -24.08 -19.78 -26.06
C GLY F 338 -24.21 -18.99 -24.77
N GLY F 339 -23.13 -18.84 -24.00
CA GLY F 339 -23.06 -18.00 -22.78
C GLY F 339 -23.54 -18.76 -21.56
N VAL F 340 -23.17 -20.04 -21.45
CA VAL F 340 -23.44 -20.90 -20.27
C VAL F 340 -22.12 -21.06 -19.50
N ASN F 341 -21.95 -20.36 -18.37
CA ASN F 341 -20.68 -20.29 -17.60
C ASN F 341 -20.28 -21.67 -17.09
N LYS F 342 -18.97 -21.89 -16.94
CA LYS F 342 -18.28 -23.22 -16.95
C LYS F 342 -18.87 -24.22 -15.94
N LYS F 343 -19.78 -23.79 -15.05
CA LYS F 343 -20.26 -24.62 -13.91
C LYS F 343 -21.68 -25.18 -14.16
N ASP F 344 -22.52 -24.54 -14.99
CA ASP F 344 -23.89 -25.07 -15.33
C ASP F 344 -23.84 -25.67 -16.76
N LEU F 345 -22.98 -26.67 -16.96
CA LEU F 345 -22.89 -27.49 -18.18
C LEU F 345 -23.67 -28.80 -18.01
N GLN F 346 -24.26 -29.06 -16.83
CA GLN F 346 -25.06 -30.28 -16.51
C GLN F 346 -26.53 -30.08 -16.91
N ALA F 347 -27.04 -28.85 -16.84
CA ALA F 347 -28.47 -28.48 -16.94
C ALA F 347 -28.92 -28.40 -18.40
N GLU F 348 -30.08 -29.01 -18.72
CA GLU F 348 -30.77 -28.92 -20.04
C GLU F 348 -30.91 -27.44 -20.36
N ASN F 349 -30.30 -27.00 -21.46
CA ASN F 349 -30.28 -25.59 -21.89
C ASN F 349 -30.22 -25.57 -23.41
N LEU F 350 -31.32 -26.00 -24.04
CA LEU F 350 -31.47 -26.13 -25.52
C LEU F 350 -31.39 -24.74 -26.18
N ASP F 351 -31.75 -23.66 -25.48
CA ASP F 351 -31.63 -22.25 -25.96
C ASP F 351 -30.15 -21.91 -26.21
N ALA F 352 -29.28 -22.16 -25.23
CA ALA F 352 -27.83 -21.80 -25.30
C ALA F 352 -27.10 -22.67 -26.33
N LEU F 353 -27.58 -23.89 -26.60
CA LEU F 353 -26.97 -24.82 -27.59
C LEU F 353 -27.25 -24.32 -29.02
N GLU F 354 -28.34 -23.59 -29.27
CA GLU F 354 -28.64 -22.89 -30.57
C GLU F 354 -27.59 -21.80 -30.83
N LYS F 355 -27.42 -20.85 -29.90
CA LYS F 355 -26.44 -19.74 -29.97
C LYS F 355 -25.02 -20.33 -30.09
N GLY F 356 -24.69 -21.28 -29.22
CA GLY F 356 -23.43 -22.05 -29.25
C GLY F 356 -23.19 -22.73 -30.58
N PHE F 357 -24.22 -23.36 -31.16
CA PHE F 357 -24.18 -24.14 -32.43
C PHE F 357 -23.45 -23.33 -33.51
N ALA F 358 -23.82 -22.06 -33.66
CA ALA F 358 -23.22 -21.09 -34.62
C ALA F 358 -21.69 -21.27 -34.68
N ASN F 359 -21.06 -21.81 -33.62
CA ASN F 359 -19.58 -21.94 -33.58
C ASN F 359 -19.17 -23.03 -34.57
N LEU F 360 -19.71 -24.23 -34.36
CA LEU F 360 -19.55 -25.45 -35.21
C LEU F 360 -19.85 -25.12 -36.67
N GLU F 361 -20.85 -24.24 -36.86
CA GLU F 361 -21.47 -23.83 -38.15
C GLU F 361 -20.40 -23.34 -39.13
N ARG F 362 -19.59 -22.37 -38.71
CA ARG F 362 -18.46 -21.82 -39.52
C ARG F 362 -17.38 -22.89 -39.71
N HIS F 363 -17.04 -23.62 -38.66
CA HIS F 363 -15.96 -24.63 -38.72
C HIS F 363 -16.23 -25.61 -39.85
N VAL F 364 -17.49 -26.05 -40.03
CA VAL F 364 -17.92 -26.91 -41.17
C VAL F 364 -17.81 -26.07 -42.46
N ASN F 365 -18.40 -24.87 -42.47
CA ASN F 365 -18.47 -23.95 -43.66
C ASN F 365 -17.12 -23.26 -43.92
N ASN F 366 -16.15 -23.37 -43.00
CA ASN F 366 -14.75 -22.88 -43.17
C ASN F 366 -13.95 -23.99 -43.86
N VAL F 367 -14.06 -25.22 -43.37
CA VAL F 367 -13.35 -26.42 -43.90
C VAL F 367 -13.89 -26.71 -45.31
N ARG F 368 -15.18 -26.44 -45.55
CA ARG F 368 -15.81 -26.57 -46.89
C ARG F 368 -15.61 -25.28 -47.69
N SER F 369 -14.40 -24.71 -47.61
CA SER F 369 -13.81 -23.73 -48.55
C SER F 369 -12.45 -24.26 -49.04
N PHE F 370 -12.07 -25.44 -48.53
CA PHE F 370 -10.86 -26.20 -48.92
C PHE F 370 -11.32 -27.47 -49.64
N GLY F 371 -12.57 -27.49 -50.14
CA GLY F 371 -13.11 -28.59 -50.97
C GLY F 371 -12.98 -29.93 -50.27
N LEU F 372 -13.02 -29.92 -48.95
CA LEU F 372 -12.73 -31.10 -48.12
C LEU F 372 -14.03 -31.62 -47.51
N PRO F 373 -14.31 -32.93 -47.66
CA PRO F 373 -15.42 -33.58 -46.95
C PRO F 373 -15.35 -33.40 -45.43
N VAL F 374 -16.47 -33.00 -44.77
CA VAL F 374 -16.58 -32.73 -43.30
C VAL F 374 -17.57 -33.69 -42.61
N VAL F 375 -17.21 -34.15 -41.41
CA VAL F 375 -18.07 -34.88 -40.42
C VAL F 375 -17.94 -34.16 -39.06
N VAL F 376 -18.95 -34.26 -38.19
CA VAL F 376 -18.89 -33.70 -36.81
C VAL F 376 -18.85 -34.86 -35.80
N GLY F 377 -17.70 -35.10 -35.16
CA GLY F 377 -17.53 -36.11 -34.10
C GLY F 377 -17.93 -35.57 -32.73
N VAL F 378 -19.08 -35.99 -32.20
CA VAL F 378 -19.66 -35.47 -30.93
C VAL F 378 -19.24 -36.39 -29.77
N ASN F 379 -18.55 -35.82 -28.79
CA ASN F 379 -18.06 -36.54 -27.60
C ASN F 379 -19.07 -36.35 -26.46
N HIS F 380 -19.52 -37.48 -25.94
CA HIS F 380 -20.73 -37.64 -25.07
C HIS F 380 -20.28 -37.79 -23.62
N PHE F 381 -20.85 -36.97 -22.74
CA PHE F 381 -20.76 -37.10 -21.26
C PHE F 381 -22.09 -37.70 -20.74
N PHE F 382 -22.04 -38.46 -19.65
CA PHE F 382 -23.22 -39.14 -19.04
C PHE F 382 -24.28 -38.09 -18.64
N GLN F 383 -23.86 -36.86 -18.34
CA GLN F 383 -24.73 -35.72 -17.90
C GLN F 383 -25.53 -35.09 -19.06
N ASP F 384 -25.34 -35.50 -20.30
CA ASP F 384 -26.06 -34.91 -21.47
C ASP F 384 -27.44 -35.57 -21.59
N THR F 385 -28.48 -34.77 -21.83
CA THR F 385 -29.85 -35.30 -22.09
C THR F 385 -29.86 -35.86 -23.51
N ASP F 386 -30.96 -36.53 -23.87
CA ASP F 386 -31.15 -37.08 -25.23
C ASP F 386 -31.69 -35.94 -26.10
N ALA F 387 -32.54 -35.08 -25.53
CA ALA F 387 -33.09 -33.85 -26.16
C ALA F 387 -31.97 -32.96 -26.71
N GLU F 388 -30.83 -32.88 -25.99
CA GLU F 388 -29.65 -32.05 -26.34
C GLU F 388 -28.99 -32.59 -27.63
N HIS F 389 -28.72 -33.91 -27.70
CA HIS F 389 -28.11 -34.59 -28.87
C HIS F 389 -28.97 -34.37 -30.12
N ALA F 390 -30.27 -34.66 -30.01
CA ALA F 390 -31.30 -34.37 -31.04
C ALA F 390 -31.01 -32.99 -31.64
N ARG F 391 -31.28 -31.91 -30.89
CA ARG F 391 -31.15 -30.50 -31.35
C ARG F 391 -29.83 -30.29 -32.11
N LEU F 392 -28.73 -30.94 -31.71
CA LEU F 392 -27.40 -30.81 -32.36
C LEU F 392 -27.49 -31.41 -33.78
N LYS F 393 -27.79 -32.70 -33.87
CA LYS F 393 -28.08 -33.41 -35.15
C LYS F 393 -29.14 -32.66 -35.95
N GLU F 394 -30.27 -32.38 -35.30
CA GLU F 394 -31.43 -31.63 -35.85
C GLU F 394 -30.91 -30.36 -36.55
N LEU F 395 -30.19 -29.47 -35.84
CA LEU F 395 -29.70 -28.18 -36.39
C LEU F 395 -28.64 -28.42 -37.47
N CYS F 396 -27.74 -29.36 -37.22
CA CYS F 396 -26.64 -29.71 -38.15
C CYS F 396 -27.22 -30.21 -39.48
N ARG F 397 -28.21 -31.11 -39.42
CA ARG F 397 -28.85 -31.67 -40.65
C ARG F 397 -29.61 -30.56 -41.41
N ASP F 398 -30.33 -29.67 -40.72
CA ASP F 398 -31.17 -28.60 -41.34
C ASP F 398 -30.32 -27.46 -41.90
N ARG F 399 -29.10 -27.24 -41.37
CA ARG F 399 -28.29 -26.00 -41.64
C ARG F 399 -26.93 -26.34 -42.28
N LEU F 400 -26.36 -27.53 -42.04
CA LEU F 400 -25.01 -27.91 -42.57
C LEU F 400 -25.10 -29.14 -43.49
N GLN F 401 -26.25 -29.83 -43.53
CA GLN F 401 -26.38 -31.12 -44.24
C GLN F 401 -25.16 -31.97 -43.89
N VAL F 402 -24.84 -32.04 -42.59
CA VAL F 402 -23.68 -32.78 -42.01
C VAL F 402 -24.24 -33.84 -41.06
N GLU F 403 -23.78 -35.09 -41.23
CA GLU F 403 -23.98 -36.18 -40.24
C GLU F 403 -23.20 -35.78 -38.97
N ALA F 404 -23.92 -35.48 -37.88
CA ALA F 404 -23.37 -35.18 -36.55
C ALA F 404 -23.42 -36.47 -35.71
N ILE F 405 -22.52 -37.42 -36.00
CA ILE F 405 -22.39 -38.70 -35.26
C ILE F 405 -21.93 -38.40 -33.84
N THR F 406 -22.51 -39.08 -32.84
CA THR F 406 -22.04 -39.10 -31.43
C THR F 406 -21.12 -40.32 -31.27
N CYS F 407 -20.16 -40.24 -30.33
CA CYS F 407 -19.04 -41.21 -30.21
C CYS F 407 -18.66 -41.40 -28.74
N LYS F 408 -18.89 -42.61 -28.22
CA LYS F 408 -18.88 -42.95 -26.77
C LYS F 408 -17.60 -43.71 -26.42
N HIS F 409 -16.46 -43.27 -26.95
CA HIS F 409 -15.20 -44.06 -26.99
C HIS F 409 -14.39 -43.84 -25.71
N TRP F 410 -14.35 -42.61 -25.21
CA TRP F 410 -13.75 -42.27 -23.89
C TRP F 410 -14.15 -43.39 -22.91
N ALA F 411 -15.45 -43.61 -22.71
CA ALA F 411 -16.00 -44.57 -21.72
C ALA F 411 -15.81 -46.02 -22.18
N GLU F 412 -16.42 -46.40 -23.32
CA GLU F 412 -16.57 -47.80 -23.79
C GLU F 412 -15.22 -48.35 -24.29
N GLY F 413 -14.76 -47.86 -25.46
CA GLY F 413 -13.48 -48.24 -26.08
C GLY F 413 -13.46 -47.92 -27.56
N GLY F 414 -12.62 -48.61 -28.34
CA GLY F 414 -12.67 -48.59 -29.80
C GLY F 414 -14.13 -48.60 -30.28
N ALA F 415 -14.91 -49.56 -29.76
CA ALA F 415 -16.29 -49.93 -30.20
C ALA F 415 -17.19 -48.70 -30.44
N GLY F 416 -17.16 -47.71 -29.54
CA GLY F 416 -18.14 -46.60 -29.48
C GLY F 416 -17.80 -45.42 -30.38
N ALA F 417 -16.83 -45.58 -31.29
CA ALA F 417 -16.56 -44.65 -32.43
C ALA F 417 -16.59 -45.40 -33.77
N GLU F 418 -16.92 -46.71 -33.76
CA GLU F 418 -17.15 -47.54 -34.99
C GLU F 418 -18.07 -46.73 -35.91
N ALA F 419 -19.11 -46.10 -35.35
CA ALA F 419 -20.04 -45.22 -36.10
C ALA F 419 -19.22 -44.16 -36.84
N LEU F 420 -18.24 -43.55 -36.19
CA LEU F 420 -17.42 -42.49 -36.81
C LEU F 420 -16.44 -43.11 -37.80
N ALA F 421 -15.80 -44.23 -37.45
CA ALA F 421 -14.81 -44.94 -38.32
C ALA F 421 -15.49 -45.32 -39.63
N GLN F 422 -16.70 -45.88 -39.54
CA GLN F 422 -17.52 -46.32 -40.69
C GLN F 422 -17.86 -45.10 -41.56
N ALA F 423 -18.32 -44.01 -40.95
CA ALA F 423 -18.65 -42.74 -41.65
C ALA F 423 -17.39 -42.05 -42.19
N VAL F 424 -16.20 -42.32 -41.65
CA VAL F 424 -14.91 -41.74 -42.17
C VAL F 424 -14.67 -42.35 -43.55
N VAL F 425 -14.79 -43.68 -43.63
CA VAL F 425 -14.57 -44.50 -44.86
C VAL F 425 -15.43 -43.95 -46.01
N LYS F 426 -16.68 -43.56 -45.77
CA LYS F 426 -17.59 -42.98 -46.81
C LYS F 426 -16.91 -41.79 -47.50
N LEU F 427 -16.41 -40.82 -46.75
CA LEU F 427 -15.81 -39.59 -47.31
C LEU F 427 -14.45 -39.94 -47.90
N ALA F 428 -13.80 -40.95 -47.34
CA ALA F 428 -12.44 -41.40 -47.72
C ALA F 428 -12.48 -42.13 -49.07
N GLU F 429 -13.67 -42.52 -49.52
CA GLU F 429 -13.91 -43.23 -50.81
C GLU F 429 -15.07 -42.54 -51.55
N GLY F 430 -15.25 -41.23 -51.35
CA GLY F 430 -16.30 -40.39 -51.97
C GLY F 430 -15.72 -39.28 -52.86
N GLU F 431 -16.58 -38.34 -53.28
CA GLU F 431 -16.32 -37.30 -54.31
C GLU F 431 -14.81 -37.11 -54.53
N LYS F 433 -12.23 -34.54 -54.48
CA LYS F 433 -12.31 -33.10 -54.85
C LYS F 433 -10.93 -32.44 -54.83
N PRO F 434 -10.68 -31.41 -55.65
CA PRO F 434 -9.38 -30.72 -55.65
C PRO F 434 -9.19 -30.09 -54.26
N LEU F 435 -7.96 -29.72 -53.90
CA LEU F 435 -7.65 -29.03 -52.62
C LEU F 435 -7.48 -27.53 -52.90
N THR F 436 -8.33 -26.70 -52.30
CA THR F 436 -8.32 -25.21 -52.38
C THR F 436 -7.64 -24.65 -51.14
N PHE F 437 -6.98 -23.50 -51.27
CA PHE F 437 -6.19 -22.85 -50.20
C PHE F 437 -6.74 -21.44 -49.95
N ALA F 438 -6.84 -21.06 -48.69
CA ALA F 438 -7.62 -19.89 -48.20
C ALA F 438 -7.27 -18.63 -49.03
N TYR F 439 -6.01 -18.49 -49.43
CA TYR F 439 -5.52 -17.36 -50.27
C TYR F 439 -4.68 -17.95 -51.41
N GLU F 440 -4.38 -17.13 -52.41
CA GLU F 440 -3.45 -17.46 -53.51
C GLU F 440 -2.02 -17.03 -53.09
N THR F 441 -1.05 -17.88 -53.38
CA THR F 441 0.37 -17.81 -52.94
C THR F 441 1.04 -16.51 -53.42
N GLU F 442 0.47 -15.88 -54.46
CA GLU F 442 1.16 -14.89 -55.33
C GLU F 442 0.80 -13.46 -54.90
N THR F 443 -0.15 -13.28 -53.95
CA THR F 443 -0.54 -11.95 -53.37
C THR F 443 0.48 -11.52 -52.32
N LYS F 444 0.53 -10.22 -52.02
CA LYS F 444 1.38 -9.62 -50.94
C LYS F 444 0.82 -10.05 -49.58
N ILE F 445 1.66 -10.06 -48.54
CA ILE F 445 1.35 -10.71 -47.23
C ILE F 445 0.17 -9.99 -46.55
N THR F 446 0.17 -8.65 -46.52
CA THR F 446 -0.84 -7.83 -45.79
C THR F 446 -2.28 -8.18 -46.22
N ASP F 447 -2.49 -8.72 -47.42
CA ASP F 447 -3.84 -9.04 -47.97
C ASP F 447 -4.12 -10.55 -47.85
N LYS F 448 -3.10 -11.41 -47.81
CA LYS F 448 -3.25 -12.84 -47.34
C LYS F 448 -3.83 -12.83 -45.92
N ILE F 449 -3.34 -11.94 -45.06
CA ILE F 449 -3.86 -11.68 -43.68
C ILE F 449 -5.36 -11.43 -43.78
N LYS F 450 -5.77 -10.33 -44.43
CA LYS F 450 -7.20 -9.94 -44.60
C LYS F 450 -8.03 -11.14 -45.06
N ALA F 451 -7.47 -11.99 -45.93
CA ALA F 451 -8.19 -13.10 -46.58
C ALA F 451 -8.66 -14.09 -45.51
N ILE F 452 -7.73 -14.61 -44.70
CA ILE F 452 -8.02 -15.54 -43.57
C ILE F 452 -9.05 -14.87 -42.67
N ALA F 453 -8.82 -13.57 -42.41
CA ALA F 453 -9.46 -12.75 -41.36
C ALA F 453 -10.92 -12.44 -41.69
N THR F 454 -11.40 -12.77 -42.89
CA THR F 454 -12.75 -12.41 -43.40
C THR F 454 -13.43 -13.65 -43.95
N LYS F 455 -12.73 -14.43 -44.78
CA LYS F 455 -13.29 -15.66 -45.39
C LYS F 455 -13.62 -16.65 -44.25
N LEU F 456 -12.76 -16.73 -43.22
CA LEU F 456 -12.86 -17.74 -42.11
C LEU F 456 -13.20 -17.07 -40.76
N TYR F 457 -12.33 -16.19 -40.24
CA TYR F 457 -12.49 -15.55 -38.90
C TYR F 457 -13.72 -14.63 -38.88
N GLY F 458 -14.07 -14.03 -40.03
CA GLY F 458 -15.28 -13.22 -40.28
C GLY F 458 -15.17 -11.81 -39.73
N ALA F 459 -13.98 -11.22 -39.80
CA ALA F 459 -13.68 -9.82 -39.40
C ALA F 459 -14.20 -8.88 -40.49
N ALA F 460 -14.51 -7.63 -40.10
CA ALA F 460 -14.92 -6.55 -41.02
C ALA F 460 -13.70 -6.07 -41.80
N ASP F 461 -12.53 -6.04 -41.15
CA ASP F 461 -11.26 -5.53 -41.73
C ASP F 461 -10.07 -6.10 -40.97
N ILE F 462 -8.90 -5.48 -41.15
CA ILE F 462 -7.57 -5.85 -40.57
C ILE F 462 -6.86 -4.52 -40.34
N GLN F 463 -5.99 -4.41 -39.32
CA GLN F 463 -5.26 -3.14 -39.04
C GLN F 463 -3.79 -3.43 -38.74
N ILE F 464 -2.91 -3.03 -39.64
CA ILE F 464 -1.43 -3.26 -39.52
C ILE F 464 -0.88 -2.08 -38.72
N GLU F 465 -0.81 -2.21 -37.40
CA GLU F 465 -0.04 -1.29 -36.52
C GLU F 465 1.36 -1.09 -37.10
N SER F 466 2.05 -0.02 -36.68
CA SER F 466 3.24 0.58 -37.35
C SER F 466 4.42 -0.39 -37.37
N LYS F 467 4.73 -1.02 -36.22
CA LYS F 467 5.87 -1.96 -36.04
C LYS F 467 5.82 -3.08 -37.09
N ALA F 468 4.64 -3.39 -37.63
CA ALA F 468 4.36 -4.47 -38.60
C ALA F 468 4.42 -3.96 -40.04
N ALA F 469 3.83 -2.79 -40.30
CA ALA F 469 3.68 -2.18 -41.66
C ALA F 469 5.02 -1.63 -42.17
N THR F 470 6.07 -1.59 -41.34
CA THR F 470 7.45 -1.18 -41.73
C THR F 470 8.43 -2.35 -41.57
N LYS F 471 7.93 -3.52 -41.15
CA LYS F 471 8.72 -4.77 -40.92
C LYS F 471 8.45 -5.70 -42.10
N LEU F 472 7.16 -5.87 -42.42
CA LEU F 472 6.66 -6.58 -43.63
C LEU F 472 7.24 -5.91 -44.88
N ALA F 473 7.12 -4.58 -45.00
CA ALA F 473 7.80 -3.81 -46.07
C ALA F 473 9.26 -4.27 -46.17
N GLY F 474 9.95 -4.39 -45.03
CA GLY F 474 11.36 -4.82 -44.94
C GLY F 474 11.54 -6.30 -45.28
N PHE F 475 10.53 -7.12 -45.00
CA PHE F 475 10.44 -8.56 -45.36
C PHE F 475 10.20 -8.73 -46.86
N GLU F 476 9.16 -8.05 -47.36
CA GLU F 476 8.66 -8.18 -48.76
C GLU F 476 9.85 -7.95 -49.69
N LYS F 477 10.57 -6.84 -49.50
CA LYS F 477 11.68 -6.40 -50.38
C LYS F 477 12.75 -7.51 -50.45
N ASP F 478 12.92 -8.28 -49.37
CA ASP F 478 13.90 -9.40 -49.30
C ASP F 478 13.28 -10.67 -49.88
N GLY F 479 12.13 -10.57 -50.55
CA GLY F 479 11.57 -11.63 -51.41
C GLY F 479 10.75 -12.62 -50.61
N TYR F 480 10.38 -12.26 -49.40
CA TYR F 480 9.60 -13.13 -48.46
C TYR F 480 8.13 -12.72 -48.48
N GLY F 481 7.58 -12.30 -49.65
CA GLY F 481 6.18 -11.88 -49.80
C GLY F 481 5.26 -12.98 -50.30
N LYS F 482 5.83 -14.00 -50.95
CA LYS F 482 5.13 -15.21 -51.49
C LYS F 482 4.74 -16.11 -50.31
N LEU F 483 5.46 -15.98 -49.20
CA LEU F 483 5.38 -16.89 -48.03
C LEU F 483 3.96 -16.90 -47.45
N PRO F 484 3.40 -18.09 -47.20
CA PRO F 484 2.14 -18.21 -46.47
C PRO F 484 2.18 -17.47 -45.12
N VAL F 485 1.06 -17.49 -44.38
CA VAL F 485 0.93 -16.71 -43.10
C VAL F 485 0.46 -17.64 -41.98
N CYS F 486 1.24 -17.63 -40.90
CA CYS F 486 0.98 -18.35 -39.62
C CYS F 486 0.38 -17.38 -38.59
N MET F 487 -0.93 -17.44 -38.39
CA MET F 487 -1.70 -16.48 -37.54
C MET F 487 -1.58 -16.78 -36.02
N ALA F 488 -0.99 -15.84 -35.26
CA ALA F 488 -0.80 -15.89 -33.79
C ALA F 488 -1.81 -14.96 -33.10
N LYS F 489 -2.87 -15.55 -32.55
CA LYS F 489 -3.94 -14.84 -31.80
C LYS F 489 -4.56 -15.83 -30.83
N THR F 490 -5.49 -15.39 -30.00
CA THR F 490 -6.24 -16.24 -29.03
C THR F 490 -6.84 -17.46 -29.77
N GLN F 491 -7.17 -18.52 -29.03
CA GLN F 491 -7.76 -19.78 -29.59
C GLN F 491 -9.25 -19.88 -29.28
N TYR F 492 -9.70 -19.11 -28.28
CA TYR F 492 -10.99 -19.31 -27.57
C TYR F 492 -12.08 -18.49 -28.26
N SER F 493 -11.69 -17.62 -29.20
CA SER F 493 -12.58 -16.76 -30.02
C SER F 493 -12.14 -16.82 -31.49
N PHE F 494 -13.06 -16.50 -32.40
CA PHE F 494 -12.73 -16.27 -33.83
C PHE F 494 -11.93 -14.97 -33.89
N SER F 495 -12.29 -14.01 -33.03
CA SER F 495 -11.70 -12.65 -32.98
C SER F 495 -10.34 -12.70 -32.27
N THR F 496 -9.82 -11.55 -31.82
CA THR F 496 -8.59 -11.47 -30.98
C THR F 496 -8.98 -11.20 -29.52
N ASP F 497 -10.26 -10.96 -29.23
CA ASP F 497 -10.78 -10.87 -27.84
C ASP F 497 -11.08 -12.28 -27.33
N PRO F 498 -10.28 -12.82 -26.39
CA PRO F 498 -10.52 -14.17 -25.86
C PRO F 498 -11.95 -14.36 -25.30
N THR F 499 -12.61 -13.27 -24.91
CA THR F 499 -13.90 -13.28 -24.17
C THR F 499 -15.08 -13.35 -25.15
N LEU F 500 -14.96 -12.80 -26.37
CA LEU F 500 -16.00 -12.85 -27.42
C LEU F 500 -16.21 -14.30 -27.84
N MET F 501 -17.22 -14.93 -27.28
CA MET F 501 -17.48 -16.37 -27.44
C MET F 501 -18.09 -16.65 -28.83
N GLY F 502 -18.74 -17.81 -28.99
CA GLY F 502 -19.58 -18.21 -30.14
C GLY F 502 -18.91 -18.02 -31.50
N ALA F 503 -19.63 -17.36 -32.43
CA ALA F 503 -19.24 -17.14 -33.84
C ALA F 503 -19.27 -15.64 -34.19
N PRO F 504 -18.39 -14.81 -33.59
CA PRO F 504 -18.49 -13.36 -33.73
C PRO F 504 -17.97 -12.88 -35.08
N SER F 505 -18.34 -11.65 -35.43
CA SER F 505 -18.16 -11.04 -36.78
C SER F 505 -17.96 -9.52 -36.63
N GLY F 506 -17.55 -8.84 -37.70
CA GLY F 506 -17.47 -7.37 -37.73
C GLY F 506 -16.56 -6.85 -36.65
N HIS F 507 -15.51 -7.62 -36.33
CA HIS F 507 -14.53 -7.35 -35.25
C HIS F 507 -13.17 -7.09 -35.91
N LEU F 508 -12.52 -5.96 -35.63
CA LEU F 508 -11.21 -5.62 -36.24
C LEU F 508 -10.18 -6.64 -35.72
N VAL F 509 -9.18 -6.98 -36.54
CA VAL F 509 -8.05 -7.89 -36.20
C VAL F 509 -6.74 -7.11 -36.33
N SER F 510 -6.30 -6.44 -35.25
CA SER F 510 -5.13 -5.52 -35.23
C SER F 510 -3.82 -6.30 -35.13
N VAL F 511 -3.06 -6.36 -36.24
CA VAL F 511 -1.70 -7.00 -36.33
C VAL F 511 -0.65 -6.14 -35.60
N ARG F 512 -0.13 -6.62 -34.48
CA ARG F 512 0.72 -5.80 -33.57
C ARG F 512 2.19 -5.87 -34.02
N ASP F 513 2.56 -6.97 -34.68
CA ASP F 513 3.97 -7.39 -34.89
C ASP F 513 4.04 -8.59 -35.83
N VAL F 514 5.20 -8.80 -36.47
CA VAL F 514 5.45 -9.84 -37.52
C VAL F 514 6.78 -10.54 -37.26
N ARG F 515 6.81 -11.87 -37.29
CA ARG F 515 8.04 -12.71 -37.17
C ARG F 515 8.28 -13.39 -38.53
N LEU F 516 9.54 -13.62 -38.93
CA LEU F 516 9.90 -14.33 -40.21
C LEU F 516 10.53 -15.69 -39.89
N SER F 517 9.86 -16.78 -40.24
CA SER F 517 10.39 -18.16 -40.18
C SER F 517 10.63 -18.71 -41.59
N ALA F 518 11.65 -18.20 -42.27
CA ALA F 518 12.00 -18.54 -43.67
C ALA F 518 12.30 -20.04 -43.79
N GLY F 519 13.01 -20.64 -42.83
CA GLY F 519 13.43 -22.06 -42.89
C GLY F 519 12.25 -23.00 -42.87
N ALA F 520 11.25 -22.71 -42.01
CA ALA F 520 9.96 -23.43 -41.94
C ALA F 520 9.10 -23.04 -43.15
N GLY F 521 9.36 -21.88 -43.74
CA GLY F 521 8.54 -21.35 -44.84
C GLY F 521 7.19 -20.87 -44.33
N PHE F 522 7.17 -19.85 -43.46
CA PHE F 522 6.01 -18.96 -43.18
C PHE F 522 6.44 -17.66 -42.44
N VAL F 523 5.48 -16.75 -42.33
CA VAL F 523 5.59 -15.44 -41.62
C VAL F 523 4.53 -15.44 -40.51
N VAL F 524 4.94 -15.26 -39.25
CA VAL F 524 4.02 -15.31 -38.08
C VAL F 524 3.42 -13.92 -37.89
N VAL F 525 2.10 -13.85 -37.92
CA VAL F 525 1.34 -12.59 -37.77
C VAL F 525 0.73 -12.61 -36.37
N ILE F 526 1.17 -11.64 -35.53
CA ILE F 526 0.89 -11.54 -34.06
C ILE F 526 -0.14 -10.41 -33.80
N CYS F 527 -1.33 -10.79 -33.32
CA CYS F 527 -2.50 -9.89 -33.16
C CYS F 527 -2.79 -9.71 -31.66
N GLY F 528 -3.10 -10.80 -30.95
CA GLY F 528 -3.31 -10.82 -29.49
C GLY F 528 -1.99 -10.81 -28.71
N GLU F 529 -2.11 -10.80 -27.36
CA GLU F 529 -0.99 -10.88 -26.39
C GLU F 529 -0.54 -12.34 -26.31
N ILE F 530 0.56 -12.67 -26.97
CA ILE F 530 1.10 -14.05 -27.15
C ILE F 530 2.35 -14.22 -26.28
N MET F 531 2.53 -15.42 -25.74
CA MET F 531 3.52 -15.76 -24.69
C MET F 531 4.40 -16.91 -25.22
N THR F 532 5.61 -16.60 -25.71
CA THR F 532 6.50 -17.63 -26.28
C THR F 532 7.21 -18.36 -25.14
N MET F 533 7.36 -17.76 -23.95
CA MET F 533 7.92 -18.41 -22.73
C MET F 533 6.99 -18.20 -21.54
N PRO F 534 6.21 -19.22 -21.15
CA PRO F 534 5.29 -19.08 -20.02
C PRO F 534 6.02 -19.22 -18.68
N GLY F 535 5.34 -18.86 -17.59
CA GLY F 535 5.84 -18.98 -16.21
C GLY F 535 5.03 -19.95 -15.37
N LEU F 536 5.49 -20.15 -14.13
CA LEU F 536 4.95 -21.12 -13.14
C LEU F 536 3.91 -20.45 -12.25
N PRO F 537 2.88 -21.15 -11.77
CA PRO F 537 1.93 -20.56 -10.84
C PRO F 537 2.62 -20.19 -9.54
N LYS F 538 1.88 -19.49 -8.66
CA LYS F 538 2.26 -19.24 -7.24
C LYS F 538 2.75 -20.56 -6.61
N VAL F 539 1.90 -21.60 -6.59
CA VAL F 539 2.25 -22.97 -6.08
C VAL F 539 2.13 -23.98 -7.22
N PRO F 540 3.27 -24.34 -7.87
CA PRO F 540 3.26 -25.21 -9.04
C PRO F 540 3.14 -26.71 -8.72
N ALA F 541 2.78 -27.50 -9.71
CA ALA F 541 2.66 -28.97 -9.60
C ALA F 541 3.98 -29.58 -9.06
N ALA F 542 5.14 -29.02 -9.47
CA ALA F 542 6.48 -29.53 -9.13
C ALA F 542 6.65 -29.66 -7.61
N ASP F 543 5.97 -28.82 -6.83
CA ASP F 543 6.13 -28.86 -5.35
C ASP F 543 5.78 -30.27 -4.84
N THR F 544 4.74 -30.91 -5.40
CA THR F 544 4.10 -32.15 -4.87
C THR F 544 4.20 -33.30 -5.87
N ILE F 545 5.10 -33.19 -6.86
CA ILE F 545 5.58 -34.30 -7.77
C ILE F 545 6.79 -34.97 -7.10
N ARG F 546 6.68 -36.26 -6.76
CA ARG F 546 7.73 -37.03 -6.07
C ARG F 546 7.58 -38.53 -6.39
N LEU F 547 8.43 -39.38 -5.80
CA LEU F 547 8.32 -40.85 -5.94
C LEU F 547 7.61 -41.42 -4.69
N ASP F 548 6.80 -42.47 -4.92
CA ASP F 548 6.02 -43.22 -3.90
C ASP F 548 7.00 -43.92 -2.97
N ALA F 549 6.44 -44.64 -1.99
CA ALA F 549 7.13 -45.70 -1.22
C ALA F 549 7.99 -46.54 -2.17
N ASN F 550 7.37 -47.18 -3.17
CA ASN F 550 8.08 -48.01 -4.20
C ASN F 550 7.95 -47.31 -5.57
N GLY F 551 8.90 -46.41 -5.89
CA GLY F 551 9.40 -46.06 -7.24
C GLY F 551 8.39 -45.39 -8.17
N GLN F 552 7.15 -45.15 -7.72
CA GLN F 552 6.01 -44.81 -8.61
C GLN F 552 5.75 -43.29 -8.54
N ILE F 553 5.72 -42.64 -9.73
CA ILE F 553 5.52 -41.17 -9.93
C ILE F 553 4.13 -40.75 -9.43
N ASP F 554 4.09 -39.77 -8.52
CA ASP F 554 2.85 -39.17 -7.96
C ASP F 554 2.88 -37.66 -8.24
N GLY F 555 1.73 -37.00 -8.15
CA GLY F 555 1.60 -35.54 -8.36
C GLY F 555 1.51 -35.15 -9.83
N LEU F 556 2.11 -35.92 -10.74
CA LEU F 556 2.21 -35.57 -12.18
C LEU F 556 0.81 -35.53 -12.82
N PHE F 557 -0.15 -36.35 -12.37
CA PHE F 557 -1.57 -36.37 -12.87
C PHE F 557 -2.51 -36.64 -11.69
N PRO G 2 24.87 40.50 -40.25
CA PRO G 2 25.69 39.89 -39.19
C PRO G 2 24.88 38.96 -38.28
N SER G 3 25.48 37.85 -37.83
CA SER G 3 24.84 36.77 -37.02
C SER G 3 24.54 37.24 -35.59
N ASP G 4 23.78 36.43 -34.82
CA ASP G 4 23.19 36.81 -33.51
C ASP G 4 24.30 37.12 -32.49
N ILE G 5 25.31 36.25 -32.39
CA ILE G 5 26.43 36.44 -31.42
C ILE G 5 27.46 37.40 -31.99
N GLU G 6 27.61 37.47 -33.31
CA GLU G 6 28.38 38.59 -33.90
C GLU G 6 27.76 39.88 -33.35
N ILE G 7 26.44 40.01 -33.44
CA ILE G 7 25.70 41.17 -32.84
C ILE G 7 26.03 41.25 -31.34
N ALA G 8 25.82 40.18 -30.59
CA ALA G 8 25.85 40.15 -29.10
C ALA G 8 27.25 40.44 -28.54
N ARG G 9 28.31 40.04 -29.27
CA ARG G 9 29.74 40.25 -28.90
C ARG G 9 30.07 41.73 -29.13
N ALA G 10 29.52 42.31 -30.20
CA ALA G 10 29.56 43.75 -30.55
C ALA G 10 28.37 44.49 -29.91
N ALA G 11 28.23 44.41 -28.57
CA ALA G 11 27.04 44.92 -27.82
C ALA G 11 27.47 45.78 -26.63
N THR G 12 26.68 46.83 -26.39
CA THR G 12 26.97 48.01 -25.53
C THR G 12 26.46 47.76 -24.10
N LEU G 13 27.22 47.02 -23.26
CA LEU G 13 26.70 46.26 -22.08
C LEU G 13 26.93 46.99 -20.76
N LYS G 14 25.85 47.30 -20.02
CA LYS G 14 25.92 47.96 -18.68
C LYS G 14 25.85 46.91 -17.57
N PRO G 15 26.56 47.12 -16.43
CA PRO G 15 26.50 46.19 -15.30
C PRO G 15 25.11 46.17 -14.66
N ILE G 16 24.80 45.09 -13.93
CA ILE G 16 23.42 44.74 -13.49
C ILE G 16 22.99 45.63 -12.33
N ALA G 17 23.94 46.30 -11.66
CA ALA G 17 23.65 47.31 -10.60
C ALA G 17 22.90 48.50 -11.20
N GLN G 18 23.27 48.95 -12.40
CA GLN G 18 22.54 49.98 -13.18
C GLN G 18 21.19 49.39 -13.65
N VAL G 19 21.17 48.16 -14.18
CA VAL G 19 19.95 47.51 -14.76
C VAL G 19 18.96 47.19 -13.62
N ALA G 20 19.46 46.82 -12.44
CA ALA G 20 18.68 46.60 -11.20
C ALA G 20 18.15 47.93 -10.65
N GLU G 21 18.81 49.05 -11.04
CA GLU G 21 18.36 50.44 -10.75
C GLU G 21 17.16 50.76 -11.63
N LYS G 22 17.03 50.09 -12.80
CA LYS G 22 15.88 50.23 -13.74
C LYS G 22 14.59 49.68 -13.12
N LEU G 23 14.66 48.58 -12.35
CA LEU G 23 13.50 47.95 -11.66
C LEU G 23 13.41 48.44 -10.21
N GLY G 24 14.41 49.21 -9.73
CA GLY G 24 14.43 49.79 -8.37
C GLY G 24 14.82 48.75 -7.34
N ILE G 25 16.04 48.19 -7.48
CA ILE G 25 16.57 47.11 -6.61
C ILE G 25 17.95 47.52 -6.07
N PRO G 26 18.08 47.80 -4.75
CA PRO G 26 19.38 48.16 -4.20
C PRO G 26 20.48 47.20 -4.65
N ASP G 27 21.72 47.70 -4.60
CA ASP G 27 22.99 46.99 -4.93
C ASP G 27 23.23 45.86 -3.91
N GLU G 28 22.76 46.04 -2.67
CA GLU G 28 22.95 45.05 -1.57
C GLU G 28 21.96 43.89 -1.74
N ALA G 29 20.90 44.07 -2.55
CA ALA G 29 19.86 43.06 -2.86
C ALA G 29 20.25 42.22 -4.09
N LEU G 30 21.52 42.25 -4.51
CA LEU G 30 22.01 41.55 -5.73
C LEU G 30 23.18 40.64 -5.37
N HIS G 31 23.17 39.42 -5.94
CA HIS G 31 24.25 38.42 -5.82
C HIS G 31 24.91 38.33 -7.20
N ASN G 32 26.18 38.71 -7.28
CA ASN G 32 26.87 38.90 -8.57
C ASN G 32 27.38 37.55 -9.06
N TYR G 33 27.02 37.22 -10.29
CA TYR G 33 27.65 36.22 -11.18
C TYR G 33 28.33 37.01 -12.31
N GLY G 34 29.61 37.34 -12.11
CA GLY G 34 30.38 38.24 -13.00
C GLY G 34 29.97 39.69 -12.78
N LYS G 35 29.75 40.44 -13.86
CA LYS G 35 29.45 41.89 -13.82
C LYS G 35 28.14 42.18 -14.56
N HIS G 36 27.66 41.28 -15.45
CA HIS G 36 26.44 41.44 -16.27
C HIS G 36 25.32 40.48 -15.83
N ILE G 37 25.53 39.62 -14.81
CA ILE G 37 24.49 38.70 -14.24
C ILE G 37 24.42 38.85 -12.71
N ALA G 38 23.21 38.82 -12.16
CA ALA G 38 22.93 39.02 -10.72
C ALA G 38 21.66 38.28 -10.30
N LYS G 39 21.67 37.72 -9.09
CA LYS G 39 20.51 37.03 -8.49
C LYS G 39 19.91 37.92 -7.40
N ILE G 40 18.61 38.23 -7.54
CA ILE G 40 17.79 38.99 -6.56
C ILE G 40 17.75 38.20 -5.25
N ASP G 41 18.26 38.76 -4.15
CA ASP G 41 18.23 38.12 -2.81
C ASP G 41 16.79 37.75 -2.42
N HIS G 42 16.63 36.67 -1.64
CA HIS G 42 15.34 36.07 -1.16
C HIS G 42 14.55 37.05 -0.29
N ASP G 43 15.20 37.64 0.71
CA ASP G 43 14.66 38.73 1.56
C ASP G 43 14.09 39.84 0.67
N PHE G 44 14.79 40.18 -0.42
CA PHE G 44 14.39 41.34 -1.23
C PHE G 44 13.06 41.05 -1.89
N ILE G 45 12.85 39.81 -2.35
CA ILE G 45 11.57 39.38 -2.99
C ILE G 45 10.53 39.15 -1.90
N ALA G 46 11.00 38.80 -0.69
CA ALA G 46 10.20 38.50 0.51
C ALA G 46 9.59 39.78 1.09
N SER G 47 9.84 40.94 0.47
CA SER G 47 9.29 42.26 0.89
C SER G 47 8.31 42.80 -0.16
N LEU G 48 8.14 42.11 -1.28
CA LEU G 48 7.30 42.56 -2.43
C LEU G 48 5.85 42.04 -2.31
N GLU G 49 5.43 41.53 -1.15
CA GLU G 49 4.07 40.92 -0.97
C GLU G 49 3.02 42.06 -1.01
N GLY G 50 3.08 42.96 -0.01
CA GLY G 50 2.13 44.07 0.15
C GLY G 50 2.08 44.96 -1.08
N LYS G 51 3.26 45.16 -1.69
CA LYS G 51 3.48 46.03 -2.88
C LYS G 51 2.54 45.57 -4.00
N PRO G 52 2.05 46.49 -4.87
CA PRO G 52 1.05 46.15 -5.88
C PRO G 52 1.73 45.58 -7.13
N GLU G 53 0.94 45.05 -8.07
CA GLU G 53 1.46 44.34 -9.27
C GLU G 53 0.88 45.00 -10.53
N GLY G 54 1.69 45.08 -11.60
CA GLY G 54 1.35 45.74 -12.88
C GLY G 54 0.74 44.77 -13.88
N LYS G 55 0.79 45.15 -15.16
CA LYS G 55 0.19 44.36 -16.27
C LYS G 55 1.08 43.14 -16.55
N LEU G 56 0.46 42.06 -17.06
CA LEU G 56 1.12 40.81 -17.53
C LEU G 56 0.71 40.60 -18.98
N VAL G 57 1.66 40.32 -19.88
CA VAL G 57 1.41 40.07 -21.32
C VAL G 57 1.92 38.67 -21.70
N LEU G 58 1.03 37.83 -22.22
CA LEU G 58 1.30 36.43 -22.59
C LEU G 58 1.64 36.40 -24.07
N VAL G 59 2.83 35.89 -24.42
CA VAL G 59 3.25 35.68 -25.83
C VAL G 59 3.22 34.19 -26.12
N THR G 60 2.36 33.77 -27.04
CA THR G 60 2.30 32.41 -27.59
C THR G 60 2.48 32.51 -29.11
N ALA G 61 2.14 31.47 -29.86
CA ALA G 61 2.26 31.43 -31.33
C ALA G 61 1.33 30.37 -31.94
N ILE G 62 1.07 30.46 -33.22
CA ILE G 62 0.37 29.39 -33.98
C ILE G 62 1.15 28.09 -33.84
N SER G 63 0.56 26.99 -34.31
CA SER G 63 1.11 25.60 -34.28
C SER G 63 2.53 25.64 -34.84
N PRO G 64 3.55 25.37 -34.01
CA PRO G 64 4.94 25.34 -34.44
C PRO G 64 5.17 24.53 -35.74
N THR G 65 6.22 24.92 -36.47
CA THR G 65 6.66 24.30 -37.75
C THR G 65 8.18 24.15 -37.75
N PRO G 66 8.74 23.33 -38.65
CA PRO G 66 10.19 23.32 -38.89
C PRO G 66 10.78 24.70 -39.24
N ALA G 67 10.04 25.55 -39.98
CA ALA G 67 10.41 26.94 -40.40
C ALA G 67 10.83 27.84 -39.20
N GLY G 68 10.56 27.42 -37.95
CA GLY G 68 10.94 28.14 -36.72
C GLY G 68 9.87 29.13 -36.29
N GLU G 69 9.39 29.98 -37.21
CA GLU G 69 8.50 31.16 -36.98
C GLU G 69 8.72 31.78 -35.59
N GLY G 70 9.99 32.12 -35.29
CA GLY G 70 10.52 32.58 -33.99
C GLY G 70 9.55 33.49 -33.25
N LYS G 71 9.51 33.38 -31.92
CA LYS G 71 8.61 34.14 -31.00
C LYS G 71 9.37 34.62 -29.76
N THR G 72 10.41 33.92 -29.31
CA THR G 72 11.26 34.41 -28.20
C THR G 72 11.78 35.80 -28.60
N THR G 73 11.86 36.05 -29.90
CA THR G 73 12.16 37.37 -30.52
C THR G 73 11.06 38.37 -30.14
N THR G 74 9.82 38.07 -30.54
CA THR G 74 8.61 38.91 -30.33
C THR G 74 8.56 39.37 -28.85
N THR G 75 8.99 38.49 -27.94
CA THR G 75 8.95 38.73 -26.47
C THR G 75 10.00 39.79 -26.13
N VAL G 76 11.28 39.50 -26.39
CA VAL G 76 12.41 40.42 -26.08
C VAL G 76 12.10 41.77 -26.74
N GLY G 77 11.65 41.73 -28.00
CA GLY G 77 11.22 42.90 -28.77
C GLY G 77 10.17 43.73 -28.04
N LEU G 78 9.03 43.15 -27.70
CA LEU G 78 7.89 43.89 -27.12
C LEU G 78 8.38 44.68 -25.88
N GLY G 79 9.18 44.04 -25.04
CA GLY G 79 9.69 44.64 -23.79
C GLY G 79 10.73 45.70 -24.08
N ASP G 80 11.54 45.51 -25.12
CA ASP G 80 12.39 46.56 -25.71
C ASP G 80 11.50 47.72 -26.16
N ALA G 81 10.34 47.39 -26.75
CA ALA G 81 9.40 48.34 -27.40
C ALA G 81 8.56 49.07 -26.35
N LEU G 82 8.27 48.43 -25.22
CA LEU G 82 7.41 49.05 -24.19
C LEU G 82 8.25 50.02 -23.35
N ASN G 83 9.51 49.67 -23.05
CA ASN G 83 10.43 50.57 -22.32
C ASN G 83 10.75 51.80 -23.20
N ARG G 84 10.60 51.67 -24.54
CA ARG G 84 10.83 52.76 -25.54
C ARG G 84 9.62 53.71 -25.60
N ILE G 85 8.47 53.28 -25.08
CA ILE G 85 7.15 53.95 -25.26
C ILE G 85 6.76 54.66 -23.95
N GLY G 86 7.51 54.45 -22.86
CA GLY G 86 7.24 55.06 -21.55
C GLY G 86 7.21 54.03 -20.43
N LYS G 87 6.29 53.07 -20.56
CA LYS G 87 6.19 51.83 -19.73
C LYS G 87 7.56 51.42 -19.17
N ARG G 88 7.65 51.18 -17.86
CA ARG G 88 8.74 50.38 -17.25
C ARG G 88 8.37 48.89 -17.44
N ALA G 89 8.92 48.22 -18.47
CA ALA G 89 8.56 46.86 -18.90
C ALA G 89 9.69 45.88 -18.57
N VAL G 90 9.36 44.64 -18.16
CA VAL G 90 10.34 43.56 -17.86
C VAL G 90 10.03 42.35 -18.75
N MET G 91 11.08 41.63 -19.18
CA MET G 91 10.94 40.37 -19.95
C MET G 91 11.37 39.20 -19.06
N CYS G 92 10.51 38.18 -18.99
CA CYS G 92 10.76 36.89 -18.30
C CYS G 92 10.91 35.79 -19.35
N LEU G 93 11.95 34.97 -19.22
CA LEU G 93 12.26 33.88 -20.15
C LEU G 93 12.87 32.70 -19.39
N ARG G 94 13.01 31.58 -20.09
CA ARG G 94 13.49 30.30 -19.52
C ARG G 94 14.93 30.10 -19.96
N GLU G 95 15.82 29.75 -19.02
CA GLU G 95 17.17 29.17 -19.26
C GLU G 95 17.01 27.90 -20.07
N PRO G 96 17.85 27.68 -21.10
CA PRO G 96 17.79 26.46 -21.90
C PRO G 96 18.80 25.42 -21.39
N SER G 97 18.52 24.13 -21.60
CA SER G 97 19.36 22.99 -21.10
C SER G 97 20.73 23.07 -21.74
N LEU G 98 21.81 22.90 -20.98
CA LEU G 98 23.21 22.93 -21.51
C LEU G 98 23.33 21.89 -22.65
N GLY G 99 22.70 20.73 -22.49
CA GLY G 99 22.86 19.54 -23.34
C GLY G 99 22.65 19.79 -24.83
N PRO G 100 21.47 20.25 -25.26
CA PRO G 100 21.19 20.41 -26.69
C PRO G 100 22.25 21.20 -27.47
N CYS G 101 22.92 22.16 -26.80
CA CYS G 101 24.04 23.01 -27.32
C CYS G 101 25.06 22.18 -28.08
N PHE G 102 25.46 21.06 -27.49
CA PHE G 102 26.56 20.21 -28.01
C PHE G 102 26.05 19.25 -29.08
N GLY G 103 24.73 19.15 -29.29
CA GLY G 103 24.14 18.38 -30.40
C GLY G 103 24.00 19.24 -31.65
N MET G 104 22.87 19.97 -31.75
CA MET G 104 22.57 21.03 -32.75
C MET G 104 22.96 22.36 -32.12
N LYS G 105 23.77 23.18 -32.80
CA LYS G 105 24.52 24.31 -32.19
C LYS G 105 23.59 25.10 -31.26
N GLY G 106 24.16 25.70 -30.20
CA GLY G 106 23.45 26.62 -29.28
C GLY G 106 22.76 27.78 -29.98
N GLY G 107 21.74 28.35 -29.34
CA GLY G 107 20.89 29.40 -29.94
C GLY G 107 20.98 30.70 -29.18
N ALA G 108 20.78 31.80 -29.89
CA ALA G 108 20.55 33.11 -29.28
C ALA G 108 19.31 33.00 -28.40
N ALA G 109 19.35 33.64 -27.22
CA ALA G 109 18.20 33.80 -26.31
C ALA G 109 17.03 34.35 -27.15
N GLY G 110 17.09 35.63 -27.55
CA GLY G 110 16.15 36.20 -28.54
C GLY G 110 16.56 35.88 -29.98
N GLY G 111 17.00 36.89 -30.72
CA GLY G 111 17.43 36.78 -32.13
C GLY G 111 17.48 38.15 -32.79
N GLY G 112 18.21 38.29 -33.90
CA GLY G 112 18.51 39.61 -34.52
C GLY G 112 18.96 40.64 -33.51
N LYS G 113 18.34 41.83 -33.51
CA LYS G 113 18.71 43.00 -32.65
C LYS G 113 17.77 43.10 -31.44
N ALA G 114 17.06 42.01 -31.10
CA ALA G 114 16.14 41.90 -29.95
C ALA G 114 16.49 40.67 -29.12
N GLN G 115 17.56 40.74 -28.31
CA GLN G 115 18.15 39.59 -27.58
C GLN G 115 18.29 39.91 -26.09
N VAL G 116 18.36 38.87 -25.24
CA VAL G 116 18.85 38.96 -23.83
C VAL G 116 20.29 38.42 -23.78
N VAL G 117 21.12 39.02 -22.94
CA VAL G 117 22.60 38.90 -23.00
C VAL G 117 23.17 38.92 -21.59
N PRO G 118 24.32 38.26 -21.33
CA PRO G 118 25.12 37.55 -22.36
C PRO G 118 24.72 36.10 -22.71
N MET G 119 24.95 35.68 -23.96
CA MET G 119 24.33 34.45 -24.57
C MET G 119 25.29 33.24 -24.53
N GLU G 120 26.57 33.43 -24.22
CA GLU G 120 27.54 32.31 -24.05
C GLU G 120 27.16 31.56 -22.76
N GLN G 121 27.02 32.30 -21.66
CA GLN G 121 26.86 31.70 -20.32
C GLN G 121 25.35 31.41 -20.11
N ILE G 122 24.44 32.02 -20.86
CA ILE G 122 22.98 31.65 -20.82
C ILE G 122 22.80 30.23 -21.41
N ASN G 123 23.53 29.87 -22.47
CA ASN G 123 23.49 28.51 -23.06
C ASN G 123 24.24 27.55 -22.13
N LEU G 124 25.36 27.98 -21.53
CA LEU G 124 26.30 27.10 -20.77
C LEU G 124 26.49 27.57 -19.31
N HIS G 125 25.95 26.83 -18.33
CA HIS G 125 26.24 26.95 -16.88
C HIS G 125 25.44 28.08 -16.24
N PHE G 126 25.38 29.23 -16.89
CA PHE G 126 24.67 30.41 -16.34
C PHE G 126 25.01 30.53 -14.86
N THR G 127 24.00 30.52 -13.99
CA THR G 127 24.15 30.72 -12.52
C THR G 127 24.30 29.36 -11.82
N GLY G 128 23.95 28.27 -12.50
CA GLY G 128 24.10 26.89 -11.97
C GLY G 128 22.80 26.24 -11.53
N ASP G 129 21.65 26.90 -11.68
CA ASP G 129 20.32 26.38 -11.26
C ASP G 129 20.14 24.95 -11.77
N PHE G 130 20.42 24.71 -13.05
CA PHE G 130 20.21 23.40 -13.74
C PHE G 130 21.06 22.32 -13.08
N HIS G 131 22.22 22.71 -12.54
CA HIS G 131 23.18 21.80 -11.85
C HIS G 131 22.68 21.51 -10.43
N ALA G 132 22.11 22.55 -9.79
CA ALA G 132 21.42 22.48 -8.49
C ALA G 132 20.17 21.61 -8.67
N ILE G 133 19.51 21.67 -9.84
CA ILE G 133 18.33 20.82 -10.11
C ILE G 133 18.77 19.38 -10.42
N THR G 134 19.87 19.24 -11.17
CA THR G 134 20.56 17.96 -11.47
C THR G 134 20.98 17.29 -10.15
N SER G 135 21.68 18.01 -9.26
CA SER G 135 22.33 17.43 -8.05
C SER G 135 21.26 17.07 -7.01
N ALA G 136 20.20 17.87 -6.93
CA ALA G 136 18.99 17.61 -6.09
C ALA G 136 18.33 16.30 -6.54
N HIS G 137 17.94 16.19 -7.80
CA HIS G 137 17.29 14.97 -8.38
C HIS G 137 18.22 13.77 -8.19
N SER G 138 19.54 14.00 -8.35
CA SER G 138 20.60 12.96 -8.24
C SER G 138 20.65 12.47 -6.79
N LEU G 139 20.54 13.36 -5.82
CA LEU G 139 20.52 12.94 -4.39
C LEU G 139 19.31 12.04 -4.16
N ALA G 140 18.14 12.45 -4.67
CA ALA G 140 16.86 11.73 -4.51
C ALA G 140 17.07 10.25 -4.88
N ALA G 141 17.56 10.00 -6.10
CA ALA G 141 17.74 8.64 -6.67
C ALA G 141 18.73 7.84 -5.82
N ALA G 142 19.81 8.47 -5.41
CA ALA G 142 20.87 7.83 -4.59
C ALA G 142 20.24 7.31 -3.28
N LEU G 143 19.39 8.13 -2.63
CA LEU G 143 18.80 7.84 -1.30
C LEU G 143 17.79 6.70 -1.47
N ILE G 144 17.02 6.73 -2.55
CA ILE G 144 16.02 5.66 -2.86
C ILE G 144 16.75 4.31 -2.91
N ASP G 145 17.77 4.18 -3.76
CA ASP G 145 18.55 2.93 -3.91
C ASP G 145 19.22 2.61 -2.58
N ASN G 146 19.64 3.64 -1.80
CA ASN G 146 20.34 3.46 -0.50
C ASN G 146 19.38 2.81 0.49
N HIS G 147 18.11 3.23 0.46
CA HIS G 147 17.05 2.70 1.34
C HIS G 147 16.91 1.19 1.09
N ILE G 148 16.94 0.80 -0.18
CA ILE G 148 16.83 -0.63 -0.61
C ILE G 148 18.09 -1.39 -0.15
N TYR G 149 19.29 -0.83 -0.38
CA TYR G 149 20.59 -1.47 -0.01
C TYR G 149 20.59 -1.93 1.46
N TRP G 150 20.15 -1.10 2.43
CA TRP G 150 20.16 -1.48 3.87
C TRP G 150 18.96 -2.39 4.14
N ALA G 151 18.08 -2.14 5.08
CA ALA G 151 16.93 -3.05 5.32
C ALA G 151 15.93 -3.03 4.14
N ASN G 152 15.80 -1.92 3.42
CA ASN G 152 14.61 -1.64 2.56
C ASN G 152 13.37 -1.86 3.43
N GLU G 153 13.20 -0.98 4.43
CA GLU G 153 12.12 -1.05 5.46
C GLU G 153 10.80 -0.60 4.82
N LEU G 154 10.84 0.34 3.87
CA LEU G 154 9.64 0.83 3.12
C LEU G 154 9.04 -0.28 2.23
N ASN G 155 9.78 -1.36 1.95
CA ASN G 155 9.31 -2.51 1.13
C ASN G 155 9.14 -2.04 -0.32
N ILE G 156 10.06 -1.20 -0.82
CA ILE G 156 10.00 -0.59 -2.18
C ILE G 156 10.07 -1.72 -3.20
N ASP G 157 9.17 -1.71 -4.19
CA ASP G 157 9.23 -2.66 -5.33
C ASP G 157 10.17 -2.10 -6.40
N VAL G 158 11.24 -2.83 -6.59
CA VAL G 158 12.37 -2.53 -7.50
C VAL G 158 11.89 -2.55 -8.95
N ARG G 159 10.73 -3.15 -9.24
CA ARG G 159 10.08 -3.18 -10.59
C ARG G 159 9.01 -2.09 -10.74
N ARG G 160 8.83 -1.26 -9.70
CA ARG G 160 7.71 -0.29 -9.58
C ARG G 160 8.27 1.05 -9.09
N ILE G 161 9.44 1.45 -9.60
CA ILE G 161 10.07 2.78 -9.34
C ILE G 161 9.92 3.64 -10.60
N HIS G 162 9.27 4.82 -10.46
CA HIS G 162 8.89 5.77 -11.54
C HIS G 162 9.99 6.83 -11.67
N TRP G 163 10.64 7.13 -10.55
CA TRP G 163 11.83 7.99 -10.45
C TRP G 163 12.92 7.38 -11.31
N ARG G 164 13.32 8.13 -12.33
CA ARG G 164 14.51 7.88 -13.16
C ARG G 164 15.64 8.77 -12.65
N ARG G 165 16.80 8.68 -13.28
CA ARG G 165 17.94 9.54 -12.90
C ARG G 165 17.91 10.68 -13.92
N VAL G 166 18.83 11.66 -13.80
CA VAL G 166 18.91 12.79 -14.77
C VAL G 166 20.36 13.19 -14.99
N VAL G 167 20.58 13.84 -16.13
CA VAL G 167 21.87 14.49 -16.48
C VAL G 167 21.59 15.49 -17.61
N ASP G 168 22.30 16.62 -17.61
CA ASP G 168 22.17 17.61 -18.70
C ASP G 168 23.22 17.25 -19.74
N MET G 169 22.79 16.52 -20.75
CA MET G 169 23.63 15.89 -21.79
C MET G 169 22.69 15.06 -22.68
N ASN G 170 22.77 15.27 -23.99
CA ASN G 170 22.02 14.46 -25.00
C ASN G 170 22.75 13.13 -25.03
N ASP G 171 22.28 12.15 -24.27
CA ASP G 171 23.00 10.86 -24.09
C ASP G 171 22.01 9.71 -24.13
N ARG G 172 21.83 9.09 -25.29
CA ARG G 172 20.87 7.98 -25.47
C ARG G 172 21.25 6.79 -24.59
N ALA G 173 22.54 6.63 -24.23
CA ALA G 173 23.05 5.39 -23.59
C ALA G 173 22.39 5.12 -22.22
N LEU G 174 21.86 6.14 -21.52
CA LEU G 174 21.31 5.98 -20.16
C LEU G 174 19.79 6.05 -20.22
N ARG G 175 19.21 6.21 -21.41
CA ARG G 175 17.75 5.99 -21.66
C ARG G 175 17.29 4.71 -20.93
N ALA G 176 18.03 3.60 -21.04
CA ALA G 176 17.72 2.33 -20.33
C ALA G 176 19.03 1.72 -19.84
N ILE G 177 19.12 1.41 -18.54
CA ILE G 177 20.29 0.75 -17.91
C ILE G 177 19.78 -0.33 -16.93
N ASN G 178 20.61 -1.32 -16.63
CA ASN G 178 20.65 -2.10 -15.37
C ASN G 178 21.68 -1.42 -14.46
N GLN G 179 21.38 -1.28 -13.16
CA GLN G 179 22.24 -0.65 -12.13
C GLN G 179 22.18 -1.46 -10.83
N SER G 180 23.00 -1.11 -9.83
CA SER G 180 23.13 -1.87 -8.57
C SER G 180 23.61 -3.29 -8.93
N LEU G 181 24.56 -3.37 -9.87
CA LEU G 181 25.29 -4.60 -10.30
C LEU G 181 26.65 -4.68 -9.57
N GLY G 182 27.26 -5.87 -9.60
CA GLY G 182 28.66 -6.13 -9.23
C GLY G 182 28.81 -6.86 -7.90
N GLY G 183 27.72 -7.38 -7.33
CA GLY G 183 27.76 -8.15 -6.08
C GLY G 183 27.05 -7.47 -4.91
N VAL G 184 27.14 -8.11 -3.75
CA VAL G 184 26.38 -7.80 -2.52
C VAL G 184 26.51 -6.31 -2.15
N ALA G 185 27.75 -5.79 -2.04
CA ALA G 185 28.08 -4.46 -1.47
C ALA G 185 27.51 -3.32 -2.33
N ASN G 186 26.98 -3.58 -3.54
CA ASN G 186 26.48 -2.58 -4.53
C ASN G 186 24.96 -2.41 -4.44
N GLY G 187 24.28 -3.46 -3.99
CA GLY G 187 22.82 -3.43 -3.77
C GLY G 187 22.09 -4.42 -4.65
N PHE G 188 20.85 -4.08 -5.02
CA PHE G 188 19.83 -4.98 -5.58
C PHE G 188 19.53 -4.57 -7.01
N PRO G 189 19.99 -5.33 -8.02
CA PRO G 189 19.91 -4.91 -9.42
C PRO G 189 18.53 -4.41 -9.82
N ARG G 190 18.47 -3.42 -10.71
CA ARG G 190 17.23 -2.77 -11.21
C ARG G 190 17.40 -2.37 -12.67
N GLU G 191 16.30 -2.40 -13.44
CA GLU G 191 16.08 -1.53 -14.62
C GLU G 191 15.97 -0.09 -14.09
N ASP G 192 16.67 0.86 -14.70
CA ASP G 192 16.60 2.31 -14.36
C ASP G 192 16.75 3.03 -15.70
N GLY G 193 16.78 4.35 -15.66
CA GLY G 193 17.04 5.20 -16.84
C GLY G 193 17.44 6.60 -16.43
N PHE G 194 17.84 7.40 -17.41
CA PHE G 194 18.05 8.84 -17.26
C PHE G 194 17.12 9.56 -18.24
N ASP G 195 16.58 10.68 -17.80
CA ASP G 195 16.03 11.74 -18.68
C ASP G 195 17.00 12.93 -18.59
N ILE G 196 16.87 13.88 -19.52
CA ILE G 196 17.55 15.20 -19.42
C ILE G 196 16.92 15.93 -18.24
N THR G 197 17.71 16.71 -17.47
CA THR G 197 17.33 17.29 -16.14
C THR G 197 16.10 18.17 -16.31
N VAL G 198 15.98 18.82 -17.45
CA VAL G 198 14.86 19.75 -17.76
C VAL G 198 13.54 18.97 -17.62
N ALA G 199 13.49 17.72 -18.08
CA ALA G 199 12.29 16.85 -17.99
C ALA G 199 11.97 16.39 -16.56
N SER G 200 12.91 16.44 -15.61
CA SER G 200 12.65 16.11 -14.19
C SER G 200 11.44 16.89 -13.66
N GLU G 201 10.89 16.44 -12.53
CA GLU G 201 9.78 17.11 -11.80
C GLU G 201 10.37 18.19 -10.88
N VAL G 202 11.56 17.96 -10.32
CA VAL G 202 12.22 18.97 -9.44
C VAL G 202 12.18 20.29 -10.19
N MET G 203 12.43 20.26 -11.50
CA MET G 203 12.37 21.43 -12.43
C MET G 203 10.94 22.01 -12.49
N ALA G 204 9.94 21.20 -12.84
CA ALA G 204 8.54 21.66 -12.99
C ALA G 204 8.08 22.28 -11.67
N VAL G 205 8.50 21.68 -10.55
CA VAL G 205 8.16 22.06 -9.15
C VAL G 205 8.74 23.45 -8.86
N PHE G 206 10.07 23.56 -9.01
CA PHE G 206 10.91 24.77 -8.85
C PHE G 206 10.32 25.92 -9.65
N CYS G 207 9.78 25.60 -10.83
CA CYS G 207 9.12 26.56 -11.75
C CYS G 207 7.72 27.00 -11.26
N LEU G 208 7.09 26.26 -10.33
CA LEU G 208 5.73 26.59 -9.83
C LEU G 208 5.77 26.86 -8.31
N ALA G 209 6.94 26.69 -7.69
CA ALA G 209 7.20 27.03 -6.28
C ALA G 209 6.94 28.53 -6.06
N LYS G 210 6.23 28.86 -4.97
CA LYS G 210 5.97 30.24 -4.44
C LYS G 210 7.13 30.67 -3.52
N ASN G 211 7.72 29.75 -2.77
CA ASN G 211 8.85 30.05 -1.85
C ASN G 211 9.38 28.73 -1.26
N LEU G 212 10.58 28.77 -0.67
CA LEU G 212 11.36 27.62 -0.17
C LEU G 212 10.45 26.61 0.57
N ALA G 213 9.72 27.08 1.58
CA ALA G 213 8.71 26.31 2.33
C ALA G 213 7.86 25.50 1.33
N ASP G 214 7.18 26.21 0.43
CA ASP G 214 6.34 25.64 -0.65
C ASP G 214 7.19 24.68 -1.50
N LEU G 215 8.45 24.99 -1.80
CA LEU G 215 9.30 24.12 -2.66
C LEU G 215 9.36 22.74 -2.03
N GLU G 216 9.84 22.68 -0.79
CA GLU G 216 10.01 21.43 -0.02
C GLU G 216 8.66 20.72 0.10
N GLU G 217 7.57 21.45 0.35
CA GLU G 217 6.22 20.88 0.55
C GLU G 217 5.79 20.17 -0.74
N ARG G 218 6.23 20.69 -1.89
CA ARG G 218 5.93 20.11 -3.23
C ARG G 218 6.84 18.91 -3.44
N LEU G 219 8.14 19.07 -3.27
CA LEU G 219 9.08 17.93 -3.43
C LEU G 219 8.51 16.71 -2.71
N GLY G 220 8.09 16.92 -1.45
CA GLY G 220 7.58 15.91 -0.49
C GLY G 220 6.45 15.07 -1.03
N ARG G 221 5.57 15.64 -1.86
CA ARG G 221 4.37 15.01 -2.45
C ARG G 221 4.72 14.12 -3.65
N ILE G 222 5.95 14.14 -4.15
CA ILE G 222 6.31 13.39 -5.40
C ILE G 222 6.29 11.90 -5.09
N VAL G 223 5.52 11.16 -5.88
CA VAL G 223 5.36 9.68 -5.76
C VAL G 223 6.54 9.07 -6.53
N ILE G 224 7.43 8.37 -5.85
CA ILE G 224 8.72 7.94 -6.45
C ILE G 224 8.67 6.46 -6.79
N ALA G 225 7.81 5.68 -6.12
CA ALA G 225 7.65 4.24 -6.37
C ALA G 225 6.34 3.75 -5.76
N GLU G 226 6.00 2.47 -5.98
CA GLU G 226 5.01 1.71 -5.18
C GLU G 226 5.76 0.62 -4.39
N THR G 227 5.18 0.11 -3.30
CA THR G 227 5.68 -1.05 -2.55
C THR G 227 5.24 -2.32 -3.28
N ARG G 228 5.78 -3.47 -2.87
CA ARG G 228 5.36 -4.80 -3.40
C ARG G 228 3.86 -4.97 -3.21
N ASP G 229 3.21 -4.18 -2.34
CA ASP G 229 1.74 -4.25 -2.08
C ASP G 229 1.05 -2.96 -2.53
N ARG G 230 1.49 -2.37 -3.64
CA ARG G 230 0.80 -1.30 -4.41
C ARG G 230 0.48 -0.10 -3.50
N LYS G 231 1.33 0.21 -2.54
CA LYS G 231 1.18 1.42 -1.73
C LYS G 231 2.21 2.43 -2.22
N PRO G 232 1.89 3.74 -2.28
CA PRO G 232 2.82 4.73 -2.83
C PRO G 232 3.94 5.07 -1.85
N VAL G 233 5.12 5.38 -2.40
CA VAL G 233 6.28 5.93 -1.64
C VAL G 233 6.57 7.32 -2.20
N THR G 234 6.99 8.24 -1.35
CA THR G 234 7.32 9.63 -1.77
C THR G 234 8.77 9.99 -1.46
N LEU G 235 9.19 11.19 -1.87
CA LEU G 235 10.47 11.82 -1.45
C LEU G 235 10.45 12.08 0.06
N ALA G 236 9.27 12.25 0.67
CA ALA G 236 9.11 12.37 2.13
C ALA G 236 9.47 11.05 2.81
N ASP G 237 9.00 9.93 2.27
CA ASP G 237 9.22 8.58 2.88
C ASP G 237 10.72 8.32 2.97
N VAL G 238 11.48 8.87 2.04
CA VAL G 238 12.92 8.56 1.86
C VAL G 238 13.75 9.77 2.32
N LYS G 239 13.10 10.80 2.84
CA LYS G 239 13.70 11.85 3.72
C LYS G 239 14.76 12.63 2.98
N ALA G 240 14.47 12.96 1.72
CA ALA G 240 15.35 13.71 0.79
C ALA G 240 14.85 15.14 0.68
N THR G 241 13.54 15.26 0.73
CA THR G 241 12.79 16.49 0.43
C THR G 241 13.55 17.66 1.04
N GLY G 242 14.03 17.54 2.29
CA GLY G 242 14.69 18.64 3.03
C GLY G 242 16.05 19.02 2.44
N ALA G 243 16.86 18.04 2.06
CA ALA G 243 18.27 18.24 1.63
C ALA G 243 18.30 18.73 0.19
N MET G 244 17.29 18.36 -0.61
CA MET G 244 17.05 18.89 -1.98
C MET G 244 16.87 20.41 -1.89
N THR G 245 15.94 20.88 -1.05
CA THR G 245 15.65 22.32 -0.84
C THR G 245 16.92 23.10 -0.46
N VAL G 246 17.78 22.56 0.39
CA VAL G 246 19.11 23.16 0.73
C VAL G 246 19.91 23.37 -0.58
N LEU G 247 20.00 22.34 -1.42
CA LEU G 247 20.76 22.33 -2.71
C LEU G 247 20.16 23.31 -3.73
N LEU G 248 18.91 23.73 -3.54
CA LEU G 248 18.18 24.56 -4.52
C LEU G 248 17.98 25.96 -3.97
N LYS G 249 18.36 26.18 -2.69
CA LYS G 249 18.20 27.48 -1.97
C LYS G 249 18.57 28.58 -2.95
N ASP G 250 19.85 28.66 -3.34
CA ASP G 250 20.40 29.79 -4.14
C ASP G 250 19.84 29.76 -5.56
N ALA G 251 19.49 28.57 -6.09
CA ALA G 251 18.87 28.37 -7.42
C ALA G 251 17.51 29.06 -7.56
N LEU G 252 16.73 29.13 -6.47
CA LEU G 252 15.36 29.72 -6.46
C LEU G 252 15.40 31.25 -6.54
N GLN G 253 16.54 31.87 -6.20
CA GLN G 253 16.81 33.32 -6.41
C GLN G 253 16.74 33.56 -7.93
N PRO G 254 15.80 34.39 -8.44
CA PRO G 254 15.69 34.64 -9.90
C PRO G 254 16.84 35.44 -10.56
N ASN G 255 17.18 35.11 -11.81
CA ASN G 255 18.37 35.67 -12.52
C ASN G 255 17.99 36.93 -13.31
N LEU G 256 18.73 38.01 -13.04
CA LEU G 256 18.52 39.38 -13.61
C LEU G 256 19.67 39.70 -14.56
N VAL G 257 19.35 39.74 -15.85
CA VAL G 257 20.23 40.08 -17.02
C VAL G 257 19.51 41.20 -17.79
N GLN G 258 20.00 41.58 -18.99
CA GLN G 258 19.43 42.70 -19.77
C GLN G 258 19.30 42.34 -21.25
N THR G 259 18.55 43.16 -21.99
CA THR G 259 18.41 43.11 -23.47
C THR G 259 19.54 43.89 -24.13
N LEU G 260 19.56 43.93 -25.47
CA LEU G 260 20.54 44.73 -26.25
C LEU G 260 20.30 46.23 -26.03
N GLU G 261 19.05 46.66 -25.84
CA GLU G 261 18.69 48.10 -25.61
C GLU G 261 18.86 48.43 -24.12
N GLY G 262 19.06 47.43 -23.25
CA GLY G 262 19.43 47.59 -21.83
C GLY G 262 18.24 47.49 -20.88
N ASN G 263 17.10 46.99 -21.35
CA ASN G 263 15.85 46.82 -20.54
C ASN G 263 16.00 45.61 -19.63
N PRO G 264 15.25 45.54 -18.50
CA PRO G 264 15.38 44.43 -17.55
C PRO G 264 14.83 43.09 -18.07
N ALA G 265 15.62 42.02 -17.95
CA ALA G 265 15.25 40.64 -18.33
C ALA G 265 15.45 39.69 -17.13
N LEU G 266 14.49 38.79 -16.93
CA LEU G 266 14.55 37.76 -15.87
C LEU G 266 14.59 36.39 -16.55
N ILE G 267 15.57 35.56 -16.17
CA ILE G 267 15.75 34.17 -16.70
C ILE G 267 15.84 33.23 -15.51
N HIS G 268 14.79 32.44 -15.31
CA HIS G 268 14.65 31.53 -14.15
C HIS G 268 13.90 30.28 -14.58
N GLY G 269 14.65 29.17 -14.67
CA GLY G 269 14.10 27.83 -14.90
C GLY G 269 13.63 27.65 -16.32
N GLY G 270 12.81 26.64 -16.55
CA GLY G 270 12.37 26.25 -17.90
C GLY G 270 12.27 24.74 -17.96
N PRO G 271 11.07 24.15 -17.83
CA PRO G 271 10.88 22.73 -17.94
C PRO G 271 10.45 22.38 -19.37
N PHE G 272 9.92 21.18 -19.58
CA PHE G 272 9.28 20.71 -20.84
C PHE G 272 7.91 21.36 -21.01
N ALA G 273 7.28 21.20 -22.17
CA ALA G 273 5.97 21.78 -22.55
C ALA G 273 5.02 20.72 -23.15
N ASN G 274 5.36 19.43 -22.98
CA ASN G 274 4.49 18.26 -23.28
C ASN G 274 4.23 17.50 -21.98
N ILE G 275 5.27 17.14 -21.23
CA ILE G 275 5.15 16.54 -19.87
C ILE G 275 5.28 17.62 -18.78
N ALA G 276 5.14 18.92 -19.15
CA ALA G 276 5.15 20.07 -18.22
C ALA G 276 4.54 21.29 -18.93
N HIS G 277 4.53 22.43 -18.25
CA HIS G 277 3.61 23.56 -18.57
C HIS G 277 4.32 24.55 -19.49
N GLY G 278 5.64 24.40 -19.65
CA GLY G 278 6.46 25.19 -20.60
C GLY G 278 6.59 26.67 -20.22
N CYS G 279 6.70 27.01 -18.93
CA CYS G 279 6.78 28.42 -18.45
C CYS G 279 7.99 28.63 -17.56
N ASN G 280 8.46 29.89 -17.47
CA ASN G 280 9.55 30.27 -16.53
C ASN G 280 8.98 30.18 -15.12
N SER G 281 9.87 30.34 -14.13
CA SER G 281 9.54 30.25 -12.68
C SER G 281 8.43 31.24 -12.35
N VAL G 282 7.52 30.83 -11.45
CA VAL G 282 6.45 31.68 -10.86
C VAL G 282 7.11 32.83 -10.05
N ILE G 283 8.28 32.59 -9.48
CA ILE G 283 9.08 33.64 -8.79
C ILE G 283 9.33 34.78 -9.79
N ALA G 284 9.90 34.48 -10.97
CA ALA G 284 10.20 35.45 -12.05
C ALA G 284 8.97 36.30 -12.43
N THR G 285 7.96 35.68 -13.04
CA THR G 285 6.73 36.33 -13.56
C THR G 285 6.09 37.23 -12.50
N ARG G 286 6.18 36.83 -11.22
CA ARG G 286 5.59 37.58 -10.08
C ARG G 286 6.54 38.70 -9.65
N THR G 287 7.82 38.41 -9.40
CA THR G 287 8.85 39.42 -9.01
C THR G 287 8.89 40.55 -10.03
N GLY G 288 8.68 40.23 -11.30
CA GLY G 288 8.54 41.21 -12.39
C GLY G 288 7.27 42.01 -12.22
N LEU G 289 6.14 41.32 -12.09
CA LEU G 289 4.80 41.97 -12.03
C LEU G 289 4.76 42.98 -10.88
N ARG G 290 5.63 42.82 -9.87
CA ARG G 290 5.68 43.67 -8.66
C ARG G 290 7.00 44.49 -8.64
N LEU G 291 7.60 44.69 -9.83
CA LEU G 291 8.80 45.56 -10.04
C LEU G 291 8.76 46.18 -11.45
N ALA G 292 7.57 46.45 -12.01
CA ALA G 292 7.41 46.91 -13.41
C ALA G 292 5.98 47.30 -13.72
N ASP G 293 5.84 48.13 -14.76
CA ASP G 293 4.53 48.58 -15.30
C ASP G 293 3.93 47.41 -16.08
N TYR G 294 4.71 46.83 -16.99
CA TYR G 294 4.30 45.68 -17.83
C TYR G 294 5.38 44.59 -17.75
N THR G 295 4.95 43.33 -17.57
CA THR G 295 5.86 42.15 -17.57
C THR G 295 5.42 41.20 -18.67
N VAL G 296 6.40 40.72 -19.44
CA VAL G 296 6.20 39.85 -20.63
C VAL G 296 6.94 38.52 -20.38
N THR G 297 6.20 37.42 -20.52
CA THR G 297 6.61 36.02 -20.26
C THR G 297 6.18 35.20 -21.48
N GLU G 298 6.74 34.00 -21.59
CA GLU G 298 6.56 33.08 -22.73
C GLU G 298 5.96 31.76 -22.28
N ALA G 299 5.38 31.01 -23.22
CA ALA G 299 4.93 29.61 -23.06
C ALA G 299 5.21 28.83 -24.35
N GLY G 300 6.00 27.75 -24.26
CA GLY G 300 6.52 26.98 -25.40
C GLY G 300 5.42 26.26 -26.19
N PHE G 301 5.70 25.94 -27.46
CA PHE G 301 4.91 25.05 -28.37
C PHE G 301 3.64 25.71 -28.91
N GLY G 302 3.35 26.97 -28.62
CA GLY G 302 2.16 27.62 -29.19
C GLY G 302 0.95 27.49 -28.28
N ALA G 303 -0.23 27.89 -28.77
CA ALA G 303 -1.35 28.43 -27.95
C ALA G 303 -2.35 27.34 -27.57
N ASP G 304 -2.18 26.15 -28.14
CA ASP G 304 -2.99 24.94 -27.86
C ASP G 304 -2.37 24.15 -26.69
N LEU G 305 -1.17 24.54 -26.21
CA LEU G 305 -0.35 23.75 -25.26
C LEU G 305 0.33 24.64 -24.23
N GLY G 306 1.19 25.56 -24.67
CA GLY G 306 1.88 26.53 -23.78
C GLY G 306 0.90 27.48 -23.13
N ALA G 307 -0.04 28.04 -23.90
CA ALA G 307 -1.02 29.01 -23.41
C ALA G 307 -2.00 28.31 -22.47
N GLU G 308 -2.61 27.20 -22.92
CA GLU G 308 -3.51 26.36 -22.08
C GLU G 308 -2.79 26.11 -20.76
N LYS G 309 -1.55 25.65 -20.83
CA LYS G 309 -0.81 25.25 -19.62
C LYS G 309 -0.55 26.51 -18.77
N PHE G 310 -0.09 27.61 -19.39
CA PHE G 310 0.20 28.91 -18.71
C PHE G 310 -1.05 29.34 -17.92
N ILE G 311 -2.20 29.28 -18.59
CA ILE G 311 -3.53 29.62 -17.99
C ILE G 311 -3.94 28.50 -17.00
N ASP G 312 -4.34 27.32 -17.50
CA ASP G 312 -5.05 26.26 -16.75
C ASP G 312 -4.23 25.72 -15.59
N ILE G 313 -2.90 25.78 -15.66
CA ILE G 313 -2.03 25.25 -14.58
C ILE G 313 -1.43 26.43 -13.85
N LYS G 314 -0.49 27.15 -14.47
CA LYS G 314 0.35 28.18 -13.79
C LYS G 314 -0.54 29.27 -13.18
N CYS G 315 -1.40 29.90 -13.99
CA CYS G 315 -2.22 31.06 -13.55
C CYS G 315 -3.12 30.63 -12.40
N ARG G 316 -3.72 29.44 -12.51
CA ARG G 316 -4.80 29.00 -11.60
C ARG G 316 -4.18 28.73 -10.23
N GLN G 317 -2.99 28.13 -10.19
CA GLN G 317 -2.24 27.77 -8.95
C GLN G 317 -1.78 29.03 -8.19
N THR G 318 -1.57 30.15 -8.92
CA THR G 318 -0.89 31.40 -8.45
C THR G 318 -1.90 32.54 -8.22
N GLY G 319 -3.02 32.54 -8.95
CA GLY G 319 -4.02 33.63 -8.96
C GLY G 319 -3.89 34.54 -10.17
N LEU G 320 -2.71 34.56 -10.82
CA LEU G 320 -2.33 35.55 -11.86
C LEU G 320 -3.26 35.45 -13.07
N LYS G 321 -3.38 36.54 -13.81
CA LYS G 321 -4.21 36.67 -15.03
C LYS G 321 -3.48 37.60 -15.98
N PRO G 322 -3.11 37.15 -17.20
CA PRO G 322 -2.51 38.05 -18.18
C PRO G 322 -3.54 39.10 -18.62
N SER G 323 -3.08 40.34 -18.86
CA SER G 323 -3.86 41.55 -19.24
C SER G 323 -4.26 41.49 -20.72
N SER G 324 -3.32 41.06 -21.56
CA SER G 324 -3.44 40.94 -23.03
C SER G 324 -2.58 39.76 -23.51
N VAL G 325 -2.96 39.13 -24.61
CA VAL G 325 -2.21 38.01 -25.25
C VAL G 325 -1.72 38.49 -26.60
N VAL G 326 -0.47 38.14 -26.95
CA VAL G 326 0.10 38.28 -28.32
C VAL G 326 0.19 36.88 -28.93
N ILE G 327 -0.46 36.64 -30.06
CA ILE G 327 -0.26 35.38 -30.86
C ILE G 327 0.69 35.70 -32.01
N VAL G 328 1.82 34.98 -32.10
CA VAL G 328 2.86 35.19 -33.14
C VAL G 328 2.52 34.31 -34.35
N ALA G 329 2.61 34.90 -35.55
CA ALA G 329 2.53 34.23 -36.86
C ALA G 329 3.68 34.66 -37.76
N THR G 330 3.94 33.87 -38.80
CA THR G 330 4.80 34.19 -39.94
C THR G 330 4.11 33.59 -41.14
N ILE G 331 4.28 34.20 -42.32
CA ILE G 331 3.59 33.77 -43.57
C ILE G 331 4.07 32.36 -43.90
N ARG G 332 5.31 32.06 -43.52
CA ARG G 332 5.97 30.75 -43.77
C ARG G 332 5.08 29.68 -43.13
N ALA G 333 4.79 29.84 -41.83
CA ALA G 333 4.06 28.85 -40.99
C ALA G 333 2.67 28.63 -41.61
N LEU G 334 2.02 29.74 -41.91
CA LEU G 334 0.63 29.77 -42.40
C LEU G 334 0.60 29.09 -43.76
N LYS G 335 1.63 29.30 -44.58
CA LYS G 335 1.71 28.60 -45.88
C LYS G 335 1.97 27.12 -45.59
N MET G 336 2.89 26.81 -44.66
CA MET G 336 3.19 25.41 -44.22
C MET G 336 1.88 24.70 -43.87
N HIS G 337 0.96 25.39 -43.16
CA HIS G 337 -0.36 24.87 -42.70
C HIS G 337 -1.42 24.88 -43.82
N GLY G 338 -1.06 25.31 -45.03
CA GLY G 338 -1.93 25.28 -46.22
C GLY G 338 -1.67 24.04 -47.04
N GLY G 339 -0.63 23.26 -46.70
CA GLY G 339 -0.18 22.04 -47.43
C GLY G 339 1.09 22.29 -48.26
N VAL G 340 1.40 23.54 -48.57
CA VAL G 340 2.67 23.95 -49.24
C VAL G 340 3.82 23.24 -48.54
N ASN G 341 4.57 22.43 -49.30
CA ASN G 341 5.64 21.54 -48.76
C ASN G 341 6.75 22.41 -48.16
N LYS G 342 7.56 21.82 -47.28
CA LYS G 342 8.50 22.51 -46.35
C LYS G 342 9.41 23.50 -47.08
N LYS G 343 9.75 23.24 -48.35
CA LYS G 343 10.90 23.89 -49.07
C LYS G 343 10.45 25.05 -49.96
N ASP G 344 9.13 25.19 -50.23
CA ASP G 344 8.53 26.20 -51.15
C ASP G 344 7.96 27.39 -50.35
N LEU G 345 8.50 27.68 -49.16
CA LEU G 345 8.00 28.73 -48.24
C LEU G 345 8.82 30.02 -48.46
N GLN G 346 9.58 30.05 -49.55
CA GLN G 346 10.15 31.27 -50.15
C GLN G 346 9.27 31.67 -51.34
N ALA G 347 8.76 30.69 -52.10
CA ALA G 347 7.73 30.87 -53.15
C ALA G 347 6.53 31.63 -52.54
N GLU G 348 6.05 32.63 -53.25
CA GLU G 348 4.79 33.35 -52.88
C GLU G 348 3.63 32.39 -53.13
N ASN G 349 2.71 32.26 -52.16
CA ASN G 349 1.45 31.52 -52.37
C ASN G 349 0.32 32.17 -51.58
N LEU G 350 -0.47 33.01 -52.25
CA LEU G 350 -1.66 33.71 -51.70
C LEU G 350 -2.77 32.70 -51.35
N ASP G 351 -3.15 31.83 -52.28
CA ASP G 351 -4.29 30.88 -52.11
C ASP G 351 -3.98 29.86 -51.01
N ALA G 352 -2.74 29.76 -50.54
CA ALA G 352 -2.31 28.78 -49.52
C ALA G 352 -2.24 29.46 -48.15
N LEU G 353 -1.80 30.71 -48.09
CA LEU G 353 -1.92 31.55 -46.86
C LEU G 353 -3.38 31.53 -46.35
N GLU G 354 -4.36 31.61 -47.26
CA GLU G 354 -5.81 31.55 -46.92
C GLU G 354 -6.14 30.18 -46.28
N LYS G 355 -5.68 29.09 -46.92
CA LYS G 355 -5.92 27.67 -46.51
C LYS G 355 -5.47 27.48 -45.04
N GLY G 356 -4.22 27.84 -44.73
CA GLY G 356 -3.52 27.50 -43.46
C GLY G 356 -3.71 28.53 -42.37
N PHE G 357 -4.16 29.74 -42.73
CA PHE G 357 -4.68 30.77 -41.78
C PHE G 357 -5.72 30.12 -40.87
N ALA G 358 -6.40 29.10 -41.39
CA ALA G 358 -7.37 28.22 -40.67
C ALA G 358 -6.79 27.86 -39.30
N ASN G 359 -5.48 27.57 -39.25
CA ASN G 359 -4.74 27.32 -37.99
C ASN G 359 -4.84 28.56 -37.09
N LEU G 360 -4.41 29.73 -37.58
CA LEU G 360 -4.41 31.00 -36.79
C LEU G 360 -5.83 31.32 -36.30
N GLU G 361 -6.85 30.92 -37.08
CA GLU G 361 -8.28 31.08 -36.69
C GLU G 361 -8.57 30.37 -35.35
N ARG G 362 -8.37 29.04 -35.26
CA ARG G 362 -8.58 28.25 -34.01
C ARG G 362 -7.93 28.94 -32.82
N HIS G 363 -6.62 29.19 -32.94
CA HIS G 363 -5.77 29.77 -31.87
C HIS G 363 -6.43 31.03 -31.33
N VAL G 364 -6.79 31.97 -32.21
CA VAL G 364 -7.30 33.31 -31.78
C VAL G 364 -8.62 33.09 -31.02
N ASN G 365 -9.47 32.22 -31.54
CA ASN G 365 -10.78 31.89 -30.93
C ASN G 365 -10.54 31.14 -29.63
N ASN G 366 -9.70 30.11 -29.62
CA ASN G 366 -9.25 29.40 -28.38
C ASN G 366 -8.86 30.42 -27.31
N VAL G 367 -7.90 31.29 -27.58
CA VAL G 367 -7.40 32.28 -26.58
C VAL G 367 -8.53 33.27 -26.26
N ARG G 368 -9.40 33.59 -27.23
CA ARG G 368 -10.59 34.46 -27.03
C ARG G 368 -11.78 33.67 -26.45
N SER G 369 -11.56 32.52 -25.81
CA SER G 369 -12.59 31.74 -25.08
C SER G 369 -12.24 31.72 -23.59
N PHE G 370 -11.08 32.27 -23.22
CA PHE G 370 -10.67 32.54 -21.82
C PHE G 370 -10.92 34.02 -21.51
N GLY G 371 -11.67 34.73 -22.38
CA GLY G 371 -11.97 36.15 -22.19
C GLY G 371 -10.70 36.96 -21.95
N LEU G 372 -9.73 36.80 -22.86
CA LEU G 372 -8.45 37.55 -22.87
C LEU G 372 -8.36 38.35 -24.15
N PRO G 373 -7.84 39.59 -24.12
CA PRO G 373 -7.58 40.37 -25.33
C PRO G 373 -6.47 39.74 -26.18
N VAL G 374 -6.69 39.60 -27.50
CA VAL G 374 -5.74 38.95 -28.46
C VAL G 374 -5.21 39.97 -29.48
N VAL G 375 -3.87 40.04 -29.63
CA VAL G 375 -3.15 40.71 -30.76
C VAL G 375 -2.37 39.67 -31.52
N VAL G 376 -2.33 39.76 -32.86
CA VAL G 376 -1.48 38.92 -33.76
C VAL G 376 -0.23 39.72 -34.09
N GLY G 377 0.96 39.12 -33.94
CA GLY G 377 2.27 39.78 -34.11
C GLY G 377 3.10 39.11 -35.19
N VAL G 378 2.96 39.57 -36.43
CA VAL G 378 3.44 38.82 -37.62
C VAL G 378 4.92 39.13 -37.79
N ASN G 379 5.81 38.13 -37.70
CA ASN G 379 7.29 38.29 -37.81
C ASN G 379 7.67 38.18 -39.28
N HIS G 380 8.56 39.08 -39.73
CA HIS G 380 8.80 39.47 -41.14
C HIS G 380 10.08 38.80 -41.66
N PHE G 381 9.97 37.93 -42.65
CA PHE G 381 11.11 37.44 -43.47
C PHE G 381 11.20 38.29 -44.75
N PHE G 382 12.41 38.50 -45.30
CA PHE G 382 12.60 39.18 -46.62
C PHE G 382 11.66 38.54 -47.64
N GLN G 383 11.62 37.20 -47.67
CA GLN G 383 10.90 36.41 -48.70
C GLN G 383 9.39 36.66 -48.59
N ASP G 384 8.91 37.28 -47.49
CA ASP G 384 7.49 37.70 -47.28
C ASP G 384 7.13 38.81 -48.28
N THR G 385 6.21 38.53 -49.22
CA THR G 385 5.71 39.55 -50.18
C THR G 385 4.71 40.45 -49.47
N ASP G 386 4.58 41.71 -49.90
CA ASP G 386 3.64 42.72 -49.34
C ASP G 386 2.21 42.24 -49.65
N ALA G 387 1.98 41.67 -50.85
CA ALA G 387 0.66 41.16 -51.30
C ALA G 387 0.21 39.98 -50.42
N GLU G 388 1.16 39.26 -49.80
CA GLU G 388 0.91 38.17 -48.80
C GLU G 388 0.59 38.78 -47.42
N HIS G 389 1.41 39.72 -46.94
CA HIS G 389 1.17 40.47 -45.70
C HIS G 389 -0.19 41.15 -45.77
N ALA G 390 -0.54 41.75 -46.91
CA ALA G 390 -1.88 42.32 -47.18
C ALA G 390 -2.94 41.23 -46.87
N ARG G 391 -2.99 40.14 -47.65
CA ARG G 391 -4.08 39.11 -47.57
C ARG G 391 -4.33 38.72 -46.11
N LEU G 392 -3.29 38.67 -45.26
CA LEU G 392 -3.40 38.21 -43.85
C LEU G 392 -4.06 39.29 -43.00
N LYS G 393 -3.69 40.55 -43.21
CA LYS G 393 -4.24 41.71 -42.46
C LYS G 393 -5.73 41.85 -42.82
N GLU G 394 -6.08 41.54 -44.07
CA GLU G 394 -7.46 41.56 -44.63
C GLU G 394 -8.28 40.42 -44.01
N LEU G 395 -7.66 39.26 -43.82
CA LEU G 395 -8.28 38.02 -43.26
C LEU G 395 -8.52 38.21 -41.76
N CYS G 396 -7.52 38.75 -41.05
CA CYS G 396 -7.54 38.87 -39.56
C CYS G 396 -8.66 39.80 -39.07
N ARG G 397 -9.13 40.74 -39.90
CA ARG G 397 -10.13 41.73 -39.46
C ARG G 397 -11.51 41.38 -40.05
N ASP G 398 -11.55 40.82 -41.27
CA ASP G 398 -12.81 40.41 -41.96
C ASP G 398 -13.28 39.03 -41.45
N ARG G 399 -12.39 38.19 -40.93
CA ARG G 399 -12.75 36.82 -40.50
C ARG G 399 -12.77 36.71 -38.97
N LEU G 400 -12.02 37.57 -38.26
CA LEU G 400 -11.84 37.46 -36.79
C LEU G 400 -11.97 38.81 -36.07
N GLN G 401 -11.87 39.94 -36.77
CA GLN G 401 -11.96 41.31 -36.15
C GLN G 401 -10.81 41.43 -35.13
N VAL G 402 -9.62 40.95 -35.52
CA VAL G 402 -8.34 41.02 -34.75
C VAL G 402 -7.40 41.99 -35.48
N GLU G 403 -6.51 42.65 -34.73
CA GLU G 403 -5.49 43.57 -35.28
C GLU G 403 -4.17 42.81 -35.44
N ALA G 404 -3.88 42.33 -36.66
CA ALA G 404 -2.60 41.64 -37.03
C ALA G 404 -1.55 42.67 -37.45
N ILE G 405 -0.55 42.93 -36.60
CA ILE G 405 0.53 43.94 -36.82
C ILE G 405 1.78 43.25 -37.37
N THR G 406 2.60 43.99 -38.13
CA THR G 406 3.91 43.53 -38.67
C THR G 406 5.01 43.92 -37.69
N CYS G 407 6.00 43.04 -37.50
CA CYS G 407 7.07 43.14 -36.47
C CYS G 407 8.46 42.95 -37.13
N LYS G 408 9.31 43.96 -36.94
CA LYS G 408 10.65 44.11 -37.54
C LYS G 408 11.64 44.33 -36.39
N HIS G 409 11.27 43.94 -35.17
CA HIS G 409 12.16 44.02 -33.98
C HIS G 409 13.43 43.24 -34.30
N TRP G 410 13.28 42.16 -35.06
CA TRP G 410 14.41 41.30 -35.51
C TRP G 410 15.41 42.17 -36.27
N ALA G 411 14.93 42.91 -37.27
CA ALA G 411 15.75 43.78 -38.14
C ALA G 411 16.20 45.05 -37.41
N GLU G 412 15.41 45.58 -36.47
CA GLU G 412 15.48 47.01 -36.04
C GLU G 412 15.51 47.25 -34.51
N GLY G 413 15.41 46.22 -33.65
CA GLY G 413 15.21 46.43 -32.19
C GLY G 413 13.90 47.16 -31.90
N GLY G 414 13.83 47.89 -30.78
CA GLY G 414 12.58 48.43 -30.20
C GLY G 414 11.55 48.92 -31.23
N ALA G 415 12.01 49.53 -32.32
CA ALA G 415 11.20 50.38 -33.23
C ALA G 415 10.35 49.50 -34.13
N GLY G 416 10.80 48.27 -34.39
CA GLY G 416 10.18 47.33 -35.36
C GLY G 416 8.95 46.64 -34.80
N ALA G 417 8.75 46.75 -33.46
CA ALA G 417 7.64 46.17 -32.68
C ALA G 417 6.94 47.25 -31.85
N GLU G 418 7.12 48.53 -32.21
CA GLU G 418 6.39 49.67 -31.59
C GLU G 418 4.90 49.52 -31.92
N ALA G 419 4.58 49.41 -33.21
CA ALA G 419 3.20 49.26 -33.71
C ALA G 419 2.47 48.24 -32.84
N LEU G 420 3.12 47.11 -32.52
CA LEU G 420 2.56 46.05 -31.61
C LEU G 420 2.53 46.55 -30.17
N ALA G 421 3.63 47.13 -29.68
CA ALA G 421 3.73 47.62 -28.28
C ALA G 421 2.45 48.40 -27.93
N GLN G 422 1.98 49.26 -28.83
CA GLN G 422 0.83 50.16 -28.56
C GLN G 422 -0.43 49.30 -28.48
N ALA G 423 -0.75 48.59 -29.57
CA ALA G 423 -1.91 47.67 -29.66
C ALA G 423 -2.09 46.96 -28.32
N VAL G 424 -0.99 46.40 -27.78
CA VAL G 424 -0.89 45.66 -26.49
C VAL G 424 -1.46 46.51 -25.35
N VAL G 425 -1.01 47.76 -25.22
CA VAL G 425 -1.32 48.67 -24.06
C VAL G 425 -2.80 49.08 -24.12
N LYS G 426 -3.26 49.58 -25.27
CA LYS G 426 -4.70 49.76 -25.56
C LYS G 426 -5.47 48.59 -24.90
N LEU G 427 -5.17 47.35 -25.30
CA LEU G 427 -5.82 46.10 -24.80
C LEU G 427 -5.65 45.99 -23.26
N ALA G 428 -4.45 46.25 -22.74
CA ALA G 428 -4.09 46.13 -21.31
C ALA G 428 -4.72 47.26 -20.48
N GLU G 429 -5.55 48.13 -21.06
CA GLU G 429 -6.26 49.22 -20.33
C GLU G 429 -7.76 49.22 -20.65
N GLY G 430 -8.24 48.23 -21.39
CA GLY G 430 -9.62 48.17 -21.91
C GLY G 430 -10.51 47.26 -21.09
N GLU G 431 -11.72 46.97 -21.59
CA GLU G 431 -12.67 45.98 -20.98
C GLU G 431 -11.91 44.65 -20.88
N GLN G 432 -11.46 44.30 -19.67
CA GLN G 432 -10.82 42.99 -19.38
C GLN G 432 -11.84 42.06 -18.68
N LYS G 433 -12.27 41.00 -19.36
CA LYS G 433 -13.23 40.00 -18.81
C LYS G 433 -12.53 39.20 -17.71
N PRO G 434 -13.27 38.57 -16.79
CA PRO G 434 -12.65 37.73 -15.77
C PRO G 434 -12.12 36.47 -16.48
N LEU G 435 -11.09 35.84 -15.94
CA LEU G 435 -10.42 34.68 -16.56
C LEU G 435 -11.38 33.48 -16.52
N THR G 436 -11.55 32.78 -17.65
CA THR G 436 -12.38 31.53 -17.80
C THR G 436 -11.52 30.32 -18.19
N PHE G 437 -11.21 29.43 -17.26
CA PHE G 437 -10.37 28.24 -17.52
C PHE G 437 -11.14 27.28 -18.44
N ALA G 438 -10.52 26.22 -18.95
CA ALA G 438 -11.02 25.39 -20.07
C ALA G 438 -12.00 24.33 -19.57
N TYR G 439 -11.91 24.05 -18.28
CA TYR G 439 -12.67 22.99 -17.58
C TYR G 439 -12.79 23.41 -16.11
N GLU G 440 -13.81 22.91 -15.40
CA GLU G 440 -13.92 23.09 -13.92
C GLU G 440 -13.02 22.05 -13.26
N THR G 441 -12.19 22.46 -12.30
CA THR G 441 -11.24 21.51 -11.64
C THR G 441 -12.06 20.35 -11.10
N GLU G 442 -13.30 20.59 -10.68
CA GLU G 442 -14.11 19.60 -9.91
C GLU G 442 -14.32 18.32 -10.73
N THR G 443 -14.41 18.43 -12.06
CA THR G 443 -14.79 17.32 -12.97
C THR G 443 -13.71 16.21 -12.97
N LYS G 444 -14.07 15.04 -13.48
CA LYS G 444 -13.16 13.87 -13.62
C LYS G 444 -12.00 14.27 -14.55
N ILE G 445 -10.83 13.69 -14.34
CA ILE G 445 -9.62 13.88 -15.19
C ILE G 445 -9.99 13.57 -16.66
N THR G 446 -10.65 12.43 -16.94
CA THR G 446 -11.08 12.02 -18.30
C THR G 446 -12.04 13.06 -18.88
N ASP G 447 -12.87 13.68 -18.02
CA ASP G 447 -13.85 14.74 -18.41
C ASP G 447 -13.15 16.06 -18.73
N LYS G 448 -12.04 16.36 -18.02
CA LYS G 448 -11.13 17.49 -18.34
C LYS G 448 -10.48 17.24 -19.70
N ILE G 449 -9.85 16.07 -19.86
CA ILE G 449 -9.20 15.64 -21.13
C ILE G 449 -10.18 15.92 -22.27
N LYS G 450 -11.38 15.33 -22.24
CA LYS G 450 -12.33 15.43 -23.38
C LYS G 450 -12.59 16.89 -23.69
N ALA G 451 -12.76 17.71 -22.67
CA ALA G 451 -13.11 19.13 -22.85
C ALA G 451 -12.02 19.75 -23.74
N ILE G 452 -10.73 19.66 -23.35
CA ILE G 452 -9.59 20.26 -24.11
C ILE G 452 -9.63 19.81 -25.58
N ALA G 453 -9.82 18.52 -25.85
CA ALA G 453 -9.68 17.95 -27.22
C ALA G 453 -10.81 18.42 -28.13
N THR G 454 -12.02 18.59 -27.58
CA THR G 454 -13.22 19.06 -28.34
C THR G 454 -13.18 20.59 -28.42
N LYS G 455 -12.90 21.25 -27.29
CA LYS G 455 -13.06 22.73 -27.11
C LYS G 455 -11.92 23.49 -27.80
N LEU G 456 -10.69 22.96 -27.74
CA LEU G 456 -9.48 23.64 -28.30
C LEU G 456 -8.90 22.88 -29.51
N TYR G 457 -8.76 21.55 -29.45
CA TYR G 457 -8.09 20.73 -30.49
C TYR G 457 -9.08 20.37 -31.61
N GLY G 458 -10.34 20.80 -31.51
CA GLY G 458 -11.39 20.60 -32.55
C GLY G 458 -11.67 19.13 -32.86
N ALA G 459 -11.49 18.22 -31.89
CA ALA G 459 -11.65 16.76 -32.03
C ALA G 459 -13.10 16.32 -31.71
N ALA G 460 -13.57 15.26 -32.37
CA ALA G 460 -14.91 14.65 -32.19
C ALA G 460 -15.09 14.07 -30.78
N ASP G 461 -14.18 13.19 -30.33
CA ASP G 461 -14.30 12.37 -29.10
C ASP G 461 -12.90 12.12 -28.53
N ILE G 462 -12.82 11.35 -27.43
CA ILE G 462 -11.57 10.88 -26.77
C ILE G 462 -11.62 9.34 -26.68
N GLN G 463 -10.47 8.67 -26.74
CA GLN G 463 -10.35 7.24 -26.34
C GLN G 463 -9.38 7.15 -25.16
N ILE G 464 -9.65 6.25 -24.21
CA ILE G 464 -8.81 6.01 -23.00
C ILE G 464 -8.36 4.55 -23.03
N GLU G 465 -7.09 4.30 -23.29
CA GLU G 465 -6.55 2.93 -23.44
C GLU G 465 -6.36 2.32 -22.05
N SER G 466 -6.38 0.99 -21.93
CA SER G 466 -6.59 0.28 -20.64
C SER G 466 -5.44 0.60 -19.67
N LYS G 467 -4.23 0.85 -20.16
CA LYS G 467 -3.08 1.27 -19.30
C LYS G 467 -3.48 2.57 -18.56
N ALA G 468 -3.99 3.55 -19.29
CA ALA G 468 -4.36 4.87 -18.73
C ALA G 468 -5.58 4.71 -17.81
N ALA G 469 -6.62 4.01 -18.30
CA ALA G 469 -7.93 3.77 -17.62
C ALA G 469 -7.72 3.36 -16.15
N THR G 470 -6.97 2.27 -15.93
CA THR G 470 -6.53 1.71 -14.63
C THR G 470 -5.78 2.73 -13.76
N LYS G 471 -4.72 3.36 -14.30
CA LYS G 471 -3.87 4.32 -13.53
C LYS G 471 -4.70 5.49 -13.00
N LEU G 472 -5.62 6.05 -13.81
CA LEU G 472 -6.49 7.21 -13.45
C LEU G 472 -7.45 6.81 -12.33
N ALA G 473 -8.06 5.62 -12.42
CA ALA G 473 -9.04 5.10 -11.45
C ALA G 473 -8.38 4.98 -10.07
N GLY G 474 -7.06 4.77 -10.04
CA GLY G 474 -6.27 4.80 -8.80
C GLY G 474 -5.99 6.24 -8.40
N PHE G 475 -5.74 7.11 -9.38
CA PHE G 475 -5.54 8.56 -9.10
C PHE G 475 -6.82 9.13 -8.43
N GLU G 476 -8.00 8.85 -9.00
CA GLU G 476 -9.30 9.36 -8.50
C GLU G 476 -9.53 8.79 -7.11
N LYS G 477 -9.30 7.50 -6.98
CA LYS G 477 -9.45 6.71 -5.73
C LYS G 477 -8.55 7.29 -4.64
N ASP G 478 -7.35 7.79 -4.99
CA ASP G 478 -6.28 8.10 -3.98
C ASP G 478 -6.26 9.59 -3.62
N GLY G 479 -7.08 10.44 -4.26
CA GLY G 479 -7.29 11.87 -3.94
C GLY G 479 -6.47 12.84 -4.80
N TYR G 480 -6.10 12.42 -6.03
CA TYR G 480 -5.42 13.23 -7.07
C TYR G 480 -6.36 13.42 -8.26
N GLY G 481 -7.64 13.06 -8.11
CA GLY G 481 -8.61 13.10 -9.21
C GLY G 481 -9.05 14.52 -9.57
N LYS G 482 -8.66 15.52 -8.77
CA LYS G 482 -9.11 16.93 -8.93
C LYS G 482 -7.94 17.80 -9.41
N LEU G 483 -6.83 17.19 -9.85
CA LEU G 483 -5.62 17.91 -10.36
C LEU G 483 -5.87 18.29 -11.80
N PRO G 484 -5.26 19.40 -12.29
CA PRO G 484 -5.40 19.81 -13.70
C PRO G 484 -4.64 18.85 -14.64
N VAL G 485 -4.88 18.98 -15.95
CA VAL G 485 -4.24 18.12 -16.99
C VAL G 485 -3.13 18.88 -17.74
N CYS G 486 -2.09 18.13 -18.08
CA CYS G 486 -0.89 18.50 -18.86
C CYS G 486 -0.88 17.58 -20.07
N MET G 487 -1.33 18.06 -21.22
CA MET G 487 -1.43 17.22 -22.43
C MET G 487 -0.03 17.04 -23.02
N ALA G 488 0.39 15.80 -23.28
CA ALA G 488 1.71 15.45 -23.85
C ALA G 488 1.50 14.78 -25.21
N LYS G 489 1.41 15.56 -26.27
CA LYS G 489 1.24 15.09 -27.68
C LYS G 489 2.11 15.99 -28.57
N THR G 490 2.09 15.79 -29.91
CA THR G 490 2.89 16.61 -30.87
C THR G 490 2.43 18.06 -30.84
N GLN G 491 3.38 18.99 -31.00
CA GLN G 491 3.11 20.45 -31.03
C GLN G 491 2.75 20.85 -32.48
N TYR G 492 3.08 20.00 -33.45
CA TYR G 492 3.06 20.34 -34.90
C TYR G 492 1.62 20.43 -35.40
N SER G 493 0.65 20.03 -34.59
CA SER G 493 -0.75 19.77 -35.00
C SER G 493 -1.69 19.93 -33.80
N PHE G 494 -2.95 20.27 -34.05
CA PHE G 494 -4.04 20.24 -33.04
C PHE G 494 -4.38 18.77 -32.74
N SER G 495 -4.11 17.85 -33.68
CA SER G 495 -4.31 16.39 -33.52
C SER G 495 -3.12 15.78 -32.79
N THR G 496 -3.12 14.46 -32.65
CA THR G 496 -1.98 13.61 -32.24
C THR G 496 -1.16 13.17 -33.46
N ASP G 497 -1.76 13.25 -34.66
CA ASP G 497 -1.05 13.01 -35.95
C ASP G 497 -0.38 14.32 -36.35
N PRO G 498 0.96 14.39 -36.31
CA PRO G 498 1.67 15.64 -36.61
C PRO G 498 1.64 16.06 -38.08
N THR G 499 1.27 15.17 -39.01
CA THR G 499 1.18 15.47 -40.47
C THR G 499 -0.02 16.39 -40.78
N LEU G 500 -1.09 16.35 -39.97
CA LEU G 500 -2.38 17.04 -40.23
C LEU G 500 -2.23 18.55 -40.00
N MET G 501 -1.88 19.29 -41.06
CA MET G 501 -1.83 20.77 -41.02
C MET G 501 -3.26 21.32 -40.88
N GLY G 502 -3.37 22.60 -40.56
CA GLY G 502 -4.64 23.35 -40.57
C GLY G 502 -5.31 23.42 -39.21
N ALA G 503 -6.65 23.43 -39.22
CA ALA G 503 -7.50 23.30 -38.02
C ALA G 503 -8.33 22.04 -38.20
N PRO G 504 -7.69 20.85 -38.19
CA PRO G 504 -8.39 19.61 -38.47
C PRO G 504 -9.46 19.36 -37.40
N SER G 505 -10.66 18.91 -37.80
CA SER G 505 -11.76 18.49 -36.87
C SER G 505 -12.31 17.08 -37.19
N GLY G 506 -12.97 16.46 -36.20
CA GLY G 506 -13.57 15.11 -36.29
C GLY G 506 -12.58 13.99 -36.00
N HIS G 507 -11.34 14.32 -35.64
CA HIS G 507 -10.26 13.33 -35.33
C HIS G 507 -10.42 12.82 -33.89
N LEU G 508 -9.81 11.69 -33.56
CA LEU G 508 -9.93 11.05 -32.22
C LEU G 508 -8.57 11.10 -31.51
N VAL G 509 -8.53 11.65 -30.30
CA VAL G 509 -7.30 11.78 -29.47
C VAL G 509 -7.22 10.59 -28.49
N SER G 510 -6.44 9.55 -28.83
CA SER G 510 -6.17 8.35 -28.01
C SER G 510 -5.16 8.69 -26.93
N VAL G 511 -5.39 8.25 -25.68
CA VAL G 511 -4.52 8.49 -24.50
C VAL G 511 -3.81 7.19 -24.11
N ARG G 512 -2.53 7.04 -24.47
CA ARG G 512 -1.77 5.75 -24.40
C ARG G 512 -1.42 5.40 -22.94
N ASP G 513 -1.20 6.41 -22.10
CA ASP G 513 -0.63 6.24 -20.72
C ASP G 513 -0.91 7.52 -19.91
N VAL G 514 -0.73 7.47 -18.59
CA VAL G 514 -0.79 8.67 -17.71
C VAL G 514 0.32 8.62 -16.64
N ARG G 515 0.85 9.80 -16.30
CA ARG G 515 1.89 10.00 -15.26
C ARG G 515 1.35 10.97 -14.18
N LEU G 516 1.74 10.77 -12.92
CA LEU G 516 1.43 11.71 -11.81
C LEU G 516 2.64 12.58 -11.47
N SER G 517 2.51 13.90 -11.63
CA SER G 517 3.42 14.93 -11.06
C SER G 517 2.68 15.64 -9.91
N ALA G 518 2.65 15.01 -8.74
CA ALA G 518 1.92 15.48 -7.55
C ALA G 518 2.67 16.62 -6.85
N GLY G 519 3.91 16.89 -7.24
CA GLY G 519 4.70 18.00 -6.68
C GLY G 519 4.41 19.26 -7.44
N ALA G 520 4.41 19.17 -8.77
CA ALA G 520 3.96 20.26 -9.65
C ALA G 520 2.47 20.50 -9.39
N GLY G 521 1.70 19.42 -9.33
CA GLY G 521 0.25 19.43 -9.17
C GLY G 521 -0.46 19.43 -10.50
N PHE G 522 -0.15 18.43 -11.34
CA PHE G 522 -0.95 18.02 -12.53
C PHE G 522 -0.75 16.53 -12.90
N VAL G 523 -1.58 16.08 -13.83
CA VAL G 523 -1.64 14.69 -14.34
C VAL G 523 -1.13 14.81 -15.77
N VAL G 524 0.03 14.24 -16.06
CA VAL G 524 0.58 14.23 -17.44
C VAL G 524 -0.28 13.24 -18.23
N VAL G 525 -0.88 13.70 -19.33
CA VAL G 525 -1.80 12.92 -20.21
C VAL G 525 -1.08 12.71 -21.55
N ILE G 526 -0.54 11.50 -21.72
CA ILE G 526 0.37 11.08 -22.83
C ILE G 526 -0.49 10.52 -23.98
N CYS G 527 -0.49 11.22 -25.12
CA CYS G 527 -1.36 10.95 -26.31
C CYS G 527 -0.48 10.85 -27.57
N GLY G 528 0.81 10.57 -27.38
CA GLY G 528 1.79 10.23 -28.44
C GLY G 528 3.06 9.58 -27.87
N GLU G 529 4.11 9.43 -28.70
CA GLU G 529 5.47 9.00 -28.28
C GLU G 529 6.25 10.24 -27.83
N ILE G 530 7.14 10.08 -26.85
CA ILE G 530 7.61 11.16 -25.93
C ILE G 530 9.10 11.00 -25.65
N MET G 531 9.95 11.74 -26.35
CA MET G 531 11.44 11.71 -26.15
C MET G 531 11.75 12.51 -24.89
N THR G 532 12.34 11.90 -23.87
CA THR G 532 12.71 12.60 -22.61
C THR G 532 14.24 12.68 -22.43
N MET G 533 15.00 12.04 -23.31
CA MET G 533 16.48 12.18 -23.42
C MET G 533 16.82 12.22 -24.91
N PRO G 534 17.15 13.38 -25.51
CA PRO G 534 17.47 13.43 -26.93
C PRO G 534 18.85 12.76 -27.05
N GLY G 535 19.25 12.44 -28.29
CA GLY G 535 20.56 11.83 -28.62
C GLY G 535 21.31 12.68 -29.62
N LEU G 536 22.65 12.64 -29.60
CA LEU G 536 23.52 13.49 -30.45
C LEU G 536 23.41 13.05 -31.91
N PRO G 537 23.51 14.00 -32.87
CA PRO G 537 23.49 13.65 -34.30
C PRO G 537 24.78 13.00 -34.80
N LYS G 538 24.68 12.37 -35.98
CA LYS G 538 25.74 11.61 -36.71
C LYS G 538 27.07 12.37 -36.62
N VAL G 539 27.06 13.67 -36.92
CA VAL G 539 28.18 14.61 -36.59
C VAL G 539 27.59 15.70 -35.68
N PRO G 540 27.91 15.68 -34.37
CA PRO G 540 27.44 16.72 -33.44
C PRO G 540 28.25 18.02 -33.45
N ALA G 541 27.66 19.10 -32.93
CA ALA G 541 28.24 20.46 -32.82
C ALA G 541 29.59 20.42 -32.11
N ALA G 542 29.70 19.67 -31.02
CA ALA G 542 30.88 19.65 -30.11
C ALA G 542 32.18 19.41 -30.88
N ASP G 543 32.14 18.65 -31.97
CA ASP G 543 33.38 18.15 -32.67
C ASP G 543 34.20 19.37 -33.14
N THR G 544 33.52 20.42 -33.61
CA THR G 544 34.12 21.71 -34.04
C THR G 544 33.63 22.86 -33.15
N ILE G 545 33.32 22.59 -31.88
CA ILE G 545 33.24 23.61 -30.79
C ILE G 545 34.64 23.72 -30.16
N ARG G 546 35.26 24.89 -30.28
CA ARG G 546 36.71 25.13 -30.08
C ARG G 546 36.88 26.38 -29.22
N LEU G 547 38.06 26.52 -28.60
CA LEU G 547 38.59 27.82 -28.06
C LEU G 547 39.64 28.34 -29.05
N ASP G 548 39.38 29.46 -29.75
CA ASP G 548 40.37 30.06 -30.69
C ASP G 548 41.59 30.59 -29.91
N ALA G 549 42.61 31.07 -30.61
CA ALA G 549 43.91 31.49 -30.04
C ALA G 549 43.69 32.63 -29.03
N ASN G 550 42.80 33.58 -29.32
CA ASN G 550 42.38 34.64 -28.35
C ASN G 550 41.73 33.97 -27.12
N GLY G 551 40.92 32.94 -27.34
CA GLY G 551 40.10 32.32 -26.28
C GLY G 551 38.63 32.61 -26.45
N GLN G 552 38.24 33.18 -27.60
CA GLN G 552 36.81 33.33 -27.97
C GLN G 552 36.28 31.94 -28.32
N ILE G 553 35.08 31.63 -27.83
CA ILE G 553 34.42 30.31 -28.05
C ILE G 553 34.00 30.24 -29.51
N ASP G 554 34.57 29.29 -30.25
CA ASP G 554 34.20 29.07 -31.67
C ASP G 554 33.37 27.79 -31.75
N GLY G 555 32.36 27.73 -32.61
CA GLY G 555 31.62 26.50 -32.96
C GLY G 555 30.31 26.35 -32.20
N LEU G 556 30.08 27.20 -31.17
CA LEU G 556 28.82 27.17 -30.36
C LEU G 556 27.65 27.65 -31.21
N PHE G 557 27.87 28.63 -32.09
CA PHE G 557 26.85 29.22 -32.99
C PHE G 557 27.45 29.36 -34.40
N PRO H 2 32.49 26.62 20.69
CA PRO H 2 31.32 26.35 19.82
C PRO H 2 31.72 25.67 18.50
N SER H 3 30.74 25.08 17.79
CA SER H 3 30.89 24.29 16.55
C SER H 3 31.63 25.08 15.46
N ASP H 4 32.41 24.39 14.62
CA ASP H 4 33.09 25.01 13.47
C ASP H 4 32.12 26.00 12.80
N ILE H 5 30.88 25.55 12.52
CA ILE H 5 29.87 26.30 11.72
C ILE H 5 29.39 27.51 12.51
N GLU H 6 29.19 27.38 13.83
CA GLU H 6 28.81 28.51 14.72
C GLU H 6 29.88 29.62 14.67
N ILE H 7 31.16 29.26 14.54
CA ILE H 7 32.34 30.19 14.56
C ILE H 7 32.40 30.99 13.24
N ALA H 8 31.98 30.38 12.13
CA ALA H 8 32.08 30.94 10.75
C ALA H 8 30.79 31.68 10.36
N ARG H 9 29.68 31.41 11.06
CA ARG H 9 28.38 32.12 10.90
C ARG H 9 28.40 33.43 11.73
N ALA H 10 29.14 33.41 12.85
CA ALA H 10 29.43 34.57 13.73
C ALA H 10 30.36 35.53 13.01
N ALA H 11 31.35 34.98 12.30
CA ALA H 11 32.40 35.73 11.60
C ALA H 11 31.78 36.83 10.72
N THR H 12 32.64 37.73 10.23
CA THR H 12 32.28 39.00 9.55
C THR H 12 33.24 39.15 8.36
N LEU H 13 32.70 38.98 7.14
CA LEU H 13 33.45 38.67 5.88
C LEU H 13 33.54 39.94 5.03
N LYS H 14 34.75 40.25 4.55
CA LYS H 14 35.07 41.42 3.71
C LYS H 14 34.54 41.16 2.30
N PRO H 15 33.98 42.17 1.58
CA PRO H 15 33.65 41.99 0.17
C PRO H 15 34.89 41.53 -0.59
N ILE H 16 34.80 40.38 -1.27
CA ILE H 16 35.95 39.63 -1.83
C ILE H 16 37.00 40.61 -2.38
N ALA H 17 36.56 41.59 -3.17
CA ALA H 17 37.42 42.63 -3.80
C ALA H 17 37.91 43.59 -2.70
N GLN H 18 38.97 43.19 -1.99
CA GLN H 18 39.45 43.76 -0.69
C GLN H 18 40.52 42.83 -0.14
N VAL H 19 40.42 41.54 -0.46
CA VAL H 19 41.37 40.48 -0.02
C VAL H 19 42.26 40.11 -1.21
N LEU H 23 43.41 42.94 -2.70
CA LEU H 23 44.78 43.53 -2.63
C LEU H 23 45.74 42.71 -3.52
N GLY H 24 46.51 43.41 -4.35
CA GLY H 24 47.34 42.80 -5.41
C GLY H 24 46.57 42.69 -6.72
N ILE H 25 45.24 42.81 -6.67
CA ILE H 25 44.28 42.40 -7.75
C ILE H 25 43.24 43.50 -7.94
N PRO H 26 43.12 44.09 -9.16
CA PRO H 26 42.08 45.08 -9.42
C PRO H 26 40.64 44.52 -9.32
N ASP H 27 39.65 45.40 -9.48
CA ASP H 27 38.19 45.09 -9.36
C ASP H 27 37.69 44.36 -10.61
N GLU H 28 38.23 44.69 -11.80
CA GLU H 28 37.70 44.22 -13.11
C GLU H 28 38.30 42.85 -13.45
N ALA H 29 39.28 42.40 -12.65
CA ALA H 29 39.98 41.10 -12.78
C ALA H 29 39.36 40.06 -11.83
N LEU H 30 38.16 40.35 -11.32
CA LEU H 30 37.43 39.53 -10.33
C LEU H 30 36.04 39.23 -10.89
N HIS H 31 35.73 37.94 -11.18
CA HIS H 31 34.35 37.47 -11.41
C HIS H 31 33.73 37.08 -10.06
N ASN H 32 32.57 37.66 -9.72
CA ASN H 32 31.94 37.56 -8.38
C ASN H 32 30.94 36.38 -8.34
N TYR H 33 30.78 35.78 -7.15
CA TYR H 33 29.78 34.74 -6.80
C TYR H 33 29.27 35.08 -5.41
N GLY H 34 28.17 35.83 -5.36
CA GLY H 34 27.81 36.65 -4.18
C GLY H 34 28.79 37.80 -4.04
N LYS H 35 28.90 38.41 -2.86
CA LYS H 35 29.81 39.55 -2.59
C LYS H 35 30.96 39.08 -1.71
N HIS H 36 31.15 37.75 -1.55
CA HIS H 36 32.06 37.12 -0.56
C HIS H 36 33.02 36.09 -1.20
N ILE H 37 32.91 35.88 -2.52
CA ILE H 37 33.70 34.92 -3.36
C ILE H 37 33.90 35.53 -4.77
N ALA H 38 35.06 35.33 -5.38
CA ALA H 38 35.28 35.73 -6.80
C ALA H 38 36.33 34.86 -7.48
N LYS H 39 36.44 35.01 -8.79
CA LYS H 39 37.45 34.33 -9.63
C LYS H 39 38.47 35.31 -10.22
N ILE H 40 39.75 35.01 -10.04
CA ILE H 40 40.90 35.65 -10.76
C ILE H 40 40.71 35.41 -12.26
N ASP H 41 40.75 36.47 -13.08
CA ASP H 41 40.42 36.41 -14.54
C ASP H 41 41.63 35.91 -15.35
N HIS H 42 41.41 34.91 -16.23
CA HIS H 42 42.46 34.24 -17.05
C HIS H 42 43.44 35.27 -17.64
N ASP H 43 42.93 36.45 -18.01
CA ASP H 43 43.70 37.54 -18.67
C ASP H 43 44.64 38.15 -17.63
N PHE H 44 44.10 38.60 -16.49
CA PHE H 44 44.88 39.07 -15.33
C PHE H 44 45.97 38.03 -15.02
N ILE H 45 45.55 36.80 -14.73
CA ILE H 45 46.46 35.64 -14.51
C ILE H 45 47.54 35.62 -15.60
N ALA H 46 47.16 35.63 -16.88
CA ALA H 46 48.10 35.60 -18.03
C ALA H 46 49.12 36.74 -17.90
N SER H 47 48.66 37.92 -17.46
CA SER H 47 49.49 39.15 -17.31
C SER H 47 50.20 39.18 -15.95
N LEU H 48 50.45 38.02 -15.34
CA LEU H 48 51.36 37.87 -14.15
C LEU H 48 52.50 36.87 -14.48
N GLU H 49 52.66 36.49 -15.75
CA GLU H 49 53.58 35.41 -16.18
C GLU H 49 55.05 35.87 -16.12
N GLY H 50 55.31 37.18 -16.05
CA GLY H 50 56.65 37.75 -15.85
C GLY H 50 57.06 37.69 -14.39
N LYS H 51 56.18 38.17 -13.50
CA LYS H 51 56.45 38.57 -12.09
C LYS H 51 57.30 37.50 -11.38
N PRO H 52 58.23 37.89 -10.47
CA PRO H 52 59.08 36.91 -9.76
C PRO H 52 58.33 35.83 -8.94
N GLU H 53 58.95 34.66 -8.79
CA GLU H 53 58.44 33.53 -7.97
C GLU H 53 58.69 33.84 -6.50
N GLY H 54 57.69 33.68 -5.64
CA GLY H 54 57.79 33.90 -4.18
C GLY H 54 58.23 32.65 -3.45
N LYS H 55 57.91 32.53 -2.16
CA LYS H 55 58.27 31.36 -1.32
C LYS H 55 57.09 30.37 -1.29
N LEU H 56 57.42 29.08 -1.41
CA LEU H 56 56.49 27.93 -1.49
C LEU H 56 56.71 27.04 -0.27
N VAL H 57 55.70 26.90 0.60
CA VAL H 57 55.73 25.97 1.76
C VAL H 57 54.56 24.96 1.64
N LEU H 58 54.89 23.68 1.57
CA LEU H 58 53.93 22.54 1.58
C LEU H 58 53.73 22.04 3.02
N VAL H 59 52.52 21.54 3.33
CA VAL H 59 52.16 20.86 4.62
C VAL H 59 51.66 19.43 4.35
N THR H 60 52.48 18.40 4.61
CA THR H 60 51.95 17.02 4.84
C THR H 60 51.77 16.85 6.33
N ALA H 61 51.60 15.61 6.78
CA ALA H 61 51.55 15.20 8.20
C ALA H 61 52.05 13.77 8.33
N ILE H 62 51.89 13.22 9.53
CA ILE H 62 52.17 11.79 9.82
C ILE H 62 51.09 10.94 9.16
N SER H 63 51.23 9.63 9.26
CA SER H 63 50.31 8.65 8.66
C SER H 63 48.97 8.76 9.40
N PRO H 64 47.88 9.16 8.72
CA PRO H 64 46.60 9.40 9.40
C PRO H 64 46.03 8.23 10.22
N THR H 65 45.42 8.57 11.35
CA THR H 65 44.86 7.66 12.38
C THR H 65 43.37 7.94 12.52
N PRO H 66 42.56 7.06 13.16
CA PRO H 66 41.18 7.40 13.49
C PRO H 66 41.02 8.69 14.33
N ALA H 67 42.09 9.07 15.05
CA ALA H 67 42.20 10.28 15.89
C ALA H 67 42.15 11.56 15.04
N GLY H 68 42.86 11.58 13.91
CA GLY H 68 43.00 12.75 13.02
C GLY H 68 44.01 13.74 13.58
N GLU H 69 44.68 14.49 12.70
CA GLU H 69 45.71 15.51 13.06
C GLU H 69 45.59 16.71 12.11
N GLY H 70 45.01 17.82 12.57
CA GLY H 70 44.36 18.84 11.74
C GLY H 70 45.29 19.50 10.73
N LYS H 71 45.70 18.80 9.68
CA LYS H 71 46.58 19.31 8.58
C LYS H 71 45.96 20.53 7.90
N THR H 72 44.66 20.53 7.62
CA THR H 72 44.01 21.68 6.95
C THR H 72 43.97 22.86 7.93
N THR H 73 43.84 22.60 9.24
CA THR H 73 43.80 23.67 10.30
C THR H 73 45.17 24.35 10.37
N THR H 74 46.26 23.59 10.37
CA THR H 74 47.63 24.13 10.52
C THR H 74 47.90 24.97 9.26
N THR H 75 47.67 24.44 8.06
CA THR H 75 47.78 25.19 6.78
C THR H 75 47.12 26.56 6.92
N VAL H 76 45.87 26.66 7.37
CA VAL H 76 45.13 27.95 7.48
C VAL H 76 45.79 28.80 8.57
N GLY H 77 45.97 28.22 9.76
CA GLY H 77 46.73 28.83 10.88
C GLY H 77 48.03 29.41 10.37
N LEU H 78 48.92 28.58 9.83
CA LEU H 78 50.27 28.97 9.34
C LEU H 78 50.16 30.16 8.37
N GLY H 79 49.14 30.17 7.52
CA GLY H 79 48.85 31.31 6.63
C GLY H 79 48.43 32.52 7.44
N ASP H 80 47.45 32.34 8.32
CA ASP H 80 46.98 33.40 9.26
C ASP H 80 48.19 33.91 10.06
N ALA H 81 49.03 32.99 10.55
CA ALA H 81 50.19 33.25 11.44
C ALA H 81 51.31 33.98 10.67
N LEU H 82 51.42 33.72 9.36
CA LEU H 82 52.39 34.43 8.48
C LEU H 82 51.98 35.90 8.38
N ASN H 83 50.67 36.15 8.24
CA ASN H 83 50.15 37.50 7.90
C ASN H 83 50.32 38.42 9.13
N ARG H 84 50.21 37.87 10.34
CA ARG H 84 50.47 38.55 11.65
C ARG H 84 51.97 38.78 11.84
N ILE H 85 52.84 38.06 11.11
CA ILE H 85 54.32 38.22 11.14
C ILE H 85 54.69 39.34 10.16
N GLY H 86 53.76 39.72 9.27
CA GLY H 86 53.88 40.91 8.39
C GLY H 86 53.87 40.56 6.91
N LYS H 87 54.52 39.45 6.56
CA LYS H 87 54.53 38.83 5.21
C LYS H 87 53.10 38.72 4.72
N ARG H 88 52.76 39.37 3.59
CA ARG H 88 51.42 39.17 2.95
C ARG H 88 51.46 37.82 2.22
N ALA H 89 50.73 36.84 2.77
CA ALA H 89 50.81 35.40 2.44
C ALA H 89 49.44 34.86 2.01
N VAL H 90 49.44 34.00 1.00
CA VAL H 90 48.24 33.32 0.43
C VAL H 90 48.28 31.84 0.81
N MET H 91 47.08 31.23 0.90
CA MET H 91 46.91 29.78 1.17
C MET H 91 46.14 29.15 0.01
N CYS H 92 46.51 27.92 -0.36
CA CYS H 92 45.85 27.18 -1.47
C CYS H 92 45.35 25.83 -0.95
N LEU H 93 44.04 25.69 -0.83
CA LEU H 93 43.36 24.44 -0.41
C LEU H 93 42.62 23.83 -1.59
N ARG H 94 42.15 22.60 -1.39
CA ARG H 94 41.28 21.89 -2.37
C ARG H 94 39.83 22.19 -2.03
N GLU H 95 38.99 22.37 -3.06
CA GLU H 95 37.51 22.24 -2.93
C GLU H 95 37.20 20.81 -2.49
N PRO H 96 36.31 20.63 -1.47
CA PRO H 96 35.79 19.31 -1.12
C PRO H 96 34.64 18.99 -2.08
N SER H 97 34.41 17.70 -2.36
CA SER H 97 33.30 17.28 -3.27
C SER H 97 31.98 17.43 -2.52
N LEU H 98 30.89 17.63 -3.28
CA LEU H 98 29.50 17.75 -2.75
C LEU H 98 29.04 16.39 -2.20
N GLY H 99 29.14 15.33 -3.02
CA GLY H 99 28.58 14.00 -2.76
C GLY H 99 28.63 13.61 -1.28
N PRO H 100 29.85 13.62 -0.67
CA PRO H 100 30.04 13.10 0.69
C PRO H 100 29.54 13.99 1.84
N CYS H 101 29.03 15.20 1.56
CA CYS H 101 28.33 16.07 2.55
C CYS H 101 27.13 15.31 3.10
N PHE H 102 26.37 14.73 2.17
CA PHE H 102 25.02 14.16 2.40
C PHE H 102 25.12 12.76 2.99
N GLY H 103 26.32 12.19 3.09
CA GLY H 103 26.54 10.87 3.72
C GLY H 103 26.79 11.00 5.21
N MET H 104 28.04 10.78 5.60
CA MET H 104 28.64 11.44 6.79
C MET H 104 28.48 12.95 6.57
N LYS H 105 28.72 13.78 7.58
CA LYS H 105 28.39 15.22 7.49
C LYS H 105 29.46 15.93 6.65
N GLY H 106 29.24 17.21 6.35
CA GLY H 106 30.27 18.12 5.81
C GLY H 106 31.30 18.45 6.88
N GLY H 107 32.23 19.35 6.58
CA GLY H 107 33.38 19.64 7.46
C GLY H 107 33.90 21.04 7.19
N ALA H 108 34.36 21.72 8.24
CA ALA H 108 35.03 23.03 8.14
C ALA H 108 36.17 22.93 7.12
N ALA H 109 36.44 24.00 6.38
CA ALA H 109 37.63 24.09 5.51
C ALA H 109 38.81 24.31 6.45
N GLY H 110 39.25 23.22 7.08
CA GLY H 110 40.12 23.23 8.29
C GLY H 110 39.31 22.91 9.53
N GLY H 111 39.18 23.88 10.45
CA GLY H 111 38.48 23.69 11.74
C GLY H 111 38.85 24.73 12.80
N GLY H 112 37.85 25.15 13.59
CA GLY H 112 38.00 26.01 14.77
C GLY H 112 38.13 27.48 14.40
N LYS H 113 39.16 28.13 14.97
CA LYS H 113 39.48 29.59 14.85
C LYS H 113 40.53 29.79 13.75
N ALA H 114 40.73 28.74 12.93
CA ALA H 114 41.59 28.69 11.71
C ALA H 114 40.80 28.06 10.56
N GLN H 115 39.95 28.87 9.92
CA GLN H 115 38.97 28.44 8.88
C GLN H 115 39.13 29.30 7.62
N VAL H 116 38.56 28.84 6.52
CA VAL H 116 38.32 29.66 5.29
C VAL H 116 36.82 29.63 5.00
N VAL H 117 36.27 30.70 4.39
CA VAL H 117 34.79 30.94 4.35
C VAL H 117 34.43 31.79 3.14
N PRO H 118 33.18 31.73 2.60
CA PRO H 118 32.04 31.04 3.21
C PRO H 118 32.12 29.50 3.34
N MET H 119 31.70 28.92 4.48
CA MET H 119 31.89 27.46 4.75
C MET H 119 30.78 26.68 4.04
N GLU H 120 29.60 27.28 3.83
CA GLU H 120 28.40 26.58 3.30
C GLU H 120 28.59 26.31 1.81
N GLN H 121 29.14 27.29 1.08
CA GLN H 121 29.31 27.22 -0.40
C GLN H 121 30.61 26.46 -0.71
N ILE H 122 31.55 26.39 0.23
CA ILE H 122 32.82 25.64 0.01
C ILE H 122 32.46 24.15 0.00
N ASN H 123 31.54 23.76 0.88
CA ASN H 123 31.16 22.35 1.05
C ASN H 123 30.23 21.96 -0.10
N LEU H 124 29.42 22.91 -0.61
CA LEU H 124 28.35 22.60 -1.62
C LEU H 124 28.67 23.18 -3.02
N HIS H 125 27.85 24.08 -3.55
CA HIS H 125 27.91 24.46 -5.00
C HIS H 125 29.14 25.32 -5.30
N PHE H 126 29.41 26.32 -4.45
CA PHE H 126 30.59 27.20 -4.60
C PHE H 126 30.44 27.89 -5.94
N THR H 127 31.44 27.82 -6.83
CA THR H 127 31.41 28.51 -8.14
C THR H 127 30.88 27.57 -9.24
N GLY H 128 30.96 26.26 -9.08
CA GLY H 128 30.47 25.30 -10.08
C GLY H 128 31.61 24.68 -10.86
N ASP H 129 32.81 24.66 -10.31
CA ASP H 129 33.95 23.92 -10.91
C ASP H 129 33.52 22.47 -11.08
N PHE H 130 33.02 21.89 -10.00
CA PHE H 130 32.73 20.44 -9.91
C PHE H 130 31.62 20.09 -10.89
N HIS H 131 30.70 21.02 -11.14
CA HIS H 131 29.58 20.84 -12.10
C HIS H 131 30.16 20.82 -13.51
N ALA H 132 31.03 21.80 -13.78
CA ALA H 132 31.72 21.98 -15.08
C ALA H 132 32.56 20.72 -15.38
N ILE H 133 33.36 20.26 -14.41
CA ILE H 133 34.13 18.99 -14.54
C ILE H 133 33.15 17.86 -14.84
N THR H 134 32.04 17.75 -14.09
CA THR H 134 31.01 16.71 -14.31
C THR H 134 30.39 16.87 -15.70
N SER H 135 30.24 18.11 -16.19
CA SER H 135 29.70 18.45 -17.54
C SER H 135 30.63 17.87 -18.60
N ALA H 136 31.89 18.29 -18.58
CA ALA H 136 32.93 17.93 -19.58
C ALA H 136 33.04 16.41 -19.67
N HIS H 137 33.17 15.75 -18.53
CA HIS H 137 33.41 14.29 -18.40
C HIS H 137 32.20 13.52 -18.95
N SER H 138 31.00 14.06 -18.77
CA SER H 138 29.74 13.38 -19.21
C SER H 138 29.63 13.52 -20.71
N LEU H 139 30.01 14.67 -21.26
CA LEU H 139 29.99 14.92 -22.73
C LEU H 139 30.97 13.95 -23.41
N ALA H 140 32.15 13.77 -22.82
CA ALA H 140 33.15 12.80 -23.30
C ALA H 140 32.49 11.41 -23.34
N ALA H 141 31.78 11.04 -22.28
CA ALA H 141 31.13 9.71 -22.13
C ALA H 141 30.10 9.55 -23.24
N ALA H 142 29.29 10.59 -23.41
CA ALA H 142 28.14 10.63 -24.31
C ALA H 142 28.63 10.57 -25.76
N LEU H 143 29.70 11.32 -26.06
CA LEU H 143 30.31 11.45 -27.41
C LEU H 143 30.92 10.10 -27.83
N ILE H 144 31.43 9.33 -26.85
CA ILE H 144 32.05 7.99 -27.06
C ILE H 144 30.95 7.02 -27.52
N ASP H 145 29.88 6.82 -26.74
CA ASP H 145 28.82 5.86 -27.11
C ASP H 145 28.06 6.36 -28.34
N ASN H 146 28.03 7.68 -28.57
CA ASN H 146 27.38 8.29 -29.77
C ASN H 146 28.16 7.90 -31.03
N HIS H 147 29.50 7.96 -30.99
CA HIS H 147 30.41 7.53 -32.09
C HIS H 147 30.11 6.09 -32.48
N ILE H 148 30.04 5.21 -31.49
CA ILE H 148 29.79 3.75 -31.65
C ILE H 148 28.40 3.56 -32.24
N TYR H 149 27.42 4.34 -31.78
CA TYR H 149 26.00 4.24 -32.18
C TYR H 149 25.89 4.36 -33.71
N TRP H 150 26.52 5.38 -34.29
CA TRP H 150 26.31 5.78 -35.70
C TRP H 150 27.07 4.85 -36.66
N ALA H 151 28.36 4.55 -36.45
CA ALA H 151 29.14 3.64 -37.32
C ALA H 151 30.37 3.02 -36.64
N ASN H 152 30.90 3.60 -35.55
CA ASN H 152 32.08 3.12 -34.79
C ASN H 152 33.30 3.05 -35.74
N GLU H 153 33.50 4.11 -36.53
CA GLU H 153 34.66 4.27 -37.45
C GLU H 153 35.98 4.21 -36.66
N LEU H 154 35.97 4.49 -35.36
CA LEU H 154 37.19 4.40 -34.53
C LEU H 154 37.41 2.93 -34.12
N ASN H 155 36.48 2.03 -34.46
CA ASN H 155 36.56 0.57 -34.17
C ASN H 155 36.72 0.33 -32.65
N ILE H 156 36.21 1.22 -31.79
CA ILE H 156 36.26 1.07 -30.30
C ILE H 156 35.67 -0.29 -29.90
N ASP H 157 36.28 -0.95 -28.93
CA ASP H 157 35.81 -2.24 -28.37
C ASP H 157 35.05 -1.95 -27.07
N VAL H 158 33.77 -2.31 -27.03
CA VAL H 158 32.84 -2.09 -25.88
C VAL H 158 33.30 -2.89 -24.65
N ARG H 159 34.27 -3.79 -24.78
CA ARG H 159 34.82 -4.54 -23.63
C ARG H 159 36.12 -3.90 -23.14
N ARG H 160 36.59 -2.85 -23.82
CA ARG H 160 37.92 -2.31 -23.51
C ARG H 160 37.82 -0.81 -23.34
N ILE H 161 36.69 -0.29 -22.90
CA ILE H 161 36.56 1.15 -22.54
C ILE H 161 37.02 1.31 -21.08
N HIS H 162 38.10 2.06 -20.87
CA HIS H 162 38.66 2.43 -19.55
C HIS H 162 37.96 3.69 -19.04
N TRP H 163 37.32 4.47 -19.92
CA TRP H 163 36.56 5.71 -19.61
C TRP H 163 35.18 5.46 -18.97
N ARG H 164 35.04 5.78 -17.70
CA ARG H 164 33.80 5.56 -16.92
C ARG H 164 33.04 6.88 -16.85
N ARG H 165 31.87 6.90 -16.23
CA ARG H 165 31.00 8.09 -16.18
C ARG H 165 31.22 8.72 -14.81
N VAL H 166 30.55 9.83 -14.48
CA VAL H 166 30.71 10.51 -13.16
C VAL H 166 29.43 11.24 -12.74
N VAL H 167 29.37 11.46 -11.44
CA VAL H 167 28.32 12.22 -10.72
C VAL H 167 29.00 12.63 -9.41
N ASP H 168 28.69 13.82 -8.89
CA ASP H 168 29.22 14.24 -7.57
C ASP H 168 28.17 13.84 -6.52
N MET H 169 28.05 12.53 -6.30
CA MET H 169 27.11 11.94 -5.31
C MET H 169 27.73 10.66 -4.76
N ASN H 170 27.39 10.31 -3.51
CA ASN H 170 27.66 8.99 -2.90
C ASN H 170 26.58 8.02 -3.41
N ASP H 171 26.56 7.77 -4.72
CA ASP H 171 25.58 6.85 -5.36
C ASP H 171 26.26 5.51 -5.63
N ARG H 172 26.05 4.56 -4.72
CA ARG H 172 26.60 3.18 -4.82
C ARG H 172 25.90 2.41 -5.95
N ALA H 173 24.76 2.88 -6.43
CA ALA H 173 23.95 2.14 -7.42
C ALA H 173 24.64 2.12 -8.78
N LEU H 174 25.51 3.09 -9.06
CA LEU H 174 26.12 3.27 -10.40
C LEU H 174 27.57 2.73 -10.45
N ARG H 175 28.11 2.17 -9.37
CA ARG H 175 29.45 1.55 -9.39
C ARG H 175 29.62 0.66 -10.64
N ALA H 176 28.65 -0.21 -10.93
CA ALA H 176 28.64 -1.10 -12.11
C ALA H 176 27.24 -1.09 -12.76
N ILE H 177 27.15 -0.84 -14.06
CA ILE H 177 25.87 -0.79 -14.81
C ILE H 177 26.04 -1.49 -16.17
N ASN H 178 24.92 -1.93 -16.75
CA ASN H 178 24.76 -2.17 -18.20
C ASN H 178 24.02 -0.98 -18.79
N GLN H 179 24.40 -0.52 -19.98
CA GLN H 179 23.87 0.73 -20.58
C GLN H 179 23.69 0.53 -22.08
N SER H 180 23.02 1.48 -22.71
CA SER H 180 22.65 1.44 -24.14
C SER H 180 21.68 0.28 -24.36
N LEU H 181 20.75 0.09 -23.43
CA LEU H 181 19.72 -1.00 -23.53
C LEU H 181 18.40 -0.45 -24.09
N GLY H 182 17.53 -1.35 -24.50
CA GLY H 182 16.14 -1.08 -24.89
C GLY H 182 15.94 -0.96 -26.39
N GLY H 183 16.78 -1.62 -27.19
CA GLY H 183 16.56 -1.71 -28.65
C GLY H 183 17.52 -0.85 -29.45
N VAL H 184 17.32 -0.83 -30.77
CA VAL H 184 18.23 -0.31 -31.82
C VAL H 184 18.55 1.18 -31.60
N ALA H 185 17.53 2.00 -31.31
CA ALA H 185 17.66 3.48 -31.19
C ALA H 185 18.51 3.88 -29.95
N ASN H 186 18.76 2.95 -29.04
CA ASN H 186 19.42 3.26 -27.75
C ASN H 186 20.86 2.75 -27.85
N GLY H 187 21.15 1.92 -28.86
CA GLY H 187 22.54 1.68 -29.29
C GLY H 187 23.10 0.36 -28.82
N PHE H 188 24.42 0.25 -28.73
CA PHE H 188 25.15 -1.03 -28.50
C PHE H 188 25.33 -1.16 -26.99
N PRO H 189 24.58 -2.08 -26.35
CA PRO H 189 24.68 -2.28 -24.91
C PRO H 189 26.14 -2.51 -24.53
N ARG H 190 26.52 -2.18 -23.28
CA ARG H 190 27.90 -2.42 -22.75
C ARG H 190 27.94 -2.33 -21.22
N GLU H 191 28.96 -2.92 -20.61
CA GLU H 191 29.29 -2.73 -19.18
C GLU H 191 29.91 -1.34 -19.03
N ASP H 192 29.68 -0.68 -17.89
CA ASP H 192 30.06 0.73 -17.59
C ASP H 192 29.87 0.95 -16.07
N GLY H 193 30.40 2.04 -15.52
CA GLY H 193 30.13 2.47 -14.14
C GLY H 193 30.45 3.93 -13.91
N PHE H 194 30.02 4.48 -12.77
CA PHE H 194 30.33 5.87 -12.34
C PHE H 194 31.33 5.86 -11.19
N ASP H 195 32.33 6.72 -11.28
CA ASP H 195 33.14 7.20 -10.13
C ASP H 195 32.56 8.57 -9.73
N ILE H 196 32.85 9.02 -8.52
CA ILE H 196 32.60 10.41 -8.05
C ILE H 196 33.59 11.32 -8.77
N THR H 197 33.17 12.54 -9.05
CA THR H 197 33.78 13.45 -10.05
C THR H 197 35.28 13.66 -9.79
N VAL H 198 35.75 13.59 -8.55
CA VAL H 198 37.19 13.85 -8.23
C VAL H 198 38.11 12.67 -8.63
N ALA H 199 37.52 11.56 -9.08
CA ALA H 199 38.25 10.36 -9.57
C ALA H 199 38.55 10.57 -11.06
N SER H 200 37.76 11.43 -11.71
CA SER H 200 37.85 11.67 -13.17
C SER H 200 39.21 12.28 -13.49
N GLU H 201 39.91 11.66 -14.44
CA GLU H 201 41.18 12.22 -14.95
C GLU H 201 40.97 13.72 -15.23
N VAL H 202 39.80 14.09 -15.77
CA VAL H 202 39.50 15.50 -16.16
C VAL H 202 39.84 16.39 -14.97
N MET H 203 39.60 15.90 -13.75
CA MET H 203 39.96 16.57 -12.45
C MET H 203 41.49 16.58 -12.28
N ALA H 204 42.17 15.49 -12.58
CA ALA H 204 43.64 15.40 -12.44
C ALA H 204 44.30 16.39 -13.40
N VAL H 205 43.80 16.47 -14.64
CA VAL H 205 44.33 17.40 -15.68
C VAL H 205 44.04 18.84 -15.23
N PHE H 206 42.81 19.12 -14.82
CA PHE H 206 42.33 20.45 -14.34
C PHE H 206 43.30 21.03 -13.30
N CYS H 207 43.78 20.16 -12.40
CA CYS H 207 44.62 20.49 -11.22
C CYS H 207 46.08 20.68 -11.61
N LEU H 208 46.47 20.18 -12.79
CA LEU H 208 47.86 20.22 -13.30
C LEU H 208 48.01 21.22 -14.45
N ALA H 209 46.95 21.48 -15.21
CA ALA H 209 46.99 22.40 -16.36
C ALA H 209 47.42 23.78 -15.87
N LYS H 210 48.34 24.43 -16.61
CA LYS H 210 48.91 25.78 -16.37
C LYS H 210 48.10 26.84 -17.12
N ASN H 211 47.59 26.52 -18.31
CA ASN H 211 46.79 27.43 -19.15
C ASN H 211 45.81 26.60 -19.97
N LEU H 212 44.80 27.24 -20.57
CA LEU H 212 43.73 26.55 -21.35
C LEU H 212 44.39 25.61 -22.36
N ALA H 213 45.41 26.11 -23.08
CA ALA H 213 46.20 25.35 -24.08
C ALA H 213 46.69 24.03 -23.47
N ASP H 214 47.26 24.09 -22.26
CA ASP H 214 47.78 22.92 -21.52
C ASP H 214 46.61 21.96 -21.22
N LEU H 215 45.44 22.50 -20.89
CA LEU H 215 44.23 21.72 -20.49
C LEU H 215 43.73 20.85 -21.66
N GLU H 216 43.72 21.38 -22.89
CA GLU H 216 43.32 20.64 -24.12
C GLU H 216 44.44 19.69 -24.57
N GLU H 217 45.69 20.19 -24.62
CA GLU H 217 46.90 19.43 -25.03
C GLU H 217 47.00 18.17 -24.17
N ARG H 218 46.52 18.26 -22.91
CA ARG H 218 46.53 17.16 -21.90
C ARG H 218 45.28 16.29 -22.11
N LEU H 219 44.08 16.90 -22.13
CA LEU H 219 42.79 16.20 -22.37
C LEU H 219 42.97 15.24 -23.55
N GLY H 220 43.55 15.74 -24.65
CA GLY H 220 43.77 15.00 -25.91
C GLY H 220 44.58 13.73 -25.69
N ARG H 221 45.44 13.73 -24.67
CA ARG H 221 46.43 12.64 -24.49
C ARG H 221 45.73 11.42 -23.84
N ILE H 222 44.52 11.63 -23.31
CA ILE H 222 43.80 10.66 -22.41
C ILE H 222 43.31 9.46 -23.25
N VAL H 223 43.78 8.27 -22.89
CA VAL H 223 43.40 6.96 -23.50
C VAL H 223 42.08 6.52 -22.87
N ILE H 224 40.97 6.75 -23.57
CA ILE H 224 39.60 6.41 -23.12
C ILE H 224 39.27 4.96 -23.47
N ALA H 225 39.89 4.40 -24.50
CA ALA H 225 39.55 3.02 -24.97
C ALA H 225 40.72 2.34 -25.70
N GLU H 226 40.56 1.04 -25.91
CA GLU H 226 41.34 0.14 -26.79
C GLU H 226 40.37 -0.27 -27.93
N THR H 227 40.90 -0.51 -29.14
CA THR H 227 40.14 -1.04 -30.29
C THR H 227 40.10 -2.57 -30.21
N ARG H 228 39.42 -3.24 -31.13
CA ARG H 228 39.31 -4.72 -31.06
C ARG H 228 40.70 -5.31 -31.39
N ASP H 229 41.55 -4.54 -32.08
CA ASP H 229 42.96 -4.90 -32.38
C ASP H 229 43.93 -4.25 -31.36
N ARG H 230 43.42 -3.78 -30.21
CA ARG H 230 44.17 -3.35 -29.00
C ARG H 230 45.00 -2.08 -29.27
N LYS H 231 44.47 -1.14 -30.04
CA LYS H 231 45.14 0.15 -30.35
C LYS H 231 44.56 1.22 -29.43
N PRO H 232 45.40 2.05 -28.80
CA PRO H 232 44.90 3.20 -28.04
C PRO H 232 43.94 4.10 -28.83
N VAL H 233 42.93 4.61 -28.13
CA VAL H 233 41.86 5.54 -28.61
C VAL H 233 41.77 6.68 -27.58
N THR H 234 41.71 7.92 -28.04
CA THR H 234 41.93 9.13 -27.17
C THR H 234 40.72 10.05 -27.27
N LEU H 235 40.59 10.98 -26.33
CA LEU H 235 39.51 12.01 -26.38
C LEU H 235 39.68 12.78 -27.69
N ALA H 236 40.94 13.06 -28.04
CA ALA H 236 41.39 13.60 -29.35
C ALA H 236 40.65 12.86 -30.45
N ASP H 237 40.72 11.53 -30.46
CA ASP H 237 40.08 10.62 -31.47
C ASP H 237 38.58 10.91 -31.56
N VAL H 238 37.90 11.14 -30.45
CA VAL H 238 36.42 11.36 -30.41
C VAL H 238 36.10 12.86 -30.31
N LYS H 239 37.02 13.73 -30.72
CA LYS H 239 36.79 15.17 -31.04
C LYS H 239 36.17 15.89 -29.82
N ALA H 240 36.69 15.60 -28.63
CA ALA H 240 36.04 15.94 -27.36
C ALA H 240 36.70 17.16 -26.70
N THR H 241 38.03 17.27 -26.81
CA THR H 241 38.89 18.31 -26.17
C THR H 241 38.29 19.72 -26.32
N GLY H 242 37.81 20.06 -27.52
CA GLY H 242 37.25 21.39 -27.84
C GLY H 242 36.16 21.79 -26.85
N ALA H 243 35.06 21.03 -26.80
CA ALA H 243 33.83 21.32 -26.03
C ALA H 243 34.11 21.20 -24.53
N MET H 244 34.75 20.10 -24.13
CA MET H 244 35.27 19.90 -22.76
C MET H 244 36.04 21.18 -22.31
N THR H 245 36.93 21.73 -23.14
CA THR H 245 37.75 22.91 -22.76
C THR H 245 36.81 24.08 -22.47
N VAL H 246 35.82 24.32 -23.33
CA VAL H 246 34.85 25.44 -23.14
C VAL H 246 34.13 25.25 -21.79
N LEU H 247 33.45 24.11 -21.60
CA LEU H 247 32.67 23.82 -20.36
C LEU H 247 33.58 24.07 -19.16
N LEU H 248 34.86 23.72 -19.27
CA LEU H 248 35.85 23.89 -18.17
C LEU H 248 36.45 25.32 -18.17
N LYS H 249 36.06 26.21 -19.09
CA LYS H 249 36.72 27.53 -19.29
C LYS H 249 36.70 28.33 -17.98
N ASP H 250 35.52 28.79 -17.60
CA ASP H 250 35.27 29.63 -16.40
C ASP H 250 35.69 28.86 -15.14
N ALA H 251 35.68 27.51 -15.16
CA ALA H 251 36.01 26.64 -13.99
C ALA H 251 37.53 26.72 -13.67
N LEU H 252 38.38 26.90 -14.69
CA LEU H 252 39.85 26.92 -14.53
C LEU H 252 40.27 28.19 -13.76
N GLN H 253 39.52 29.28 -13.93
CA GLN H 253 39.70 30.52 -13.14
C GLN H 253 39.66 30.14 -11.66
N PRO H 254 40.73 30.40 -10.87
CA PRO H 254 40.74 30.09 -9.44
C PRO H 254 39.71 30.90 -8.64
N ASN H 255 39.28 30.34 -7.50
CA ASN H 255 38.30 30.91 -6.56
C ASN H 255 39.07 31.66 -5.48
N LEU H 256 38.81 32.96 -5.30
CA LEU H 256 39.38 33.73 -4.16
C LEU H 256 38.40 33.69 -2.99
N VAL H 257 38.93 33.54 -1.77
CA VAL H 257 38.18 33.52 -0.48
C VAL H 257 39.09 34.03 0.64
N GLN H 258 38.58 34.18 1.87
CA GLN H 258 39.35 34.79 2.98
C GLN H 258 39.26 33.91 4.24
N THR H 259 40.20 34.11 5.15
CA THR H 259 40.25 33.43 6.47
C THR H 259 39.35 34.19 7.47
N LEU H 260 39.16 33.64 8.67
CA LEU H 260 38.41 34.30 9.79
C LEU H 260 39.06 35.64 10.14
N GLU H 261 40.40 35.70 10.05
CA GLU H 261 41.28 36.83 10.47
C GLU H 261 41.74 37.61 9.23
N GLY H 262 40.96 37.60 8.14
CA GLY H 262 40.97 38.60 7.05
C GLY H 262 41.79 38.23 5.82
N ASN H 263 42.85 37.44 5.99
CA ASN H 263 43.88 37.15 4.95
C ASN H 263 43.26 36.46 3.74
N PRO H 264 43.88 36.54 2.54
CA PRO H 264 43.35 35.91 1.33
C PRO H 264 43.55 34.39 1.35
N ALA H 265 42.75 33.69 0.56
CA ALA H 265 42.78 32.21 0.42
C ALA H 265 42.37 31.81 -0.99
N LEU H 266 42.83 30.63 -1.43
CA LEU H 266 42.52 30.01 -2.74
C LEU H 266 42.04 28.57 -2.54
N ILE H 267 40.78 28.31 -2.81
CA ILE H 267 40.21 26.93 -2.93
C ILE H 267 39.95 26.71 -4.42
N HIS H 268 40.67 25.80 -5.04
CA HIS H 268 40.51 25.50 -6.49
C HIS H 268 40.94 24.07 -6.78
N GLY H 269 39.96 23.23 -7.20
CA GLY H 269 40.14 21.84 -7.67
C GLY H 269 40.49 20.89 -6.53
N GLY H 270 40.07 19.62 -6.62
CA GLY H 270 40.29 18.61 -5.56
C GLY H 270 40.25 17.18 -6.10
N PRO H 271 41.41 16.60 -6.49
CA PRO H 271 41.47 15.23 -7.01
C PRO H 271 41.71 14.23 -5.87
N PHE H 272 41.80 12.94 -6.19
CA PHE H 272 42.08 11.89 -5.19
C PHE H 272 43.57 11.90 -4.85
N ALA H 273 43.92 11.31 -3.69
CA ALA H 273 45.29 11.25 -3.11
C ALA H 273 45.91 9.88 -3.35
N ASN H 274 45.07 8.90 -3.70
CA ASN H 274 45.49 7.52 -4.05
C ASN H 274 45.71 7.44 -5.56
N ILE H 275 44.64 7.57 -6.39
CA ILE H 275 44.72 7.33 -7.88
C ILE H 275 45.19 8.59 -8.62
N ALA H 276 45.12 9.76 -7.99
CA ALA H 276 45.76 11.01 -8.46
C ALA H 276 46.64 11.56 -7.33
N HIS H 277 47.27 12.73 -7.55
CA HIS H 277 48.37 13.30 -6.71
C HIS H 277 47.82 14.15 -5.54
N GLY H 278 46.50 14.28 -5.44
CA GLY H 278 45.82 14.81 -4.25
C GLY H 278 46.24 16.23 -3.90
N CYS H 279 46.87 16.96 -4.83
CA CYS H 279 47.25 18.38 -4.64
C CYS H 279 46.09 19.28 -5.05
N ASN H 280 46.23 20.58 -4.77
CA ASN H 280 45.34 21.65 -5.27
C ASN H 280 45.78 21.99 -6.70
N SER H 281 45.03 22.88 -7.36
CA SER H 281 45.29 23.38 -8.73
C SER H 281 46.73 23.89 -8.87
N VAL H 282 47.38 23.52 -9.97
CA VAL H 282 48.66 24.13 -10.47
C VAL H 282 48.40 25.63 -10.59
N ILE H 283 47.37 26.01 -11.34
CA ILE H 283 47.01 27.43 -11.61
C ILE H 283 46.82 28.16 -10.30
N ALA H 284 46.20 27.55 -9.29
CA ALA H 284 45.93 28.18 -7.98
C ALA H 284 47.26 28.54 -7.31
N THR H 285 48.10 27.54 -7.03
CA THR H 285 49.47 27.66 -6.46
C THR H 285 50.34 28.60 -7.31
N ARG H 286 50.32 28.41 -8.63
CA ARG H 286 51.09 29.24 -9.60
C ARG H 286 50.62 30.69 -9.45
N THR H 287 49.32 30.93 -9.67
CA THR H 287 48.72 32.28 -9.64
C THR H 287 49.15 32.97 -8.36
N GLY H 288 49.20 32.23 -7.26
CA GLY H 288 49.54 32.75 -5.92
C GLY H 288 50.99 33.20 -5.83
N LEU H 289 51.92 32.26 -6.03
CA LEU H 289 53.37 32.52 -5.95
C LEU H 289 53.74 33.79 -6.75
N ARG H 290 52.90 34.25 -7.67
CA ARG H 290 53.20 35.43 -8.53
C ARG H 290 52.66 36.71 -7.87
N LEU H 291 52.28 36.67 -6.58
CA LEU H 291 51.62 37.81 -5.88
C LEU H 291 52.17 37.92 -4.45
N ALA H 292 52.03 36.84 -3.68
CA ALA H 292 52.31 36.79 -2.22
C ALA H 292 53.81 36.57 -1.93
N ASP H 293 54.25 37.02 -0.76
CA ASP H 293 55.62 36.77 -0.22
C ASP H 293 55.75 35.25 -0.07
N TYR H 294 55.03 34.67 0.87
CA TYR H 294 54.90 33.19 1.00
C TYR H 294 53.63 32.76 0.24
N THR H 295 53.50 31.45 0.01
CA THR H 295 52.35 30.81 -0.67
C THR H 295 52.21 29.38 -0.13
N VAL H 296 51.32 29.15 0.85
CA VAL H 296 51.18 27.81 1.52
C VAL H 296 50.13 26.98 0.76
N THR H 297 50.14 25.69 1.05
CA THR H 297 49.49 24.63 0.26
C THR H 297 49.57 23.34 1.07
N GLU H 298 48.56 22.47 0.95
CA GLU H 298 48.58 21.13 1.61
C GLU H 298 48.40 20.04 0.56
N ALA H 299 48.52 18.79 1.00
CA ALA H 299 48.41 17.56 0.19
C ALA H 299 47.82 16.50 1.12
N GLY H 300 46.90 15.65 0.62
CA GLY H 300 46.15 14.69 1.44
C GLY H 300 46.99 13.48 1.81
N PHE H 301 46.54 12.73 2.81
CA PHE H 301 46.86 11.29 3.05
C PHE H 301 48.25 11.10 3.71
N GLY H 302 48.95 12.18 4.08
CA GLY H 302 50.20 12.08 4.88
C GLY H 302 51.44 11.99 4.00
N ALA H 303 52.61 12.35 4.53
CA ALA H 303 53.87 12.58 3.77
C ALA H 303 54.04 11.45 2.73
N ASP H 304 54.26 10.22 3.19
CA ASP H 304 54.56 9.03 2.34
C ASP H 304 53.79 9.09 1.01
N LEU H 305 52.52 9.53 1.03
CA LEU H 305 51.65 9.55 -0.17
C LEU H 305 51.54 10.99 -0.68
N GLY H 306 50.79 11.85 0.00
CA GLY H 306 50.66 13.28 -0.33
C GLY H 306 51.93 13.88 -0.92
N ALA H 307 53.00 13.97 -0.13
CA ALA H 307 54.24 14.74 -0.44
C ALA H 307 54.95 14.09 -1.63
N GLU H 308 55.32 12.81 -1.51
CA GLU H 308 55.96 11.99 -2.58
C GLU H 308 55.44 12.41 -3.96
N LYS H 309 54.16 12.76 -4.08
CA LYS H 309 53.47 13.06 -5.37
C LYS H 309 53.46 14.57 -5.65
N PHE H 310 53.36 15.40 -4.60
CA PHE H 310 53.45 16.87 -4.72
C PHE H 310 54.79 17.29 -5.35
N ILE H 311 55.81 16.44 -5.20
CA ILE H 311 57.18 16.67 -5.73
C ILE H 311 57.36 15.89 -7.04
N ASP H 312 57.25 14.55 -6.99
CA ASP H 312 57.60 13.58 -8.06
C ASP H 312 56.56 13.58 -9.18
N ILE H 313 55.41 14.23 -8.98
CA ILE H 313 54.44 14.49 -10.07
C ILE H 313 54.30 16.00 -10.22
N LYS H 314 53.55 16.66 -9.33
CA LYS H 314 53.16 18.09 -9.53
C LYS H 314 54.43 18.95 -9.73
N CYS H 315 55.32 19.02 -8.74
CA CYS H 315 56.50 19.93 -8.79
C CYS H 315 57.40 19.59 -9.98
N ARG H 316 57.61 18.30 -10.26
CA ARG H 316 58.45 17.79 -11.37
C ARG H 316 57.84 18.04 -12.77
N GLN H 317 56.51 17.97 -12.93
CA GLN H 317 55.82 18.20 -14.23
C GLN H 317 55.72 19.70 -14.51
N THR H 318 55.68 20.50 -13.44
CA THR H 318 55.46 21.97 -13.51
C THR H 318 56.82 22.68 -13.60
N GLY H 319 57.66 22.49 -12.58
CA GLY H 319 58.93 23.23 -12.39
C GLY H 319 59.14 23.55 -10.92
N LEU H 320 58.25 24.38 -10.36
CA LEU H 320 58.31 24.92 -8.96
C LEU H 320 58.95 23.92 -8.00
N LYS H 321 59.53 24.43 -6.90
CA LYS H 321 60.25 23.64 -5.85
C LYS H 321 60.00 24.29 -4.49
N PRO H 322 59.46 23.52 -3.50
CA PRO H 322 59.12 24.09 -2.18
C PRO H 322 60.30 24.57 -1.29
N SER H 323 60.06 25.71 -0.63
CA SER H 323 60.97 26.38 0.35
C SER H 323 61.18 25.48 1.57
N SER H 324 60.09 25.19 2.28
CA SER H 324 60.09 24.41 3.55
C SER H 324 58.83 23.54 3.61
N VAL H 325 58.88 22.49 4.44
CA VAL H 325 57.81 21.47 4.58
C VAL H 325 57.44 21.37 6.07
N VAL H 326 56.14 21.49 6.35
CA VAL H 326 55.58 21.30 7.71
C VAL H 326 55.00 19.89 7.72
N ILE H 327 55.56 19.01 8.54
CA ILE H 327 55.00 17.65 8.80
C ILE H 327 54.20 17.73 10.11
N VAL H 328 52.88 17.94 10.00
CA VAL H 328 51.96 18.14 11.15
C VAL H 328 51.84 16.83 11.95
N ALA H 329 51.74 16.93 13.26
CA ALA H 329 51.62 15.78 14.17
C ALA H 329 50.67 16.14 15.32
N THR H 330 50.25 15.12 16.07
CA THR H 330 49.62 15.24 17.41
C THR H 330 50.09 14.06 18.27
N ILE H 331 50.10 14.26 19.60
CA ILE H 331 50.56 13.24 20.60
C ILE H 331 49.52 12.11 20.61
N ARG H 332 48.24 12.44 20.45
CA ARG H 332 47.15 11.43 20.47
C ARG H 332 47.34 10.50 19.27
N ALA H 333 47.69 11.06 18.11
CA ALA H 333 47.91 10.35 16.82
C ALA H 333 49.10 9.41 16.94
N LEU H 334 50.22 9.92 17.47
CA LEU H 334 51.48 9.17 17.71
C LEU H 334 51.25 8.03 18.71
N LYS H 335 50.47 8.26 19.77
CA LYS H 335 50.14 7.24 20.81
C LYS H 335 49.45 6.04 20.14
N MET H 336 48.61 6.29 19.12
CA MET H 336 47.89 5.26 18.33
C MET H 336 48.89 4.43 17.50
N HIS H 337 50.01 5.04 17.07
CA HIS H 337 51.18 4.33 16.47
C HIS H 337 51.92 3.54 17.55
N GLY H 338 51.97 4.06 18.79
CA GLY H 338 52.47 3.34 19.97
C GLY H 338 51.71 2.04 20.22
N GLY H 339 50.49 1.93 19.70
CA GLY H 339 49.60 0.76 19.82
C GLY H 339 48.43 1.03 20.74
N VAL H 340 48.01 2.30 20.86
CA VAL H 340 46.91 2.77 21.77
C VAL H 340 45.60 2.82 20.97
N ASN H 341 44.46 2.52 21.61
CA ASN H 341 43.11 2.52 20.97
C ASN H 341 42.56 3.94 20.96
N LYS H 342 41.41 4.13 20.31
CA LYS H 342 40.86 5.48 20.02
C LYS H 342 40.17 6.02 21.28
N LYS H 343 39.84 5.12 22.21
CA LYS H 343 39.07 5.46 23.45
C LYS H 343 40.03 5.59 24.64
N ASP H 344 41.32 5.22 24.45
CA ASP H 344 42.32 5.14 25.54
C ASP H 344 43.39 6.23 25.39
N LEU H 345 43.04 7.35 24.77
CA LEU H 345 43.98 8.46 24.44
C LEU H 345 44.17 9.33 25.68
N GLN H 346 43.07 9.64 26.37
CA GLN H 346 43.00 10.54 27.56
C GLN H 346 44.22 10.29 28.46
N ALA H 347 44.52 9.01 28.73
CA ALA H 347 45.67 8.55 29.53
C ALA H 347 46.98 8.98 28.84
N GLU H 348 47.89 9.64 29.58
CA GLU H 348 49.26 9.98 29.10
C GLU H 348 50.04 8.65 28.99
N ASN H 349 51.15 8.62 28.25
CA ASN H 349 51.84 7.36 27.86
C ASN H 349 53.10 7.69 27.05
N LEU H 350 54.22 7.93 27.72
CA LEU H 350 55.47 8.40 27.08
C LEU H 350 56.12 7.23 26.30
N ASP H 351 56.00 6.00 26.80
CA ASP H 351 56.47 4.78 26.09
C ASP H 351 55.79 4.78 24.72
N ALA H 352 54.46 4.68 24.70
CA ALA H 352 53.62 4.67 23.46
C ALA H 352 53.99 5.87 22.56
N LEU H 353 54.04 7.08 23.11
CA LEU H 353 54.42 8.31 22.36
C LEU H 353 55.83 8.16 21.79
N GLU H 354 56.74 7.45 22.47
CA GLU H 354 58.10 7.16 21.96
C GLU H 354 58.03 6.02 20.92
N LYS H 355 57.19 5.00 21.15
CA LYS H 355 57.02 3.80 20.27
C LYS H 355 56.58 4.25 18.87
N GLY H 356 55.55 5.10 18.82
CA GLY H 356 54.91 5.59 17.58
C GLY H 356 55.69 6.73 16.93
N PHE H 357 56.55 7.43 17.70
CA PHE H 357 57.42 8.53 17.23
C PHE H 357 58.05 8.15 15.88
N ALA H 358 58.45 6.87 15.71
CA ALA H 358 59.12 6.27 14.53
C ALA H 358 58.41 6.68 13.23
N ASN H 359 57.08 6.77 13.28
CA ASN H 359 56.20 7.23 12.16
C ASN H 359 56.76 8.56 11.63
N LEU H 360 56.80 9.57 12.50
CA LEU H 360 57.35 10.92 12.20
C LEU H 360 58.82 10.77 11.77
N GLU H 361 59.61 9.97 12.51
CA GLU H 361 61.06 9.73 12.26
C GLU H 361 61.22 9.32 10.79
N ARG H 362 60.37 8.42 10.30
CA ARG H 362 60.39 7.98 8.87
C ARG H 362 59.94 9.13 7.97
N HIS H 363 58.81 9.78 8.29
CA HIS H 363 58.22 10.86 7.46
C HIS H 363 59.17 12.07 7.41
N VAL H 364 59.85 12.37 8.52
CA VAL H 364 60.87 13.46 8.58
C VAL H 364 62.02 13.09 7.62
N ASN H 365 62.53 11.86 7.72
CA ASN H 365 63.59 11.32 6.81
C ASN H 365 63.14 11.54 5.36
N ASN H 366 62.05 10.86 4.96
CA ASN H 366 61.46 10.87 3.60
C ASN H 366 61.51 12.28 2.99
N VAL H 367 60.93 13.27 3.66
CA VAL H 367 60.96 14.69 3.18
C VAL H 367 62.42 15.14 3.13
N ARG H 368 63.20 14.85 4.19
CA ARG H 368 64.59 15.35 4.34
C ARG H 368 65.45 14.73 3.23
N SER H 369 64.98 13.65 2.60
CA SER H 369 65.67 12.91 1.51
C SER H 369 65.47 13.60 0.16
N PHE H 370 64.70 14.69 0.11
CA PHE H 370 64.40 15.43 -1.15
C PHE H 370 65.26 16.71 -1.21
N GLY H 371 65.91 17.05 -0.09
CA GLY H 371 66.66 18.30 0.09
C GLY H 371 65.73 19.40 0.56
N LEU H 372 64.88 19.09 1.53
CA LEU H 372 63.83 20.00 2.04
C LEU H 372 64.02 20.15 3.55
N PRO H 373 63.86 21.37 4.09
CA PRO H 373 63.89 21.57 5.54
C PRO H 373 62.54 21.32 6.20
N VAL H 374 62.37 20.16 6.86
CA VAL H 374 61.11 19.80 7.58
C VAL H 374 61.07 20.66 8.85
N VAL H 375 59.86 21.05 9.26
CA VAL H 375 59.59 21.55 10.64
C VAL H 375 58.36 20.79 11.15
N VAL H 376 58.55 19.98 12.20
CA VAL H 376 57.40 19.32 12.87
C VAL H 376 56.53 20.43 13.47
N GLY H 377 55.25 20.49 13.10
CA GLY H 377 54.23 21.34 13.75
C GLY H 377 53.30 20.48 14.58
N VAL H 378 53.13 20.78 15.87
CA VAL H 378 52.27 19.99 16.81
C VAL H 378 50.97 20.75 17.08
N ASN H 379 49.81 20.08 16.98
CA ASN H 379 48.47 20.63 17.26
C ASN H 379 48.06 20.29 18.70
N HIS H 380 47.91 21.31 19.55
CA HIS H 380 47.65 21.13 21.00
C HIS H 380 46.20 20.69 21.21
N PHE H 381 46.01 19.71 22.09
CA PHE H 381 44.68 19.28 22.61
C PHE H 381 44.75 19.39 24.14
N PHE H 382 43.62 19.68 24.79
CA PHE H 382 43.54 19.94 26.26
C PHE H 382 44.05 18.70 27.04
N GLN H 383 43.71 17.48 26.60
CA GLN H 383 44.08 16.19 27.25
C GLN H 383 45.59 15.95 27.26
N ASP H 384 46.36 16.58 26.36
CA ASP H 384 47.85 16.41 26.23
C ASP H 384 48.49 16.95 27.50
N THR H 385 49.45 16.21 28.09
CA THR H 385 50.22 16.64 29.30
C THR H 385 51.45 17.43 28.84
N ASP H 386 51.87 18.39 29.68
CA ASP H 386 53.03 19.31 29.44
C ASP H 386 54.32 18.48 29.36
N ALA H 387 54.32 17.26 29.92
CA ALA H 387 55.43 16.27 29.81
C ALA H 387 55.49 15.65 28.41
N GLU H 388 54.35 15.16 27.88
CA GLU H 388 54.25 14.49 26.55
C GLU H 388 54.72 15.43 25.43
N HIS H 389 54.38 16.72 25.51
CA HIS H 389 54.76 17.77 24.52
C HIS H 389 56.27 18.03 24.58
N ALA H 390 56.79 18.21 25.80
CA ALA H 390 58.23 18.39 26.08
C ALA H 390 59.01 17.19 25.53
N ARG H 391 58.57 15.96 25.82
CA ARG H 391 59.24 14.67 25.46
C ARG H 391 59.49 14.60 23.94
N LEU H 392 58.45 14.82 23.13
CA LEU H 392 58.51 14.82 21.64
C LEU H 392 59.54 15.86 21.17
N LYS H 393 59.56 17.07 21.76
CA LYS H 393 60.46 18.17 21.37
C LYS H 393 61.93 17.76 21.56
N GLU H 394 62.23 16.91 22.55
CA GLU H 394 63.60 16.41 22.81
C GLU H 394 63.82 15.03 22.13
N LEU H 395 62.77 14.45 21.53
CA LEU H 395 62.89 13.30 20.58
C LEU H 395 63.38 13.81 19.22
N CYS H 396 62.88 14.98 18.80
CA CYS H 396 63.14 15.66 17.49
C CYS H 396 64.46 16.42 17.54
N ARG H 397 64.92 16.70 18.77
CA ARG H 397 66.24 17.29 19.12
C ARG H 397 67.26 16.14 19.19
N ASP H 398 67.04 15.16 20.08
CA ASP H 398 67.98 14.04 20.33
C ASP H 398 68.30 13.35 18.99
N ARG H 399 67.29 12.76 18.33
CA ARG H 399 67.48 11.93 17.09
C ARG H 399 66.55 12.43 15.99
N LEU H 400 67.07 13.27 15.09
CA LEU H 400 66.37 13.91 13.92
C LEU H 400 66.95 15.31 13.68
N GLN H 401 67.37 16.00 14.74
CA GLN H 401 67.89 17.39 14.70
C GLN H 401 66.92 18.27 13.90
N VAL H 402 65.62 18.09 14.14
CA VAL H 402 64.53 18.96 13.59
C VAL H 402 63.83 19.62 14.79
N GLU H 403 63.26 20.81 14.57
CA GLU H 403 62.45 21.51 15.60
C GLU H 403 61.05 20.89 15.56
N ALA H 404 60.33 20.99 16.70
CA ALA H 404 58.96 20.48 16.98
C ALA H 404 58.10 21.53 17.70
N ILE H 405 57.94 22.73 17.09
CA ILE H 405 57.24 23.92 17.68
C ILE H 405 55.78 23.56 17.90
N THR H 406 55.22 23.95 19.04
CA THR H 406 53.81 23.70 19.41
C THR H 406 52.94 24.74 18.71
N CYS H 407 51.76 24.30 18.25
CA CYS H 407 50.76 25.13 17.51
C CYS H 407 49.37 24.91 18.13
N LYS H 408 48.74 26.00 18.58
CA LYS H 408 47.42 25.95 19.27
C LYS H 408 46.36 26.66 18.41
N HIS H 409 46.75 27.14 17.22
CA HIS H 409 45.94 28.00 16.29
C HIS H 409 44.45 27.63 16.32
N TRP H 410 44.13 26.33 16.35
CA TRP H 410 42.74 25.80 16.31
C TRP H 410 41.89 26.42 17.44
N ALA H 411 42.47 26.51 18.65
CA ALA H 411 41.85 27.04 19.88
C ALA H 411 41.84 28.58 19.87
N GLU H 412 42.98 29.20 19.51
CA GLU H 412 43.28 30.65 19.69
C GLU H 412 43.05 31.43 18.39
N GLY H 413 43.76 31.07 17.32
CA GLY H 413 43.70 31.74 16.01
C GLY H 413 45.10 31.86 15.42
N GLY H 414 45.42 32.99 14.81
CA GLY H 414 46.76 33.28 14.29
C GLY H 414 47.82 33.15 15.38
N ALA H 415 47.52 33.69 16.55
CA ALA H 415 48.47 33.82 17.70
C ALA H 415 48.99 32.44 18.11
N GLY H 416 48.20 31.38 17.89
CA GLY H 416 48.53 29.99 18.26
C GLY H 416 49.69 29.38 17.47
N ALA H 417 50.06 29.96 16.33
CA ALA H 417 51.06 29.41 15.38
C ALA H 417 51.95 30.52 14.79
N GLU H 418 52.19 31.61 15.54
CA GLU H 418 53.16 32.67 15.16
C GLU H 418 54.57 32.06 15.22
N ALA H 419 54.88 31.32 16.30
CA ALA H 419 56.17 30.61 16.51
C ALA H 419 56.41 29.69 15.30
N LEU H 420 55.43 28.82 15.03
CA LEU H 420 55.38 27.96 13.81
C LEU H 420 55.84 28.78 12.60
N ALA H 421 55.21 29.93 12.33
CA ALA H 421 55.44 30.79 11.14
C ALA H 421 56.88 31.32 11.14
N GLN H 422 57.27 32.02 12.21
CA GLN H 422 58.65 32.51 12.45
C GLN H 422 59.65 31.37 12.20
N ALA H 423 59.36 30.17 12.71
CA ALA H 423 60.27 28.99 12.62
C ALA H 423 60.44 28.55 11.16
N VAL H 424 59.37 28.50 10.35
CA VAL H 424 59.47 27.98 8.94
C VAL H 424 60.28 28.98 8.11
N VAL H 425 60.18 30.28 8.41
CA VAL H 425 60.91 31.30 7.61
C VAL H 425 62.42 31.06 7.78
N LYS H 426 62.86 30.61 8.95
CA LYS H 426 64.29 30.25 9.22
C LYS H 426 64.72 29.12 8.28
N LEU H 427 63.77 28.26 7.89
CA LEU H 427 64.01 27.14 6.94
C LEU H 427 63.78 27.61 5.50
N ALA H 428 62.90 28.60 5.30
CA ALA H 428 62.53 29.21 4.00
C ALA H 428 63.78 29.71 3.28
N GLU H 429 64.61 30.45 4.02
CA GLU H 429 65.72 31.29 3.47
C GLU H 429 67.01 30.48 3.44
N THR H 436 65.69 17.16 -4.92
CA THR H 436 66.23 15.78 -5.13
C THR H 436 65.08 14.76 -5.21
N PHE H 437 64.68 14.32 -6.40
CA PHE H 437 63.50 13.47 -6.64
C PHE H 437 63.78 12.03 -6.18
N ALA H 438 62.77 11.16 -6.21
CA ALA H 438 62.74 9.84 -5.53
C ALA H 438 63.21 8.71 -6.46
N TYR H 439 63.10 8.92 -7.77
CA TYR H 439 63.56 7.98 -8.83
C TYR H 439 64.08 8.84 -9.98
N GLU H 440 64.76 8.23 -10.93
CA GLU H 440 65.18 8.87 -12.21
C GLU H 440 64.07 8.60 -13.24
N THR H 441 63.65 9.61 -14.01
CA THR H 441 62.63 9.44 -15.08
C THR H 441 63.12 8.32 -16.00
N GLU H 442 64.33 8.45 -16.55
CA GLU H 442 64.95 7.56 -17.57
C GLU H 442 64.71 6.06 -17.26
N THR H 443 64.69 5.66 -15.98
CA THR H 443 64.61 4.23 -15.53
C THR H 443 63.19 3.68 -15.77
N LYS H 444 63.04 2.36 -15.79
CA LYS H 444 61.74 1.67 -16.10
C LYS H 444 60.76 1.89 -14.94
N ILE H 445 59.49 1.53 -15.17
CA ILE H 445 58.36 1.74 -14.21
C ILE H 445 58.46 0.71 -13.08
N THR H 446 58.70 -0.55 -13.42
CA THR H 446 58.87 -1.65 -12.44
C THR H 446 59.93 -1.27 -11.42
N ASP H 447 60.95 -0.49 -11.86
CA ASP H 447 62.11 -0.08 -11.02
C ASP H 447 61.74 1.21 -10.28
N LYS H 448 60.91 2.06 -10.91
CA LYS H 448 60.42 3.34 -10.33
C LYS H 448 59.54 3.06 -9.12
N ILE H 449 58.59 2.13 -9.28
CA ILE H 449 57.73 1.63 -8.17
C ILE H 449 58.66 1.28 -7.01
N LYS H 450 59.36 0.14 -7.14
CA LYS H 450 60.24 -0.44 -6.09
C LYS H 450 60.99 0.68 -5.37
N ALA H 451 61.73 1.52 -6.09
CA ALA H 451 62.44 2.69 -5.54
C ALA H 451 61.60 3.29 -4.39
N ILE H 452 60.39 3.76 -4.72
CA ILE H 452 59.45 4.40 -3.75
C ILE H 452 59.26 3.45 -2.55
N ALA H 453 58.92 2.18 -2.80
CA ALA H 453 58.60 1.16 -1.76
C ALA H 453 59.76 0.97 -0.76
N THR H 454 61.00 0.85 -1.26
CA THR H 454 62.20 0.44 -0.49
C THR H 454 62.68 1.59 0.38
N LYS H 455 62.63 2.80 -0.17
CA LYS H 455 63.29 4.02 0.38
C LYS H 455 62.33 4.71 1.36
N LEU H 456 61.08 4.92 0.94
CA LEU H 456 60.05 5.71 1.67
C LEU H 456 59.21 4.79 2.59
N TYR H 457 58.80 3.61 2.10
CA TYR H 457 57.88 2.70 2.82
C TYR H 457 58.70 1.73 3.70
N GLY H 458 60.02 1.70 3.49
CA GLY H 458 60.97 0.83 4.22
C GLY H 458 60.73 -0.64 3.93
N ALA H 459 60.24 -0.96 2.72
CA ALA H 459 59.92 -2.33 2.23
C ALA H 459 61.19 -3.09 1.85
N ALA H 460 61.10 -4.43 1.79
CA ALA H 460 62.18 -5.36 1.41
C ALA H 460 62.15 -5.56 -0.11
N ASP H 461 61.01 -5.98 -0.66
CA ASP H 461 60.84 -6.29 -2.11
C ASP H 461 59.48 -5.74 -2.55
N ILE H 462 59.22 -5.74 -3.87
CA ILE H 462 57.89 -5.55 -4.51
C ILE H 462 57.51 -6.82 -5.29
N GLN H 463 56.21 -7.10 -5.42
CA GLN H 463 55.62 -8.27 -6.13
C GLN H 463 54.69 -7.73 -7.22
N ILE H 464 54.79 -8.22 -8.46
CA ILE H 464 54.00 -7.72 -9.62
C ILE H 464 53.25 -8.87 -10.29
N GLU H 465 51.92 -8.87 -10.17
CA GLU H 465 51.00 -9.95 -10.62
C GLU H 465 50.77 -9.87 -12.13
N SER H 466 50.26 -10.96 -12.71
CA SER H 466 50.03 -11.13 -14.18
C SER H 466 49.33 -9.90 -14.78
N LYS H 467 48.13 -9.56 -14.27
CA LYS H 467 47.24 -8.46 -14.76
C LYS H 467 48.05 -7.16 -14.93
N ALA H 468 48.87 -6.79 -13.93
CA ALA H 468 49.69 -5.55 -13.88
C ALA H 468 50.97 -5.72 -14.69
N ALA H 469 51.63 -6.88 -14.59
CA ALA H 469 52.81 -7.30 -15.39
C ALA H 469 52.55 -7.07 -16.88
N THR H 470 51.53 -7.74 -17.44
CA THR H 470 51.19 -7.67 -18.89
C THR H 470 50.97 -6.20 -19.27
N LYS H 471 50.01 -5.52 -18.63
CA LYS H 471 49.64 -4.09 -18.87
C LYS H 471 50.88 -3.20 -18.93
N LEU H 472 51.72 -3.25 -17.88
CA LEU H 472 52.93 -2.39 -17.71
C LEU H 472 53.95 -2.60 -18.85
N ALA H 473 54.08 -3.81 -19.39
CA ALA H 473 54.86 -4.12 -20.62
C ALA H 473 54.27 -3.34 -21.79
N GLY H 474 52.94 -3.37 -21.91
CA GLY H 474 52.16 -2.58 -22.88
C GLY H 474 52.53 -1.10 -22.80
N PHE H 475 52.70 -0.56 -21.59
CA PHE H 475 52.90 0.90 -21.35
C PHE H 475 54.36 1.27 -21.65
N GLU H 476 55.31 0.38 -21.30
CA GLU H 476 56.79 0.54 -21.51
C GLU H 476 57.10 0.43 -23.02
N LYS H 477 56.41 -0.48 -23.71
CA LYS H 477 56.45 -0.67 -25.19
C LYS H 477 55.87 0.56 -25.91
N ASP H 478 54.71 1.08 -25.49
CA ASP H 478 53.96 2.16 -26.19
C ASP H 478 54.45 3.54 -25.75
N GLY H 479 55.61 3.62 -25.09
CA GLY H 479 56.36 4.87 -24.86
C GLY H 479 55.78 5.66 -23.71
N TYR H 480 55.37 4.99 -22.63
CA TYR H 480 54.96 5.63 -21.35
C TYR H 480 55.93 5.26 -20.22
N GLY H 481 56.97 4.48 -20.52
CA GLY H 481 58.05 4.10 -19.57
C GLY H 481 58.62 5.29 -18.79
N LYS H 482 58.63 6.49 -19.38
CA LYS H 482 59.20 7.72 -18.76
C LYS H 482 58.19 8.34 -17.78
N LEU H 483 56.98 7.78 -17.70
CA LEU H 483 55.88 8.42 -16.92
C LEU H 483 56.09 8.17 -15.43
N PRO H 484 55.77 9.19 -14.60
CA PRO H 484 55.79 9.07 -13.15
C PRO H 484 54.83 8.02 -12.53
N VAL H 485 55.16 7.63 -11.30
CA VAL H 485 54.39 6.63 -10.51
C VAL H 485 53.55 7.35 -9.46
N CYS H 486 52.23 7.15 -9.55
CA CYS H 486 51.21 7.52 -8.53
C CYS H 486 50.79 6.26 -7.77
N MET H 487 51.43 6.01 -6.61
CA MET H 487 51.11 4.87 -5.73
C MET H 487 49.73 5.15 -5.11
N ALA H 488 48.90 4.11 -5.03
CA ALA H 488 47.51 4.14 -4.53
C ALA H 488 47.35 2.96 -3.59
N LYS H 489 47.62 3.17 -2.31
CA LYS H 489 47.48 2.11 -1.29
C LYS H 489 46.75 2.74 -0.12
N THR H 490 46.44 1.94 0.91
CA THR H 490 45.91 2.48 2.16
C THR H 490 46.82 3.66 2.58
N GLN H 491 46.22 4.71 3.13
CA GLN H 491 46.92 5.87 3.72
C GLN H 491 47.53 5.47 5.08
N TYR H 492 46.91 4.50 5.77
CA TYR H 492 46.94 4.31 7.25
C TYR H 492 48.30 3.74 7.74
N SER H 493 49.08 3.18 6.83
CA SER H 493 50.43 2.62 7.10
C SER H 493 51.39 2.95 5.96
N PHE H 494 52.68 2.65 6.15
CA PHE H 494 53.75 2.74 5.13
C PHE H 494 53.70 1.50 4.23
N SER H 495 53.27 0.36 4.77
CA SER H 495 53.09 -0.89 3.98
C SER H 495 51.73 -0.86 3.29
N THR H 496 51.36 -1.95 2.63
CA THR H 496 50.00 -2.17 2.07
C THR H 496 49.02 -2.36 3.22
N ASP H 497 49.48 -3.03 4.29
CA ASP H 497 48.67 -3.48 5.46
C ASP H 497 48.33 -2.29 6.38
N PRO H 498 47.05 -1.87 6.46
CA PRO H 498 46.66 -0.68 7.24
C PRO H 498 46.66 -0.85 8.77
N THR H 499 46.93 -2.08 9.24
CA THR H 499 47.14 -2.48 10.66
C THR H 499 48.53 -2.00 11.15
N LEU H 500 49.57 -2.27 10.35
CA LEU H 500 50.98 -1.92 10.63
C LEU H 500 51.09 -0.45 10.98
N MET H 501 51.18 -0.14 12.27
CA MET H 501 51.34 1.27 12.71
C MET H 501 52.84 1.57 12.73
N GLY H 502 53.22 2.74 13.25
CA GLY H 502 54.61 3.25 13.29
C GLY H 502 55.27 3.18 11.92
N ALA H 503 56.53 2.74 11.90
CA ALA H 503 57.40 2.63 10.69
C ALA H 503 57.69 1.16 10.46
N PRO H 504 56.81 0.39 9.78
CA PRO H 504 57.11 -0.97 9.34
C PRO H 504 58.21 -1.11 8.27
N SER H 505 58.93 -2.25 8.33
CA SER H 505 60.11 -2.63 7.50
C SER H 505 60.06 -4.14 7.19
N GLY H 506 60.74 -4.56 6.12
CA GLY H 506 60.84 -5.97 5.70
C GLY H 506 59.64 -6.44 4.91
N HIS H 507 58.60 -5.60 4.79
CA HIS H 507 57.31 -5.97 4.16
C HIS H 507 57.42 -5.98 2.63
N LEU H 508 56.59 -6.82 2.02
CA LEU H 508 56.41 -6.95 0.56
C LEU H 508 55.33 -5.95 0.13
N VAL H 509 55.57 -5.20 -0.96
CA VAL H 509 54.54 -4.35 -1.62
C VAL H 509 54.17 -5.01 -2.96
N SER H 510 53.06 -5.76 -3.00
CA SER H 510 52.57 -6.46 -4.21
C SER H 510 51.70 -5.50 -5.01
N VAL H 511 51.96 -5.37 -6.32
CA VAL H 511 51.16 -4.55 -7.26
C VAL H 511 50.01 -5.42 -7.77
N ARG H 512 48.78 -4.98 -7.54
CA ARG H 512 47.57 -5.80 -7.82
C ARG H 512 47.21 -5.54 -9.29
N ASP H 513 47.20 -4.28 -9.68
CA ASP H 513 46.77 -3.82 -11.03
C ASP H 513 47.51 -2.52 -11.34
N VAL H 514 47.30 -1.98 -12.54
CA VAL H 514 47.82 -0.66 -12.97
C VAL H 514 46.80 -0.02 -13.93
N ARG H 515 46.78 1.32 -13.97
CA ARG H 515 45.92 2.16 -14.86
C ARG H 515 46.75 3.31 -15.42
N LEU H 516 46.47 3.71 -16.67
CA LEU H 516 47.24 4.77 -17.38
C LEU H 516 46.43 6.07 -17.38
N SER H 517 46.91 7.07 -16.65
CA SER H 517 46.45 8.48 -16.70
C SER H 517 47.48 9.33 -17.48
N ALA H 518 47.35 9.35 -18.80
CA ALA H 518 48.26 10.03 -19.76
C ALA H 518 47.99 11.55 -19.78
N GLY H 519 46.75 11.97 -19.95
CA GLY H 519 46.40 13.40 -19.87
C GLY H 519 47.05 14.06 -18.66
N ALA H 520 46.97 13.41 -17.50
CA ALA H 520 47.65 13.85 -16.25
C ALA H 520 49.11 13.40 -16.26
N GLY H 521 49.44 12.37 -17.03
CA GLY H 521 50.80 11.83 -17.16
C GLY H 521 51.26 11.17 -15.88
N PHE H 522 50.77 9.97 -15.61
CA PHE H 522 51.41 9.03 -14.67
C PHE H 522 50.78 7.65 -14.88
N VAL H 523 51.50 6.58 -14.51
CA VAL H 523 50.93 5.21 -14.37
C VAL H 523 50.38 5.12 -12.94
N VAL H 524 49.11 4.73 -12.82
CA VAL H 524 48.43 4.59 -11.50
C VAL H 524 48.63 3.14 -11.09
N VAL H 525 49.34 2.94 -9.97
CA VAL H 525 49.80 1.61 -9.50
C VAL H 525 48.95 1.21 -8.30
N ILE H 526 48.04 0.26 -8.50
CA ILE H 526 47.06 -0.17 -7.46
C ILE H 526 47.72 -1.31 -6.68
N CYS H 527 47.75 -1.21 -5.35
CA CYS H 527 48.26 -2.23 -4.38
C CYS H 527 47.17 -2.65 -3.38
N GLY H 528 46.37 -1.70 -2.88
CA GLY H 528 45.16 -1.97 -2.09
C GLY H 528 43.92 -2.16 -2.95
N GLU H 529 42.73 -2.12 -2.34
CA GLU H 529 41.42 -1.96 -3.03
C GLU H 529 41.03 -0.50 -2.87
N ILE H 530 40.59 0.13 -3.96
CA ILE H 530 40.35 1.59 -4.03
C ILE H 530 38.86 1.85 -4.24
N MET H 531 38.26 2.60 -3.31
CA MET H 531 36.85 3.06 -3.36
C MET H 531 36.75 4.35 -4.21
N THR H 532 36.58 4.22 -5.52
CA THR H 532 36.39 5.35 -6.48
C THR H 532 34.94 5.87 -6.48
N MET H 533 34.02 5.28 -5.68
CA MET H 533 32.60 5.74 -5.55
C MET H 533 32.06 5.26 -4.20
N PRO H 534 32.01 6.15 -3.18
CA PRO H 534 31.57 5.76 -1.84
C PRO H 534 30.05 5.56 -1.70
N GLY H 535 29.70 4.63 -0.81
CA GLY H 535 28.33 4.34 -0.35
C GLY H 535 27.84 5.41 0.60
N LEU H 536 26.54 5.38 0.91
CA LEU H 536 25.82 6.24 1.88
C LEU H 536 25.51 5.40 3.10
N PRO H 537 25.66 5.95 4.34
CA PRO H 537 25.38 5.18 5.54
C PRO H 537 23.89 4.83 5.61
N LYS H 538 23.51 3.93 6.52
CA LYS H 538 22.11 3.47 6.74
C LYS H 538 21.26 4.68 7.14
N VAL H 539 21.86 5.64 7.86
CA VAL H 539 21.14 6.89 8.27
C VAL H 539 21.98 8.07 7.77
N PRO H 540 21.77 8.46 6.49
CA PRO H 540 22.54 9.52 5.87
C PRO H 540 22.32 10.89 6.53
N ALA H 541 23.37 11.73 6.61
CA ALA H 541 23.26 13.12 7.09
C ALA H 541 22.15 13.81 6.28
N ALA H 542 22.04 13.46 5.01
CA ALA H 542 20.95 13.91 4.11
C ALA H 542 19.63 13.93 4.86
N ASP H 543 19.32 12.86 5.60
CA ASP H 543 17.98 12.58 6.19
C ASP H 543 17.55 13.78 7.05
N THR H 544 18.53 14.49 7.64
CA THR H 544 18.34 15.62 8.61
C THR H 544 19.00 16.93 8.13
N ILE H 545 19.10 17.17 6.82
CA ILE H 545 19.63 18.43 6.25
C ILE H 545 18.42 19.24 5.77
N ARG H 546 18.05 20.27 6.53
CA ARG H 546 16.92 21.17 6.19
C ARG H 546 17.31 22.60 6.56
N LEU H 547 16.43 23.53 6.20
CA LEU H 547 16.45 24.93 6.69
C LEU H 547 15.65 24.97 8.00
N ASP H 548 15.48 26.15 8.60
CA ASP H 548 14.58 26.40 9.75
C ASP H 548 13.64 27.51 9.29
N ALA H 549 12.92 28.17 10.20
CA ALA H 549 12.06 29.34 9.92
C ALA H 549 12.88 30.43 9.21
N ASN H 550 14.17 30.55 9.57
CA ASN H 550 15.05 31.69 9.15
C ASN H 550 15.85 31.32 7.91
N GLY H 551 15.36 30.39 7.08
CA GLY H 551 16.01 29.92 5.84
C GLY H 551 17.47 29.52 6.03
N GLN H 552 17.85 29.06 7.23
CA GLN H 552 19.26 28.75 7.62
C GLN H 552 19.45 27.23 7.61
N ILE H 553 20.63 26.77 7.18
CA ILE H 553 20.96 25.33 6.94
C ILE H 553 21.27 24.63 8.27
N ASP H 554 20.70 23.44 8.48
CA ASP H 554 20.84 22.62 9.72
C ASP H 554 21.21 21.20 9.33
N GLY H 555 22.06 20.53 10.14
CA GLY H 555 22.39 19.09 10.01
C GLY H 555 23.45 18.80 8.94
N LEU H 556 23.98 19.85 8.32
CA LEU H 556 25.15 19.81 7.42
C LEU H 556 26.43 19.72 8.27
N PHE H 557 26.38 20.08 9.56
CA PHE H 557 27.57 20.08 10.45
C PHE H 557 27.16 19.74 11.89
O1 TLA I . -12.73 5.19 2.96
O11 TLA I . -14.89 5.96 2.98
C1 TLA I . -13.69 5.86 3.44
C2 TLA I . -13.31 6.57 4.70
O2 TLA I . -14.43 6.89 5.56
C3 TLA I . -12.41 7.77 4.33
O3 TLA I . -11.08 7.25 4.43
C4 TLA I . -12.58 8.44 2.96
O4 TLA I . -13.41 9.33 2.79
O41 TLA I . -11.84 8.20 1.97
C ACT J . -5.04 31.25 38.41
O ACT J . -4.24 32.21 38.16
OXT ACT J . -5.66 30.64 37.52
CH3 ACT J . -5.21 30.79 39.89
CAC FLC K . 29.99 -1.91 -32.96
CA FLC K . 29.34 -2.65 -31.77
CB FLC K . 29.78 -4.08 -31.41
CBC FLC K . 29.32 -5.07 -32.52
CG FLC K . 31.31 -4.17 -31.24
CGC FLC K . 31.99 -3.03 -30.50
OA1 FLC K . 29.52 -0.77 -33.24
OA2 FLC K . 30.91 -2.43 -33.62
OB1 FLC K . 30.16 -5.92 -32.95
OB2 FLC K . 28.13 -4.97 -32.95
OG1 FLC K . 32.96 -3.30 -29.76
OG2 FLC K . 31.63 -1.88 -30.72
OHB FLC K . 29.19 -4.45 -30.17
#